data_6ULW
#
_entry.id   6ULW
#
_cell.length_a   141.660
_cell.length_b   143.660
_cell.length_c   431.870
_cell.angle_alpha   90.000
_cell.angle_beta   90.000
_cell.angle_gamma   90.000
#
_symmetry.space_group_name_H-M   'P 21 21 21'
#
loop_
_entity.id
_entity.type
_entity.pdbx_description
1 polymer 'Amino acid adenylation domain-containing protein'
2 non-polymer 'CALCIUM ION'
3 non-polymer 'MAGNESIUM ION'
#
_entity_poly.entity_id   1
_entity_poly.type   'polypeptide(L)'
_entity_poly.pdbx_seq_one_letter_code
;MKPSTINQTSRHESMDAILQDVKTTILQTNEIERFAVFSREKTIRPRPYHLSHLFLDKHIEQEAAAEAIQTQKAVPALAD
MPPALSYGGDLDVTQGAQTLQDVLTEAAKTTNGLTYIVNSKNELTQSYAQLQGDAERVLTGLRALGLKAGDPVFFQFSSN
HAMVTAFWACVLGGFVPTLVSAAPTYREMNAAVKKLHHAWKLLEHPLILTDDSLIEEVQGLAFLWHTDQLRVAAVEPMLT
LERDTAAHPAAPDDSVFFILTSGSTGMPKCVEHSHRSVLANVKGTVAANQFTQEDVSLDWMPLDHIGGIVMFHLVNVYTG
CEQIRARTDDFIAQPLRWLDWMDRYRATKTWAPNFAFAMINDYEKEISSGSWDLSAMTCMINGAEAVVPKTIHRFLHLLA
PHGLKGDVIRPAFGMSEISSAVVFSFAIERGDENSGVLTFEETSLTEQLRPAEARETGTVSFTELGKPIPGITIRIVNHQ
HELLPEDHIGRVQIKGPTTMKGYYRNDEANQEVFQADGWFHTGDLGFLHEGRLTLTGREKDMIIINGKNYHNYEIEAIAE
EVPGVETSFVAACSVRMEASASDELILFFTPKLYEPAYIMRASQHIKSHIATKMGLSASRIIPVQKHAFPKTSSGKIERA
QLKTRWQEGEFDEMIMEMDMRLENEHTLPNWSYQKKWIPAPLDAADKQIVGDVVIFADPLGLADQLKSFANSEQTYITVE
PGQAFKQLTHTHFIIHPNRPSDYEQLFETLRSYGVSVKHIIHLWNYTNQEDKLYVSKAKQAQKTGSMSALFLTKAISVYE
EQVAITFVSTHAMNVPEDHIHDVEKATTAGLMTAVQHEWPFIKVQCLDFSLAESVSSHSHAMAMMAELTHDQDCHVAAYR
QGVRYIPFLAPLHLEKEQKRKEPPFESSGLYVITGGLGGIGRLVSEQLLTSYQAHLVLLGRKEREALSSDQQETLSLLEK
QAKVHGGKVLYEKADITAEKEVEAIISRHEVAGNRRLDGIIHFAGIIQEELLADMTSVSLNDMYEAKVYGTIALHEAASK
RRNVLFLSSSSARTLKGGMTVGAYCAANEFVEQFAHYQKLTSTVKPYCFSFSMWDEIGMSEGSMIKGMLKERGYLPISKQ
AGFQTMLACLMTDAPLIYTGLDRSKKEIHEMIHADAEMQTEQTFYVFFKTDQTKAVEERLYQSIHTCLQSRLSGEYAVHL
FPEEYWKETEDGSPDEAYFHELIEESGMDADNRAPHTETEKLLAHIWSELLDVSDVSCGDHFFLLGGHSLKATQMLSAVR
QKTGFDVPLAVLFEHTRLGELADWIDSNAKADEVIPMRAAAENLYFQ
;
_entity_poly.pdbx_strand_id   A,B,C,D
#
loop_
_chem_comp.id
_chem_comp.type
_chem_comp.name
_chem_comp.formula
CA non-polymer 'CALCIUM ION' 'Ca 2'
MG non-polymer 'MAGNESIUM ION' 'Mg 2'
#
# COMPACT_ATOMS: atom_id res chain seq x y z
N SER A 14 -79.25 23.66 -70.60
CA SER A 14 -79.52 22.24 -70.41
C SER A 14 -78.48 21.59 -69.49
N MET A 15 -77.31 22.23 -69.34
CA MET A 15 -76.28 21.69 -68.47
C MET A 15 -76.69 21.78 -67.01
N ASP A 16 -77.04 22.98 -66.53
CA ASP A 16 -77.45 23.10 -65.14
C ASP A 16 -78.77 22.38 -64.90
N ALA A 17 -79.61 22.28 -65.93
CA ALA A 17 -80.84 21.50 -65.82
C ALA A 17 -80.52 20.05 -65.45
N ILE A 18 -79.48 19.48 -66.06
CA ILE A 18 -79.03 18.14 -65.68
C ILE A 18 -78.61 18.12 -64.22
N LEU A 19 -77.74 19.05 -63.83
CA LEU A 19 -77.28 19.11 -62.46
C LEU A 19 -78.44 19.03 -61.48
N GLN A 20 -79.54 19.71 -61.82
CA GLN A 20 -80.70 19.73 -60.93
C GLN A 20 -81.39 18.38 -60.87
N ASP A 21 -81.59 17.74 -62.02
CA ASP A 21 -82.22 16.42 -62.04
C ASP A 21 -81.36 15.34 -61.42
N VAL A 22 -80.07 15.59 -61.19
CA VAL A 22 -79.25 14.65 -60.44
C VAL A 22 -79.48 14.81 -58.95
N LYS A 23 -79.61 16.05 -58.48
CA LYS A 23 -79.87 16.26 -57.07
C LYS A 23 -81.19 15.59 -56.67
N THR A 24 -82.22 15.73 -57.51
CA THR A 24 -83.49 15.07 -57.21
C THR A 24 -83.31 13.56 -57.22
N THR A 25 -82.37 13.06 -58.02
CA THR A 25 -82.08 11.63 -58.02
C THR A 25 -81.33 11.23 -56.75
N ILE A 26 -80.50 12.13 -56.22
CA ILE A 26 -79.82 11.84 -54.96
C ILE A 26 -80.80 11.81 -53.81
N LEU A 27 -81.97 12.44 -53.96
CA LEU A 27 -83.00 12.40 -52.94
C LEU A 27 -83.88 11.17 -53.04
N GLN A 28 -83.84 10.46 -54.17
CA GLN A 28 -84.55 9.20 -54.28
C GLN A 28 -84.19 8.27 -53.13
N THR A 29 -82.91 8.25 -52.75
CA THR A 29 -82.46 7.49 -51.60
C THR A 29 -82.82 8.25 -50.33
N ASN A 30 -83.57 7.61 -49.44
CA ASN A 30 -84.08 8.28 -48.25
C ASN A 30 -83.06 8.31 -47.13
N GLU A 31 -82.12 7.35 -47.14
CA GLU A 31 -81.13 7.25 -46.07
C GLU A 31 -80.20 8.45 -46.04
N ILE A 32 -80.18 9.27 -47.08
CA ILE A 32 -79.34 10.46 -47.15
C ILE A 32 -80.23 11.67 -46.91
N GLU A 33 -79.77 12.59 -46.06
CA GLU A 33 -80.58 13.74 -45.70
C GLU A 33 -79.88 15.06 -45.95
N ARG A 34 -78.66 15.06 -46.46
CA ARG A 34 -78.10 16.29 -47.00
C ARG A 34 -76.83 15.93 -47.76
N PHE A 35 -76.56 16.68 -48.83
CA PHE A 35 -75.52 16.31 -49.78
C PHE A 35 -75.03 17.56 -50.50
N ALA A 36 -74.10 17.36 -51.43
CA ALA A 36 -73.58 18.45 -52.27
C ALA A 36 -73.00 17.83 -53.54
N VAL A 37 -73.27 18.45 -54.69
CA VAL A 37 -72.84 17.92 -55.97
C VAL A 37 -72.47 19.07 -56.90
N PHE A 38 -71.33 18.95 -57.58
CA PHE A 38 -70.91 19.90 -58.61
C PHE A 38 -70.17 19.13 -59.70
N SER A 39 -70.10 19.75 -60.88
CA SER A 39 -69.53 19.13 -62.07
C SER A 39 -68.30 19.89 -62.55
N ARG A 40 -67.49 19.19 -63.34
CA ARG A 40 -66.29 19.74 -63.98
C ARG A 40 -66.20 19.18 -65.39
N GLU A 41 -65.76 20.02 -66.32
CA GLU A 41 -65.40 19.58 -67.66
C GLU A 41 -63.89 19.43 -67.75
N LYS A 42 -63.45 18.36 -68.40
CA LYS A 42 -62.04 17.99 -68.43
C LYS A 42 -61.72 17.32 -69.76
N THR A 43 -60.46 17.44 -70.17
CA THR A 43 -59.97 16.78 -71.36
C THR A 43 -59.45 15.38 -71.04
N ILE A 44 -59.62 14.46 -71.97
CA ILE A 44 -59.24 13.07 -71.72
C ILE A 44 -57.82 12.84 -72.23
N ARG A 45 -57.07 12.02 -71.51
CA ARG A 45 -55.76 11.55 -71.94
C ARG A 45 -55.89 10.08 -72.31
N PRO A 46 -55.58 9.67 -73.53
CA PRO A 46 -55.87 8.28 -73.93
C PRO A 46 -55.38 7.27 -72.91
N ARG A 47 -56.20 6.25 -72.69
CA ARG A 47 -55.90 5.22 -71.71
C ARG A 47 -54.63 4.47 -72.13
N PRO A 48 -53.71 4.21 -71.20
CA PRO A 48 -52.54 3.40 -71.55
C PRO A 48 -52.95 1.98 -71.88
N TYR A 49 -51.97 1.23 -72.37
CA TYR A 49 -52.08 -0.20 -72.58
C TYR A 49 -51.66 -0.94 -71.31
N HIS A 50 -52.01 -2.21 -71.22
CA HIS A 50 -51.45 -3.07 -70.18
C HIS A 50 -50.48 -4.07 -70.83
N LEU A 51 -49.28 -4.17 -70.26
CA LEU A 51 -48.23 -4.95 -70.92
C LEU A 51 -48.73 -6.35 -71.25
N SER A 52 -49.60 -6.90 -70.40
CA SER A 52 -50.15 -8.23 -70.64
C SER A 52 -50.94 -8.30 -71.94
N HIS A 53 -51.51 -7.19 -72.38
CA HIS A 53 -52.36 -7.24 -73.57
C HIS A 53 -51.56 -7.33 -74.86
N LEU A 54 -50.35 -6.78 -74.88
CA LEU A 54 -49.53 -6.79 -76.08
C LEU A 54 -48.45 -7.85 -76.04
N PHE A 55 -47.60 -7.78 -75.03
CA PHE A 55 -46.39 -8.59 -74.92
C PHE A 55 -46.73 -10.02 -74.52
N LEU A 56 -45.77 -10.91 -74.72
CA LEU A 56 -45.90 -12.30 -74.30
C LEU A 56 -45.46 -12.40 -72.84
N ASP A 57 -45.79 -13.53 -72.20
CA ASP A 57 -45.57 -13.70 -70.77
C ASP A 57 -44.10 -13.83 -70.36
N LYS A 58 -43.29 -14.56 -71.13
CA LYS A 58 -41.91 -14.82 -70.69
C LYS A 58 -41.03 -13.58 -70.74
N HIS A 59 -41.32 -12.65 -71.66
CA HIS A 59 -40.55 -11.41 -71.73
C HIS A 59 -40.84 -10.51 -70.53
N ILE A 60 -42.06 -10.52 -70.02
CA ILE A 60 -42.40 -9.66 -68.89
C ILE A 60 -41.62 -10.08 -67.65
N GLU A 61 -41.28 -11.36 -67.55
CA GLU A 61 -40.51 -11.87 -66.42
C GLU A 61 -39.02 -11.57 -66.61
N PRO A 83 -17.06 -15.98 -57.47
CA PRO A 83 -17.34 -15.32 -56.18
C PRO A 83 -16.07 -14.78 -55.54
N ALA A 84 -16.16 -14.43 -54.26
CA ALA A 84 -15.03 -13.87 -53.51
C ALA A 84 -14.69 -14.91 -52.45
N LEU A 85 -13.98 -15.95 -52.88
CA LEU A 85 -13.61 -17.11 -52.05
C LEU A 85 -12.37 -17.69 -52.70
N SER A 86 -11.22 -17.45 -52.08
CA SER A 86 -9.92 -17.82 -52.62
C SER A 86 -9.25 -18.91 -51.81
N TYR A 87 -8.61 -19.84 -52.52
CA TYR A 87 -7.89 -20.96 -51.94
C TYR A 87 -6.43 -20.79 -52.29
N GLY A 88 -5.55 -21.11 -51.34
CA GLY A 88 -4.13 -20.92 -51.53
C GLY A 88 -3.39 -22.10 -52.10
N GLY A 89 -4.09 -23.18 -52.44
CA GLY A 89 -3.41 -24.35 -52.94
C GLY A 89 -3.26 -25.39 -51.85
N ASP A 90 -3.48 -26.66 -52.18
CA ASP A 90 -3.34 -27.70 -51.18
C ASP A 90 -1.97 -27.64 -50.51
N LEU A 91 -1.94 -28.06 -49.25
CA LEU A 91 -0.71 -28.10 -48.46
C LEU A 91 -0.49 -29.54 -48.02
N ASP A 92 0.75 -30.01 -48.15
CA ASP A 92 1.09 -31.36 -47.74
C ASP A 92 1.55 -31.31 -46.30
N VAL A 93 0.61 -31.53 -45.38
CA VAL A 93 0.90 -31.43 -43.95
C VAL A 93 1.58 -32.68 -43.40
N THR A 94 1.57 -33.79 -44.14
CA THR A 94 2.09 -35.05 -43.64
C THR A 94 3.57 -35.25 -44.00
N GLN A 95 4.24 -34.21 -44.48
CA GLN A 95 5.67 -34.23 -44.77
C GLN A 95 6.40 -33.51 -43.65
N GLY A 96 7.28 -34.21 -42.94
CA GLY A 96 8.06 -33.58 -41.90
C GLY A 96 7.46 -33.71 -40.52
N ALA A 97 8.17 -33.11 -39.57
CA ALA A 97 7.82 -33.16 -38.15
C ALA A 97 6.34 -32.96 -37.89
N GLN A 98 5.73 -33.92 -37.19
CA GLN A 98 4.37 -33.82 -36.72
C GLN A 98 4.29 -33.32 -35.27
N THR A 99 5.42 -33.25 -34.58
CA THR A 99 5.49 -32.68 -33.24
C THR A 99 6.72 -31.78 -33.20
N LEU A 100 6.76 -30.90 -32.18
CA LEU A 100 7.85 -29.94 -32.11
C LEU A 100 9.18 -30.63 -31.80
N GLN A 101 9.15 -31.65 -30.95
CA GLN A 101 10.36 -32.39 -30.61
C GLN A 101 11.11 -32.84 -31.87
N ASP A 102 10.37 -33.19 -32.92
CA ASP A 102 11.00 -33.60 -34.17
C ASP A 102 11.68 -32.43 -34.88
N VAL A 103 11.19 -31.21 -34.70
CA VAL A 103 11.78 -30.07 -35.39
C VAL A 103 13.09 -29.67 -34.72
N LEU A 104 13.21 -29.84 -33.40
CA LEU A 104 14.45 -29.50 -32.72
C LEU A 104 15.55 -30.50 -33.06
N THR A 105 15.25 -31.80 -32.93
CA THR A 105 16.25 -32.81 -33.25
C THR A 105 16.72 -32.66 -34.70
N GLU A 106 15.81 -32.35 -35.62
CA GLU A 106 16.18 -32.15 -37.01
C GLU A 106 17.00 -30.88 -37.21
N ALA A 107 16.73 -29.84 -36.42
CA ALA A 107 17.50 -28.60 -36.56
C ALA A 107 18.93 -28.79 -36.07
N ALA A 108 19.11 -29.54 -34.97
CA ALA A 108 20.44 -29.73 -34.41
C ALA A 108 21.41 -30.39 -35.39
N LYS A 109 20.91 -30.98 -36.47
CA LYS A 109 21.76 -31.66 -37.45
C LYS A 109 22.47 -30.70 -38.41
N THR A 110 22.45 -29.39 -38.17
CA THR A 110 23.22 -28.44 -38.93
C THR A 110 24.07 -27.60 -37.99
N THR A 111 25.10 -26.96 -38.53
CA THR A 111 25.97 -26.08 -37.76
C THR A 111 25.48 -24.64 -37.74
N ASN A 112 24.31 -24.37 -38.30
CA ASN A 112 23.66 -23.09 -38.11
C ASN A 112 22.90 -23.11 -36.78
N GLY A 113 22.57 -21.92 -36.29
CA GLY A 113 21.87 -21.84 -35.02
C GLY A 113 21.38 -20.46 -34.66
N LEU A 114 21.62 -20.06 -33.42
CA LEU A 114 21.10 -18.82 -32.86
C LEU A 114 22.27 -17.90 -32.50
N THR A 115 22.09 -16.61 -32.76
CA THR A 115 23.09 -15.61 -32.46
C THR A 115 22.42 -14.46 -31.70
N TYR A 116 22.86 -14.24 -30.46
CA TYR A 116 22.26 -13.25 -29.58
C TYR A 116 23.14 -12.01 -29.49
N ILE A 117 22.53 -10.84 -29.69
CA ILE A 117 23.24 -9.57 -29.74
C ILE A 117 23.21 -8.92 -28.35
N VAL A 118 24.36 -8.48 -27.87
CA VAL A 118 24.48 -7.77 -26.61
C VAL A 118 24.73 -6.29 -26.82
N ASN A 119 25.62 -5.94 -27.75
CA ASN A 119 25.94 -4.56 -28.08
C ASN A 119 26.44 -4.54 -29.52
N SER A 120 27.03 -3.42 -29.94
CA SER A 120 27.51 -3.31 -31.31
C SER A 120 28.69 -4.25 -31.57
N LYS A 121 29.40 -4.69 -30.53
CA LYS A 121 30.62 -5.47 -30.69
C LYS A 121 30.60 -6.80 -29.93
N ASN A 122 29.45 -7.20 -29.38
CA ASN A 122 29.32 -8.44 -28.63
C ASN A 122 28.30 -9.34 -29.28
N GLU A 123 28.45 -10.65 -29.04
CA GLU A 123 27.63 -11.65 -29.70
C GLU A 123 27.57 -12.89 -28.82
N LEU A 124 26.60 -13.75 -29.10
CA LEU A 124 26.47 -15.01 -28.38
C LEU A 124 25.94 -16.06 -29.33
N THR A 125 26.64 -17.19 -29.43
CA THR A 125 26.29 -18.25 -30.36
C THR A 125 25.62 -19.39 -29.62
N GLN A 126 24.54 -19.91 -30.21
CA GLN A 126 23.84 -21.08 -29.67
C GLN A 126 23.45 -21.96 -30.87
N SER A 127 24.30 -22.93 -31.19
CA SER A 127 23.98 -23.87 -32.24
C SER A 127 22.73 -24.67 -31.89
N TYR A 128 21.95 -25.01 -32.90
CA TYR A 128 20.76 -25.84 -32.67
C TYR A 128 21.09 -27.06 -31.85
N ALA A 129 22.29 -27.64 -32.03
CA ALA A 129 22.72 -28.74 -31.17
C ALA A 129 22.94 -28.27 -29.73
N GLN A 130 23.59 -27.12 -29.55
CA GLN A 130 23.73 -26.58 -28.21
C GLN A 130 22.37 -26.38 -27.57
N LEU A 131 21.34 -26.13 -28.38
CA LEU A 131 20.03 -25.81 -27.84
C LEU A 131 19.37 -27.06 -27.24
N GLN A 132 19.22 -28.11 -28.04
CA GLN A 132 18.65 -29.35 -27.52
C GLN A 132 19.40 -29.84 -26.29
N GLY A 133 20.72 -29.69 -26.29
CA GLY A 133 21.50 -30.06 -25.12
C GLY A 133 21.23 -29.15 -23.93
N ASP A 134 21.26 -27.84 -24.17
CA ASP A 134 20.94 -26.89 -23.10
C ASP A 134 19.49 -27.07 -22.64
N ALA A 135 18.59 -27.40 -23.56
CA ALA A 135 17.18 -27.57 -23.19
C ALA A 135 17.02 -28.75 -22.24
N GLU A 136 17.80 -29.81 -22.43
CA GLU A 136 17.70 -30.96 -21.54
C GLU A 136 18.34 -30.70 -20.18
N ARG A 137 19.20 -29.69 -20.06
CA ARG A 137 19.70 -29.30 -18.74
C ARG A 137 18.64 -28.54 -17.95
N VAL A 138 17.87 -27.69 -18.64
CA VAL A 138 16.77 -27.00 -17.96
C VAL A 138 15.69 -27.99 -17.58
N LEU A 139 15.43 -28.97 -18.45
CA LEU A 139 14.39 -29.96 -18.17
C LEU A 139 14.69 -30.72 -16.89
N THR A 140 15.97 -30.87 -16.53
CA THR A 140 16.30 -31.46 -15.24
C THR A 140 15.85 -30.56 -14.10
N GLY A 141 15.95 -29.25 -14.28
CA GLY A 141 15.48 -28.33 -13.27
C GLY A 141 13.96 -28.22 -13.26
N LEU A 142 13.35 -28.25 -14.44
CA LEU A 142 11.90 -28.13 -14.53
C LEU A 142 11.21 -29.30 -13.86
N ARG A 143 11.60 -30.53 -14.22
CA ARG A 143 11.02 -31.70 -13.58
C ARG A 143 11.27 -31.68 -12.08
N ALA A 144 12.40 -31.14 -11.65
CA ALA A 144 12.71 -31.08 -10.22
C ALA A 144 11.65 -30.27 -9.47
N LEU A 145 11.40 -29.04 -9.89
CA LEU A 145 10.43 -28.21 -9.20
C LEU A 145 9.06 -28.90 -9.12
N GLY A 146 8.82 -29.91 -9.93
CA GLY A 146 7.63 -30.74 -9.80
C GLY A 146 6.64 -30.55 -10.92
N LEU A 147 7.15 -30.43 -12.15
CA LEU A 147 6.30 -30.26 -13.33
C LEU A 147 5.93 -31.61 -13.93
N LYS A 148 4.68 -31.72 -14.35
CA LYS A 148 4.17 -32.88 -15.07
C LYS A 148 3.66 -32.45 -16.43
N ALA A 149 3.69 -33.37 -17.40
CA ALA A 149 3.29 -33.05 -18.76
C ALA A 149 1.88 -32.47 -18.79
N GLY A 150 1.69 -31.44 -19.62
CA GLY A 150 0.41 -30.79 -19.77
C GLY A 150 0.13 -29.68 -18.78
N ASP A 151 1.09 -29.32 -17.92
CA ASP A 151 0.87 -28.29 -16.91
C ASP A 151 1.17 -26.91 -17.50
N PRO A 152 0.21 -25.98 -17.47
CA PRO A 152 0.52 -24.61 -17.93
C PRO A 152 1.75 -24.05 -17.23
N VAL A 153 2.48 -23.21 -17.96
CA VAL A 153 3.65 -22.52 -17.44
C VAL A 153 3.61 -21.07 -17.90
N PHE A 154 4.08 -20.17 -17.05
CA PHE A 154 3.98 -18.74 -17.27
C PHE A 154 5.36 -18.16 -17.56
N PHE A 155 5.47 -17.45 -18.69
CA PHE A 155 6.75 -16.92 -19.17
C PHE A 155 6.79 -15.40 -18.99
N GLN A 156 7.87 -14.92 -18.37
CA GLN A 156 8.13 -13.48 -18.21
C GLN A 156 9.64 -13.31 -18.37
N PHE A 157 10.06 -12.90 -19.57
CA PHE A 157 11.47 -12.90 -19.92
C PHE A 157 11.90 -11.58 -20.54
N SER A 158 13.18 -11.27 -20.38
CA SER A 158 13.84 -10.17 -21.07
C SER A 158 15.06 -10.61 -21.88
N SER A 159 15.71 -11.70 -21.50
CA SER A 159 16.88 -12.22 -22.21
C SER A 159 16.44 -13.20 -23.30
N ASN A 160 16.73 -12.87 -24.56
CA ASN A 160 16.37 -13.75 -25.67
C ASN A 160 16.91 -15.17 -25.47
N HIS A 161 18.11 -15.30 -24.89
CA HIS A 161 18.68 -16.63 -24.69
C HIS A 161 17.80 -17.47 -23.76
N ALA A 162 17.62 -17.01 -22.52
CA ALA A 162 16.92 -17.82 -21.53
C ALA A 162 15.52 -18.19 -21.98
N MET A 163 14.85 -17.30 -22.70
CA MET A 163 13.48 -17.59 -23.13
C MET A 163 13.47 -18.68 -24.18
N VAL A 164 14.43 -18.64 -25.11
CA VAL A 164 14.47 -19.65 -26.18
C VAL A 164 14.74 -21.02 -25.58
N THR A 165 15.70 -21.11 -24.65
CA THR A 165 16.01 -22.39 -24.03
C THR A 165 14.80 -22.92 -23.25
N ALA A 166 14.05 -22.02 -22.61
CA ALA A 166 12.90 -22.46 -21.82
C ALA A 166 11.77 -22.94 -22.72
N PHE A 167 11.54 -22.25 -23.84
CA PHE A 167 10.47 -22.67 -24.75
C PHE A 167 10.65 -24.11 -25.20
N TRP A 168 11.88 -24.49 -25.55
CA TRP A 168 12.13 -25.86 -26.00
C TRP A 168 12.21 -26.82 -24.82
N ALA A 169 12.86 -26.40 -23.73
CA ALA A 169 12.89 -27.22 -22.52
C ALA A 169 11.51 -27.65 -22.08
N CYS A 170 10.48 -26.85 -22.38
CA CYS A 170 9.11 -27.24 -22.08
C CYS A 170 8.52 -28.11 -23.17
N VAL A 171 8.93 -27.92 -24.43
CA VAL A 171 8.49 -28.79 -25.50
C VAL A 171 8.94 -30.22 -25.25
N LEU A 172 10.20 -30.39 -24.82
CA LEU A 172 10.69 -31.73 -24.49
C LEU A 172 9.87 -32.34 -23.38
N GLY A 173 9.84 -31.71 -22.21
CA GLY A 173 9.11 -32.25 -21.08
C GLY A 173 7.63 -32.44 -21.32
N GLY A 174 7.09 -31.80 -22.36
CA GLY A 174 5.67 -31.91 -22.64
C GLY A 174 4.80 -30.92 -21.92
N PHE A 175 5.35 -29.76 -21.53
CA PHE A 175 4.61 -28.75 -20.80
C PHE A 175 3.98 -27.75 -21.76
N VAL A 176 3.13 -26.88 -21.22
CA VAL A 176 2.41 -25.88 -21.99
C VAL A 176 2.82 -24.51 -21.49
N PRO A 177 3.75 -23.83 -22.18
CA PRO A 177 4.13 -22.47 -21.78
C PRO A 177 3.14 -21.42 -22.25
N THR A 178 3.10 -20.31 -21.52
CA THR A 178 2.22 -19.19 -21.79
C THR A 178 3.06 -17.99 -22.21
N LEU A 179 2.80 -17.46 -23.40
CA LEU A 179 3.62 -16.40 -24.01
C LEU A 179 2.94 -15.06 -23.77
N VAL A 180 3.54 -14.24 -22.92
CA VAL A 180 3.05 -12.89 -22.64
C VAL A 180 4.24 -11.98 -22.42
N SER A 181 4.08 -10.70 -22.78
CA SER A 181 5.15 -9.73 -22.63
C SER A 181 5.42 -9.46 -21.15
N ALA A 182 6.68 -9.11 -20.85
CA ALA A 182 7.05 -8.75 -19.50
C ALA A 182 6.48 -7.38 -19.13
N ALA A 183 6.23 -7.19 -17.84
CA ALA A 183 5.69 -5.91 -17.38
C ALA A 183 6.79 -4.85 -17.34
N PRO A 184 6.51 -3.62 -17.76
CA PRO A 184 7.51 -2.54 -17.56
C PRO A 184 7.93 -2.40 -16.12
N THR A 185 7.00 -2.58 -15.17
CA THR A 185 7.31 -2.51 -13.76
C THR A 185 6.30 -3.35 -12.99
N TYR A 186 6.79 -4.09 -11.99
CA TYR A 186 5.97 -4.89 -11.10
C TYR A 186 5.79 -4.24 -9.73
N ARG A 187 6.42 -3.08 -9.49
CA ARG A 187 6.37 -2.46 -8.17
C ARG A 187 4.95 -2.05 -7.79
N GLU A 188 4.16 -1.59 -8.75
CA GLU A 188 2.82 -1.08 -8.48
C GLU A 188 1.82 -1.65 -9.47
N MET A 189 0.57 -1.80 -8.99
CA MET A 189 -0.50 -2.23 -9.87
C MET A 189 -0.70 -1.21 -10.98
N ASN A 190 -1.14 -1.70 -12.13
CA ASN A 190 -1.36 -0.82 -13.28
C ASN A 190 -2.22 -1.57 -14.28
N ALA A 191 -2.26 -1.07 -15.53
CA ALA A 191 -3.00 -1.75 -16.58
C ALA A 191 -2.37 -3.10 -16.90
N ALA A 192 -1.04 -3.17 -16.88
CA ALA A 192 -0.34 -4.42 -17.18
C ALA A 192 -0.52 -5.44 -16.06
N VAL A 193 -0.04 -5.09 -14.86
CA VAL A 193 -0.09 -6.00 -13.72
C VAL A 193 -1.51 -6.48 -13.48
N LYS A 194 -2.51 -5.69 -13.91
CA LYS A 194 -3.88 -6.14 -13.80
C LYS A 194 -4.17 -7.30 -14.73
N LYS A 195 -3.79 -7.16 -16.01
CA LYS A 195 -3.94 -8.27 -16.95
C LYS A 195 -3.18 -9.49 -16.47
N LEU A 196 -2.08 -9.29 -15.77
CA LEU A 196 -1.30 -10.42 -15.27
C LEU A 196 -2.05 -11.16 -14.17
N HIS A 197 -2.68 -10.44 -13.23
CA HIS A 197 -3.46 -11.11 -12.20
C HIS A 197 -4.59 -11.93 -12.81
N HIS A 198 -5.22 -11.41 -13.87
CA HIS A 198 -6.28 -12.14 -14.54
C HIS A 198 -5.75 -13.44 -15.14
N ALA A 199 -4.63 -13.36 -15.87
CA ALA A 199 -4.05 -14.56 -16.47
C ALA A 199 -3.56 -15.51 -15.38
N TRP A 200 -2.77 -15.00 -14.43
CA TRP A 200 -2.25 -15.85 -13.36
C TRP A 200 -3.37 -16.60 -12.65
N LYS A 201 -4.53 -15.97 -12.50
CA LYS A 201 -5.67 -16.65 -11.88
C LYS A 201 -6.44 -17.51 -12.87
N LEU A 202 -6.49 -17.09 -14.15
CA LEU A 202 -7.22 -17.86 -15.15
C LEU A 202 -6.57 -19.21 -15.43
N LEU A 203 -5.23 -19.27 -15.40
CA LEU A 203 -4.49 -20.49 -15.73
C LEU A 203 -4.21 -21.36 -14.51
N GLU A 204 -5.02 -21.24 -13.46
CA GLU A 204 -4.89 -22.07 -12.26
C GLU A 204 -3.59 -21.75 -11.51
N HIS A 205 -3.28 -20.46 -11.43
CA HIS A 205 -2.18 -19.95 -10.59
C HIS A 205 -0.86 -20.71 -10.84
N PRO A 206 -0.45 -20.83 -12.11
CA PRO A 206 0.76 -21.63 -12.41
C PRO A 206 2.06 -21.01 -11.93
N LEU A 207 3.14 -21.74 -12.15
CA LEU A 207 4.47 -21.22 -11.89
C LEU A 207 4.86 -20.20 -12.96
N ILE A 208 5.68 -19.23 -12.55
CA ILE A 208 6.19 -18.21 -13.44
C ILE A 208 7.68 -18.46 -13.64
N LEU A 209 8.14 -18.27 -14.86
CA LEU A 209 9.50 -18.59 -15.27
C LEU A 209 10.16 -17.31 -15.74
N THR A 210 11.29 -16.97 -15.11
CA THR A 210 11.93 -15.69 -15.31
C THR A 210 13.43 -15.87 -15.42
N ASP A 211 14.13 -14.76 -15.66
CA ASP A 211 15.58 -14.72 -15.62
C ASP A 211 16.04 -14.26 -14.24
N ASP A 212 17.36 -14.20 -14.06
CA ASP A 212 17.89 -13.71 -12.79
C ASP A 212 17.59 -12.23 -12.63
N SER A 213 17.43 -11.51 -13.74
CA SER A 213 17.25 -10.06 -13.68
C SER A 213 15.88 -9.70 -13.15
N LEU A 214 14.84 -10.42 -13.55
CA LEU A 214 13.47 -10.05 -13.21
C LEU A 214 12.94 -10.73 -11.95
N ILE A 215 13.65 -11.73 -11.43
CA ILE A 215 13.11 -12.49 -10.30
C ILE A 215 12.91 -11.59 -9.09
N GLU A 216 13.89 -10.73 -8.79
CA GLU A 216 13.76 -9.82 -7.66
C GLU A 216 12.50 -8.97 -7.81
N GLU A 217 12.21 -8.51 -9.04
CA GLU A 217 11.07 -7.64 -9.28
C GLU A 217 9.75 -8.41 -9.36
N VAL A 218 9.78 -9.63 -9.90
CA VAL A 218 8.54 -10.38 -10.07
C VAL A 218 8.05 -10.93 -8.74
N GLN A 219 8.96 -11.37 -7.88
CA GLN A 219 8.57 -11.87 -6.56
C GLN A 219 7.80 -10.83 -5.76
N GLY A 220 7.91 -9.55 -6.11
CA GLY A 220 7.11 -8.55 -5.44
C GLY A 220 5.62 -8.73 -5.64
N LEU A 221 5.23 -9.44 -6.70
CA LEU A 221 3.80 -9.68 -6.94
C LEU A 221 3.15 -10.47 -5.80
N ALA A 222 3.95 -11.14 -4.96
CA ALA A 222 3.38 -11.85 -3.83
C ALA A 222 2.72 -10.88 -2.85
N PHE A 223 3.36 -9.74 -2.57
CA PHE A 223 2.78 -8.75 -1.68
C PHE A 223 1.70 -7.93 -2.38
N LEU A 224 1.91 -7.60 -3.65
CA LEU A 224 0.94 -6.78 -4.37
C LEU A 224 -0.36 -7.54 -4.58
N TRP A 225 -0.29 -8.81 -4.97
CA TRP A 225 -1.48 -9.63 -5.19
C TRP A 225 -1.99 -10.25 -3.90
N HIS A 226 -1.27 -10.10 -2.80
CA HIS A 226 -1.70 -10.61 -1.49
C HIS A 226 -1.95 -12.12 -1.53
N THR A 227 -1.36 -12.82 -2.49
CA THR A 227 -1.49 -14.25 -2.61
C THR A 227 -0.16 -14.92 -2.26
N ASP A 228 -0.25 -16.07 -1.60
CA ASP A 228 0.92 -16.83 -1.20
C ASP A 228 1.17 -18.02 -2.11
N GLN A 229 0.23 -18.33 -3.00
CA GLN A 229 0.34 -19.46 -3.90
C GLN A 229 1.02 -19.10 -5.22
N LEU A 230 1.84 -18.06 -5.22
CA LEU A 230 2.60 -17.62 -6.38
C LEU A 230 4.05 -17.99 -6.19
N ARG A 231 4.68 -18.52 -7.24
CA ARG A 231 6.09 -18.81 -7.15
C ARG A 231 6.75 -18.58 -8.51
N VAL A 232 8.06 -18.34 -8.48
CA VAL A 232 8.83 -17.95 -9.66
C VAL A 232 10.10 -18.77 -9.69
N ALA A 233 10.68 -18.88 -10.88
CA ALA A 233 11.90 -19.65 -11.08
C ALA A 233 12.83 -18.92 -12.03
N ALA A 234 14.12 -19.02 -11.76
CA ALA A 234 15.15 -18.42 -12.60
C ALA A 234 15.68 -19.46 -13.57
N VAL A 235 15.66 -19.13 -14.86
CA VAL A 235 16.13 -20.07 -15.88
C VAL A 235 17.66 -20.16 -15.87
N GLU A 236 18.32 -18.99 -15.79
CA GLU A 236 19.77 -18.90 -15.94
C GLU A 236 20.55 -19.96 -15.18
N PRO A 237 20.35 -20.17 -13.87
CA PRO A 237 21.15 -21.15 -13.13
C PRO A 237 20.80 -22.60 -13.43
N MET A 238 19.80 -22.88 -14.27
CA MET A 238 19.45 -24.25 -14.60
C MET A 238 20.33 -24.87 -15.68
N LEU A 239 21.13 -24.06 -16.39
CA LEU A 239 22.02 -24.60 -17.41
C LEU A 239 23.24 -25.28 -16.83
N THR A 240 23.39 -25.28 -15.51
CA THR A 240 24.50 -25.95 -14.83
C THR A 240 24.09 -27.29 -14.25
N LEU A 241 23.04 -27.91 -14.78
CA LEU A 241 22.48 -29.13 -14.23
C LEU A 241 22.73 -30.30 -15.16
N GLU A 242 22.13 -31.44 -14.85
CA GLU A 242 22.24 -32.63 -15.67
C GLU A 242 21.23 -32.58 -16.81
N ARG A 243 21.49 -33.37 -17.84
CA ARG A 243 20.58 -33.48 -18.97
C ARG A 243 19.49 -34.51 -18.65
N ASP A 244 18.62 -34.76 -19.64
CA ASP A 244 17.54 -35.72 -19.47
C ASP A 244 17.02 -36.07 -20.87
N THR A 245 17.48 -37.21 -21.41
CA THR A 245 17.00 -37.65 -22.72
C THR A 245 15.56 -38.13 -22.67
N ALA A 246 15.05 -38.47 -21.48
CA ALA A 246 13.70 -39.04 -21.33
C ALA A 246 12.67 -37.97 -21.69
N ALA A 247 12.40 -37.86 -22.99
CA ALA A 247 11.41 -36.92 -23.50
C ALA A 247 10.03 -37.56 -23.48
N HIS A 248 9.05 -36.82 -22.96
CA HIS A 248 7.69 -37.34 -22.88
C HIS A 248 7.09 -37.50 -24.27
N PRO A 249 6.27 -38.53 -24.51
CA PRO A 249 5.67 -38.71 -25.83
C PRO A 249 4.72 -37.58 -26.18
N ALA A 250 4.88 -37.05 -27.39
CA ALA A 250 4.02 -35.99 -27.91
C ALA A 250 2.88 -36.56 -28.74
N ALA A 251 1.86 -35.75 -28.95
CA ALA A 251 0.78 -36.02 -29.88
C ALA A 251 0.71 -34.91 -30.92
N PRO A 252 0.03 -35.15 -32.06
CA PRO A 252 -0.08 -34.08 -33.06
C PRO A 252 -1.12 -33.01 -32.73
N ASP A 253 -2.08 -33.29 -31.86
CA ASP A 253 -3.13 -32.35 -31.50
C ASP A 253 -3.06 -31.89 -30.05
N ASP A 254 -2.01 -32.28 -29.32
CA ASP A 254 -1.82 -31.77 -27.98
C ASP A 254 -1.51 -30.28 -28.01
N SER A 255 -1.99 -29.57 -26.99
CA SER A 255 -1.74 -28.13 -26.89
C SER A 255 -0.26 -27.88 -26.68
N VAL A 256 0.31 -26.97 -27.46
CA VAL A 256 1.75 -26.73 -27.48
C VAL A 256 2.12 -25.49 -26.67
N PHE A 257 1.38 -24.38 -26.83
CA PHE A 257 1.67 -23.20 -26.03
C PHE A 257 0.41 -22.33 -25.95
N PHE A 258 0.41 -21.45 -24.95
CA PHE A 258 -0.63 -20.44 -24.78
C PHE A 258 -0.08 -19.09 -25.19
N ILE A 259 -0.86 -18.33 -25.95
CA ILE A 259 -0.51 -16.97 -26.35
C ILE A 259 -1.73 -16.09 -26.14
N LEU A 260 -1.54 -14.96 -25.47
CA LEU A 260 -2.65 -14.10 -25.08
C LEU A 260 -2.74 -12.90 -26.01
N THR A 261 -3.89 -12.23 -25.97
CA THR A 261 -4.10 -11.00 -26.72
C THR A 261 -3.69 -9.81 -25.86
N SER A 262 -2.36 -9.67 -25.71
CA SER A 262 -1.82 -8.56 -24.94
C SER A 262 -2.37 -7.23 -25.45
N GLY A 263 -2.52 -7.11 -26.77
CA GLY A 263 -3.15 -5.94 -27.34
C GLY A 263 -4.66 -6.06 -27.30
N SER A 264 -5.20 -6.12 -26.08
CA SER A 264 -6.64 -6.20 -25.86
C SER A 264 -7.06 -5.11 -24.90
N THR A 265 -7.97 -4.24 -25.33
CA THR A 265 -8.47 -3.19 -24.45
C THR A 265 -9.10 -3.79 -23.19
N GLY A 266 -9.89 -4.86 -23.36
CA GLY A 266 -10.57 -5.51 -22.25
C GLY A 266 -9.73 -6.55 -21.57
N MET A 267 -10.38 -7.32 -20.69
CA MET A 267 -9.71 -8.41 -20.00
C MET A 267 -9.01 -9.31 -21.02
N PRO A 268 -7.81 -9.79 -20.73
CA PRO A 268 -7.06 -10.55 -21.74
C PRO A 268 -7.72 -11.90 -22.00
N LYS A 269 -7.53 -12.39 -23.22
CA LYS A 269 -8.04 -13.69 -23.63
C LYS A 269 -6.88 -14.62 -23.96
N CYS A 270 -7.08 -15.90 -23.69
CA CYS A 270 -6.05 -16.92 -23.81
C CYS A 270 -6.36 -17.81 -25.01
N VAL A 271 -5.29 -18.26 -25.69
CA VAL A 271 -5.41 -18.99 -26.94
C VAL A 271 -4.69 -20.32 -26.79
N GLU A 272 -5.39 -21.40 -27.15
CA GLU A 272 -4.78 -22.73 -27.22
C GLU A 272 -4.27 -22.97 -28.64
N HIS A 273 -3.07 -23.52 -28.75
CA HIS A 273 -2.50 -23.91 -30.03
C HIS A 273 -2.05 -25.35 -29.96
N SER A 274 -2.24 -26.09 -31.06
CA SER A 274 -1.86 -27.48 -31.16
C SER A 274 -0.61 -27.63 -32.02
N HIS A 275 0.14 -28.71 -31.76
CA HIS A 275 1.35 -28.97 -32.53
C HIS A 275 1.09 -28.93 -34.02
N ARG A 276 -0.08 -29.41 -34.45
CA ARG A 276 -0.40 -29.45 -35.87
C ARG A 276 -0.94 -28.10 -36.36
N SER A 277 -1.76 -27.44 -35.55
CA SER A 277 -2.27 -26.13 -35.95
C SER A 277 -1.14 -25.12 -36.13
N VAL A 278 -0.07 -25.25 -35.35
CA VAL A 278 1.09 -24.38 -35.51
C VAL A 278 1.88 -24.79 -36.75
N LEU A 279 2.37 -26.03 -36.77
CA LEU A 279 3.10 -26.52 -37.93
C LEU A 279 2.28 -26.39 -39.21
N ALA A 280 0.95 -26.35 -39.11
CA ALA A 280 0.11 -26.16 -40.29
C ALA A 280 0.47 -24.88 -41.03
N ASN A 281 0.89 -23.85 -40.31
CA ASN A 281 1.19 -22.56 -40.93
C ASN A 281 2.66 -22.44 -41.32
N VAL A 282 3.57 -22.94 -40.47
CA VAL A 282 5.00 -22.80 -40.76
C VAL A 282 5.35 -23.52 -42.06
N LYS A 283 4.60 -24.55 -42.41
CA LYS A 283 4.84 -25.26 -43.65
C LYS A 283 4.31 -24.48 -44.85
N GLY A 284 3.07 -23.96 -44.73
CA GLY A 284 2.54 -23.13 -45.80
C GLY A 284 3.29 -21.84 -45.99
N THR A 285 3.83 -21.27 -44.90
CA THR A 285 4.59 -20.03 -45.00
C THR A 285 5.87 -20.23 -45.80
N VAL A 286 6.68 -21.23 -45.43
CA VAL A 286 7.93 -21.48 -46.15
C VAL A 286 7.66 -21.66 -47.63
N ALA A 287 6.47 -22.13 -47.99
CA ALA A 287 6.13 -22.32 -49.40
C ALA A 287 5.99 -20.99 -50.13
N ALA A 288 5.08 -20.14 -49.63
CA ALA A 288 4.75 -18.90 -50.35
C ALA A 288 5.97 -17.99 -50.50
N ASN A 289 6.93 -18.04 -49.57
CA ASN A 289 8.04 -17.12 -49.57
C ASN A 289 9.36 -17.71 -50.07
N GLN A 290 9.46 -19.03 -50.18
CA GLN A 290 10.67 -19.71 -50.66
C GLN A 290 11.86 -19.42 -49.73
N PHE A 291 11.79 -20.03 -48.55
CA PHE A 291 12.84 -19.95 -47.55
C PHE A 291 13.67 -21.23 -47.52
N THR A 292 14.88 -21.11 -46.98
CA THR A 292 15.88 -22.18 -47.08
C THR A 292 16.86 -22.05 -45.94
N GLN A 293 17.68 -23.09 -45.76
CA GLN A 293 18.76 -23.03 -44.76
C GLN A 293 19.69 -21.86 -44.99
N GLU A 294 19.73 -21.29 -46.21
CA GLU A 294 20.68 -20.24 -46.51
C GLU A 294 20.31 -18.94 -45.81
N ASP A 295 19.02 -18.63 -45.75
CA ASP A 295 18.59 -17.33 -45.23
C ASP A 295 19.15 -17.08 -43.84
N VAL A 296 19.41 -15.81 -43.55
CA VAL A 296 19.76 -15.35 -42.21
C VAL A 296 18.61 -14.48 -41.72
N SER A 297 18.12 -14.79 -40.52
CA SER A 297 16.88 -14.20 -40.00
C SER A 297 17.22 -13.24 -38.86
N LEU A 298 17.03 -11.95 -39.10
CA LEU A 298 17.19 -10.93 -38.07
C LEU A 298 15.83 -10.59 -37.51
N ASP A 299 15.67 -10.71 -36.19
CA ASP A 299 14.38 -10.49 -35.54
C ASP A 299 14.60 -9.86 -34.18
N TRP A 300 13.89 -8.76 -33.91
CA TRP A 300 13.89 -8.12 -32.60
C TRP A 300 12.51 -7.98 -31.98
N MET A 301 11.43 -8.22 -32.73
CA MET A 301 10.10 -8.20 -32.15
C MET A 301 10.03 -9.20 -30.98
N PRO A 302 9.29 -8.89 -29.93
CA PRO A 302 9.25 -9.79 -28.77
C PRO A 302 8.59 -11.12 -29.10
N LEU A 303 8.97 -12.13 -28.32
CA LEU A 303 8.48 -13.49 -28.57
C LEU A 303 7.03 -13.68 -28.15
N ASP A 304 6.52 -12.86 -27.24
CA ASP A 304 5.13 -12.99 -26.82
C ASP A 304 4.14 -12.61 -27.92
N HIS A 305 4.62 -12.09 -29.05
CA HIS A 305 3.77 -11.77 -30.19
C HIS A 305 3.78 -12.94 -31.17
N ILE A 306 2.67 -13.10 -31.89
CA ILE A 306 2.53 -14.25 -32.79
C ILE A 306 3.68 -14.32 -33.78
N GLY A 307 4.11 -13.16 -34.30
CA GLY A 307 5.22 -13.14 -35.23
C GLY A 307 6.55 -13.56 -34.62
N GLY A 308 6.66 -13.50 -33.29
CA GLY A 308 7.91 -13.86 -32.65
C GLY A 308 8.24 -15.34 -32.73
N ILE A 309 7.23 -16.20 -32.62
CA ILE A 309 7.48 -17.64 -32.56
C ILE A 309 7.09 -18.29 -33.88
N VAL A 310 5.80 -18.28 -34.21
CA VAL A 310 5.30 -19.04 -35.35
C VAL A 310 5.94 -18.54 -36.64
N MET A 311 5.72 -17.25 -36.95
CA MET A 311 6.10 -16.76 -38.28
C MET A 311 7.61 -16.71 -38.47
N PHE A 312 8.39 -16.59 -37.40
CA PHE A 312 9.84 -16.38 -37.53
C PHE A 312 10.64 -17.48 -36.84
N HIS A 313 10.68 -17.51 -35.50
CA HIS A 313 11.57 -18.45 -34.81
C HIS A 313 11.36 -19.88 -35.27
N LEU A 314 10.11 -20.36 -35.20
CA LEU A 314 9.84 -21.74 -35.56
C LEU A 314 10.15 -22.00 -37.03
N VAL A 315 9.98 -21.00 -37.89
CA VAL A 315 10.32 -21.16 -39.30
C VAL A 315 11.83 -21.22 -39.51
N ASN A 316 12.62 -20.66 -38.59
CA ASN A 316 14.07 -20.74 -38.70
C ASN A 316 14.61 -22.07 -38.19
N VAL A 317 13.97 -22.65 -37.17
CA VAL A 317 14.40 -23.95 -36.68
C VAL A 317 13.86 -25.07 -37.56
N TYR A 318 12.73 -24.84 -38.23
CA TYR A 318 12.19 -25.84 -39.13
C TYR A 318 13.01 -25.95 -40.41
N THR A 319 13.59 -24.85 -40.88
CA THR A 319 14.39 -24.85 -42.11
C THR A 319 15.88 -24.69 -41.86
N GLY A 320 16.31 -24.58 -40.60
CA GLY A 320 17.73 -24.58 -40.29
C GLY A 320 18.49 -23.33 -40.68
N CYS A 321 17.83 -22.17 -40.66
CA CYS A 321 18.51 -20.92 -40.94
C CYS A 321 19.49 -20.56 -39.83
N GLU A 322 20.43 -19.68 -40.15
CA GLU A 322 21.17 -18.96 -39.13
C GLU A 322 20.26 -17.87 -38.56
N GLN A 323 20.18 -17.80 -37.22
CA GLN A 323 19.27 -16.89 -36.56
C GLN A 323 20.04 -15.79 -35.83
N ILE A 324 19.49 -14.57 -35.87
CA ILE A 324 20.03 -13.43 -35.12
C ILE A 324 18.89 -12.83 -34.32
N ARG A 325 19.06 -12.74 -33.00
CA ARG A 325 18.08 -12.16 -32.10
C ARG A 325 18.70 -10.97 -31.38
N ALA A 326 17.99 -9.85 -31.36
CA ALA A 326 18.40 -8.66 -30.63
C ALA A 326 17.28 -8.21 -29.72
N ARG A 327 17.66 -7.48 -28.67
CA ARG A 327 16.67 -6.95 -27.73
C ARG A 327 15.86 -5.85 -28.40
N THR A 328 14.54 -5.87 -28.15
CA THR A 328 13.69 -4.82 -28.69
C THR A 328 14.07 -3.46 -28.14
N ASP A 329 14.53 -3.41 -26.89
CA ASP A 329 14.94 -2.15 -26.28
C ASP A 329 16.07 -1.50 -27.08
N ASP A 330 17.11 -2.27 -27.39
CA ASP A 330 18.26 -1.72 -28.11
C ASP A 330 17.85 -1.10 -29.44
N PHE A 331 16.81 -1.64 -30.08
CA PHE A 331 16.37 -1.08 -31.36
C PHE A 331 15.63 0.24 -31.15
N ILE A 332 14.56 0.20 -30.35
CA ILE A 332 13.74 1.41 -30.16
C ILE A 332 14.58 2.53 -29.57
N ALA A 333 15.65 2.20 -28.83
CA ALA A 333 16.51 3.24 -28.29
C ALA A 333 17.29 3.97 -29.36
N GLN A 334 17.43 3.38 -30.55
CA GLN A 334 18.11 4.01 -31.67
C GLN A 334 17.89 3.16 -32.92
N PRO A 335 16.82 3.42 -33.67
CA PRO A 335 16.45 2.50 -34.77
C PRO A 335 17.51 2.34 -35.86
N LEU A 336 18.51 3.21 -35.95
CA LEU A 336 19.54 2.99 -36.98
C LEU A 336 20.44 1.82 -36.64
N ARG A 337 20.19 1.12 -35.54
CA ARG A 337 20.83 -0.15 -35.25
C ARG A 337 20.23 -1.29 -36.07
N TRP A 338 19.05 -1.08 -36.66
CA TRP A 338 18.49 -2.07 -37.57
C TRP A 338 19.35 -2.22 -38.81
N LEU A 339 19.95 -1.13 -39.28
CA LEU A 339 20.86 -1.21 -40.43
C LEU A 339 22.19 -1.82 -40.02
N ASP A 340 22.71 -1.44 -38.85
CA ASP A 340 23.97 -1.99 -38.37
C ASP A 340 23.92 -3.51 -38.28
N TRP A 341 22.75 -4.09 -38.00
CA TRP A 341 22.64 -5.54 -37.82
C TRP A 341 22.52 -6.26 -39.16
N MET A 342 21.65 -5.78 -40.05
CA MET A 342 21.50 -6.37 -41.37
C MET A 342 22.77 -6.31 -42.19
N ASP A 343 23.76 -5.52 -41.77
CA ASP A 343 25.06 -5.44 -42.43
C ASP A 343 26.12 -6.31 -41.76
N ARG A 344 26.09 -6.39 -40.43
CA ARG A 344 27.05 -7.21 -39.70
C ARG A 344 26.76 -8.70 -39.86
N TYR A 345 25.55 -9.08 -40.29
CA TYR A 345 25.19 -10.48 -40.47
C TYR A 345 24.71 -10.81 -41.88
N ARG A 346 24.74 -9.85 -42.80
CA ARG A 346 24.29 -10.06 -44.18
C ARG A 346 23.00 -10.87 -44.18
N ALA A 347 21.96 -10.29 -43.57
CA ALA A 347 20.71 -10.99 -43.36
C ALA A 347 19.85 -10.95 -44.62
N THR A 348 19.07 -12.02 -44.81
CA THR A 348 18.17 -12.13 -45.94
C THR A 348 16.71 -12.04 -45.56
N LYS A 349 16.38 -12.07 -44.27
CA LYS A 349 15.00 -12.16 -43.83
C LYS A 349 14.83 -11.42 -42.51
N THR A 350 13.91 -10.46 -42.48
CA THR A 350 13.59 -9.73 -41.26
C THR A 350 12.16 -9.23 -41.37
N TRP A 351 11.60 -8.79 -40.24
CA TRP A 351 10.24 -8.28 -40.23
C TRP A 351 10.08 -7.28 -39.09
N ALA A 352 9.14 -6.35 -39.28
CA ALA A 352 8.85 -5.31 -38.30
C ALA A 352 7.59 -4.57 -38.68
N PRO A 353 6.63 -4.37 -37.78
CA PRO A 353 5.42 -3.62 -38.13
C PRO A 353 5.77 -2.25 -38.69
N ASN A 354 4.76 -1.62 -39.31
CA ASN A 354 5.01 -0.38 -40.01
C ASN A 354 5.59 0.70 -39.11
N PHE A 355 5.27 0.67 -37.81
CA PHE A 355 5.77 1.72 -36.92
C PHE A 355 7.30 1.74 -36.90
N ALA A 356 7.94 0.62 -37.23
CA ALA A 356 9.39 0.58 -37.25
C ALA A 356 9.95 1.28 -38.49
N PHE A 357 9.27 1.14 -39.63
CA PHE A 357 9.74 1.78 -40.85
C PHE A 357 9.76 3.29 -40.72
N ALA A 358 8.64 3.88 -40.28
CA ALA A 358 8.59 5.33 -40.09
C ALA A 358 9.70 5.80 -39.16
N MET A 359 9.99 5.02 -38.11
CA MET A 359 11.03 5.42 -37.16
C MET A 359 12.38 5.56 -37.85
N ILE A 360 12.61 4.82 -38.93
CA ILE A 360 13.90 4.88 -39.60
C ILE A 360 14.03 6.18 -40.38
N ASN A 361 12.96 6.60 -41.05
CA ASN A 361 13.04 7.77 -41.92
C ASN A 361 13.49 9.01 -41.16
N ASP A 362 13.18 9.11 -39.86
CA ASP A 362 13.51 10.32 -39.12
C ASP A 362 15.01 10.53 -39.02
N TYR A 363 15.81 9.49 -39.25
CA TYR A 363 17.26 9.62 -39.27
C TYR A 363 17.80 9.90 -40.67
N GLU A 364 17.05 10.67 -41.48
CA GLU A 364 17.48 10.92 -42.84
C GLU A 364 18.86 11.59 -42.89
N LYS A 365 19.22 12.32 -41.83
CA LYS A 365 20.54 12.95 -41.82
C LYS A 365 21.65 11.91 -41.73
N GLU A 366 21.47 10.89 -40.89
CA GLU A 366 22.50 9.86 -40.73
C GLU A 366 22.58 8.98 -41.97
N ILE A 367 21.42 8.63 -42.54
CA ILE A 367 21.39 7.69 -43.67
C ILE A 367 22.21 8.23 -44.83
N SER A 368 22.05 9.51 -45.15
CA SER A 368 22.79 10.14 -46.24
C SER A 368 24.21 10.59 -45.83
N SER A 369 24.78 9.98 -44.80
CA SER A 369 26.15 10.28 -44.39
C SER A 369 26.69 9.11 -43.58
N GLY A 370 27.20 8.10 -44.28
CA GLY A 370 27.64 6.86 -43.67
C GLY A 370 26.79 5.73 -44.19
N SER A 371 27.32 4.97 -45.13
CA SER A 371 26.54 3.99 -45.88
C SER A 371 26.70 2.60 -45.29
N TRP A 372 25.72 1.75 -45.59
CA TRP A 372 25.75 0.35 -45.24
C TRP A 372 25.62 -0.49 -46.50
N ASP A 373 25.60 -1.81 -46.31
CA ASP A 373 25.39 -2.76 -47.39
C ASP A 373 24.15 -3.58 -47.05
N LEU A 374 23.13 -3.49 -47.90
CA LEU A 374 21.84 -4.10 -47.63
C LEU A 374 21.36 -5.02 -48.74
N SER A 375 22.21 -5.30 -49.74
CA SER A 375 21.86 -6.29 -50.76
C SER A 375 21.52 -7.64 -50.15
N ALA A 376 22.04 -7.92 -48.96
CA ALA A 376 21.72 -9.18 -48.28
C ALA A 376 20.22 -9.41 -48.24
N MET A 377 19.43 -8.36 -48.12
CA MET A 377 18.00 -8.50 -47.83
C MET A 377 17.24 -8.99 -49.06
N THR A 378 16.35 -9.95 -48.84
CA THR A 378 15.46 -10.45 -49.87
C THR A 378 14.01 -10.60 -49.41
N CYS A 379 13.76 -10.70 -48.11
CA CYS A 379 12.40 -10.92 -47.59
C CYS A 379 12.22 -10.01 -46.37
N MET A 380 11.48 -8.92 -46.55
CA MET A 380 11.17 -7.99 -45.48
C MET A 380 9.65 -7.96 -45.29
N ILE A 381 9.18 -8.50 -44.16
CA ILE A 381 7.77 -8.67 -43.90
C ILE A 381 7.35 -7.63 -42.85
N ASN A 382 6.08 -7.22 -42.90
CA ASN A 382 5.58 -6.25 -41.95
C ASN A 382 4.10 -6.49 -41.68
N GLY A 383 3.67 -6.09 -40.48
CA GLY A 383 2.29 -6.21 -40.07
C GLY A 383 1.32 -5.41 -40.92
N ALA A 384 0.28 -6.07 -41.41
CA ALA A 384 -0.70 -5.43 -42.28
C ALA A 384 -1.64 -4.49 -41.55
N GLU A 385 -1.82 -4.66 -40.23
CA GLU A 385 -2.77 -3.85 -39.49
C GLU A 385 -2.50 -2.34 -39.57
N ALA A 386 -1.41 -1.93 -40.23
CA ALA A 386 -1.04 -0.51 -40.29
C ALA A 386 -0.23 -0.32 -41.58
N VAL A 387 -0.91 -0.45 -42.71
CA VAL A 387 -0.27 -0.33 -44.02
C VAL A 387 -0.37 1.11 -44.52
N VAL A 388 0.78 1.71 -44.79
CA VAL A 388 0.85 3.06 -45.35
C VAL A 388 1.90 3.12 -46.46
N PRO A 389 1.51 3.01 -47.73
CA PRO A 389 2.50 3.16 -48.81
C PRO A 389 3.25 4.48 -48.76
N LYS A 390 2.73 5.48 -48.05
CA LYS A 390 3.35 6.79 -47.97
C LYS A 390 4.82 6.68 -47.55
N THR A 391 5.08 6.04 -46.42
CA THR A 391 6.43 5.96 -45.89
C THR A 391 7.25 4.83 -46.49
N ILE A 392 6.62 3.85 -47.14
CA ILE A 392 7.35 2.71 -47.68
C ILE A 392 8.22 3.15 -48.86
N HIS A 393 7.58 3.71 -49.89
CA HIS A 393 8.34 4.15 -51.05
C HIS A 393 9.34 5.24 -50.70
N ARG A 394 9.12 5.97 -49.60
CA ARG A 394 10.18 6.83 -49.07
C ARG A 394 11.27 6.01 -48.42
N PHE A 395 10.89 4.93 -47.73
CA PHE A 395 11.86 4.01 -47.16
C PHE A 395 12.79 3.46 -48.23
N LEU A 396 12.21 2.91 -49.30
CA LEU A 396 13.02 2.31 -50.35
C LEU A 396 13.89 3.34 -51.06
N HIS A 397 13.32 4.52 -51.37
CA HIS A 397 14.09 5.53 -52.09
C HIS A 397 15.22 6.09 -51.24
N LEU A 398 15.03 6.15 -49.92
CA LEU A 398 16.04 6.72 -49.04
C LEU A 398 17.16 5.74 -48.71
N LEU A 399 16.89 4.44 -48.80
CA LEU A 399 17.88 3.41 -48.52
C LEU A 399 18.41 2.73 -49.78
N ALA A 400 17.82 3.00 -50.94
CA ALA A 400 18.29 2.38 -52.18
C ALA A 400 19.78 2.52 -52.41
N PRO A 401 20.40 3.68 -52.18
CA PRO A 401 21.85 3.80 -52.42
C PRO A 401 22.69 2.91 -51.51
N HIS A 402 22.09 2.27 -50.51
CA HIS A 402 22.81 1.40 -49.59
C HIS A 402 22.65 -0.08 -49.94
N GLY A 403 22.04 -0.39 -51.07
CA GLY A 403 21.98 -1.75 -51.58
C GLY A 403 20.70 -2.52 -51.33
N LEU A 404 19.63 -1.88 -50.84
CA LEU A 404 18.38 -2.59 -50.65
C LEU A 404 17.62 -2.63 -51.98
N LYS A 405 17.22 -3.83 -52.41
CA LYS A 405 16.53 -3.96 -53.68
C LYS A 405 15.05 -3.60 -53.52
N GLY A 406 14.42 -3.24 -54.64
CA GLY A 406 13.14 -2.56 -54.58
C GLY A 406 11.94 -3.39 -54.15
N ASP A 407 11.96 -4.70 -54.39
CA ASP A 407 10.80 -5.52 -54.08
C ASP A 407 10.97 -6.35 -52.81
N VAL A 408 11.86 -5.92 -51.91
CA VAL A 408 12.11 -6.68 -50.69
C VAL A 408 10.85 -6.71 -49.82
N ILE A 409 10.08 -5.60 -49.84
CA ILE A 409 8.95 -5.47 -48.93
C ILE A 409 7.97 -6.63 -49.14
N ARG A 410 7.30 -7.01 -48.05
CA ARG A 410 6.45 -8.20 -48.06
C ARG A 410 5.27 -8.00 -47.10
N PRO A 411 4.18 -7.42 -47.56
CA PRO A 411 2.99 -7.32 -46.73
C PRO A 411 2.50 -8.69 -46.27
N ALA A 412 1.87 -8.72 -45.10
CA ALA A 412 1.34 -9.95 -44.53
C ALA A 412 0.32 -9.60 -43.46
N PHE A 413 -0.81 -10.31 -43.46
CA PHE A 413 -1.88 -10.11 -42.49
C PHE A 413 -2.02 -11.38 -41.67
N GLY A 414 -1.67 -11.29 -40.39
CA GLY A 414 -1.80 -12.42 -39.50
C GLY A 414 -2.21 -11.99 -38.10
N MET A 415 -2.97 -12.86 -37.46
CA MET A 415 -3.45 -12.69 -36.10
C MET A 415 -2.80 -13.73 -35.20
N SER A 416 -3.10 -13.64 -33.90
CA SER A 416 -2.64 -14.64 -32.95
C SER A 416 -3.47 -15.91 -33.05
N GLU A 417 -4.76 -15.77 -33.37
CA GLU A 417 -5.67 -16.90 -33.40
C GLU A 417 -5.40 -17.82 -34.58
N ILE A 418 -4.77 -17.30 -35.65
CA ILE A 418 -4.55 -18.05 -36.88
C ILE A 418 -3.12 -18.55 -36.98
N SER A 419 -2.26 -18.20 -36.02
CA SER A 419 -0.86 -18.58 -36.03
C SER A 419 -0.09 -17.74 -37.04
N SER A 420 -0.36 -16.43 -37.04
CA SER A 420 0.44 -15.46 -37.77
C SER A 420 -0.07 -15.27 -39.20
N ALA A 421 0.80 -14.73 -40.05
CA ALA A 421 0.41 -14.36 -41.41
C ALA A 421 -0.32 -15.48 -42.11
N VAL A 422 -1.24 -15.10 -42.99
CA VAL A 422 -1.99 -16.02 -43.83
C VAL A 422 -2.03 -15.59 -45.28
N VAL A 423 -1.40 -14.46 -45.62
CA VAL A 423 -1.27 -13.99 -47.00
C VAL A 423 0.06 -13.27 -47.11
N PHE A 424 0.59 -13.20 -48.34
CA PHE A 424 1.86 -12.52 -48.58
C PHE A 424 1.82 -11.84 -49.94
N SER A 425 2.19 -10.56 -49.96
CA SER A 425 2.26 -9.76 -51.16
C SER A 425 3.72 -9.61 -51.58
N PHE A 426 4.01 -9.90 -52.85
CA PHE A 426 5.37 -9.83 -53.37
C PHE A 426 5.58 -8.68 -54.35
N ALA A 427 4.50 -8.06 -54.86
CA ALA A 427 4.59 -7.00 -55.85
C ALA A 427 4.56 -5.63 -55.18
N ILE A 428 5.69 -5.25 -54.58
CA ILE A 428 5.87 -3.92 -53.99
C ILE A 428 7.23 -3.42 -54.47
N GLU A 429 7.23 -2.65 -55.55
CA GLU A 429 8.44 -2.15 -56.19
C GLU A 429 8.67 -0.68 -55.88
N ARG A 430 9.95 -0.27 -55.94
CA ARG A 430 10.29 1.13 -55.69
C ARG A 430 9.82 2.00 -56.85
N GLY A 431 10.17 1.62 -58.07
CA GLY A 431 9.79 2.41 -59.23
C GLY A 431 8.30 2.45 -59.46
N ASP A 432 7.60 1.35 -59.14
CA ASP A 432 6.18 1.21 -59.40
C ASP A 432 5.43 1.35 -58.09
N GLU A 433 4.82 2.51 -57.87
CA GLU A 433 4.06 2.75 -56.66
C GLU A 433 2.64 2.18 -56.75
N ASN A 434 2.17 1.84 -57.93
CA ASN A 434 0.85 1.23 -58.08
C ASN A 434 0.87 -0.29 -58.09
N SER A 435 2.03 -0.91 -58.32
CA SER A 435 2.12 -2.37 -58.29
C SER A 435 1.83 -2.85 -56.87
N GLY A 436 0.84 -3.74 -56.75
CA GLY A 436 0.40 -4.16 -55.43
C GLY A 436 -0.38 -3.10 -54.69
N VAL A 437 -0.79 -2.03 -55.37
CA VAL A 437 -1.54 -0.93 -54.79
C VAL A 437 -2.78 -0.70 -55.65
N LEU A 438 -3.96 -0.81 -55.03
CA LEU A 438 -5.23 -0.64 -55.71
C LEU A 438 -5.85 0.68 -55.30
N THR A 439 -6.18 1.51 -56.29
CA THR A 439 -6.84 2.79 -56.04
C THR A 439 -8.29 2.71 -56.49
N PHE A 440 -9.20 3.20 -55.65
CA PHE A 440 -10.62 3.16 -55.93
C PHE A 440 -11.24 4.51 -55.60
N GLU A 441 -12.41 4.76 -56.19
CA GLU A 441 -13.15 5.99 -55.91
C GLU A 441 -13.86 5.87 -54.56
N GLU A 442 -13.84 6.97 -53.80
CA GLU A 442 -14.51 6.95 -52.50
C GLU A 442 -16.01 6.72 -52.65
N THR A 443 -16.57 7.08 -53.81
CA THR A 443 -18.02 6.95 -54.01
C THR A 443 -18.46 5.50 -54.03
N SER A 444 -17.61 4.59 -54.51
CA SER A 444 -17.99 3.21 -54.72
C SER A 444 -17.62 2.31 -53.56
N LEU A 445 -17.24 2.89 -52.41
CA LEU A 445 -16.88 2.08 -51.26
C LEU A 445 -18.07 1.27 -50.74
N THR A 446 -19.29 1.80 -50.89
CA THR A 446 -20.47 1.08 -50.42
C THR A 446 -20.97 0.08 -51.46
N GLU A 447 -20.73 0.33 -52.74
CA GLU A 447 -21.12 -0.53 -53.83
C GLU A 447 -19.88 -1.19 -54.45
N GLN A 448 -20.01 -1.64 -55.70
CA GLN A 448 -18.87 -2.20 -56.41
C GLN A 448 -17.79 -1.15 -56.58
N LEU A 449 -16.60 -1.43 -56.03
CA LEU A 449 -15.54 -0.45 -56.09
C LEU A 449 -15.25 -0.07 -57.54
N ARG A 450 -15.10 1.23 -57.78
CA ARG A 450 -14.78 1.73 -59.12
C ARG A 450 -13.34 2.20 -59.14
N PRO A 451 -12.44 1.54 -59.87
CA PRO A 451 -11.05 2.03 -59.92
C PRO A 451 -11.01 3.50 -60.31
N ALA A 452 -9.95 4.18 -59.90
CA ALA A 452 -9.83 5.62 -60.11
C ALA A 452 -8.37 5.98 -60.24
N GLU A 453 -8.12 7.27 -60.48
CA GLU A 453 -6.78 7.79 -60.69
C GLU A 453 -6.23 8.41 -59.42
N ALA A 454 -4.92 8.64 -59.41
CA ALA A 454 -4.26 9.26 -58.27
C ALA A 454 -4.78 10.68 -58.05
N ARG A 455 -5.55 10.89 -56.99
CA ARG A 455 -6.11 12.18 -56.65
C ARG A 455 -5.81 12.46 -55.17
N GLU A 456 -5.79 13.75 -54.83
CA GLU A 456 -5.49 14.14 -53.45
C GLU A 456 -6.73 14.12 -52.56
N THR A 457 -7.92 14.33 -53.12
CA THR A 457 -9.17 14.25 -52.37
C THR A 457 -10.24 13.64 -53.29
N GLY A 458 -10.57 12.38 -53.07
CA GLY A 458 -11.63 11.74 -53.83
C GLY A 458 -11.44 10.26 -54.08
N THR A 459 -10.25 9.74 -53.80
CA THR A 459 -9.92 8.33 -54.05
C THR A 459 -9.23 7.76 -52.82
N VAL A 460 -9.13 6.43 -52.79
CA VAL A 460 -8.47 5.71 -51.70
C VAL A 460 -7.60 4.61 -52.30
N SER A 461 -6.43 4.39 -51.69
CA SER A 461 -5.49 3.36 -52.14
C SER A 461 -5.41 2.25 -51.10
N PHE A 462 -5.55 1.00 -51.56
CA PHE A 462 -5.42 -0.17 -50.70
C PHE A 462 -4.31 -1.06 -51.25
N THR A 463 -3.36 -1.41 -50.39
CA THR A 463 -2.30 -2.33 -50.77
C THR A 463 -2.80 -3.76 -50.73
N GLU A 464 -2.48 -4.53 -51.76
CA GLU A 464 -2.93 -5.91 -51.85
C GLU A 464 -2.03 -6.78 -50.99
N LEU A 465 -2.65 -7.58 -50.12
CA LEU A 465 -1.90 -8.47 -49.25
C LEU A 465 -1.51 -9.75 -49.98
N GLY A 466 -2.33 -10.20 -50.92
CA GLY A 466 -1.98 -11.34 -51.76
C GLY A 466 -2.96 -12.48 -51.71
N LYS A 467 -2.53 -13.64 -52.16
CA LYS A 467 -3.38 -14.81 -52.24
C LYS A 467 -3.33 -15.59 -50.94
N PRO A 468 -4.38 -16.34 -50.58
CA PRO A 468 -4.30 -17.15 -49.37
C PRO A 468 -3.08 -18.05 -49.41
N ILE A 469 -2.60 -18.46 -48.24
CA ILE A 469 -1.36 -19.22 -48.15
C ILE A 469 -1.64 -20.65 -48.58
N PRO A 470 -0.67 -21.35 -49.18
CA PRO A 470 -0.86 -22.79 -49.42
C PRO A 470 -1.32 -23.54 -48.19
N GLY A 471 -2.59 -23.96 -48.19
CA GLY A 471 -3.10 -24.79 -47.13
C GLY A 471 -4.37 -24.26 -46.47
N ILE A 472 -4.84 -23.08 -46.87
CA ILE A 472 -6.00 -22.45 -46.26
C ILE A 472 -6.88 -21.88 -47.36
N THR A 473 -8.06 -21.41 -46.96
CA THR A 473 -9.02 -20.78 -47.85
C THR A 473 -9.56 -19.54 -47.17
N ILE A 474 -9.79 -18.49 -47.94
CA ILE A 474 -10.32 -17.24 -47.43
C ILE A 474 -11.53 -16.87 -48.26
N ARG A 475 -12.54 -16.30 -47.60
CA ARG A 475 -13.68 -15.70 -48.28
C ARG A 475 -14.08 -14.45 -47.50
N ILE A 476 -15.11 -13.77 -47.99
CA ILE A 476 -15.68 -12.64 -47.27
C ILE A 476 -17.21 -12.76 -47.31
N VAL A 477 -17.85 -12.24 -46.27
CA VAL A 477 -19.27 -12.45 -46.04
C VAL A 477 -19.92 -11.10 -45.78
N ASN A 478 -21.22 -11.02 -46.07
CA ASN A 478 -21.97 -9.80 -45.79
C ASN A 478 -22.44 -9.81 -44.34
N HIS A 479 -23.20 -8.78 -43.96
CA HIS A 479 -23.64 -8.65 -42.59
C HIS A 479 -24.53 -9.82 -42.15
N GLN A 480 -25.19 -10.51 -43.08
CA GLN A 480 -25.97 -11.70 -42.75
C GLN A 480 -25.17 -12.99 -42.89
N HIS A 481 -23.84 -12.89 -43.06
CA HIS A 481 -22.96 -14.04 -43.15
C HIS A 481 -23.14 -14.83 -44.45
N GLU A 482 -23.46 -14.14 -45.54
CA GLU A 482 -23.55 -14.73 -46.86
C GLU A 482 -22.34 -14.32 -47.67
N LEU A 483 -21.96 -15.17 -48.63
CA LEU A 483 -20.82 -14.84 -49.48
C LEU A 483 -21.13 -13.60 -50.31
N LEU A 484 -20.10 -12.83 -50.61
CA LEU A 484 -20.22 -11.56 -51.31
C LEU A 484 -19.72 -11.67 -52.74
N PRO A 485 -20.04 -10.68 -53.58
CA PRO A 485 -19.50 -10.69 -54.94
C PRO A 485 -18.03 -10.30 -54.95
N GLU A 486 -17.44 -10.42 -56.14
CA GLU A 486 -16.01 -10.21 -56.29
C GLU A 486 -15.52 -8.95 -55.59
N ASP A 487 -16.15 -7.81 -55.86
CA ASP A 487 -15.59 -6.51 -55.49
C ASP A 487 -16.20 -5.90 -54.23
N HIS A 488 -17.25 -6.49 -53.66
CA HIS A 488 -17.88 -5.92 -52.48
C HIS A 488 -17.04 -6.16 -51.23
N ILE A 489 -17.02 -5.17 -50.34
CA ILE A 489 -16.30 -5.26 -49.07
C ILE A 489 -17.11 -6.06 -48.08
N GLY A 490 -16.43 -6.87 -47.26
CA GLY A 490 -17.10 -7.68 -46.27
C GLY A 490 -16.17 -8.09 -45.15
N ARG A 491 -16.73 -8.79 -44.17
CA ARG A 491 -15.94 -9.32 -43.07
C ARG A 491 -15.07 -10.45 -43.56
N VAL A 492 -13.77 -10.36 -43.31
CA VAL A 492 -12.85 -11.40 -43.75
C VAL A 492 -13.04 -12.63 -42.87
N GLN A 493 -13.22 -13.79 -43.51
CA GLN A 493 -13.38 -15.06 -42.81
C GLN A 493 -12.40 -16.05 -43.41
N ILE A 494 -11.67 -16.75 -42.55
CA ILE A 494 -10.54 -17.57 -42.95
C ILE A 494 -10.72 -18.96 -42.35
N LYS A 495 -10.33 -19.99 -43.11
CA LYS A 495 -10.42 -21.37 -42.67
C LYS A 495 -9.23 -22.15 -43.20
N GLY A 496 -8.71 -23.05 -42.36
CA GLY A 496 -7.61 -23.89 -42.74
C GLY A 496 -7.17 -24.75 -41.58
N PRO A 497 -6.05 -25.46 -41.74
CA PRO A 497 -5.49 -26.25 -40.63
C PRO A 497 -4.72 -25.41 -39.62
N THR A 498 -4.53 -24.12 -39.87
CA THR A 498 -3.78 -23.24 -38.98
C THR A 498 -4.65 -22.60 -37.90
N THR A 499 -5.94 -22.92 -37.86
CA THR A 499 -6.82 -22.32 -36.87
C THR A 499 -6.61 -22.93 -35.49
N MET A 500 -6.59 -22.09 -34.47
CA MET A 500 -6.32 -22.54 -33.12
C MET A 500 -7.37 -23.56 -32.68
N LYS A 501 -7.13 -24.16 -31.50
CA LYS A 501 -8.13 -25.02 -30.89
C LYS A 501 -9.35 -24.20 -30.46
N GLY A 502 -9.12 -23.00 -29.95
CA GLY A 502 -10.17 -22.15 -29.43
C GLY A 502 -9.73 -21.52 -28.13
N TYR A 503 -10.35 -20.39 -27.80
CA TYR A 503 -10.01 -19.68 -26.57
C TYR A 503 -10.12 -20.63 -25.39
N TYR A 504 -9.19 -20.49 -24.45
CA TYR A 504 -9.12 -21.37 -23.29
C TYR A 504 -10.03 -20.80 -22.21
N ARG A 505 -11.08 -21.54 -21.85
CA ARG A 505 -12.02 -21.14 -20.80
C ARG A 505 -12.76 -19.86 -21.21
N ASN A 506 -13.39 -19.90 -22.39
CA ASN A 506 -14.21 -18.80 -22.87
C ASN A 506 -15.08 -19.26 -24.05
N ASP A 507 -16.33 -19.61 -23.78
CA ASP A 507 -17.18 -20.22 -24.79
C ASP A 507 -17.91 -19.24 -25.69
N GLU A 508 -18.63 -18.26 -25.12
CA GLU A 508 -19.39 -17.36 -25.99
C GLU A 508 -18.47 -16.63 -26.97
N ALA A 509 -17.20 -16.45 -26.60
CA ALA A 509 -16.23 -15.91 -27.54
C ALA A 509 -16.03 -16.87 -28.71
N ASN A 510 -16.15 -18.17 -28.47
CA ASN A 510 -16.03 -19.14 -29.54
C ASN A 510 -17.22 -19.05 -30.50
N GLN A 511 -18.40 -18.76 -29.96
CA GLN A 511 -19.60 -18.65 -30.81
C GLN A 511 -19.47 -17.50 -31.79
N GLU A 512 -18.77 -16.43 -31.41
CA GLU A 512 -18.62 -15.27 -32.28
C GLU A 512 -17.58 -15.52 -33.36
N VAL A 513 -16.47 -16.15 -33.01
CA VAL A 513 -15.31 -16.21 -33.90
C VAL A 513 -15.55 -17.23 -35.02
N PHE A 514 -15.71 -18.52 -34.68
CA PHE A 514 -16.06 -19.52 -35.69
C PHE A 514 -17.55 -19.81 -35.57
N GLN A 515 -18.35 -19.10 -36.37
CA GLN A 515 -19.80 -19.23 -36.29
C GLN A 515 -20.24 -20.66 -36.57
N ALA A 516 -19.91 -21.18 -37.74
CA ALA A 516 -20.35 -22.51 -38.15
C ALA A 516 -19.35 -23.10 -39.13
N ASP A 517 -19.05 -24.39 -38.96
CA ASP A 517 -18.12 -25.11 -39.80
C ASP A 517 -16.69 -24.61 -39.62
N GLY A 518 -16.38 -24.10 -38.44
CA GLY A 518 -15.04 -23.66 -38.13
C GLY A 518 -14.56 -22.44 -38.89
N TRP A 519 -15.42 -21.81 -39.68
CA TRP A 519 -15.03 -20.61 -40.42
C TRP A 519 -14.84 -19.45 -39.45
N PHE A 520 -13.60 -18.98 -39.33
CA PHE A 520 -13.24 -18.03 -38.30
C PHE A 520 -13.56 -16.60 -38.72
N HIS A 521 -14.26 -15.88 -37.84
CA HIS A 521 -14.60 -14.47 -38.07
C HIS A 521 -13.46 -13.63 -37.53
N THR A 522 -12.60 -13.16 -38.43
CA THR A 522 -11.52 -12.29 -38.01
C THR A 522 -12.05 -10.94 -37.53
N GLY A 523 -13.22 -10.53 -38.03
CA GLY A 523 -13.73 -9.21 -37.79
C GLY A 523 -13.18 -8.16 -38.73
N ASP A 524 -12.02 -8.42 -39.34
CA ASP A 524 -11.41 -7.47 -40.25
C ASP A 524 -12.26 -7.37 -41.52
N LEU A 525 -12.59 -6.15 -41.94
CA LEU A 525 -13.40 -5.94 -43.12
C LEU A 525 -12.48 -5.77 -44.33
N GLY A 526 -12.71 -6.58 -45.36
CA GLY A 526 -11.91 -6.50 -46.56
C GLY A 526 -12.55 -7.30 -47.68
N PHE A 527 -12.13 -6.99 -48.90
CA PHE A 527 -12.65 -7.66 -50.09
C PHE A 527 -11.60 -8.63 -50.63
N LEU A 528 -12.08 -9.53 -51.50
CA LEU A 528 -11.26 -10.58 -52.10
C LEU A 528 -11.41 -10.45 -53.62
N HIS A 529 -10.47 -9.75 -54.25
CA HIS A 529 -10.51 -9.43 -55.67
C HIS A 529 -9.44 -10.22 -56.41
N GLU A 530 -9.83 -10.78 -57.56
CA GLU A 530 -8.98 -11.61 -58.41
C GLU A 530 -8.59 -12.93 -57.76
N GLY A 531 -9.10 -13.22 -56.57
CA GLY A 531 -8.64 -14.35 -55.79
C GLY A 531 -7.48 -14.03 -54.87
N ARG A 532 -7.16 -12.76 -54.69
CA ARG A 532 -6.06 -12.32 -53.84
C ARG A 532 -6.60 -11.30 -52.84
N LEU A 533 -6.63 -11.69 -51.56
CA LEU A 533 -7.24 -10.85 -50.54
C LEU A 533 -6.62 -9.47 -50.52
N THR A 534 -7.45 -8.48 -50.18
CA THR A 534 -7.01 -7.08 -50.06
C THR A 534 -7.80 -6.47 -48.91
N LEU A 535 -7.14 -6.24 -47.78
CA LEU A 535 -7.81 -5.71 -46.61
C LEU A 535 -8.20 -4.25 -46.82
N THR A 536 -9.35 -3.86 -46.27
CA THR A 536 -9.79 -2.47 -46.24
C THR A 536 -9.69 -1.85 -44.86
N GLY A 537 -10.26 -2.47 -43.83
CA GLY A 537 -10.13 -1.95 -42.47
C GLY A 537 -10.59 -2.89 -41.37
N ARG A 538 -9.87 -2.91 -40.25
CA ARG A 538 -10.27 -3.71 -39.11
C ARG A 538 -11.49 -3.15 -38.40
N GLU A 539 -12.15 -4.01 -37.64
CA GLU A 539 -13.41 -3.66 -36.98
C GLU A 539 -13.18 -2.69 -35.82
N LYS A 540 -13.97 -1.63 -35.79
CA LYS A 540 -13.95 -0.62 -34.74
C LYS A 540 -12.66 0.19 -34.66
N ASP A 541 -11.58 -0.29 -35.28
CA ASP A 541 -10.39 0.57 -35.39
C ASP A 541 -10.72 1.78 -36.23
N MET A 542 -11.54 1.58 -37.27
CA MET A 542 -12.11 2.67 -38.02
C MET A 542 -12.96 3.54 -37.11
N ILE A 543 -12.86 4.85 -37.31
CA ILE A 543 -13.65 5.82 -36.55
C ILE A 543 -14.57 6.51 -37.55
N ILE A 544 -15.81 6.74 -37.14
CA ILE A 544 -16.83 7.27 -38.04
C ILE A 544 -17.26 8.63 -37.52
N ILE A 545 -17.26 9.63 -38.42
CA ILE A 545 -17.69 10.98 -38.10
C ILE A 545 -18.37 11.58 -39.32
N ASN A 546 -19.26 12.55 -39.06
CA ASN A 546 -19.96 13.29 -40.10
C ASN A 546 -20.38 12.45 -41.30
N GLY A 547 -20.93 11.26 -41.07
CA GLY A 547 -21.39 10.42 -42.16
C GLY A 547 -20.35 9.49 -42.75
N LYS A 548 -19.08 9.86 -42.76
CA LYS A 548 -18.04 9.05 -43.36
C LYS A 548 -17.06 8.62 -42.28
N ASN A 549 -16.26 7.61 -42.60
CA ASN A 549 -15.28 7.08 -41.67
C ASN A 549 -13.88 7.13 -42.26
N TYR A 550 -12.91 7.31 -41.36
CA TYR A 550 -11.51 7.49 -41.71
C TYR A 550 -10.67 6.54 -40.86
N HIS A 551 -9.50 6.18 -41.38
CA HIS A 551 -8.57 5.29 -40.70
C HIS A 551 -7.69 6.07 -39.74
N ASN A 552 -7.58 5.60 -38.49
CA ASN A 552 -6.78 6.31 -37.49
C ASN A 552 -5.31 6.31 -37.88
N TYR A 553 -4.86 5.29 -38.61
CA TYR A 553 -3.47 5.28 -39.08
C TYR A 553 -3.21 6.36 -40.11
N GLU A 554 -4.22 6.71 -40.92
CA GLU A 554 -4.04 7.83 -41.84
C GLU A 554 -4.05 9.15 -41.07
N ILE A 555 -5.00 9.30 -40.14
CA ILE A 555 -5.07 10.51 -39.33
C ILE A 555 -3.73 10.77 -38.66
N GLU A 556 -3.23 9.77 -37.93
CA GLU A 556 -1.97 9.93 -37.21
C GLU A 556 -0.80 10.13 -38.17
N ALA A 557 -0.84 9.48 -39.33
CA ALA A 557 0.25 9.64 -40.29
C ALA A 557 0.32 11.07 -40.80
N ILE A 558 -0.83 11.69 -41.06
CA ILE A 558 -0.84 13.07 -41.53
C ILE A 558 -0.39 14.01 -40.42
N ALA A 559 -0.76 13.71 -39.18
CA ALA A 559 -0.31 14.52 -38.06
C ALA A 559 1.19 14.37 -37.83
N GLU A 560 1.79 13.25 -38.24
CA GLU A 560 3.22 13.06 -38.06
C GLU A 560 4.04 13.88 -39.03
N GLU A 561 3.43 14.38 -40.10
CA GLU A 561 4.11 15.36 -40.94
C GLU A 561 4.33 16.65 -40.17
N VAL A 562 3.40 17.00 -39.30
CA VAL A 562 3.43 18.30 -38.63
C VAL A 562 4.73 18.44 -37.84
N PRO A 563 5.48 19.54 -38.00
CA PRO A 563 6.70 19.69 -37.21
C PRO A 563 6.41 19.65 -35.71
N GLY A 564 7.32 19.01 -34.97
CA GLY A 564 7.19 18.91 -33.54
C GLY A 564 6.47 17.67 -33.03
N VAL A 565 5.67 17.03 -33.87
CA VAL A 565 4.95 15.83 -33.46
C VAL A 565 5.93 14.65 -33.48
N GLU A 566 6.14 14.04 -32.32
CA GLU A 566 7.02 12.88 -32.25
C GLU A 566 6.41 11.72 -33.02
N THR A 567 7.21 11.12 -33.90
CA THR A 567 6.72 10.11 -34.81
C THR A 567 6.26 8.87 -34.04
N SER A 568 5.04 8.41 -34.35
CA SER A 568 4.41 7.20 -33.82
C SER A 568 3.80 7.41 -32.44
N PHE A 569 3.69 8.64 -31.96
CA PHE A 569 3.03 8.90 -30.69
C PHE A 569 1.80 9.77 -30.92
N VAL A 570 0.84 9.25 -31.69
CA VAL A 570 -0.38 9.95 -32.05
C VAL A 570 -1.52 8.95 -32.00
N ALA A 571 -2.71 9.44 -31.64
CA ALA A 571 -3.87 8.58 -31.49
C ALA A 571 -5.11 9.30 -31.98
N ALA A 572 -6.05 8.52 -32.53
CA ALA A 572 -7.33 9.03 -33.02
C ALA A 572 -8.43 8.12 -32.53
N CYS A 573 -9.45 8.70 -31.91
CA CYS A 573 -10.57 7.95 -31.36
C CYS A 573 -11.86 8.66 -31.73
N SER A 574 -12.97 8.23 -31.12
CA SER A 574 -14.25 8.86 -31.35
C SER A 574 -15.11 8.70 -30.09
N VAL A 575 -16.06 9.62 -29.95
CA VAL A 575 -16.95 9.66 -28.79
C VAL A 575 -18.18 10.47 -29.19
N ARG A 576 -19.34 10.11 -28.63
CA ARG A 576 -20.57 10.80 -28.99
C ARG A 576 -20.69 12.13 -28.27
N MET A 577 -20.26 12.20 -27.01
CA MET A 577 -20.20 13.47 -26.27
C MET A 577 -21.58 14.08 -26.05
N GLU A 578 -22.62 13.25 -25.97
CA GLU A 578 -24.00 13.67 -25.78
C GLU A 578 -24.56 14.45 -26.97
N ALA A 579 -23.75 14.69 -28.00
CA ALA A 579 -24.23 15.29 -29.24
C ALA A 579 -24.88 14.20 -30.08
N SER A 580 -26.13 14.40 -30.46
CA SER A 580 -26.89 13.38 -31.17
C SER A 580 -26.44 13.22 -32.62
N ALA A 581 -26.54 11.99 -33.10
CA ALA A 581 -26.28 11.61 -34.49
C ALA A 581 -24.91 12.05 -35.01
N SER A 582 -23.86 11.74 -34.24
CA SER A 582 -22.50 11.99 -34.73
C SER A 582 -21.43 11.51 -33.76
N ASP A 583 -20.17 11.75 -34.11
CA ASP A 583 -19.03 11.38 -33.28
C ASP A 583 -17.92 12.38 -33.55
N GLU A 584 -17.32 12.92 -32.51
CA GLU A 584 -16.28 13.92 -32.64
C GLU A 584 -14.92 13.23 -32.58
N LEU A 585 -13.95 13.81 -33.28
CA LEU A 585 -12.60 13.28 -33.30
C LEU A 585 -11.84 13.85 -32.10
N ILE A 586 -11.49 12.97 -31.16
CA ILE A 586 -10.55 13.30 -30.09
C ILE A 586 -9.19 12.80 -30.54
N LEU A 587 -8.17 13.64 -30.38
CA LEU A 587 -6.85 13.38 -30.93
C LEU A 587 -5.80 13.62 -29.87
N PHE A 588 -4.97 12.62 -29.63
CA PHE A 588 -3.84 12.72 -28.71
C PHE A 588 -2.55 12.81 -29.52
N PHE A 589 -1.53 13.40 -28.91
CA PHE A 589 -0.22 13.47 -29.53
C PHE A 589 0.81 13.87 -28.49
N THR A 590 2.07 13.62 -28.81
CA THR A 590 3.18 13.97 -27.95
C THR A 590 4.07 14.98 -28.65
N PRO A 591 4.40 16.10 -28.03
CA PRO A 591 5.32 17.06 -28.64
C PRO A 591 6.77 16.74 -28.31
N LYS A 592 7.65 17.12 -29.24
CA LYS A 592 9.07 17.05 -28.95
C LYS A 592 9.47 17.97 -27.80
N LEU A 593 8.58 18.87 -27.39
CA LEU A 593 8.78 19.73 -26.23
C LEU A 593 7.43 19.87 -25.53
N TYR A 594 7.41 19.58 -24.22
CA TYR A 594 6.18 19.69 -23.43
C TYR A 594 6.17 21.05 -22.74
N GLU A 595 5.72 22.07 -23.48
CA GLU A 595 5.60 23.44 -22.99
C GLU A 595 4.55 24.15 -23.86
N PRO A 596 3.58 24.85 -23.27
CA PRO A 596 2.40 25.25 -24.04
C PRO A 596 2.72 26.03 -25.31
N ALA A 597 3.77 26.85 -25.32
CA ALA A 597 4.12 27.59 -26.53
C ALA A 597 4.37 26.63 -27.69
N TYR A 598 5.21 25.62 -27.46
CA TYR A 598 5.43 24.59 -28.48
C TYR A 598 4.16 23.79 -28.74
N ILE A 599 3.41 23.48 -27.69
CA ILE A 599 2.20 22.67 -27.85
C ILE A 599 1.11 23.44 -28.59
N MET A 600 0.68 24.57 -28.01
CA MET A 600 -0.36 25.38 -28.65
C MET A 600 -0.03 25.64 -30.11
N ARG A 601 1.25 25.88 -30.40
CA ARG A 601 1.68 26.12 -31.77
C ARG A 601 1.35 24.93 -32.68
N ALA A 602 1.66 23.72 -32.22
CA ALA A 602 1.45 22.53 -33.05
C ALA A 602 -0.01 22.09 -33.06
N SER A 603 -0.70 22.19 -31.92
CA SER A 603 -2.09 21.76 -31.87
C SER A 603 -2.92 22.44 -32.96
N GLN A 604 -2.71 23.74 -33.15
CA GLN A 604 -3.40 24.45 -34.22
C GLN A 604 -3.02 23.87 -35.59
N HIS A 605 -1.71 23.71 -35.83
CA HIS A 605 -1.26 23.17 -37.11
C HIS A 605 -1.88 21.82 -37.40
N ILE A 606 -2.03 20.98 -36.37
CA ILE A 606 -2.67 19.68 -36.54
C ILE A 606 -4.15 19.88 -36.86
N LYS A 607 -4.86 20.58 -35.97
CA LYS A 607 -6.31 20.77 -36.12
C LYS A 607 -6.66 21.21 -37.54
N SER A 608 -5.83 22.05 -38.15
CA SER A 608 -6.09 22.52 -39.50
C SER A 608 -5.66 21.51 -40.56
N HIS A 609 -4.49 20.89 -40.38
CA HIS A 609 -3.99 19.95 -41.38
C HIS A 609 -4.96 18.78 -41.55
N ILE A 610 -5.72 18.45 -40.50
CA ILE A 610 -6.75 17.42 -40.65
C ILE A 610 -7.83 17.89 -41.60
N ALA A 611 -8.25 19.14 -41.48
CA ALA A 611 -9.23 19.70 -42.40
C ALA A 611 -8.66 19.84 -43.81
N THR A 612 -7.34 20.04 -43.93
CA THR A 612 -6.75 20.26 -45.24
C THR A 612 -6.78 19.00 -46.09
N LYS A 613 -6.09 17.94 -45.66
CA LYS A 613 -5.98 16.74 -46.49
C LYS A 613 -7.21 15.84 -46.37
N MET A 614 -7.87 15.85 -45.22
CA MET A 614 -8.96 14.91 -44.96
C MET A 614 -10.33 15.57 -44.93
N GLY A 615 -10.40 16.90 -44.82
CA GLY A 615 -11.63 17.63 -44.96
C GLY A 615 -12.42 17.87 -43.69
N LEU A 616 -11.99 17.31 -42.56
CA LEU A 616 -12.65 17.56 -41.28
C LEU A 616 -11.63 18.09 -40.29
N SER A 617 -12.14 18.76 -39.26
CA SER A 617 -11.32 19.36 -38.22
C SER A 617 -11.44 18.58 -36.92
N ALA A 618 -10.35 18.57 -36.15
CA ALA A 618 -10.30 17.83 -34.89
C ALA A 618 -11.00 18.64 -33.81
N SER A 619 -11.97 18.02 -33.14
CA SER A 619 -12.69 18.68 -32.06
C SER A 619 -11.71 19.26 -31.06
N ARG A 620 -11.03 18.39 -30.31
CA ARG A 620 -9.98 18.80 -29.40
C ARG A 620 -8.72 17.99 -29.70
N ILE A 621 -7.58 18.56 -29.32
CA ILE A 621 -6.28 17.92 -29.46
C ILE A 621 -5.62 17.96 -28.09
N ILE A 622 -5.42 16.78 -27.50
CA ILE A 622 -5.03 16.65 -26.10
C ILE A 622 -3.55 16.27 -26.06
N PRO A 623 -2.67 17.15 -25.59
CA PRO A 623 -1.26 16.76 -25.47
C PRO A 623 -1.02 15.83 -24.31
N VAL A 624 -0.08 14.91 -24.50
CA VAL A 624 0.28 13.93 -23.50
C VAL A 624 1.78 13.66 -23.60
N GLN A 625 2.44 13.62 -22.45
CA GLN A 625 3.88 13.43 -22.42
C GLN A 625 4.26 12.08 -23.02
N LYS A 626 5.48 12.01 -23.55
CA LYS A 626 5.96 10.77 -24.16
C LYS A 626 5.98 9.63 -23.15
N HIS A 627 6.55 9.86 -21.97
CA HIS A 627 6.78 8.77 -21.04
C HIS A 627 5.50 8.11 -20.56
N ALA A 628 4.33 8.68 -20.90
CA ALA A 628 3.06 8.08 -20.51
C ALA A 628 2.15 7.81 -21.71
N PHE A 629 2.68 7.85 -22.93
CA PHE A 629 1.88 7.46 -24.08
C PHE A 629 1.79 5.93 -24.10
N PRO A 630 0.60 5.36 -23.98
CA PRO A 630 0.50 3.89 -23.77
C PRO A 630 0.58 3.12 -25.08
N LYS A 631 1.56 2.22 -25.16
CA LYS A 631 1.67 1.26 -26.24
C LYS A 631 1.92 -0.12 -25.67
N THR A 632 1.57 -1.14 -26.46
CA THR A 632 1.87 -2.51 -26.09
C THR A 632 3.32 -2.85 -26.45
N SER A 633 3.78 -4.01 -25.97
CA SER A 633 5.14 -4.44 -26.28
C SER A 633 5.36 -4.53 -27.78
N SER A 634 4.34 -4.99 -28.52
CA SER A 634 4.45 -5.17 -29.96
C SER A 634 4.28 -3.87 -30.74
N GLY A 635 4.36 -2.71 -30.08
CA GLY A 635 4.23 -1.45 -30.76
C GLY A 635 2.81 -1.03 -31.07
N LYS A 636 1.81 -1.82 -30.66
CA LYS A 636 0.42 -1.46 -30.89
C LYS A 636 0.05 -0.27 -30.01
N ILE A 637 -0.73 0.65 -30.57
CA ILE A 637 -1.11 1.87 -29.87
C ILE A 637 -2.40 1.60 -29.10
N GLU A 638 -2.28 1.50 -27.77
CA GLU A 638 -3.44 1.29 -26.91
C GLU A 638 -4.35 2.51 -26.91
N ARG A 639 -5.07 2.71 -28.01
CA ARG A 639 -5.85 3.93 -28.16
C ARG A 639 -6.96 4.02 -27.12
N ALA A 640 -7.82 3.01 -27.06
CA ALA A 640 -8.98 3.06 -26.16
C ALA A 640 -8.58 3.27 -24.71
N GLN A 641 -7.32 3.02 -24.34
CA GLN A 641 -6.89 3.31 -22.97
C GLN A 641 -6.81 4.80 -22.73
N LEU A 642 -6.31 5.56 -23.71
CA LEU A 642 -6.21 7.02 -23.57
C LEU A 642 -7.58 7.62 -23.26
N LYS A 643 -8.59 7.26 -24.05
CA LYS A 643 -9.94 7.75 -23.80
C LYS A 643 -10.32 7.57 -22.33
N THR A 644 -10.24 6.33 -21.84
CA THR A 644 -10.59 6.05 -20.46
C THR A 644 -9.68 6.78 -19.47
N ARG A 645 -8.40 6.92 -19.82
CA ARG A 645 -7.47 7.66 -18.96
C ARG A 645 -7.74 9.15 -18.96
N TRP A 646 -8.38 9.67 -20.02
CA TRP A 646 -8.65 11.10 -20.14
C TRP A 646 -9.95 11.50 -19.46
N GLN A 647 -11.01 10.70 -19.65
CA GLN A 647 -12.24 10.92 -18.92
C GLN A 647 -12.02 10.87 -17.41
N GLU A 648 -11.03 10.10 -16.97
CA GLU A 648 -10.66 10.09 -15.55
C GLU A 648 -9.90 11.36 -15.15
N GLY A 649 -9.29 12.04 -16.12
CA GLY A 649 -8.76 13.37 -15.91
C GLY A 649 -7.31 13.48 -15.46
N GLU A 650 -6.42 12.66 -16.05
CA GLU A 650 -4.99 12.94 -15.91
C GLU A 650 -4.60 14.17 -16.73
N PHE A 651 -5.21 14.33 -17.91
CA PHE A 651 -4.89 15.43 -18.81
C PHE A 651 -5.75 16.66 -18.52
N ASP A 652 -6.70 16.55 -17.60
CA ASP A 652 -7.40 17.74 -17.12
C ASP A 652 -6.41 18.83 -16.76
N GLU A 653 -5.37 18.49 -16.00
CA GLU A 653 -4.48 19.50 -15.44
C GLU A 653 -3.88 20.39 -16.51
N MET A 654 -3.48 19.80 -17.64
CA MET A 654 -2.83 20.57 -18.70
C MET A 654 -3.77 20.97 -19.83
N ILE A 655 -4.85 20.24 -20.05
CA ILE A 655 -5.82 20.68 -21.03
C ILE A 655 -6.45 21.99 -20.58
N MET A 656 -6.41 22.28 -19.27
CA MET A 656 -6.83 23.58 -18.77
C MET A 656 -5.85 24.66 -19.21
N GLU A 657 -4.57 24.47 -18.90
CA GLU A 657 -3.54 25.45 -19.26
C GLU A 657 -3.59 25.78 -20.75
N MET A 658 -4.05 24.85 -21.59
CA MET A 658 -4.25 25.17 -22.99
C MET A 658 -5.52 25.98 -23.19
N ASP A 659 -6.64 25.53 -22.63
CA ASP A 659 -7.87 26.31 -22.70
C ASP A 659 -7.61 27.76 -22.30
N MET A 660 -6.82 27.96 -21.25
CA MET A 660 -6.54 29.30 -20.75
C MET A 660 -5.87 30.15 -21.82
N ARG A 661 -4.89 29.60 -22.53
CA ARG A 661 -4.12 30.39 -23.47
C ARG A 661 -4.96 30.85 -24.67
N LEU A 662 -6.12 30.24 -24.88
CA LEU A 662 -7.02 30.61 -25.95
C LEU A 662 -8.21 31.40 -25.40
N GLU A 663 -8.86 32.14 -26.31
CA GLU A 663 -10.09 32.84 -25.99
C GLU A 663 -11.17 31.79 -25.85
N ASN A 664 -10.94 30.81 -24.98
CA ASN A 664 -11.71 29.57 -25.02
C ASN A 664 -13.07 29.74 -24.35
N GLU A 665 -13.96 28.79 -24.65
CA GLU A 665 -15.25 28.74 -24.01
C GLU A 665 -15.16 28.51 -22.51
N HIS A 666 -14.02 28.05 -22.00
CA HIS A 666 -13.86 27.79 -20.57
C HIS A 666 -13.06 28.86 -19.85
N THR A 667 -12.75 29.97 -20.51
CA THR A 667 -11.96 31.04 -19.93
C THR A 667 -12.85 32.20 -19.49
N LEU A 668 -12.43 32.89 -18.42
CA LEU A 668 -13.14 34.04 -17.88
C LEU A 668 -12.11 35.14 -17.59
N PRO A 669 -11.93 36.10 -18.50
CA PRO A 669 -10.81 37.04 -18.37
C PRO A 669 -10.77 37.76 -17.04
N ASN A 670 -9.56 38.06 -16.58
CA ASN A 670 -9.33 38.86 -15.38
C ASN A 670 -9.42 40.32 -15.78
N TRP A 671 -10.60 40.90 -15.58
CA TRP A 671 -10.88 42.24 -16.07
C TRP A 671 -11.75 43.00 -15.07
N SER A 672 -11.52 42.78 -13.77
CA SER A 672 -12.36 43.36 -12.73
C SER A 672 -11.49 44.05 -11.70
N TYR A 673 -11.93 45.23 -11.25
CA TYR A 673 -11.14 46.08 -10.38
C TYR A 673 -12.05 46.77 -9.37
N GLN A 674 -11.43 47.43 -8.40
CA GLN A 674 -12.13 48.21 -7.38
C GLN A 674 -11.66 49.66 -7.38
N LYS A 675 -12.49 50.55 -6.87
CA LYS A 675 -12.09 51.93 -6.63
C LYS A 675 -11.54 52.04 -5.22
N LYS A 676 -10.29 52.48 -5.10
CA LYS A 676 -9.62 52.68 -3.82
C LYS A 676 -9.21 54.14 -3.70
N TRP A 677 -9.61 54.79 -2.62
CA TRP A 677 -9.23 56.18 -2.38
C TRP A 677 -7.81 56.21 -1.85
N ILE A 678 -6.89 56.78 -2.64
CA ILE A 678 -5.46 56.78 -2.33
C ILE A 678 -4.98 58.20 -2.08
N PRO A 679 -4.02 58.40 -1.18
CA PRO A 679 -3.51 59.77 -0.95
C PRO A 679 -2.67 60.27 -2.11
N ALA A 680 -2.91 61.53 -2.47
CA ALA A 680 -2.08 62.23 -3.44
C ALA A 680 -1.89 63.69 -3.02
N PRO A 681 -0.69 64.11 -2.69
CA PRO A 681 -0.46 65.51 -2.32
C PRO A 681 -0.34 66.40 -3.54
N LEU A 682 -0.11 67.68 -3.30
CA LEU A 682 -0.04 68.68 -4.36
C LEU A 682 1.41 69.01 -4.70
N ASP A 683 1.63 69.45 -5.94
CA ASP A 683 2.94 69.84 -6.43
C ASP A 683 3.20 71.33 -6.16
N ALA A 684 4.26 71.85 -6.76
CA ALA A 684 4.61 73.26 -6.63
C ALA A 684 3.48 74.17 -7.11
N ALA A 685 3.39 75.35 -6.50
CA ALA A 685 2.33 76.30 -6.85
C ALA A 685 2.62 76.80 -8.27
N ASP A 686 1.86 76.28 -9.23
CA ASP A 686 2.06 76.58 -10.64
C ASP A 686 1.31 77.81 -11.13
N LYS A 687 0.55 78.49 -10.28
CA LYS A 687 -0.26 79.61 -10.75
C LYS A 687 -0.84 80.32 -9.55
N GLN A 688 -1.23 81.57 -9.76
CA GLN A 688 -1.93 82.36 -8.76
C GLN A 688 -3.26 82.80 -9.33
N ILE A 689 -4.14 83.27 -8.44
CA ILE A 689 -5.49 83.60 -8.86
C ILE A 689 -5.43 84.79 -9.81
N VAL A 690 -5.99 84.61 -11.00
CA VAL A 690 -5.91 85.59 -12.07
C VAL A 690 -7.32 85.89 -12.57
N GLY A 691 -7.62 87.16 -12.78
CA GLY A 691 -8.89 87.54 -13.37
C GLY A 691 -10.00 87.67 -12.36
N ASP A 692 -11.16 88.08 -12.88
CA ASP A 692 -12.38 88.16 -12.10
C ASP A 692 -13.04 86.80 -12.03
N VAL A 693 -13.52 86.43 -10.84
CA VAL A 693 -14.02 85.08 -10.57
C VAL A 693 -15.46 85.21 -10.08
N VAL A 694 -16.31 84.27 -10.50
CA VAL A 694 -17.66 84.15 -9.97
C VAL A 694 -17.69 83.03 -8.96
N ILE A 695 -18.53 83.18 -7.93
CA ILE A 695 -18.59 82.24 -6.82
C ILE A 695 -20.03 82.12 -6.37
N PHE A 696 -20.58 80.91 -6.43
CA PHE A 696 -21.93 80.61 -5.96
C PHE A 696 -21.86 80.31 -4.47
N ALA A 697 -22.30 81.25 -3.65
CA ALA A 697 -22.01 81.20 -2.22
C ALA A 697 -22.71 80.04 -1.53
N ASP A 698 -22.05 79.50 -0.52
CA ASP A 698 -22.61 78.44 0.29
C ASP A 698 -23.42 79.04 1.44
N PRO A 699 -24.09 78.20 2.22
CA PRO A 699 -24.78 78.69 3.43
C PRO A 699 -23.98 78.56 4.72
N LEU A 700 -22.80 77.92 4.70
CA LEU A 700 -22.03 77.73 5.91
C LEU A 700 -20.98 78.80 6.14
N GLY A 701 -20.57 79.52 5.09
CA GLY A 701 -19.62 80.61 5.21
C GLY A 701 -18.30 80.42 4.51
N LEU A 702 -18.04 79.27 3.87
CA LEU A 702 -16.81 79.11 3.13
C LEU A 702 -16.66 80.20 2.07
N ALA A 703 -17.74 80.49 1.35
CA ALA A 703 -17.70 81.56 0.35
C ALA A 703 -17.18 82.85 0.99
N ASP A 704 -17.78 83.24 2.11
CA ASP A 704 -17.33 84.44 2.81
C ASP A 704 -15.84 84.37 3.12
N GLN A 705 -15.37 83.22 3.61
CA GLN A 705 -13.95 83.07 3.89
C GLN A 705 -13.11 83.28 2.63
N LEU A 706 -13.48 82.61 1.54
CA LEU A 706 -12.67 82.65 0.33
C LEU A 706 -12.47 84.07 -0.19
N LYS A 707 -13.48 84.94 -0.03
CA LYS A 707 -13.34 86.30 -0.51
C LYS A 707 -12.20 87.01 0.19
N SER A 708 -11.99 86.71 1.48
CA SER A 708 -10.96 87.41 2.25
C SER A 708 -9.56 87.18 1.71
N PHE A 709 -9.34 86.12 0.93
CA PHE A 709 -8.02 85.82 0.40
C PHE A 709 -7.74 86.53 -0.92
N ALA A 710 -8.76 87.05 -1.58
CA ALA A 710 -8.59 87.58 -2.93
C ALA A 710 -7.55 88.69 -2.95
N ASN A 711 -6.80 88.75 -4.06
CA ASN A 711 -5.84 89.81 -4.25
C ASN A 711 -6.55 91.13 -4.50
N SER A 712 -5.82 92.23 -4.31
CA SER A 712 -6.43 93.55 -4.36
C SER A 712 -6.98 93.89 -5.74
N GLU A 713 -6.54 93.20 -6.78
CA GLU A 713 -6.90 93.56 -8.15
C GLU A 713 -8.11 92.81 -8.67
N GLN A 714 -8.43 91.64 -8.11
CA GLN A 714 -9.46 90.76 -8.67
C GLN A 714 -10.78 90.98 -7.94
N THR A 715 -11.87 90.91 -8.70
CA THR A 715 -13.21 91.16 -8.19
C THR A 715 -13.98 89.86 -8.09
N TYR A 716 -14.62 89.63 -6.94
CA TYR A 716 -15.40 88.42 -6.68
C TYR A 716 -16.88 88.74 -6.78
N ILE A 717 -17.57 88.13 -7.73
CA ILE A 717 -19.02 88.27 -7.85
C ILE A 717 -19.66 87.09 -7.13
N THR A 718 -20.46 87.37 -6.10
CA THR A 718 -21.05 86.35 -5.25
C THR A 718 -22.52 86.18 -5.60
N VAL A 719 -22.94 84.93 -5.79
CA VAL A 719 -24.31 84.59 -6.17
C VAL A 719 -24.91 83.70 -5.10
N GLU A 720 -26.06 84.10 -4.56
CA GLU A 720 -26.84 83.31 -3.63
C GLU A 720 -28.13 82.85 -4.30
N PRO A 721 -28.75 81.79 -3.79
CA PRO A 721 -29.99 81.29 -4.40
C PRO A 721 -31.24 81.90 -3.79
N GLY A 722 -32.28 81.97 -4.62
CA GLY A 722 -33.53 82.57 -4.18
C GLY A 722 -34.70 82.33 -5.13
N GLN A 723 -35.67 83.25 -5.11
CA GLN A 723 -36.92 83.03 -5.82
C GLN A 723 -36.85 83.41 -7.29
N ALA A 724 -36.06 84.42 -7.64
CA ALA A 724 -35.89 84.82 -9.03
C ALA A 724 -34.75 85.83 -9.10
N PHE A 725 -34.43 86.25 -10.33
CA PHE A 725 -33.32 87.17 -10.53
C PHE A 725 -33.53 88.45 -9.71
N LYS A 726 -32.53 88.78 -8.90
CA LYS A 726 -32.55 90.04 -8.16
C LYS A 726 -31.10 90.49 -8.00
N GLN A 727 -30.75 91.59 -8.65
CA GLN A 727 -29.41 92.17 -8.49
C GLN A 727 -29.40 93.06 -7.25
N LEU A 728 -28.68 92.63 -6.21
CA LEU A 728 -28.58 93.44 -4.99
C LEU A 728 -27.51 94.51 -5.13
N THR A 729 -26.37 94.14 -5.71
CA THR A 729 -25.30 95.07 -6.00
C THR A 729 -24.76 94.71 -7.38
N HIS A 730 -23.68 95.36 -7.79
CA HIS A 730 -23.03 95.02 -9.04
C HIS A 730 -22.10 93.83 -8.91
N THR A 731 -21.91 93.30 -7.70
CA THR A 731 -21.08 92.14 -7.44
C THR A 731 -21.78 91.16 -6.50
N HIS A 732 -23.11 91.20 -6.47
CA HIS A 732 -23.89 90.34 -5.56
C HIS A 732 -25.24 90.10 -6.22
N PHE A 733 -25.60 88.82 -6.39
CA PHE A 733 -26.77 88.46 -7.18
C PHE A 733 -27.56 87.36 -6.50
N ILE A 734 -28.76 87.13 -7.03
CA ILE A 734 -29.68 86.12 -6.53
C ILE A 734 -30.44 85.56 -7.73
N ILE A 735 -30.55 84.23 -7.80
CA ILE A 735 -31.22 83.56 -8.92
C ILE A 735 -31.97 82.35 -8.41
N HIS A 736 -32.86 81.84 -9.27
CA HIS A 736 -33.58 80.60 -9.00
C HIS A 736 -32.71 79.45 -9.49
N PRO A 737 -32.09 78.67 -8.61
CA PRO A 737 -31.07 77.73 -9.07
C PRO A 737 -31.54 76.82 -10.18
N ASN A 738 -32.85 76.62 -10.26
CA ASN A 738 -33.44 75.65 -11.17
C ASN A 738 -33.92 76.28 -12.47
N ARG A 739 -33.84 77.61 -12.60
CA ARG A 739 -34.30 78.30 -13.80
C ARG A 739 -33.12 78.59 -14.71
N PRO A 740 -33.05 78.01 -15.91
CA PRO A 740 -31.87 78.26 -16.75
C PRO A 740 -31.77 79.69 -17.24
N SER A 741 -32.90 80.37 -17.41
CA SER A 741 -32.87 81.77 -17.85
C SER A 741 -31.97 82.59 -16.94
N ASP A 742 -32.19 82.50 -15.63
CA ASP A 742 -31.43 83.30 -14.68
C ASP A 742 -29.93 83.04 -14.75
N TYR A 743 -29.52 81.91 -15.34
CA TYR A 743 -28.09 81.66 -15.48
C TYR A 743 -27.52 82.43 -16.68
N GLU A 744 -28.14 82.28 -17.85
CA GLU A 744 -27.67 83.02 -19.01
C GLU A 744 -27.90 84.51 -18.85
N GLN A 745 -28.95 84.90 -18.11
CA GLN A 745 -29.16 86.32 -17.87
C GLN A 745 -28.11 86.89 -16.93
N LEU A 746 -27.71 86.13 -15.91
CA LEU A 746 -26.63 86.57 -15.03
C LEU A 746 -25.41 86.99 -15.85
N PHE A 747 -24.84 86.03 -16.58
CA PHE A 747 -23.62 86.32 -17.33
C PHE A 747 -23.83 87.41 -18.36
N GLU A 748 -25.02 87.47 -18.96
CA GLU A 748 -25.26 88.50 -19.98
C GLU A 748 -25.08 89.90 -19.38
N THR A 749 -25.59 90.13 -18.17
CA THR A 749 -25.42 91.44 -17.56
C THR A 749 -24.00 91.66 -17.05
N LEU A 750 -23.23 90.59 -16.82
CA LEU A 750 -21.83 90.78 -16.45
C LEU A 750 -20.93 90.97 -17.66
N ARG A 751 -21.29 90.39 -18.81
CA ARG A 751 -20.60 90.75 -20.04
C ARG A 751 -20.70 92.25 -20.30
N SER A 752 -21.83 92.85 -19.94
CA SER A 752 -21.98 94.29 -20.12
C SER A 752 -21.02 95.05 -19.21
N TYR A 753 -20.98 94.68 -17.93
CA TYR A 753 -20.07 95.36 -17.02
C TYR A 753 -18.60 95.16 -17.40
N GLY A 754 -18.32 94.34 -18.40
CA GLY A 754 -16.97 94.14 -18.90
C GLY A 754 -16.16 93.11 -18.14
N VAL A 755 -16.79 92.34 -17.25
CA VAL A 755 -16.09 91.32 -16.46
C VAL A 755 -16.07 90.03 -17.28
N SER A 756 -14.89 89.63 -17.72
CA SER A 756 -14.69 88.33 -18.35
C SER A 756 -14.45 87.31 -17.25
N VAL A 757 -15.44 86.47 -17.00
CA VAL A 757 -15.33 85.48 -15.93
C VAL A 757 -14.38 84.39 -16.38
N LYS A 758 -13.31 84.19 -15.60
CA LYS A 758 -12.28 83.21 -15.90
C LYS A 758 -12.22 82.09 -14.87
N HIS A 759 -12.91 82.25 -13.74
CA HIS A 759 -12.93 81.23 -12.70
C HIS A 759 -14.31 81.24 -12.05
N ILE A 760 -14.90 80.07 -11.88
CA ILE A 760 -16.19 79.92 -11.21
C ILE A 760 -16.06 78.90 -10.09
N ILE A 761 -16.58 79.26 -8.92
CA ILE A 761 -16.56 78.40 -7.74
C ILE A 761 -18.01 78.14 -7.35
N HIS A 762 -18.33 76.86 -7.12
CA HIS A 762 -19.71 76.38 -6.96
C HIS A 762 -19.84 75.61 -5.65
N LEU A 763 -20.00 76.35 -4.55
CA LEU A 763 -20.12 75.77 -3.22
C LEU A 763 -21.56 75.43 -2.85
N TRP A 764 -22.43 75.14 -3.81
CA TRP A 764 -23.86 75.10 -3.51
C TRP A 764 -24.35 73.77 -2.98
N ASN A 765 -23.61 72.68 -3.15
CA ASN A 765 -23.81 71.48 -2.35
C ASN A 765 -22.66 71.31 -1.36
N TYR A 766 -22.24 72.44 -0.77
CA TYR A 766 -21.42 72.45 0.44
C TYR A 766 -22.34 72.75 1.63
N THR A 767 -23.21 71.79 1.92
CA THR A 767 -24.28 71.99 2.89
C THR A 767 -24.11 71.13 4.14
N ASN A 768 -24.98 71.39 5.12
CA ASN A 768 -25.12 70.56 6.32
C ASN A 768 -26.50 69.95 6.50
N GLN A 769 -27.19 69.60 5.41
CA GLN A 769 -28.59 69.19 5.50
C GLN A 769 -28.63 67.75 6.04
N GLU A 770 -28.52 67.64 7.35
CA GLU A 770 -28.51 66.38 8.09
C GLU A 770 -29.81 65.57 8.01
N ASP A 771 -30.89 66.11 7.42
CA ASP A 771 -32.15 65.37 7.39
C ASP A 771 -31.96 64.02 6.72
N LYS A 772 -32.90 63.11 6.95
CA LYS A 772 -32.78 61.76 6.40
C LYS A 772 -33.04 61.74 4.89
N LEU A 773 -32.39 60.77 4.22
CA LEU A 773 -32.41 60.69 2.76
C LEU A 773 -33.64 59.94 2.25
N TYR A 774 -34.75 60.65 2.18
CA TYR A 774 -35.91 60.14 1.45
C TYR A 774 -35.75 60.53 -0.02
N VAL A 775 -36.82 60.40 -0.81
CA VAL A 775 -36.73 60.78 -2.21
C VAL A 775 -36.90 62.27 -2.37
N SER A 776 -37.83 62.86 -1.62
CA SER A 776 -37.97 64.32 -1.65
C SER A 776 -36.61 64.98 -1.45
N LYS A 777 -35.90 64.63 -0.37
CA LYS A 777 -34.57 65.19 -0.16
C LYS A 777 -33.66 64.93 -1.34
N ALA A 778 -33.84 63.82 -2.04
CA ALA A 778 -33.02 63.57 -3.22
C ALA A 778 -33.44 64.48 -4.37
N LYS A 779 -34.73 64.50 -4.70
CA LYS A 779 -35.21 65.38 -5.78
C LYS A 779 -34.88 66.84 -5.48
N GLN A 780 -35.08 67.26 -4.24
CA GLN A 780 -34.87 68.67 -3.90
C GLN A 780 -33.40 69.04 -3.99
N ALA A 781 -32.52 68.15 -3.56
CA ALA A 781 -31.09 68.44 -3.61
C ALA A 781 -30.57 68.46 -5.05
N GLN A 782 -31.30 67.86 -5.99
CA GLN A 782 -30.84 67.86 -7.37
C GLN A 782 -30.81 69.28 -7.93
N LYS A 783 -31.85 70.06 -7.65
CA LYS A 783 -31.96 71.37 -8.30
C LYS A 783 -30.91 72.35 -7.78
N THR A 784 -30.57 72.26 -6.50
CA THR A 784 -29.50 73.11 -5.97
C THR A 784 -28.11 72.63 -6.37
N GLY A 785 -28.00 71.46 -7.02
CA GLY A 785 -26.70 70.91 -7.35
C GLY A 785 -26.52 70.51 -8.79
N SER A 786 -26.77 69.24 -9.12
CA SER A 786 -26.43 68.72 -10.44
C SER A 786 -27.18 69.47 -11.53
N MET A 787 -28.43 69.85 -11.28
CA MET A 787 -29.16 70.64 -12.26
C MET A 787 -28.54 72.03 -12.42
N SER A 788 -28.30 72.71 -11.31
CA SER A 788 -27.58 73.98 -11.32
C SER A 788 -26.30 73.87 -12.14
N ALA A 789 -25.51 72.81 -11.91
CA ALA A 789 -24.27 72.65 -12.66
C ALA A 789 -24.53 72.52 -14.15
N LEU A 790 -25.62 71.86 -14.53
CA LEU A 790 -25.99 71.80 -15.93
C LEU A 790 -26.25 73.20 -16.48
N PHE A 791 -27.18 73.93 -15.87
CA PHE A 791 -27.57 75.23 -16.39
C PHE A 791 -26.39 76.21 -16.45
N LEU A 792 -25.56 76.25 -15.41
CA LEU A 792 -24.46 77.21 -15.44
C LEU A 792 -23.48 76.87 -16.57
N THR A 793 -23.15 75.59 -16.74
CA THR A 793 -22.25 75.24 -17.85
C THR A 793 -22.91 75.49 -19.20
N LYS A 794 -24.20 75.14 -19.35
CA LYS A 794 -24.91 75.47 -20.57
C LYS A 794 -24.77 76.96 -20.89
N ALA A 795 -24.98 77.81 -19.89
CA ALA A 795 -24.91 79.25 -20.09
C ALA A 795 -23.52 79.68 -20.55
N ILE A 796 -22.51 79.38 -19.74
CA ILE A 796 -21.17 79.89 -20.00
C ILE A 796 -20.50 79.20 -21.18
N SER A 797 -21.10 78.15 -21.73
CA SER A 797 -20.50 77.48 -22.88
C SER A 797 -20.61 78.31 -24.14
N VAL A 798 -21.60 79.22 -24.19
CA VAL A 798 -21.89 79.94 -25.43
C VAL A 798 -20.83 81.00 -25.70
N TYR A 799 -20.24 81.58 -24.65
CA TYR A 799 -19.20 82.57 -24.86
C TYR A 799 -17.91 81.96 -25.41
N GLU A 800 -17.77 80.64 -25.34
CA GLU A 800 -16.64 79.94 -25.94
C GLU A 800 -15.30 80.49 -25.48
N GLU A 801 -15.24 80.95 -24.22
CA GLU A 801 -14.01 81.48 -23.66
C GLU A 801 -13.52 80.54 -22.57
N GLN A 802 -12.20 80.38 -22.46
CA GLN A 802 -11.67 79.49 -21.45
C GLN A 802 -12.05 79.99 -20.05
N VAL A 803 -12.29 79.03 -19.15
CA VAL A 803 -12.79 79.34 -17.81
C VAL A 803 -12.62 78.12 -16.93
N ALA A 804 -12.36 78.36 -15.63
CA ALA A 804 -12.04 77.30 -14.68
C ALA A 804 -13.15 77.21 -13.63
N ILE A 805 -14.13 76.35 -13.88
CA ILE A 805 -15.16 76.07 -12.89
C ILE A 805 -14.64 75.06 -11.90
N THR A 806 -15.05 75.19 -10.64
CA THR A 806 -14.57 74.31 -9.57
C THR A 806 -15.71 74.07 -8.59
N PHE A 807 -16.31 72.89 -8.69
CA PHE A 807 -17.38 72.51 -7.78
C PHE A 807 -16.82 71.98 -6.46
N VAL A 808 -17.54 72.23 -5.38
CA VAL A 808 -17.12 71.84 -4.04
C VAL A 808 -18.31 71.19 -3.33
N SER A 809 -18.10 69.95 -2.88
CA SER A 809 -19.14 69.12 -2.29
C SER A 809 -18.76 68.77 -0.86
N THR A 810 -19.75 68.31 -0.09
CA THR A 810 -19.51 67.81 1.26
C THR A 810 -20.23 66.48 1.43
N HIS A 811 -19.46 65.43 1.70
CA HIS A 811 -19.99 64.09 1.94
C HIS A 811 -20.56 63.47 0.67
N ALA A 812 -20.05 63.87 -0.48
CA ALA A 812 -20.47 63.27 -1.74
C ALA A 812 -19.67 62.02 -2.08
N MET A 813 -18.42 61.94 -1.62
CA MET A 813 -17.59 60.78 -1.82
C MET A 813 -17.42 60.05 -0.49
N ASN A 814 -17.54 58.73 -0.50
CA ASN A 814 -17.43 57.92 0.71
C ASN A 814 -16.03 57.32 0.75
N VAL A 815 -15.18 57.88 1.61
CA VAL A 815 -13.83 57.35 1.79
C VAL A 815 -13.77 56.56 3.08
N PRO A 816 -12.66 55.89 3.37
CA PRO A 816 -12.57 55.17 4.66
C PRO A 816 -12.68 56.15 5.80
N GLU A 817 -13.19 55.65 6.93
CA GLU A 817 -13.33 56.39 8.18
C GLU A 817 -14.37 57.50 8.07
N ASP A 818 -15.29 57.39 7.12
CA ASP A 818 -16.26 58.45 6.83
C ASP A 818 -17.63 58.05 7.35
N HIS A 819 -18.07 58.73 8.41
CA HIS A 819 -19.28 58.36 9.14
C HIS A 819 -20.56 58.99 8.59
N ILE A 820 -20.47 59.95 7.67
CA ILE A 820 -21.66 60.59 7.11
C ILE A 820 -21.52 60.56 5.59
N HIS A 821 -22.65 60.44 4.90
CA HIS A 821 -22.61 60.35 3.44
C HIS A 821 -23.88 60.95 2.83
N ASP A 822 -23.80 62.21 2.40
CA ASP A 822 -24.86 62.85 1.63
C ASP A 822 -24.71 62.42 0.17
N VAL A 823 -25.17 61.20 -0.12
CA VAL A 823 -24.92 60.60 -1.42
C VAL A 823 -25.71 61.29 -2.54
N GLU A 824 -26.77 62.02 -2.21
CA GLU A 824 -27.57 62.66 -3.24
C GLU A 824 -26.73 63.61 -4.09
N LYS A 825 -25.58 64.05 -3.57
CA LYS A 825 -24.75 65.03 -4.26
C LYS A 825 -23.85 64.41 -5.34
N ALA A 826 -23.87 63.09 -5.51
CA ALA A 826 -22.90 62.48 -6.41
C ALA A 826 -23.20 62.78 -7.88
N THR A 827 -24.47 63.02 -8.23
CA THR A 827 -24.80 63.29 -9.63
C THR A 827 -24.03 64.48 -10.17
N THR A 828 -23.85 65.52 -9.35
CA THR A 828 -23.02 66.65 -9.75
C THR A 828 -21.70 66.15 -10.32
N ALA A 829 -20.88 65.51 -9.49
CA ALA A 829 -19.57 65.07 -9.94
C ALA A 829 -19.66 64.18 -11.16
N GLY A 830 -20.76 63.48 -11.36
CA GLY A 830 -20.87 62.58 -12.48
C GLY A 830 -21.29 63.26 -13.77
N LEU A 831 -22.07 64.33 -13.68
CA LEU A 831 -22.53 65.00 -14.89
C LEU A 831 -21.42 65.81 -15.53
N MET A 832 -20.61 66.47 -14.69
CA MET A 832 -19.55 67.34 -15.22
C MET A 832 -18.45 66.57 -15.93
N THR A 833 -18.47 65.24 -15.85
CA THR A 833 -17.49 64.46 -16.62
C THR A 833 -17.67 64.72 -18.10
N ALA A 834 -18.92 64.87 -18.55
CA ALA A 834 -19.23 65.07 -19.95
C ALA A 834 -18.89 66.47 -20.45
N VAL A 835 -18.47 67.37 -19.56
CA VAL A 835 -18.12 68.72 -19.97
C VAL A 835 -16.84 68.71 -20.79
N GLN A 836 -15.73 68.25 -20.19
CA GLN A 836 -14.44 68.27 -20.85
C GLN A 836 -14.47 67.61 -22.22
N HIS A 837 -15.50 66.82 -22.52
CA HIS A 837 -15.61 66.18 -23.82
C HIS A 837 -16.42 67.00 -24.80
N GLU A 838 -17.48 67.67 -24.34
CA GLU A 838 -18.38 68.39 -25.23
C GLU A 838 -17.97 69.85 -25.41
N TRP A 839 -17.38 70.46 -24.39
CA TRP A 839 -16.92 71.85 -24.45
C TRP A 839 -15.48 71.89 -23.90
N PRO A 840 -14.52 71.41 -24.70
CA PRO A 840 -13.15 71.25 -24.16
C PRO A 840 -12.59 72.50 -23.50
N PHE A 841 -13.04 73.69 -23.92
CA PHE A 841 -12.44 74.92 -23.43
C PHE A 841 -12.83 75.24 -22.00
N ILE A 842 -13.77 74.52 -21.43
CA ILE A 842 -14.28 74.80 -20.09
C ILE A 842 -13.83 73.66 -19.18
N LYS A 843 -12.85 73.94 -18.32
CA LYS A 843 -12.31 72.94 -17.41
C LYS A 843 -13.17 72.82 -16.16
N VAL A 844 -13.20 71.60 -15.61
CA VAL A 844 -13.93 71.29 -14.39
C VAL A 844 -13.06 70.42 -13.49
N GLN A 845 -13.13 70.68 -12.19
CA GLN A 845 -12.51 69.79 -11.21
C GLN A 845 -13.32 69.96 -9.93
N CYS A 846 -13.70 68.83 -9.33
CA CYS A 846 -14.55 68.80 -8.15
C CYS A 846 -13.74 68.43 -6.92
N LEU A 847 -14.13 69.00 -5.79
CA LEU A 847 -13.53 68.67 -4.49
C LEU A 847 -14.65 68.34 -3.52
N ASP A 848 -14.37 67.40 -2.61
CA ASP A 848 -15.34 66.97 -1.61
C ASP A 848 -14.70 66.98 -0.24
N PHE A 849 -15.36 67.63 0.72
CA PHE A 849 -14.85 67.75 2.07
C PHE A 849 -15.79 67.04 3.04
N SER A 850 -15.31 66.87 4.27
CA SER A 850 -16.07 66.26 5.36
C SER A 850 -16.09 67.22 6.54
N LEU A 851 -17.29 67.49 7.05
CA LEU A 851 -17.48 68.34 8.22
C LEU A 851 -17.29 67.61 9.54
N ALA A 852 -16.90 66.34 9.48
CA ALA A 852 -16.52 65.58 10.67
C ALA A 852 -15.45 66.30 11.50
N GLU A 853 -15.68 66.36 12.82
CA GLU A 853 -14.82 67.09 13.73
C GLU A 853 -13.37 66.74 13.44
N SER A 854 -12.54 67.77 13.22
CA SER A 854 -11.14 67.56 12.88
C SER A 854 -10.23 68.53 13.62
N VAL A 855 -9.31 67.95 14.41
CA VAL A 855 -8.38 68.75 15.20
C VAL A 855 -7.34 69.40 14.29
N SER A 856 -7.08 68.81 13.13
CA SER A 856 -5.99 69.24 12.26
C SER A 856 -6.10 70.72 11.91
N SER A 857 -5.02 71.46 12.14
CA SER A 857 -4.93 72.87 11.76
C SER A 857 -4.64 72.97 10.26
N HIS A 858 -5.64 72.56 9.45
CA HIS A 858 -5.56 72.69 7.99
C HIS A 858 -6.98 72.95 7.48
N SER A 859 -7.42 74.19 7.69
CA SER A 859 -8.76 74.61 7.33
C SER A 859 -9.10 74.22 5.89
N HIS A 860 -10.38 73.90 5.67
CA HIS A 860 -10.84 73.65 4.31
C HIS A 860 -10.46 74.81 3.40
N ALA A 861 -10.56 76.03 3.92
CA ALA A 861 -10.22 77.21 3.13
C ALA A 861 -8.77 77.14 2.63
N MET A 862 -7.82 76.91 3.53
CA MET A 862 -6.42 76.84 3.13
C MET A 862 -6.23 75.83 2.02
N ALA A 863 -6.77 74.62 2.21
CA ALA A 863 -6.72 73.60 1.17
C ALA A 863 -7.39 74.08 -0.11
N MET A 864 -8.50 74.81 0.03
CA MET A 864 -9.21 75.32 -1.14
C MET A 864 -8.27 76.16 -2.01
N MET A 865 -7.58 77.12 -1.39
CA MET A 865 -6.66 77.96 -2.14
C MET A 865 -5.61 77.11 -2.84
N ALA A 866 -4.97 76.19 -2.10
CA ALA A 866 -3.93 75.36 -2.69
C ALA A 866 -4.43 74.70 -3.97
N GLU A 867 -5.63 74.13 -3.94
CA GLU A 867 -6.14 73.48 -5.13
C GLU A 867 -6.46 74.49 -6.22
N LEU A 868 -6.80 75.72 -5.84
CA LEU A 868 -7.12 76.74 -6.84
C LEU A 868 -5.86 77.21 -7.57
N THR A 869 -4.77 77.42 -6.84
CA THR A 869 -3.56 77.94 -7.45
C THR A 869 -2.87 76.94 -8.35
N HIS A 870 -3.00 75.63 -8.05
CA HIS A 870 -2.21 74.58 -8.67
C HIS A 870 -2.79 74.04 -9.97
N ASP A 871 -4.11 73.88 -10.05
CA ASP A 871 -4.78 73.29 -11.22
C ASP A 871 -4.06 72.00 -11.65
N GLN A 872 -4.31 70.96 -10.84
CA GLN A 872 -3.69 69.65 -11.03
C GLN A 872 -4.21 68.91 -12.26
N ASP A 873 -5.49 69.09 -12.59
CA ASP A 873 -6.12 68.47 -13.75
C ASP A 873 -6.74 67.11 -13.41
N CYS A 874 -6.91 66.82 -12.13
CA CYS A 874 -7.63 65.62 -11.72
C CYS A 874 -9.09 65.99 -11.55
N HIS A 875 -9.99 65.14 -12.05
CA HIS A 875 -11.40 65.51 -12.06
C HIS A 875 -11.92 65.70 -10.65
N VAL A 876 -12.03 64.62 -9.90
CA VAL A 876 -12.54 64.68 -8.55
C VAL A 876 -11.44 64.28 -7.57
N ALA A 877 -11.43 64.94 -6.42
CA ALA A 877 -10.53 64.63 -5.34
C ALA A 877 -11.22 65.01 -4.04
N ALA A 878 -10.77 64.42 -2.94
CA ALA A 878 -11.45 64.58 -1.65
C ALA A 878 -10.43 64.88 -0.56
N TYR A 879 -10.68 65.97 0.16
CA TYR A 879 -9.92 66.34 1.34
C TYR A 879 -10.72 65.91 2.55
N ARG A 880 -10.15 65.06 3.39
CA ARG A 880 -10.88 64.57 4.56
C ARG A 880 -10.25 65.04 5.86
N GLN A 881 -8.95 64.78 6.07
CA GLN A 881 -8.25 65.20 7.27
C GLN A 881 -7.13 66.17 6.94
N GLY A 882 -7.40 67.11 6.05
CA GLY A 882 -6.35 67.96 5.52
C GLY A 882 -5.43 67.24 4.57
N VAL A 883 -5.93 66.17 3.93
CA VAL A 883 -5.13 65.33 3.05
C VAL A 883 -5.90 65.11 1.75
N ARG A 884 -5.24 65.41 0.63
CA ARG A 884 -5.85 65.20 -0.68
C ARG A 884 -5.78 63.72 -1.05
N TYR A 885 -6.93 63.17 -1.48
CA TYR A 885 -7.01 61.81 -1.99
C TYR A 885 -7.66 61.85 -3.36
N ILE A 886 -7.21 60.99 -4.27
CA ILE A 886 -7.85 60.81 -5.57
C ILE A 886 -8.14 59.33 -5.77
N PRO A 887 -9.16 58.96 -6.55
CA PRO A 887 -9.51 57.54 -6.69
C PRO A 887 -8.69 56.83 -7.77
N PHE A 888 -8.05 55.73 -7.40
CA PHE A 888 -7.33 54.86 -8.32
C PHE A 888 -7.97 53.47 -8.34
N LEU A 889 -7.68 52.73 -9.40
CA LEU A 889 -8.18 51.37 -9.56
C LEU A 889 -7.16 50.37 -9.04
N ALA A 890 -7.66 49.19 -8.65
CA ALA A 890 -6.84 48.08 -8.18
C ALA A 890 -7.54 46.80 -8.61
N PRO A 891 -6.80 45.80 -9.09
CA PRO A 891 -7.46 44.60 -9.62
C PRO A 891 -8.11 43.80 -8.50
N LEU A 892 -9.15 43.06 -8.87
CA LEU A 892 -9.91 42.31 -7.88
C LEU A 892 -9.24 40.97 -7.57
N HIS A 893 -8.81 40.26 -8.61
CA HIS A 893 -8.17 38.95 -8.44
C HIS A 893 -9.14 38.02 -7.73
N LEU A 894 -10.13 37.53 -8.48
CA LEU A 894 -11.28 36.87 -7.87
C LEU A 894 -10.89 35.66 -7.04
N GLU A 895 -9.99 34.83 -7.56
CA GLU A 895 -9.64 33.60 -6.84
C GLU A 895 -9.17 33.92 -5.43
N LYS A 896 -8.08 34.69 -5.30
CA LYS A 896 -7.47 34.90 -4.00
C LYS A 896 -8.41 35.60 -3.03
N GLU A 897 -9.39 36.35 -3.53
CA GLU A 897 -10.31 37.11 -2.70
C GLU A 897 -11.62 36.38 -2.44
N GLN A 898 -11.78 35.16 -2.95
CA GLN A 898 -13.01 34.42 -2.74
C GLN A 898 -13.32 34.32 -1.25
N LYS A 899 -14.60 34.43 -0.91
CA LYS A 899 -15.06 34.37 0.47
C LYS A 899 -16.28 33.46 0.61
N ARG A 900 -16.54 32.62 -0.38
CA ARG A 900 -17.82 31.94 -0.48
C ARG A 900 -17.84 31.04 -1.70
N LYS A 901 -18.54 29.91 -1.63
CA LYS A 901 -18.41 28.87 -2.64
C LYS A 901 -19.51 28.90 -3.69
N GLU A 902 -20.67 29.47 -3.38
CA GLU A 902 -21.74 29.62 -4.34
C GLU A 902 -22.29 31.05 -4.23
N PRO A 903 -22.97 31.53 -5.25
CA PRO A 903 -23.64 32.82 -5.14
C PRO A 903 -24.45 32.89 -3.87
N PRO A 904 -24.61 34.08 -3.28
CA PRO A 904 -25.29 34.17 -1.98
C PRO A 904 -26.81 34.20 -2.08
N PHE A 905 -27.38 33.44 -3.00
CA PHE A 905 -28.82 33.37 -3.13
C PHE A 905 -29.36 32.26 -2.23
N GLU A 906 -30.38 32.61 -1.43
CA GLU A 906 -31.06 31.62 -0.62
C GLU A 906 -31.87 30.68 -1.51
N SER A 907 -32.14 29.48 -0.97
CA SER A 907 -32.72 28.40 -1.77
C SER A 907 -34.09 28.77 -2.32
N SER A 908 -35.08 28.89 -1.44
CA SER A 908 -36.40 29.36 -1.87
C SER A 908 -36.63 30.77 -1.35
N GLY A 909 -35.78 31.71 -1.76
CA GLY A 909 -35.85 33.05 -1.24
C GLY A 909 -36.72 34.00 -2.06
N LEU A 910 -37.19 35.04 -1.38
CA LEU A 910 -37.98 36.09 -2.01
C LEU A 910 -37.04 37.10 -2.63
N TYR A 911 -37.20 37.33 -3.91
CA TYR A 911 -36.36 38.27 -4.66
C TYR A 911 -37.24 39.11 -5.55
N VAL A 912 -37.14 40.42 -5.42
CA VAL A 912 -37.89 41.36 -6.26
C VAL A 912 -36.93 41.99 -7.28
N ILE A 913 -37.41 42.14 -8.51
CA ILE A 913 -36.54 42.44 -9.65
C ILE A 913 -37.15 43.52 -10.53
N THR A 914 -36.31 44.46 -10.97
CA THR A 914 -36.71 45.49 -11.92
C THR A 914 -36.04 45.25 -13.26
N GLY A 915 -36.83 45.23 -14.32
CA GLY A 915 -36.29 44.91 -15.63
C GLY A 915 -35.68 43.52 -15.72
N GLY A 916 -36.25 42.56 -14.99
CA GLY A 916 -35.85 41.17 -15.14
C GLY A 916 -36.12 40.63 -16.52
N LEU A 917 -36.94 41.33 -17.30
CA LEU A 917 -37.20 40.97 -18.68
C LEU A 917 -36.11 41.48 -19.61
N GLY A 918 -35.18 42.29 -19.09
CA GLY A 918 -34.04 42.71 -19.88
C GLY A 918 -33.05 41.59 -20.13
N GLY A 919 -32.18 41.81 -21.11
CA GLY A 919 -31.21 40.79 -21.48
C GLY A 919 -30.43 40.26 -20.30
N ILE A 920 -29.94 41.16 -19.44
CA ILE A 920 -29.15 40.74 -18.30
C ILE A 920 -30.01 40.35 -17.12
N GLY A 921 -31.24 40.86 -17.03
CA GLY A 921 -32.14 40.44 -15.98
C GLY A 921 -32.61 39.01 -16.17
N ARG A 922 -33.00 38.65 -17.39
CA ARG A 922 -33.43 37.28 -17.68
C ARG A 922 -32.40 36.27 -17.19
N LEU A 923 -31.15 36.46 -17.59
CA LEU A 923 -30.05 35.60 -17.15
C LEU A 923 -30.12 35.34 -15.65
N VAL A 924 -30.42 36.37 -14.88
CA VAL A 924 -30.47 36.23 -13.43
C VAL A 924 -31.79 35.60 -13.00
N SER A 925 -32.87 35.85 -13.73
CA SER A 925 -34.15 35.26 -13.36
C SER A 925 -34.18 33.76 -13.69
N GLU A 926 -33.74 33.39 -14.89
CA GLU A 926 -33.64 31.96 -15.20
C GLU A 926 -32.83 31.23 -14.14
N GLN A 927 -31.72 31.84 -13.69
CA GLN A 927 -30.90 31.21 -12.67
C GLN A 927 -31.67 31.05 -11.36
N LEU A 928 -32.24 32.14 -10.87
CA LEU A 928 -32.93 32.11 -9.59
C LEU A 928 -34.20 31.26 -9.62
N LEU A 929 -34.61 30.76 -10.78
CA LEU A 929 -35.79 29.92 -10.87
C LEU A 929 -35.46 28.44 -10.98
N THR A 930 -34.36 28.10 -11.64
CA THR A 930 -33.94 26.72 -11.76
C THR A 930 -33.04 26.31 -10.60
N SER A 931 -31.78 26.76 -10.64
CA SER A 931 -30.81 26.37 -9.61
C SER A 931 -31.34 26.66 -8.21
N TYR A 932 -31.95 27.82 -8.02
CA TYR A 932 -32.67 28.15 -6.81
C TYR A 932 -34.14 28.28 -7.15
N GLN A 933 -35.00 27.98 -6.19
CA GLN A 933 -36.44 27.92 -6.45
C GLN A 933 -37.10 29.12 -5.79
N ALA A 934 -36.88 30.28 -6.38
CA ALA A 934 -37.18 31.53 -5.72
C ALA A 934 -38.56 32.07 -6.10
N HIS A 935 -39.14 32.80 -5.14
CA HIS A 935 -40.40 33.51 -5.34
C HIS A 935 -40.05 34.85 -5.95
N LEU A 936 -40.10 34.95 -7.28
CA LEU A 936 -39.71 36.17 -7.98
C LEU A 936 -40.93 37.06 -8.23
N VAL A 937 -40.79 38.32 -7.86
CA VAL A 937 -41.79 39.34 -8.17
C VAL A 937 -41.11 40.41 -9.03
N LEU A 938 -41.59 40.56 -10.27
CA LEU A 938 -41.01 41.48 -11.23
C LEU A 938 -41.80 42.79 -11.23
N LEU A 939 -41.08 43.89 -11.08
CA LEU A 939 -41.69 45.22 -11.09
C LEU A 939 -41.33 45.92 -12.39
N GLY A 940 -42.35 46.24 -13.19
CA GLY A 940 -42.19 47.03 -14.38
C GLY A 940 -43.06 48.27 -14.28
N ARG A 941 -42.80 49.21 -15.19
CA ARG A 941 -43.57 50.45 -15.18
C ARG A 941 -44.79 50.35 -16.06
N LYS A 942 -44.70 49.57 -17.13
CA LYS A 942 -45.86 49.33 -17.97
C LYS A 942 -46.73 48.25 -17.31
N GLU A 943 -47.88 48.00 -17.92
CA GLU A 943 -48.72 46.89 -17.52
C GLU A 943 -48.36 45.67 -18.36
N ARG A 944 -48.73 44.49 -17.87
CA ARG A 944 -48.37 43.24 -18.53
C ARG A 944 -48.74 43.25 -20.01
N GLU A 945 -50.00 43.55 -20.32
CA GLU A 945 -50.48 43.46 -21.70
C GLU A 945 -49.79 44.48 -22.62
N ALA A 946 -49.25 45.56 -22.06
CA ALA A 946 -48.64 46.63 -22.84
C ALA A 946 -47.13 46.48 -22.93
N LEU A 947 -46.60 45.31 -22.63
CA LEU A 947 -45.16 45.10 -22.74
C LEU A 947 -44.77 44.85 -24.19
N SER A 948 -43.48 45.00 -24.46
CA SER A 948 -42.97 44.64 -25.78
C SER A 948 -43.26 43.16 -26.05
N SER A 949 -43.75 42.88 -27.25
CA SER A 949 -43.93 41.49 -27.67
C SER A 949 -42.67 40.67 -27.44
N ASP A 950 -41.51 41.34 -27.43
CA ASP A 950 -40.27 40.66 -27.11
C ASP A 950 -40.22 40.25 -25.64
N GLN A 951 -40.87 41.02 -24.77
CA GLN A 951 -40.85 40.74 -23.34
C GLN A 951 -41.95 39.77 -22.92
N GLN A 952 -43.19 40.00 -23.33
CA GLN A 952 -44.28 39.11 -22.92
C GLN A 952 -43.91 37.66 -23.18
N GLU A 953 -43.21 37.40 -24.28
CA GLU A 953 -42.67 36.07 -24.52
C GLU A 953 -41.58 35.75 -23.50
N THR A 954 -40.61 36.65 -23.34
CA THR A 954 -39.52 36.40 -22.40
C THR A 954 -40.02 36.29 -20.97
N LEU A 955 -41.27 36.65 -20.69
CA LEU A 955 -41.85 36.44 -19.36
C LEU A 955 -42.57 35.09 -19.28
N SER A 956 -43.44 34.79 -20.25
CA SER A 956 -44.11 33.49 -20.27
C SER A 956 -43.10 32.34 -20.21
N LEU A 957 -42.00 32.49 -20.95
CA LEU A 957 -40.88 31.55 -20.80
C LEU A 957 -40.57 31.30 -19.33
N LEU A 958 -40.40 32.37 -18.56
CA LEU A 958 -40.05 32.22 -17.15
C LEU A 958 -41.19 31.58 -16.35
N GLU A 959 -42.44 31.84 -16.72
CA GLU A 959 -43.56 31.24 -15.99
C GLU A 959 -43.54 29.72 -16.13
N LYS A 960 -43.43 29.22 -17.36
CA LYS A 960 -43.30 27.77 -17.54
C LYS A 960 -42.03 27.28 -16.87
N GLN A 961 -40.90 27.92 -17.17
CA GLN A 961 -39.63 27.49 -16.58
C GLN A 961 -39.68 27.52 -15.07
N ALA A 962 -40.68 28.17 -14.48
CA ALA A 962 -40.90 28.16 -13.04
C ALA A 962 -41.82 27.03 -12.62
N LYS A 963 -42.86 26.77 -13.41
CA LYS A 963 -43.81 25.71 -13.08
C LYS A 963 -43.11 24.37 -12.98
N VAL A 964 -42.11 24.13 -13.84
CA VAL A 964 -41.43 22.84 -13.87
C VAL A 964 -40.23 22.78 -12.93
N HIS A 965 -39.84 23.90 -12.31
CA HIS A 965 -38.75 23.92 -11.34
C HIS A 965 -39.19 24.36 -9.96
N GLY A 966 -40.49 24.43 -9.69
CA GLY A 966 -41.00 24.68 -8.36
C GLY A 966 -40.92 26.11 -7.87
N GLY A 967 -40.43 27.04 -8.68
CA GLY A 967 -40.47 28.44 -8.32
C GLY A 967 -41.74 29.11 -8.81
N LYS A 968 -41.97 30.33 -8.30
CA LYS A 968 -43.08 31.16 -8.74
C LYS A 968 -42.55 32.49 -9.25
N VAL A 969 -43.28 33.11 -10.18
CA VAL A 969 -42.87 34.40 -10.74
C VAL A 969 -44.09 35.26 -11.08
N LEU A 970 -44.19 36.42 -10.44
CA LEU A 970 -45.27 37.34 -10.70
C LEU A 970 -44.72 38.65 -11.24
N TYR A 971 -45.58 39.40 -11.92
CA TYR A 971 -45.25 40.69 -12.49
C TYR A 971 -46.34 41.69 -12.14
N GLU A 972 -45.94 42.88 -11.72
CA GLU A 972 -46.86 43.90 -11.26
C GLU A 972 -46.46 45.27 -11.77
N LYS A 973 -47.42 45.96 -12.39
CA LYS A 973 -47.24 47.37 -12.69
C LYS A 973 -47.03 48.12 -11.39
N ALA A 974 -46.03 49.00 -11.37
CA ALA A 974 -45.72 49.65 -10.11
C ALA A 974 -44.79 50.84 -10.36
N ASP A 975 -44.89 51.82 -9.46
CA ASP A 975 -44.00 52.97 -9.46
C ASP A 975 -42.78 52.63 -8.61
N ILE A 976 -41.68 52.30 -9.26
CA ILE A 976 -40.46 51.99 -8.54
C ILE A 976 -40.00 53.12 -7.64
N THR A 977 -40.56 54.32 -7.81
CA THR A 977 -40.07 55.53 -7.16
C THR A 977 -40.79 55.85 -5.86
N ALA A 978 -41.97 55.28 -5.63
CA ALA A 978 -42.81 55.63 -4.50
C ALA A 978 -42.44 54.78 -3.29
N GLU A 979 -41.97 55.43 -2.23
CA GLU A 979 -41.60 54.72 -1.01
C GLU A 979 -42.68 53.75 -0.58
N LYS A 980 -43.91 54.25 -0.44
CA LYS A 980 -44.98 53.44 0.14
C LYS A 980 -45.51 52.41 -0.86
N GLU A 981 -45.73 52.81 -2.11
CA GLU A 981 -46.19 51.86 -3.11
C GLU A 981 -45.24 50.68 -3.23
N VAL A 982 -43.98 50.86 -2.85
CA VAL A 982 -43.02 49.76 -2.88
C VAL A 982 -43.17 48.88 -1.65
N GLU A 983 -43.20 49.48 -0.47
CA GLU A 983 -43.32 48.71 0.76
C GLU A 983 -44.60 47.88 0.78
N ALA A 984 -45.68 48.41 0.21
CA ALA A 984 -46.92 47.66 0.18
C ALA A 984 -46.77 46.38 -0.62
N ILE A 985 -46.14 46.47 -1.79
CA ILE A 985 -46.00 45.31 -2.66
C ILE A 985 -45.05 44.31 -2.05
N ILE A 986 -44.07 44.76 -1.26
CA ILE A 986 -43.15 43.82 -0.63
C ILE A 986 -43.86 43.08 0.50
N SER A 987 -44.46 43.82 1.43
CA SER A 987 -45.16 43.19 2.54
C SER A 987 -46.13 42.14 2.03
N ARG A 988 -46.94 42.48 1.03
CA ARG A 988 -47.92 41.55 0.50
C ARG A 988 -47.27 40.24 0.06
N HIS A 989 -46.17 40.33 -0.68
CA HIS A 989 -45.47 39.11 -1.08
C HIS A 989 -44.74 38.48 0.09
N GLU A 990 -44.38 39.27 1.10
CA GLU A 990 -43.76 38.70 2.29
C GLU A 990 -44.77 37.95 3.14
N VAL A 991 -46.06 38.22 2.96
CA VAL A 991 -47.09 37.66 3.82
C VAL A 991 -47.75 36.50 3.09
N ALA A 992 -47.88 36.63 1.76
CA ALA A 992 -48.45 35.55 0.96
C ALA A 992 -47.62 34.29 1.13
N GLY A 993 -46.38 34.31 0.66
CA GLY A 993 -45.40 33.34 1.12
C GLY A 993 -44.80 33.80 2.43
N ASN A 994 -44.67 32.86 3.36
CA ASN A 994 -44.23 33.19 4.72
C ASN A 994 -42.72 33.35 4.84
N ARG A 995 -42.09 33.95 3.83
CA ARG A 995 -40.67 34.30 3.84
C ARG A 995 -40.54 35.82 3.87
N ARG A 996 -39.52 36.31 4.57
CA ARG A 996 -39.17 37.73 4.54
C ARG A 996 -38.22 37.98 3.38
N LEU A 997 -38.34 39.17 2.78
CA LEU A 997 -37.54 39.52 1.61
C LEU A 997 -36.08 39.16 1.79
N ASP A 998 -35.51 38.52 0.78
CA ASP A 998 -34.11 38.09 0.83
C ASP A 998 -33.20 38.91 -0.07
N GLY A 999 -33.74 39.72 -0.98
CA GLY A 999 -32.92 40.53 -1.86
C GLY A 999 -33.67 41.31 -2.92
N ILE A 1000 -33.06 42.42 -3.35
CA ILE A 1000 -33.56 43.26 -4.43
C ILE A 1000 -32.53 43.22 -5.56
N ILE A 1001 -33.00 43.03 -6.78
CA ILE A 1001 -32.15 43.05 -7.97
C ILE A 1001 -32.68 44.14 -8.90
N HIS A 1002 -31.92 45.22 -9.02
CA HIS A 1002 -32.37 46.49 -9.60
C HIS A 1002 -31.59 46.78 -10.87
N PHE A 1003 -32.14 46.35 -12.01
CA PHE A 1003 -31.48 46.59 -13.29
C PHE A 1003 -32.25 47.54 -14.20
N ALA A 1004 -33.48 47.92 -13.83
CA ALA A 1004 -34.21 48.91 -14.62
C ALA A 1004 -33.32 50.12 -14.88
N GLY A 1005 -33.50 50.70 -16.05
CA GLY A 1005 -32.70 51.84 -16.47
C GLY A 1005 -32.83 52.12 -17.95
N ILE A 1006 -33.00 53.39 -18.29
CA ILE A 1006 -33.07 53.81 -19.67
C ILE A 1006 -31.72 54.39 -20.04
N ILE A 1007 -31.44 54.41 -21.34
CA ILE A 1007 -30.29 55.13 -21.87
C ILE A 1007 -30.80 56.16 -22.87
N GLN A 1008 -30.27 57.37 -22.77
CA GLN A 1008 -30.53 58.40 -23.75
C GLN A 1008 -29.20 59.07 -24.04
N GLU A 1009 -28.70 58.90 -25.26
CA GLU A 1009 -27.50 59.60 -25.70
C GLU A 1009 -27.92 61.03 -26.03
N GLU A 1010 -27.49 61.98 -25.21
CA GLU A 1010 -27.92 63.36 -25.34
C GLU A 1010 -26.83 64.28 -24.84
N LEU A 1011 -26.66 65.41 -25.50
CA LEU A 1011 -25.61 66.36 -25.18
C LEU A 1011 -26.09 67.40 -24.18
N LEU A 1012 -25.15 67.89 -23.37
CA LEU A 1012 -25.49 68.91 -22.39
C LEU A 1012 -26.12 70.13 -23.05
N ALA A 1013 -25.74 70.42 -24.30
CA ALA A 1013 -26.34 71.55 -25.00
C ALA A 1013 -27.85 71.44 -25.07
N ASP A 1014 -28.38 70.28 -25.48
CA ASP A 1014 -29.81 70.09 -25.63
C ASP A 1014 -30.46 69.44 -24.42
N MET A 1015 -29.70 69.24 -23.34
CA MET A 1015 -30.20 68.49 -22.20
C MET A 1015 -31.13 69.39 -21.41
N THR A 1016 -32.42 69.19 -21.57
CA THR A 1016 -33.37 69.89 -20.72
C THR A 1016 -33.25 69.41 -19.29
N SER A 1017 -33.83 70.18 -18.37
CA SER A 1017 -33.86 69.79 -16.98
C SER A 1017 -34.65 68.51 -16.77
N VAL A 1018 -35.54 68.16 -17.70
CA VAL A 1018 -36.32 66.93 -17.59
C VAL A 1018 -35.58 65.72 -18.14
N SER A 1019 -34.77 65.88 -19.19
CA SER A 1019 -33.91 64.80 -19.62
C SER A 1019 -33.19 64.19 -18.43
N LEU A 1020 -32.72 65.04 -17.51
CA LEU A 1020 -32.00 64.56 -16.34
C LEU A 1020 -32.93 63.85 -15.37
N ASN A 1021 -34.10 64.44 -15.11
CA ASN A 1021 -35.03 63.82 -14.18
C ASN A 1021 -35.64 62.55 -14.74
N ASP A 1022 -35.67 62.40 -16.07
CA ASP A 1022 -36.11 61.14 -16.65
C ASP A 1022 -35.07 60.04 -16.44
N MET A 1023 -33.79 60.39 -16.37
CA MET A 1023 -32.77 59.39 -16.07
C MET A 1023 -32.84 58.99 -14.61
N TYR A 1024 -32.85 59.98 -13.73
CA TYR A 1024 -32.84 59.76 -12.30
C TYR A 1024 -34.02 58.92 -11.82
N GLU A 1025 -35.12 58.88 -12.56
CA GLU A 1025 -36.32 58.21 -12.08
C GLU A 1025 -35.99 56.79 -11.63
N ALA A 1026 -35.40 55.99 -12.52
CA ALA A 1026 -35.07 54.61 -12.17
C ALA A 1026 -33.80 54.52 -11.33
N LYS A 1027 -32.70 55.04 -11.86
CA LYS A 1027 -31.38 54.79 -11.28
C LYS A 1027 -31.12 55.60 -10.02
N VAL A 1028 -32.04 56.44 -9.57
CA VAL A 1028 -31.83 57.20 -8.33
C VAL A 1028 -33.07 57.15 -7.46
N TYR A 1029 -34.13 57.85 -7.88
CA TYR A 1029 -35.34 57.89 -7.05
C TYR A 1029 -35.91 56.50 -6.84
N GLY A 1030 -35.86 55.65 -7.87
CA GLY A 1030 -36.24 54.26 -7.68
C GLY A 1030 -35.29 53.55 -6.73
N THR A 1031 -33.98 53.61 -7.01
CA THR A 1031 -32.99 53.03 -6.12
C THR A 1031 -33.24 53.41 -4.66
N ILE A 1032 -33.62 54.66 -4.42
CA ILE A 1032 -33.80 55.10 -3.04
C ILE A 1032 -35.05 54.50 -2.43
N ALA A 1033 -36.11 54.36 -3.23
CA ALA A 1033 -37.34 53.79 -2.70
C ALA A 1033 -37.16 52.31 -2.37
N LEU A 1034 -36.52 51.57 -3.26
CA LEU A 1034 -36.27 50.15 -3.00
C LEU A 1034 -35.41 49.97 -1.76
N HIS A 1035 -34.35 50.77 -1.62
CA HIS A 1035 -33.50 50.63 -0.43
C HIS A 1035 -34.26 50.94 0.84
N GLU A 1036 -35.20 51.87 0.80
CA GLU A 1036 -35.95 52.18 2.01
C GLU A 1036 -36.71 50.97 2.52
N ALA A 1037 -37.17 50.08 1.64
CA ALA A 1037 -37.83 48.88 2.09
C ALA A 1037 -36.82 47.85 2.58
N ALA A 1038 -35.81 47.56 1.76
CA ALA A 1038 -34.79 46.59 2.15
C ALA A 1038 -34.08 47.00 3.42
N SER A 1039 -34.04 48.30 3.73
CA SER A 1039 -33.35 48.75 4.94
C SER A 1039 -34.08 48.35 6.20
N LYS A 1040 -35.38 48.11 6.13
CA LYS A 1040 -36.18 47.73 7.28
C LYS A 1040 -36.13 46.23 7.57
N ARG A 1041 -35.39 45.48 6.77
CA ARG A 1041 -35.21 44.03 6.97
C ARG A 1041 -33.72 43.76 7.17
N ARG A 1042 -33.35 42.48 7.24
CA ARG A 1042 -32.02 42.09 7.68
C ARG A 1042 -31.22 41.48 6.55
N ASN A 1043 -30.06 42.07 6.26
CA ASN A 1043 -29.08 41.53 5.33
C ASN A 1043 -29.71 41.27 3.96
N VAL A 1044 -30.37 42.27 3.43
CA VAL A 1044 -31.02 42.15 2.13
C VAL A 1044 -29.97 42.29 1.06
N LEU A 1045 -30.06 41.46 0.03
CA LEU A 1045 -29.11 41.55 -1.07
C LEU A 1045 -29.57 42.64 -2.03
N PHE A 1046 -28.63 43.46 -2.49
CA PHE A 1046 -28.92 44.58 -3.37
C PHE A 1046 -27.98 44.50 -4.57
N LEU A 1047 -28.53 44.22 -5.75
CA LEU A 1047 -27.78 44.13 -6.99
C LEU A 1047 -28.10 45.36 -7.83
N SER A 1048 -27.06 46.01 -8.36
CA SER A 1048 -27.22 47.24 -9.10
C SER A 1048 -26.34 47.23 -10.34
N SER A 1049 -26.87 47.75 -11.45
CA SER A 1049 -26.16 47.84 -12.72
C SER A 1049 -25.71 49.28 -12.95
N SER A 1050 -24.50 49.44 -13.46
CA SER A 1050 -23.96 50.77 -13.78
C SER A 1050 -23.20 50.69 -15.10
N SER A 1051 -22.22 51.58 -15.28
CA SER A 1051 -21.38 51.58 -16.47
C SER A 1051 -19.99 52.09 -16.08
N ALA A 1052 -18.98 51.66 -16.84
CA ALA A 1052 -17.62 52.12 -16.61
C ALA A 1052 -17.34 53.47 -17.27
N ARG A 1053 -18.27 53.97 -18.08
CA ARG A 1053 -18.12 55.29 -18.67
C ARG A 1053 -17.94 56.33 -17.58
N THR A 1054 -18.56 56.12 -16.41
CA THR A 1054 -18.44 57.09 -15.33
C THR A 1054 -17.00 57.35 -14.92
N LEU A 1055 -16.08 56.44 -15.24
CA LEU A 1055 -14.71 56.61 -14.75
C LEU A 1055 -14.04 57.82 -15.39
N LYS A 1056 -14.00 57.86 -16.72
CA LYS A 1056 -13.30 58.90 -17.45
C LYS A 1056 -14.26 59.86 -18.16
N GLY A 1057 -15.56 59.63 -18.06
CA GLY A 1057 -16.53 60.48 -18.71
C GLY A 1057 -16.71 60.10 -20.16
N GLY A 1058 -17.69 60.76 -20.77
CA GLY A 1058 -18.02 60.49 -22.16
C GLY A 1058 -18.89 61.56 -22.75
N MET A 1059 -18.70 61.81 -24.04
CA MET A 1059 -19.57 62.74 -24.77
C MET A 1059 -20.96 62.15 -24.96
N THR A 1060 -21.96 63.03 -24.93
CA THR A 1060 -23.38 62.69 -25.13
C THR A 1060 -23.86 61.58 -24.19
N VAL A 1061 -23.32 61.53 -22.97
CA VAL A 1061 -23.75 60.57 -21.97
C VAL A 1061 -23.68 61.24 -20.61
N GLY A 1062 -23.80 62.56 -20.59
CA GLY A 1062 -23.76 63.25 -19.31
C GLY A 1062 -24.82 62.73 -18.36
N ALA A 1063 -26.04 62.56 -18.86
CA ALA A 1063 -27.11 62.02 -18.04
C ALA A 1063 -26.74 60.64 -17.52
N TYR A 1064 -26.30 59.77 -18.43
CA TYR A 1064 -25.88 58.42 -18.08
C TYR A 1064 -24.90 58.47 -16.92
N CYS A 1065 -23.71 59.04 -17.15
CA CYS A 1065 -22.70 59.07 -16.10
C CYS A 1065 -23.25 59.68 -14.82
N ALA A 1066 -24.14 60.66 -14.94
CA ALA A 1066 -24.61 61.37 -13.75
C ALA A 1066 -25.34 60.42 -12.81
N ALA A 1067 -26.28 59.65 -13.34
CA ALA A 1067 -27.01 58.72 -12.50
C ALA A 1067 -26.14 57.54 -12.08
N ASN A 1068 -25.38 56.98 -13.01
CA ASN A 1068 -24.59 55.79 -12.69
C ASN A 1068 -23.54 56.09 -11.62
N GLU A 1069 -23.02 57.31 -11.58
CA GLU A 1069 -22.13 57.66 -10.47
C GLU A 1069 -22.87 57.66 -9.14
N PHE A 1070 -24.19 57.76 -9.16
CA PHE A 1070 -24.97 57.68 -7.92
C PHE A 1070 -25.13 56.23 -7.50
N VAL A 1071 -25.57 55.38 -8.44
CA VAL A 1071 -25.79 53.99 -8.10
C VAL A 1071 -24.49 53.35 -7.62
N GLU A 1072 -23.36 53.76 -8.18
CA GLU A 1072 -22.09 53.25 -7.66
C GLU A 1072 -21.85 53.76 -6.24
N GLN A 1073 -21.86 55.07 -6.06
CA GLN A 1073 -21.62 55.63 -4.74
C GLN A 1073 -22.68 55.20 -3.73
N PHE A 1074 -23.80 54.66 -4.20
CA PHE A 1074 -24.88 54.30 -3.27
C PHE A 1074 -24.53 53.06 -2.47
N ALA A 1075 -23.92 52.06 -3.13
CA ALA A 1075 -23.47 50.86 -2.44
C ALA A 1075 -22.75 51.20 -1.15
N HIS A 1076 -21.84 52.17 -1.21
CA HIS A 1076 -21.16 52.59 0.00
C HIS A 1076 -22.13 53.20 1.00
N TYR A 1077 -23.15 53.90 0.52
CA TYR A 1077 -24.16 54.46 1.42
C TYR A 1077 -24.92 53.36 2.14
N GLN A 1078 -25.16 52.25 1.46
CA GLN A 1078 -25.90 51.15 2.07
C GLN A 1078 -25.03 50.46 3.12
N LYS A 1079 -23.79 50.16 2.78
CA LYS A 1079 -22.88 49.50 3.73
C LYS A 1079 -22.65 50.39 4.95
N LEU A 1080 -22.85 51.69 4.84
CA LEU A 1080 -22.68 52.61 5.95
C LEU A 1080 -23.97 52.87 6.70
N THR A 1081 -25.12 52.72 6.04
CA THR A 1081 -26.41 53.08 6.60
C THR A 1081 -27.18 51.91 7.18
N SER A 1082 -27.18 50.76 6.53
CA SER A 1082 -28.16 49.73 6.81
C SER A 1082 -27.52 48.35 6.85
N THR A 1083 -28.36 47.36 7.14
CA THR A 1083 -27.96 45.96 7.11
C THR A 1083 -27.63 45.51 5.70
N VAL A 1084 -28.07 46.26 4.69
CA VAL A 1084 -28.05 45.78 3.32
C VAL A 1084 -26.65 45.37 2.92
N LYS A 1085 -26.57 44.32 2.12
CA LYS A 1085 -25.31 43.85 1.55
C LYS A 1085 -25.38 44.11 0.05
N PRO A 1086 -24.72 45.16 -0.46
CA PRO A 1086 -24.91 45.53 -1.86
C PRO A 1086 -23.80 45.03 -2.76
N TYR A 1087 -24.14 44.81 -4.03
CA TYR A 1087 -23.19 44.49 -5.08
C TYR A 1087 -23.58 45.29 -6.31
N CYS A 1088 -22.67 46.19 -6.74
CA CYS A 1088 -22.91 47.07 -7.88
C CYS A 1088 -21.87 46.78 -8.94
N PHE A 1089 -22.32 46.23 -10.06
CA PHE A 1089 -21.47 45.95 -11.21
C PHE A 1089 -21.66 47.06 -12.23
N SER A 1090 -20.59 47.80 -12.49
CA SER A 1090 -20.55 48.80 -13.54
C SER A 1090 -19.79 48.19 -14.71
N PHE A 1091 -20.49 47.95 -15.81
CA PHE A 1091 -19.92 47.25 -16.94
C PHE A 1091 -19.31 48.22 -17.94
N SER A 1092 -18.29 47.76 -18.65
CA SER A 1092 -17.71 48.57 -19.69
C SER A 1092 -18.69 48.77 -20.85
N MET A 1093 -19.10 47.68 -21.48
CA MET A 1093 -19.92 47.76 -22.68
C MET A 1093 -20.61 46.42 -22.87
N TRP A 1094 -21.67 46.43 -23.68
CA TRP A 1094 -22.40 45.22 -24.02
C TRP A 1094 -22.18 44.94 -25.51
N ASP A 1095 -22.11 43.66 -25.87
CA ASP A 1095 -22.02 43.30 -27.28
C ASP A 1095 -23.36 43.38 -28.02
N GLU A 1096 -24.48 43.59 -27.31
CA GLU A 1096 -25.76 43.71 -27.99
C GLU A 1096 -25.98 45.08 -28.62
N ILE A 1097 -25.31 46.11 -28.11
CA ILE A 1097 -25.45 47.48 -28.61
C ILE A 1097 -24.56 47.73 -29.83
N GLY A 1098 -23.94 46.67 -30.35
CA GLY A 1098 -23.07 46.80 -31.50
C GLY A 1098 -23.79 47.08 -32.81
N MET A 1099 -24.44 46.07 -33.36
CA MET A 1099 -25.13 46.20 -34.65
C MET A 1099 -26.40 47.04 -34.55
N SER A 1100 -26.93 47.26 -33.35
CA SER A 1100 -28.16 48.06 -33.22
C SER A 1100 -27.87 49.53 -33.43
N GLU A 1101 -26.92 50.11 -32.68
CA GLU A 1101 -26.58 51.51 -32.92
C GLU A 1101 -26.09 51.74 -34.35
N GLY A 1102 -25.79 50.68 -35.11
CA GLY A 1102 -25.18 50.87 -36.41
C GLY A 1102 -23.83 51.52 -36.34
N SER A 1103 -23.04 51.22 -35.30
CA SER A 1103 -21.75 51.88 -35.08
C SER A 1103 -20.65 50.91 -34.70
N MET A 1104 -19.91 50.45 -35.72
CA MET A 1104 -18.68 49.71 -35.51
C MET A 1104 -17.57 50.60 -34.95
N ILE A 1105 -17.80 51.92 -34.90
CA ILE A 1105 -16.87 52.85 -34.27
C ILE A 1105 -17.07 52.98 -32.76
N LYS A 1106 -18.18 52.46 -32.22
CA LYS A 1106 -18.22 52.26 -30.78
C LYS A 1106 -17.21 51.21 -30.33
N GLY A 1107 -16.69 50.43 -31.28
CA GLY A 1107 -15.56 49.56 -30.98
C GLY A 1107 -14.27 50.33 -30.77
N MET A 1108 -14.15 51.52 -31.36
CA MET A 1108 -13.02 52.39 -31.05
C MET A 1108 -12.83 52.48 -29.54
N LEU A 1109 -13.93 52.50 -28.80
CA LEU A 1109 -13.88 52.44 -27.35
C LEU A 1109 -13.09 51.24 -26.85
N LYS A 1110 -13.09 50.13 -27.61
CA LYS A 1110 -12.26 48.99 -27.27
C LYS A 1110 -10.79 49.38 -27.23
N GLU A 1111 -10.32 50.08 -28.27
CA GLU A 1111 -8.90 50.36 -28.38
C GLU A 1111 -8.36 51.14 -27.20
N ARG A 1112 -9.21 51.87 -26.46
CA ARG A 1112 -8.74 52.53 -25.25
C ARG A 1112 -8.93 51.68 -24.00
N GLY A 1113 -9.57 50.52 -24.11
CA GLY A 1113 -9.54 49.52 -23.05
C GLY A 1113 -10.86 49.16 -22.43
N TYR A 1114 -11.95 49.25 -23.20
CA TYR A 1114 -13.29 48.92 -22.73
C TYR A 1114 -13.84 47.82 -23.62
N LEU A 1115 -13.66 46.58 -23.19
CA LEU A 1115 -13.99 45.43 -24.03
C LEU A 1115 -15.50 45.24 -24.09
N PRO A 1116 -16.00 44.66 -25.19
CA PRO A 1116 -17.38 44.16 -25.19
C PRO A 1116 -17.47 42.83 -24.45
N ILE A 1117 -18.53 42.67 -23.67
CA ILE A 1117 -18.72 41.48 -22.86
C ILE A 1117 -20.06 40.86 -23.24
N SER A 1118 -20.04 39.56 -23.53
CA SER A 1118 -21.26 38.86 -23.92
C SER A 1118 -22.17 38.66 -22.71
N LYS A 1119 -23.41 38.26 -23.00
CA LYS A 1119 -24.37 38.00 -21.94
C LYS A 1119 -23.80 37.01 -20.91
N GLN A 1120 -23.46 35.80 -21.38
CA GLN A 1120 -22.91 34.80 -20.47
C GLN A 1120 -21.65 35.30 -19.78
N ALA A 1121 -20.69 35.80 -20.57
CA ALA A 1121 -19.44 36.27 -19.98
C ALA A 1121 -19.68 37.22 -18.81
N GLY A 1122 -20.63 38.14 -18.98
CA GLY A 1122 -20.92 39.08 -17.90
C GLY A 1122 -21.64 38.43 -16.74
N PHE A 1123 -22.75 37.75 -17.02
CA PHE A 1123 -23.47 37.04 -15.98
C PHE A 1123 -22.54 36.14 -15.18
N GLN A 1124 -21.75 35.33 -15.89
CA GLN A 1124 -20.79 34.46 -15.21
C GLN A 1124 -19.88 35.27 -14.28
N THR A 1125 -19.41 36.42 -14.75
CA THR A 1125 -18.56 37.25 -13.91
C THR A 1125 -19.29 37.65 -12.63
N MET A 1126 -20.50 38.20 -12.77
CA MET A 1126 -21.26 38.61 -11.59
C MET A 1126 -21.23 37.53 -10.52
N LEU A 1127 -21.56 36.29 -10.92
CA LEU A 1127 -21.58 35.19 -9.98
C LEU A 1127 -20.21 35.03 -9.33
N ALA A 1128 -19.15 35.00 -10.14
CA ALA A 1128 -17.81 34.91 -9.60
C ALA A 1128 -17.58 36.01 -8.56
N CYS A 1129 -17.94 37.25 -8.91
CA CYS A 1129 -17.76 38.35 -7.99
C CYS A 1129 -18.68 38.21 -6.79
N LEU A 1130 -19.93 37.80 -7.03
CA LEU A 1130 -20.86 37.61 -5.93
C LEU A 1130 -20.26 36.74 -4.84
N MET A 1131 -19.30 35.89 -5.18
CA MET A 1131 -18.60 35.05 -4.22
C MET A 1131 -17.43 35.79 -3.56
N THR A 1132 -17.57 37.10 -3.37
CA THR A 1132 -16.57 37.92 -2.69
C THR A 1132 -17.30 38.96 -1.85
N ASP A 1133 -16.52 39.85 -1.23
CA ASP A 1133 -17.08 40.89 -0.37
C ASP A 1133 -16.99 42.28 -1.00
N ALA A 1134 -16.46 42.40 -2.21
CA ALA A 1134 -16.39 43.69 -2.88
C ALA A 1134 -17.77 44.22 -3.22
N PRO A 1135 -18.16 45.39 -2.72
CA PRO A 1135 -19.53 45.88 -2.96
C PRO A 1135 -19.66 46.62 -4.28
N LEU A 1136 -18.57 47.25 -4.72
CA LEU A 1136 -18.54 47.99 -5.97
C LEU A 1136 -17.38 47.46 -6.79
N ILE A 1137 -17.66 47.12 -8.05
CA ILE A 1137 -16.70 46.42 -8.89
C ILE A 1137 -16.88 46.77 -10.35
N TYR A 1138 -15.81 47.28 -10.97
CA TYR A 1138 -15.77 47.61 -12.39
C TYR A 1138 -15.21 46.43 -13.18
N THR A 1139 -15.95 45.99 -14.21
CA THR A 1139 -15.55 44.84 -15.02
C THR A 1139 -15.62 45.18 -16.50
N GLY A 1140 -14.76 44.51 -17.27
CA GLY A 1140 -14.64 44.75 -18.69
C GLY A 1140 -13.52 45.67 -19.09
N LEU A 1141 -12.42 45.71 -18.36
CA LEU A 1141 -11.33 46.66 -18.56
C LEU A 1141 -10.05 45.94 -18.93
N ASP A 1142 -9.43 46.36 -20.04
CA ASP A 1142 -8.17 45.79 -20.51
C ASP A 1142 -7.03 46.59 -19.89
N ARG A 1143 -6.36 46.01 -18.89
CA ARG A 1143 -5.24 46.67 -18.23
C ARG A 1143 -4.02 46.84 -19.13
N SER A 1144 -4.07 46.35 -20.37
CA SER A 1144 -2.96 46.56 -21.29
C SER A 1144 -3.00 47.96 -21.88
N LYS A 1145 -4.14 48.35 -22.45
CA LYS A 1145 -4.28 49.68 -23.02
C LYS A 1145 -3.93 50.76 -21.98
N LYS A 1146 -3.54 51.95 -22.43
CA LYS A 1146 -2.95 52.92 -21.51
C LYS A 1146 -4.00 53.58 -20.62
N GLU A 1147 -5.13 54.01 -21.20
CA GLU A 1147 -6.13 54.73 -20.42
C GLU A 1147 -6.46 54.00 -19.14
N ILE A 1148 -6.64 52.68 -19.22
CA ILE A 1148 -6.89 51.88 -18.03
C ILE A 1148 -5.63 51.84 -17.17
N HIS A 1149 -4.49 51.60 -17.80
CA HIS A 1149 -3.24 51.50 -17.06
C HIS A 1149 -2.99 52.75 -16.24
N GLU A 1150 -3.30 53.92 -16.79
CA GLU A 1150 -3.11 55.16 -16.05
C GLU A 1150 -4.12 55.35 -14.93
N MET A 1151 -5.23 54.61 -14.94
CA MET A 1151 -6.18 54.69 -13.84
C MET A 1151 -5.82 53.75 -12.69
N ILE A 1152 -4.97 52.76 -12.95
CA ILE A 1152 -4.54 51.84 -11.91
C ILE A 1152 -3.33 52.43 -11.20
N HIS A 1153 -2.54 53.20 -11.94
CA HIS A 1153 -1.37 53.97 -11.51
C HIS A 1153 -1.00 54.86 -12.69
N ALA A 1154 -0.78 56.15 -12.43
CA ALA A 1154 -0.39 57.10 -13.45
C ALA A 1154 1.08 57.48 -13.39
N ASP A 1155 1.88 56.69 -12.70
CA ASP A 1155 3.29 56.99 -12.45
C ASP A 1155 4.21 55.95 -13.08
N ALA A 1156 4.11 54.70 -12.64
CA ALA A 1156 4.95 53.62 -13.16
C ALA A 1156 4.60 53.30 -14.61
N GLU A 1157 5.62 52.94 -15.39
CA GLU A 1157 5.44 52.57 -16.79
C GLU A 1157 4.78 51.20 -16.91
N MET A 1158 4.20 50.94 -18.08
CA MET A 1158 3.50 49.68 -18.35
C MET A 1158 4.45 48.50 -18.18
N GLN A 1159 3.92 47.38 -17.66
CA GLN A 1159 4.73 46.19 -17.42
C GLN A 1159 5.07 45.50 -18.72
N THR A 1160 6.37 45.28 -18.95
CA THR A 1160 6.89 44.60 -20.13
C THR A 1160 7.22 43.14 -19.85
N GLU A 1161 7.14 42.33 -20.91
CA GLU A 1161 7.53 40.92 -20.84
C GLU A 1161 8.47 40.62 -22.00
N GLN A 1162 9.70 40.20 -21.69
CA GLN A 1162 10.67 39.86 -22.72
C GLN A 1162 10.46 38.42 -23.16
N THR A 1163 10.40 38.21 -24.48
CA THR A 1163 10.11 36.90 -25.06
C THR A 1163 11.21 36.55 -26.06
N PHE A 1164 11.99 35.53 -25.76
CA PHE A 1164 13.09 35.09 -26.62
C PHE A 1164 12.60 34.06 -27.62
N TYR A 1165 13.05 34.21 -28.86
CA TYR A 1165 12.69 33.31 -29.95
C TYR A 1165 13.95 32.62 -30.44
N VAL A 1166 13.92 31.29 -30.49
CA VAL A 1166 15.09 30.49 -30.80
C VAL A 1166 14.80 29.62 -32.02
N PHE A 1167 15.85 29.34 -32.79
CA PHE A 1167 15.74 28.57 -34.02
C PHE A 1167 16.84 27.53 -34.08
N PHE A 1168 16.57 26.45 -34.83
CA PHE A 1168 17.22 25.17 -34.67
C PHE A 1168 17.96 24.69 -35.91
N LYS A 1169 19.03 23.92 -35.66
CA LYS A 1169 19.69 23.14 -36.69
C LYS A 1169 20.56 22.11 -35.98
N THR A 1170 20.18 20.83 -36.06
CA THR A 1170 20.80 19.77 -35.27
C THR A 1170 21.49 18.75 -36.16
N ASP A 1171 22.55 18.14 -35.62
CA ASP A 1171 23.27 17.09 -36.31
C ASP A 1171 22.60 15.71 -36.21
N GLN A 1172 22.59 15.16 -35.00
CA GLN A 1172 22.27 13.75 -34.76
C GLN A 1172 20.79 13.42 -34.73
N THR A 1173 19.90 14.37 -34.96
CA THR A 1173 18.46 14.14 -34.93
C THR A 1173 17.99 13.70 -33.54
N LYS A 1174 18.87 13.75 -32.55
CA LYS A 1174 18.55 13.44 -31.15
C LYS A 1174 17.62 14.50 -30.59
N ALA A 1175 16.39 14.13 -30.25
CA ALA A 1175 15.45 15.13 -29.74
C ALA A 1175 16.04 15.81 -28.51
N VAL A 1176 16.59 17.01 -28.71
CA VAL A 1176 17.25 17.74 -27.63
C VAL A 1176 16.41 18.88 -27.09
N GLU A 1177 15.30 19.22 -27.75
CA GLU A 1177 14.46 20.33 -27.35
C GLU A 1177 14.29 20.41 -25.83
N GLU A 1178 13.83 19.32 -25.22
CA GLU A 1178 13.54 19.34 -23.79
C GLU A 1178 14.78 19.74 -22.99
N ARG A 1179 15.93 19.15 -23.31
CA ARG A 1179 17.16 19.52 -22.62
C ARG A 1179 17.55 20.97 -22.90
N LEU A 1180 17.19 21.49 -24.09
CA LEU A 1180 17.62 22.82 -24.47
C LEU A 1180 16.74 23.90 -23.85
N TYR A 1181 15.43 23.77 -23.98
CA TYR A 1181 14.52 24.71 -23.34
C TYR A 1181 14.92 24.94 -21.89
N GLN A 1182 15.05 23.86 -21.12
CA GLN A 1182 15.38 23.98 -19.71
C GLN A 1182 16.73 24.66 -19.50
N SER A 1183 17.67 24.49 -20.43
CA SER A 1183 18.98 25.13 -20.26
C SER A 1183 18.88 26.63 -20.42
N ILE A 1184 18.06 27.10 -21.36
CA ILE A 1184 17.85 28.53 -21.53
C ILE A 1184 17.05 29.09 -20.36
N HIS A 1185 15.99 28.37 -19.97
CA HIS A 1185 15.09 28.84 -18.93
C HIS A 1185 15.82 28.99 -17.59
N THR A 1186 16.85 28.17 -17.36
CA THR A 1186 17.55 28.23 -16.09
C THR A 1186 18.53 29.38 -16.03
N CYS A 1187 19.03 29.83 -17.19
CA CYS A 1187 19.94 30.97 -17.23
C CYS A 1187 19.21 32.30 -17.20
N LEU A 1188 17.98 32.37 -17.73
CA LEU A 1188 17.30 33.66 -17.79
C LEU A 1188 16.58 34.07 -16.51
N GLN A 1189 16.19 33.11 -15.67
CA GLN A 1189 15.38 33.49 -14.51
C GLN A 1189 16.21 34.29 -13.52
N SER A 1190 17.38 33.78 -13.16
CA SER A 1190 18.21 34.43 -12.16
C SER A 1190 18.35 35.95 -12.36
N ARG A 1191 18.56 36.41 -13.60
CA ARG A 1191 18.98 37.80 -13.81
C ARG A 1191 18.11 38.59 -14.78
N LEU A 1192 16.78 38.45 -14.73
CA LEU A 1192 15.96 39.24 -15.63
C LEU A 1192 15.20 40.36 -14.93
N SER A 1193 14.60 40.08 -13.77
CA SER A 1193 13.82 41.07 -13.02
C SER A 1193 12.59 41.52 -13.82
N GLY A 1194 11.67 40.57 -13.96
CA GLY A 1194 10.46 40.80 -14.74
C GLY A 1194 9.70 39.51 -14.95
N GLU A 1195 9.02 39.45 -16.09
CA GLU A 1195 8.26 38.27 -16.49
C GLU A 1195 8.56 37.95 -17.95
N TYR A 1196 9.16 36.79 -18.17
CA TYR A 1196 9.68 36.40 -19.47
C TYR A 1196 9.04 35.09 -19.89
N ALA A 1197 9.35 34.70 -21.13
CA ALA A 1197 8.89 33.43 -21.67
C ALA A 1197 9.75 33.11 -22.88
N VAL A 1198 10.21 31.86 -22.95
CA VAL A 1198 10.99 31.38 -24.07
C VAL A 1198 10.04 30.68 -25.03
N HIS A 1199 10.22 30.93 -26.32
CA HIS A 1199 9.37 30.35 -27.34
C HIS A 1199 10.28 29.65 -28.34
N LEU A 1200 10.06 28.35 -28.53
CA LEU A 1200 10.93 27.52 -29.33
C LEU A 1200 10.24 27.10 -30.62
N PHE A 1201 11.04 26.97 -31.68
CA PHE A 1201 10.57 26.60 -33.00
C PHE A 1201 11.21 25.28 -33.44
N PRO A 1202 10.49 24.45 -34.20
CA PRO A 1202 11.10 23.22 -34.71
C PRO A 1202 12.32 23.49 -35.59
N GLU A 1203 13.03 22.41 -35.88
CA GLU A 1203 14.15 22.49 -36.82
C GLU A 1203 13.67 22.85 -38.23
N GLU A 1204 12.56 22.25 -38.67
CA GLU A 1204 12.18 22.32 -40.08
C GLU A 1204 11.51 23.63 -40.45
N TYR A 1205 11.75 24.69 -39.68
CA TYR A 1205 11.44 26.05 -40.08
C TYR A 1205 12.69 26.86 -40.38
N TRP A 1206 13.78 26.58 -39.66
CA TRP A 1206 15.06 27.21 -39.92
C TRP A 1206 15.37 27.24 -41.41
N LYS A 1207 15.81 28.41 -41.87
CA LYS A 1207 16.32 28.60 -43.21
C LYS A 1207 17.56 29.50 -43.15
N GLU A 1208 18.34 29.41 -44.21
CA GLU A 1208 19.59 30.14 -44.36
C GLU A 1208 19.60 30.71 -45.76
N THR A 1209 20.01 31.97 -45.89
CA THR A 1209 20.12 32.59 -47.20
C THR A 1209 20.94 31.67 -48.11
N GLU A 1210 20.80 31.87 -49.43
CA GLU A 1210 21.44 30.97 -50.39
C GLU A 1210 22.90 30.74 -50.04
N ASP A 1211 23.63 31.81 -49.73
CA ASP A 1211 25.05 31.66 -49.42
C ASP A 1211 25.59 32.78 -48.54
N GLY A 1212 24.73 33.61 -47.95
CA GLY A 1212 25.14 34.75 -47.16
C GLY A 1212 25.13 34.42 -45.67
N SER A 1213 23.99 34.65 -45.03
CA SER A 1213 23.87 34.66 -43.57
C SER A 1213 22.62 33.92 -43.11
N PRO A 1214 22.43 33.66 -41.81
CA PRO A 1214 21.21 32.97 -41.37
C PRO A 1214 19.99 33.79 -41.77
N ASP A 1215 18.95 33.09 -42.23
CA ASP A 1215 17.80 33.75 -42.85
C ASP A 1215 17.03 34.53 -41.78
N GLU A 1216 17.56 35.72 -41.46
CA GLU A 1216 16.91 36.59 -40.49
C GLU A 1216 15.57 37.08 -41.00
N ALA A 1217 15.43 37.24 -42.33
CA ALA A 1217 14.17 37.70 -42.90
C ALA A 1217 13.03 36.71 -42.62
N TYR A 1218 13.30 35.42 -42.78
CA TYR A 1218 12.27 34.41 -42.57
C TYR A 1218 11.92 34.30 -41.09
N PHE A 1219 12.87 34.61 -40.21
CA PHE A 1219 12.64 34.54 -38.77
C PHE A 1219 11.84 35.76 -38.29
N HIS A 1220 12.35 36.97 -38.55
CA HIS A 1220 11.62 38.17 -38.14
C HIS A 1220 10.20 38.17 -38.70
N GLU A 1221 9.96 37.47 -39.80
CA GLU A 1221 8.59 37.31 -40.29
C GLU A 1221 7.78 36.38 -39.39
N LEU A 1222 8.37 35.26 -38.97
CA LEU A 1222 7.65 34.29 -38.17
C LEU A 1222 7.27 34.86 -36.80
N ILE A 1223 8.18 35.64 -36.20
CA ILE A 1223 7.93 36.15 -34.86
C ILE A 1223 6.63 36.95 -34.81
N GLU A 1224 6.25 37.56 -35.93
CA GLU A 1224 5.02 38.34 -35.95
C GLU A 1224 3.78 37.45 -36.10
N GLU A 1225 3.86 36.45 -36.98
CA GLU A 1225 2.73 35.53 -37.15
C GLU A 1225 2.30 34.90 -35.84
N SER A 1226 3.19 34.87 -34.83
CA SER A 1226 2.85 34.38 -33.51
C SER A 1226 2.39 35.56 -32.66
N GLY A 1227 1.11 35.86 -32.74
CA GLY A 1227 0.53 36.97 -32.00
C GLY A 1227 -0.57 37.69 -32.75
N GLU B 13 55.45 -30.57 96.21
CA GLU B 13 55.29 -29.62 97.31
C GLU B 13 55.70 -28.22 96.87
N SER B 14 56.89 -28.10 96.26
CA SER B 14 57.29 -26.84 95.65
C SER B 14 56.25 -26.38 94.64
N MET B 15 55.42 -27.29 94.12
CA MET B 15 54.35 -26.87 93.22
C MET B 15 53.28 -26.10 93.98
N ASP B 16 52.84 -26.63 95.12
CA ASP B 16 51.74 -26.01 95.85
C ASP B 16 52.23 -24.83 96.69
N ALA B 17 53.49 -24.86 97.13
CA ALA B 17 54.05 -23.70 97.81
C ALA B 17 54.06 -22.48 96.90
N ILE B 18 54.44 -22.67 95.64
CA ILE B 18 54.43 -21.57 94.67
C ILE B 18 53.00 -21.12 94.37
N LEU B 19 52.14 -22.04 93.95
CA LEU B 19 50.79 -21.63 93.52
C LEU B 19 50.10 -20.77 94.57
N GLN B 20 50.28 -21.08 95.86
CA GLN B 20 49.70 -20.23 96.89
C GLN B 20 50.41 -18.88 96.94
N ASP B 21 51.73 -18.88 96.82
CA ASP B 21 52.49 -17.62 96.82
C ASP B 21 52.14 -16.73 95.64
N VAL B 22 51.46 -17.26 94.62
CA VAL B 22 50.97 -16.42 93.54
C VAL B 22 49.67 -15.73 93.93
N LYS B 23 48.79 -16.44 94.63
CA LYS B 23 47.50 -15.85 95.02
C LYS B 23 47.70 -14.64 95.90
N THR B 24 48.65 -14.70 96.85
CA THR B 24 48.90 -13.54 97.70
C THR B 24 49.44 -12.38 96.87
N THR B 25 50.18 -12.67 95.80
CA THR B 25 50.68 -11.61 94.94
C THR B 25 49.57 -11.05 94.06
N ILE B 26 48.58 -11.86 93.69
CA ILE B 26 47.46 -11.38 92.89
C ILE B 26 46.59 -10.43 93.71
N LEU B 27 46.67 -10.51 95.03
CA LEU B 27 45.94 -9.60 95.91
C LEU B 27 46.69 -8.29 96.12
N GLN B 28 47.98 -8.25 95.77
CA GLN B 28 48.73 -7.01 95.84
C GLN B 28 47.99 -5.88 95.11
N THR B 29 47.38 -6.20 93.97
CA THR B 29 46.55 -5.25 93.24
C THR B 29 45.23 -5.10 93.99
N ASN B 30 44.90 -3.88 94.39
CA ASN B 30 43.78 -3.67 95.30
C ASN B 30 42.44 -3.62 94.58
N GLU B 31 42.43 -3.24 93.30
CA GLU B 31 41.19 -3.08 92.56
C GLU B 31 40.45 -4.39 92.35
N ILE B 32 41.06 -5.53 92.63
CA ILE B 32 40.47 -6.84 92.35
C ILE B 32 39.92 -7.43 93.65
N GLU B 33 38.69 -7.97 93.58
CA GLU B 33 37.98 -8.54 94.72
C GLU B 33 37.50 -9.97 94.51
N ARG B 34 37.81 -10.59 93.38
CA ARG B 34 37.57 -12.02 93.21
C ARG B 34 38.37 -12.49 91.99
N PHE B 35 38.88 -13.71 92.06
CA PHE B 35 39.78 -14.19 91.00
C PHE B 35 39.77 -15.71 91.02
N ALA B 36 40.56 -16.29 90.11
CA ALA B 36 40.73 -17.74 90.03
C ALA B 36 42.03 -18.01 89.27
N VAL B 37 42.79 -18.99 89.73
CA VAL B 37 44.09 -19.32 89.15
C VAL B 37 44.28 -20.83 89.20
N PHE B 38 44.79 -21.39 88.09
CA PHE B 38 45.14 -22.80 88.03
C PHE B 38 46.43 -22.98 87.24
N SER B 39 47.10 -24.09 87.50
CA SER B 39 48.39 -24.40 86.88
C SER B 39 48.28 -25.67 86.04
N ARG B 40 49.14 -25.78 85.04
CA ARG B 40 49.22 -26.96 84.19
C ARG B 40 50.68 -27.20 83.82
N GLU B 41 51.08 -28.46 83.76
CA GLU B 41 52.39 -28.84 83.22
C GLU B 41 52.21 -29.33 81.80
N LYS B 42 53.13 -28.94 80.92
CA LYS B 42 53.02 -29.24 79.50
C LYS B 42 54.42 -29.39 78.91
N THR B 43 54.50 -30.16 77.83
CA THR B 43 55.74 -30.34 77.10
C THR B 43 55.87 -29.25 76.04
N ILE B 44 57.12 -28.88 75.73
CA ILE B 44 57.36 -27.77 74.82
C ILE B 44 57.44 -28.32 73.40
N ARG B 45 56.87 -27.57 72.46
CA ARG B 45 57.01 -27.87 71.04
C ARG B 45 57.88 -26.80 70.38
N PRO B 46 59.02 -27.15 69.78
CA PRO B 46 59.97 -26.13 69.33
C PRO B 46 59.32 -25.04 68.49
N ARG B 47 59.79 -23.81 68.73
CA ARG B 47 59.21 -22.66 68.03
C ARG B 47 59.46 -22.78 66.54
N PRO B 48 58.46 -22.51 65.70
CA PRO B 48 58.67 -22.58 64.25
C PRO B 48 59.66 -21.53 63.78
N TYR B 49 60.04 -21.66 62.52
CA TYR B 49 60.77 -20.60 61.83
C TYR B 49 59.76 -19.65 61.20
N HIS B 50 60.18 -18.42 60.96
CA HIS B 50 59.37 -17.49 60.20
C HIS B 50 60.03 -17.28 58.84
N LEU B 51 59.24 -17.44 57.79
CA LEU B 51 59.80 -17.46 56.45
C LEU B 51 60.64 -16.22 56.16
N SER B 52 60.26 -15.06 56.70
CA SER B 52 61.06 -13.87 56.47
C SER B 52 62.46 -14.01 57.06
N HIS B 53 62.58 -14.69 58.20
CA HIS B 53 63.88 -14.95 58.81
C HIS B 53 64.59 -16.15 58.19
N LEU B 54 63.84 -17.06 57.59
CA LEU B 54 64.39 -18.29 57.02
C LEU B 54 64.84 -18.03 55.59
N PHE B 55 63.96 -17.44 54.80
CA PHE B 55 64.26 -17.08 53.42
C PHE B 55 64.42 -15.56 53.49
N LEU B 56 65.59 -15.11 53.97
CA LEU B 56 65.85 -13.69 54.12
C LEU B 56 66.23 -13.05 52.79
N ASP B 57 67.05 -13.71 52.00
CA ASP B 57 67.39 -13.17 50.68
C ASP B 57 66.17 -13.14 49.79
N LYS B 58 65.27 -14.12 49.91
CA LYS B 58 64.04 -14.05 49.12
C LYS B 58 63.14 -12.93 49.64
N HIS B 59 63.24 -12.62 50.94
CA HIS B 59 62.46 -11.51 51.51
C HIS B 59 63.00 -10.16 51.06
N ILE B 60 64.33 -10.00 50.98
CA ILE B 60 64.90 -8.72 50.57
C ILE B 60 64.66 -8.48 49.08
N GLU B 61 64.59 -9.54 48.27
CA GLU B 61 64.31 -9.34 46.85
C GLU B 61 62.82 -9.11 46.60
N GLN B 62 61.97 -9.67 47.45
CA GLN B 62 60.53 -9.44 47.33
C GLN B 62 60.14 -8.06 47.86
N GLU B 63 60.77 -7.62 48.96
CA GLU B 63 60.53 -6.27 49.47
C GLU B 63 61.19 -5.21 48.59
N ALA B 64 62.05 -5.62 47.65
CA ALA B 64 62.55 -4.73 46.61
C ALA B 64 61.65 -4.70 45.39
N ALA B 65 61.02 -5.83 45.06
CA ALA B 65 60.02 -5.86 43.99
C ALA B 65 58.73 -5.18 44.41
N ALA B 66 58.49 -5.02 45.72
CA ALA B 66 57.30 -4.31 46.17
C ALA B 66 57.46 -2.80 46.05
N GLU B 67 58.65 -2.30 46.37
CA GLU B 67 58.95 -0.88 46.15
C GLU B 67 59.32 -0.58 44.71
N ALA B 68 59.70 -1.61 43.94
CA ALA B 68 60.03 -1.40 42.53
C ALA B 68 58.78 -1.08 41.72
N ILE B 69 57.72 -1.87 41.90
CA ILE B 69 56.48 -1.59 41.18
C ILE B 69 55.79 -0.36 41.74
N GLN B 70 55.88 -0.14 43.06
CA GLN B 70 55.33 1.06 43.67
C GLN B 70 56.02 2.33 43.17
N THR B 71 57.15 2.21 42.48
CA THR B 71 57.86 3.37 41.94
C THR B 71 58.25 3.12 40.49
N PRO B 76 52.99 8.61 39.04
CA PRO B 76 52.62 9.25 40.30
C PRO B 76 53.14 10.68 40.38
N ALA B 77 52.69 11.53 39.46
CA ALA B 77 53.19 12.90 39.38
C ALA B 77 52.64 13.75 40.51
N LEU B 78 53.31 14.86 40.78
CA LEU B 78 52.84 15.80 41.78
C LEU B 78 51.49 16.38 41.38
N ALA B 79 50.65 16.62 42.40
CA ALA B 79 49.29 17.11 42.15
C ALA B 79 49.28 18.47 41.45
N ASP B 80 50.38 19.22 41.48
CA ASP B 80 50.44 20.55 40.88
C ASP B 80 51.42 20.63 39.72
N MET B 81 51.99 19.51 39.29
CA MET B 81 53.09 19.55 38.34
C MET B 81 52.62 19.53 36.88
N PRO B 82 51.92 18.50 36.44
CA PRO B 82 51.72 18.32 35.00
C PRO B 82 50.53 19.13 34.50
N PRO B 83 50.72 19.97 33.45
CA PRO B 83 49.57 20.71 32.92
C PRO B 83 48.77 19.90 31.91
N ALA B 84 47.79 20.54 31.25
CA ALA B 84 46.90 19.86 30.31
C ALA B 84 46.85 20.55 28.95
N LEU B 85 47.91 21.26 28.55
CA LEU B 85 47.93 21.99 27.28
C LEU B 85 49.02 21.41 26.40
N SER B 86 48.63 21.02 25.17
CA SER B 86 49.55 20.48 24.18
C SER B 86 49.56 21.37 22.95
N TYR B 87 50.76 21.71 22.49
CA TYR B 87 51.00 22.56 21.33
C TYR B 87 51.82 21.75 20.35
N GLY B 88 51.62 21.97 19.06
CA GLY B 88 52.36 21.19 18.09
C GLY B 88 53.37 22.01 17.32
N GLY B 89 54.06 22.91 18.02
CA GLY B 89 55.08 23.70 17.38
C GLY B 89 54.56 24.78 16.45
N ASP B 90 55.19 25.95 16.50
CA ASP B 90 54.78 27.03 15.60
C ASP B 90 54.78 26.56 14.16
N LEU B 91 53.91 27.16 13.37
CA LEU B 91 53.79 26.83 11.96
C LEU B 91 54.04 28.10 11.14
N ASP B 92 54.55 27.91 9.93
CA ASP B 92 54.84 29.03 9.04
C ASP B 92 53.61 29.28 8.19
N VAL B 93 52.76 30.21 8.64
CA VAL B 93 51.48 30.43 7.96
C VAL B 93 51.63 31.24 6.67
N THR B 94 52.71 32.00 6.52
CA THR B 94 52.90 32.89 5.39
C THR B 94 53.81 32.33 4.30
N GLN B 95 54.15 31.05 4.35
CA GLN B 95 55.02 30.45 3.34
C GLN B 95 54.15 29.66 2.36
N GLY B 96 54.16 30.06 1.10
CA GLY B 96 53.38 29.36 0.10
C GLY B 96 52.02 30.00 -0.10
N ALA B 97 51.26 29.39 -1.00
CA ALA B 97 49.94 29.88 -1.40
C ALA B 97 49.12 30.31 -0.19
N GLN B 98 48.63 31.56 -0.22
CA GLN B 98 47.72 32.06 0.80
C GLN B 98 46.26 31.98 0.36
N THR B 99 45.99 31.66 -0.89
CA THR B 99 44.64 31.42 -1.38
C THR B 99 44.67 30.20 -2.28
N LEU B 100 43.49 29.65 -2.58
CA LEU B 100 43.43 28.41 -3.35
C LEU B 100 43.85 28.61 -4.80
N GLN B 101 43.49 29.75 -5.41
CA GLN B 101 43.89 29.99 -6.78
C GLN B 101 45.40 29.81 -6.94
N ASP B 102 46.17 30.21 -5.93
CA ASP B 102 47.62 30.03 -5.98
C ASP B 102 47.98 28.55 -5.91
N VAL B 103 47.15 27.74 -5.24
CA VAL B 103 47.46 26.33 -5.09
C VAL B 103 47.18 25.57 -6.38
N LEU B 104 46.17 26.00 -7.14
CA LEU B 104 45.89 25.35 -8.41
C LEU B 104 46.96 25.69 -9.45
N THR B 105 47.26 26.99 -9.60
CA THR B 105 48.25 27.40 -10.59
C THR B 105 49.60 26.71 -10.33
N GLU B 106 49.99 26.58 -9.06
CA GLU B 106 51.24 25.91 -8.75
C GLU B 106 51.19 24.42 -9.08
N ALA B 107 50.01 23.81 -8.95
CA ALA B 107 49.90 22.37 -9.24
C ALA B 107 50.03 22.09 -10.73
N ALA B 108 49.45 22.95 -11.58
CA ALA B 108 49.48 22.73 -13.02
C ALA B 108 50.89 22.70 -13.58
N LYS B 109 51.88 23.15 -12.83
CA LYS B 109 53.27 23.15 -13.29
C LYS B 109 53.94 21.78 -13.24
N THR B 110 53.18 20.70 -12.98
CA THR B 110 53.69 19.34 -13.04
C THR B 110 52.81 18.51 -13.96
N THR B 111 53.34 17.38 -14.42
CA THR B 111 52.61 16.47 -15.28
C THR B 111 51.82 15.44 -14.49
N ASN B 112 51.75 15.59 -13.19
CA ASN B 112 50.85 14.81 -12.36
C ASN B 112 49.46 15.43 -12.39
N GLY B 113 48.47 14.62 -11.99
CA GLY B 113 47.11 15.10 -11.97
C GLY B 113 46.12 14.15 -11.32
N LEU B 114 44.99 13.96 -11.98
CA LEU B 114 43.86 13.21 -11.45
C LEU B 114 43.54 12.04 -12.37
N THR B 115 43.19 10.90 -11.77
CA THR B 115 42.81 9.69 -12.50
C THR B 115 41.48 9.22 -11.94
N TYR B 116 40.44 9.18 -12.78
CA TYR B 116 39.10 8.82 -12.34
C TYR B 116 38.74 7.39 -12.75
N ILE B 117 38.24 6.61 -11.79
CA ILE B 117 37.92 5.20 -12.00
C ILE B 117 36.45 5.05 -12.35
N VAL B 118 36.17 4.34 -13.43
CA VAL B 118 34.82 4.02 -13.85
C VAL B 118 34.49 2.54 -13.62
N ASN B 119 35.45 1.66 -13.90
CA ASN B 119 35.27 0.23 -13.72
C ASN B 119 36.65 -0.37 -13.43
N SER B 120 36.73 -1.71 -13.49
CA SER B 120 37.98 -2.40 -13.21
C SER B 120 39.06 -2.13 -14.25
N LYS B 121 38.69 -1.75 -15.48
CA LYS B 121 39.67 -1.64 -16.55
C LYS B 121 39.70 -0.29 -17.26
N ASN B 122 38.98 0.72 -16.76
CA ASN B 122 38.94 2.02 -17.40
C ASN B 122 39.35 3.13 -16.44
N GLU B 123 39.78 4.25 -17.03
CA GLU B 123 40.33 5.38 -16.29
C GLU B 123 40.09 6.64 -17.11
N LEU B 124 40.31 7.79 -16.47
CA LEU B 124 40.17 9.10 -17.10
C LEU B 124 41.28 10.01 -16.59
N THR B 125 41.96 10.67 -17.51
CA THR B 125 43.13 11.47 -17.17
C THR B 125 42.75 12.95 -17.11
N GLN B 126 43.22 13.62 -16.06
CA GLN B 126 43.12 15.08 -15.95
C GLN B 126 44.39 15.56 -15.25
N SER B 127 45.40 15.94 -16.03
CA SER B 127 46.58 16.55 -15.44
C SER B 127 46.16 17.84 -14.72
N TYR B 128 46.85 18.16 -13.64
CA TYR B 128 46.56 19.42 -12.96
C TYR B 128 46.50 20.57 -13.94
N ALA B 129 47.32 20.51 -14.99
CA ALA B 129 47.20 21.49 -16.07
C ALA B 129 45.88 21.33 -16.81
N GLN B 130 45.48 20.10 -17.11
CA GLN B 130 44.19 19.88 -17.75
C GLN B 130 43.06 20.45 -16.91
N LEU B 131 43.23 20.51 -15.59
CA LEU B 131 42.14 20.92 -14.71
C LEU B 131 41.88 22.42 -14.81
N GLN B 132 42.90 23.25 -14.55
CA GLN B 132 42.69 24.69 -14.65
C GLN B 132 42.10 25.08 -15.99
N GLY B 133 42.49 24.38 -17.06
CA GLY B 133 41.88 24.64 -18.36
C GLY B 133 40.43 24.23 -18.40
N ASP B 134 40.13 23.02 -17.93
CA ASP B 134 38.74 22.59 -17.85
C ASP B 134 37.96 23.44 -16.86
N ALA B 135 38.60 23.89 -15.78
CA ALA B 135 37.92 24.70 -14.78
C ALA B 135 37.51 26.06 -15.33
N GLU B 136 38.38 26.67 -16.15
CA GLU B 136 38.05 27.97 -16.72
C GLU B 136 37.04 27.87 -17.86
N ARG B 137 36.84 26.66 -18.42
CA ARG B 137 35.75 26.46 -19.36
C ARG B 137 34.40 26.39 -18.64
N VAL B 138 34.37 25.79 -17.46
CA VAL B 138 33.14 25.77 -16.67
C VAL B 138 32.83 27.17 -16.16
N LEU B 139 33.86 27.92 -15.77
CA LEU B 139 33.67 29.28 -15.28
C LEU B 139 33.00 30.17 -16.32
N THR B 140 33.21 29.88 -17.61
CA THR B 140 32.49 30.60 -18.65
C THR B 140 31.00 30.27 -18.61
N GLY B 141 30.66 29.02 -18.29
CA GLY B 141 29.25 28.65 -18.22
C GLY B 141 28.56 29.20 -16.98
N LEU B 142 29.27 29.23 -15.85
CA LEU B 142 28.66 29.72 -14.62
C LEU B 142 28.32 31.20 -14.72
N ARG B 143 29.28 32.02 -15.19
CA ARG B 143 29.02 33.45 -15.33
C ARG B 143 27.84 33.72 -16.27
N ALA B 144 27.66 32.88 -17.29
CA ALA B 144 26.53 33.06 -18.19
C ALA B 144 25.19 33.02 -17.44
N LEU B 145 24.99 31.97 -16.64
CA LEU B 145 23.76 31.85 -15.87
C LEU B 145 23.51 33.07 -14.99
N GLY B 146 24.56 33.85 -14.71
CA GLY B 146 24.41 35.12 -14.03
C GLY B 146 24.92 35.07 -12.60
N LEU B 147 26.02 34.35 -12.39
CA LEU B 147 26.65 34.26 -11.09
C LEU B 147 27.69 35.36 -10.94
N LYS B 148 27.74 35.96 -9.76
CA LYS B 148 28.75 36.96 -9.43
C LYS B 148 29.52 36.49 -8.20
N ALA B 149 30.76 36.95 -8.07
CA ALA B 149 31.62 36.52 -6.99
C ALA B 149 30.95 36.69 -5.63
N GLY B 150 31.13 35.69 -4.77
CA GLY B 150 30.53 35.67 -3.45
C GLY B 150 29.15 35.07 -3.40
N ASP B 151 28.63 34.55 -4.51
CA ASP B 151 27.29 33.98 -4.54
C ASP B 151 27.35 32.52 -4.14
N PRO B 152 26.60 32.09 -3.11
CA PRO B 152 26.54 30.65 -2.80
C PRO B 152 26.14 29.82 -4.01
N VAL B 153 26.70 28.61 -4.08
CA VAL B 153 26.38 27.64 -5.13
C VAL B 153 26.23 26.26 -4.47
N PHE B 154 25.31 25.47 -5.00
CA PHE B 154 24.89 24.21 -4.40
C PHE B 154 25.37 23.04 -5.24
N PHE B 155 26.06 22.09 -4.60
CA PHE B 155 26.68 20.96 -5.29
C PHE B 155 25.87 19.69 -5.06
N GLN B 156 25.56 19.00 -6.15
CA GLN B 156 24.89 17.70 -6.12
C GLN B 156 25.50 16.88 -7.25
N PHE B 157 26.44 16.01 -6.92
CA PHE B 157 27.23 15.32 -7.93
C PHE B 157 27.31 13.83 -7.67
N SER B 158 27.47 13.09 -8.76
CA SER B 158 27.78 11.67 -8.75
C SER B 158 29.08 11.35 -9.47
N SER B 159 29.47 12.15 -10.47
CA SER B 159 30.72 11.96 -11.19
C SER B 159 31.83 12.74 -10.48
N ASN B 160 32.82 12.03 -9.94
CA ASN B 160 33.94 12.71 -9.31
C ASN B 160 34.56 13.73 -10.25
N HIS B 161 34.57 13.45 -11.56
CA HIS B 161 35.13 14.39 -12.53
C HIS B 161 34.40 15.72 -12.49
N ALA B 162 33.09 15.71 -12.75
CA ALA B 162 32.34 16.95 -12.86
C ALA B 162 32.42 17.77 -11.58
N MET B 163 32.45 17.12 -10.43
CA MET B 163 32.45 17.86 -9.17
C MET B 163 33.79 18.55 -8.93
N VAL B 164 34.89 17.85 -9.23
CA VAL B 164 36.20 18.44 -8.96
C VAL B 164 36.43 19.65 -9.85
N THR B 165 36.13 19.53 -11.15
CA THR B 165 36.31 20.69 -12.04
C THR B 165 35.40 21.82 -11.61
N ALA B 166 34.20 21.50 -11.12
CA ALA B 166 33.27 22.55 -10.70
C ALA B 166 33.76 23.25 -9.45
N PHE B 167 34.35 22.51 -8.51
CA PHE B 167 34.85 23.13 -7.29
C PHE B 167 35.84 24.24 -7.60
N TRP B 168 36.75 24.01 -8.56
CA TRP B 168 37.74 25.02 -8.92
C TRP B 168 37.15 26.12 -9.77
N ALA B 169 36.27 25.77 -10.71
CA ALA B 169 35.58 26.80 -11.48
C ALA B 169 34.95 27.83 -10.55
N CYS B 170 34.59 27.42 -9.33
CA CYS B 170 34.07 28.37 -8.35
C CYS B 170 35.18 29.08 -7.60
N VAL B 171 36.31 28.41 -7.37
CA VAL B 171 37.44 29.08 -6.73
C VAL B 171 37.95 30.20 -7.63
N LEU B 172 38.08 29.92 -8.93
CA LEU B 172 38.50 30.95 -9.88
C LEU B 172 37.52 32.10 -9.90
N GLY B 173 36.27 31.82 -10.29
CA GLY B 173 35.27 32.87 -10.39
C GLY B 173 35.03 33.63 -9.11
N GLY B 174 35.46 33.09 -7.97
CA GLY B 174 35.23 33.72 -6.69
C GLY B 174 33.90 33.37 -6.05
N PHE B 175 33.32 32.23 -6.39
CA PHE B 175 32.05 31.81 -5.83
C PHE B 175 32.28 30.92 -4.61
N VAL B 176 31.20 30.65 -3.89
CA VAL B 176 31.23 29.84 -2.68
C VAL B 176 30.35 28.61 -2.92
N PRO B 177 30.95 27.46 -3.23
CA PRO B 177 30.14 26.25 -3.40
C PRO B 177 29.74 25.64 -2.07
N THR B 178 28.61 24.94 -2.10
CA THR B 178 28.04 24.29 -0.92
C THR B 178 28.13 22.78 -1.11
N LEU B 179 28.81 22.11 -0.19
CA LEU B 179 29.14 20.69 -0.30
C LEU B 179 28.14 19.88 0.50
N VAL B 180 27.29 19.12 -0.20
CA VAL B 180 26.32 18.23 0.43
C VAL B 180 26.19 16.97 -0.42
N SER B 181 25.91 15.87 0.26
CA SER B 181 25.79 14.59 -0.43
C SER B 181 24.57 14.57 -1.33
N ALA B 182 24.66 13.77 -2.39
CA ALA B 182 23.52 13.59 -3.27
C ALA B 182 22.44 12.77 -2.59
N ALA B 183 21.20 13.02 -2.96
CA ALA B 183 20.10 12.28 -2.39
C ALA B 183 20.03 10.88 -2.99
N PRO B 184 19.71 9.85 -2.21
CA PRO B 184 19.50 8.52 -2.81
C PRO B 184 18.46 8.54 -3.92
N THR B 185 17.38 9.30 -3.75
CA THR B 185 16.34 9.41 -4.76
C THR B 185 15.64 10.76 -4.62
N TYR B 186 15.33 11.37 -5.75
CA TYR B 186 14.60 12.64 -5.80
C TYR B 186 13.14 12.46 -6.20
N ARG B 187 12.70 11.24 -6.51
CA ARG B 187 11.33 11.05 -6.97
C ARG B 187 10.32 11.43 -5.89
N GLU B 188 10.64 11.14 -4.63
CA GLU B 188 9.74 11.42 -3.52
C GLU B 188 10.53 12.05 -2.39
N MET B 189 9.84 12.90 -1.61
CA MET B 189 10.45 13.50 -0.44
C MET B 189 10.90 12.42 0.52
N ASN B 190 11.93 12.71 1.33
CA ASN B 190 12.46 11.73 2.25
C ASN B 190 13.25 12.46 3.34
N ALA B 191 14.06 11.71 4.10
CA ALA B 191 14.86 12.31 5.16
C ALA B 191 15.94 13.23 4.58
N ALA B 192 16.55 12.83 3.48
CA ALA B 192 17.58 13.67 2.87
C ALA B 192 16.98 14.91 2.23
N VAL B 193 16.09 14.71 1.26
CA VAL B 193 15.50 15.84 0.52
C VAL B 193 14.88 16.85 1.48
N LYS B 194 14.46 16.40 2.67
CA LYS B 194 13.93 17.32 3.67
C LYS B 194 15.02 18.24 4.22
N LYS B 195 16.14 17.66 4.64
CA LYS B 195 17.27 18.48 5.09
C LYS B 195 17.77 19.40 3.98
N LEU B 196 17.68 18.97 2.73
CA LEU B 196 18.15 19.78 1.61
C LEU B 196 17.28 21.03 1.42
N HIS B 197 15.96 20.90 1.53
CA HIS B 197 15.11 22.07 1.37
C HIS B 197 15.46 23.14 2.40
N HIS B 198 15.80 22.72 3.63
CA HIS B 198 16.19 23.67 4.66
C HIS B 198 17.43 24.46 4.24
N ALA B 199 18.46 23.75 3.78
CA ALA B 199 19.68 24.44 3.35
C ALA B 199 19.41 25.30 2.13
N TRP B 200 18.79 24.72 1.10
CA TRP B 200 18.50 25.47 -0.12
C TRP B 200 17.72 26.74 0.17
N LYS B 201 16.82 26.70 1.16
CA LYS B 201 16.06 27.88 1.54
C LYS B 201 16.84 28.79 2.48
N LEU B 202 17.73 28.23 3.31
CA LEU B 202 18.55 29.05 4.18
C LEU B 202 19.49 29.93 3.38
N LEU B 203 19.96 29.45 2.23
CA LEU B 203 20.95 30.15 1.44
C LEU B 203 20.29 31.06 0.40
N GLU B 204 19.01 31.38 0.57
CA GLU B 204 18.29 32.29 -0.32
C GLU B 204 18.29 31.77 -1.76
N HIS B 205 17.91 30.50 -1.92
CA HIS B 205 17.71 29.87 -3.22
C HIS B 205 18.95 29.86 -4.11
N PRO B 206 20.08 29.34 -3.64
CA PRO B 206 21.28 29.35 -4.47
C PRO B 206 21.10 28.44 -5.68
N LEU B 207 22.07 28.52 -6.59
CA LEU B 207 22.08 27.67 -7.76
C LEU B 207 22.52 26.27 -7.38
N ILE B 208 22.00 25.29 -8.11
CA ILE B 208 22.39 23.90 -7.93
C ILE B 208 23.16 23.46 -9.17
N LEU B 209 24.25 22.73 -8.94
CA LEU B 209 25.20 22.34 -9.97
C LEU B 209 25.30 20.82 -9.98
N THR B 210 25.09 20.21 -11.14
CA THR B 210 24.97 18.75 -11.24
C THR B 210 25.75 18.25 -12.44
N ASP B 211 25.77 16.92 -12.58
CA ASP B 211 26.29 16.23 -13.75
C ASP B 211 25.13 15.92 -14.70
N ASP B 212 25.45 15.33 -15.85
CA ASP B 212 24.40 15.05 -16.83
C ASP B 212 23.41 14.01 -16.35
N SER B 213 23.85 13.07 -15.52
CA SER B 213 22.98 11.96 -15.15
C SER B 213 21.89 12.40 -14.19
N LEU B 214 22.22 13.26 -13.23
CA LEU B 214 21.30 13.61 -12.15
C LEU B 214 20.44 14.82 -12.45
N ILE B 215 20.71 15.57 -13.51
CA ILE B 215 19.96 16.80 -13.75
C ILE B 215 18.49 16.49 -14.00
N GLU B 216 18.20 15.46 -14.80
CA GLU B 216 16.81 15.12 -15.10
C GLU B 216 16.02 14.87 -13.82
N GLU B 217 16.62 14.19 -12.84
CA GLU B 217 15.90 13.88 -11.59
C GLU B 217 15.91 15.06 -10.64
N VAL B 218 16.97 15.87 -10.64
CA VAL B 218 17.05 16.97 -9.69
C VAL B 218 16.10 18.09 -10.10
N GLN B 219 15.95 18.30 -11.42
CA GLN B 219 15.00 19.29 -11.90
C GLN B 219 13.58 18.98 -11.41
N GLY B 220 13.33 17.73 -11.02
CA GLY B 220 12.04 17.35 -10.44
C GLY B 220 11.75 17.98 -9.09
N LEU B 221 12.77 18.44 -8.37
CA LEU B 221 12.54 19.04 -7.06
C LEU B 221 11.64 20.27 -7.13
N ALA B 222 11.45 20.85 -8.31
CA ALA B 222 10.52 21.98 -8.43
C ALA B 222 9.10 21.57 -8.07
N PHE B 223 8.68 20.38 -8.51
CA PHE B 223 7.34 19.90 -8.18
C PHE B 223 7.29 19.39 -6.74
N LEU B 224 8.35 18.73 -6.27
CA LEU B 224 8.36 18.21 -4.91
C LEU B 224 8.40 19.34 -3.89
N TRP B 225 9.25 20.34 -4.13
CA TRP B 225 9.35 21.48 -3.21
C TRP B 225 8.34 22.59 -3.51
N HIS B 226 7.58 22.48 -4.61
CA HIS B 226 6.55 23.44 -4.97
C HIS B 226 7.07 24.87 -5.11
N THR B 227 8.37 25.03 -5.34
CA THR B 227 8.97 26.34 -5.54
C THR B 227 9.45 26.49 -6.98
N ASP B 228 9.33 27.70 -7.53
CA ASP B 228 9.74 28.00 -8.89
C ASP B 228 11.09 28.70 -8.98
N GLN B 229 11.65 29.13 -7.86
CA GLN B 229 12.95 29.79 -7.83
C GLN B 229 14.10 28.80 -7.74
N LEU B 230 13.87 27.55 -8.11
CA LEU B 230 14.89 26.52 -8.11
C LEU B 230 15.21 26.15 -9.56
N ARG B 231 16.49 26.17 -9.90
CA ARG B 231 16.94 25.63 -11.18
C ARG B 231 18.38 25.15 -11.08
N VAL B 232 18.73 24.28 -12.03
CA VAL B 232 19.97 23.53 -12.00
C VAL B 232 20.64 23.62 -13.38
N ALA B 233 21.94 23.35 -13.38
CA ALA B 233 22.75 23.38 -14.58
C ALA B 233 23.70 22.20 -14.55
N ALA B 234 23.93 21.59 -15.71
CA ALA B 234 24.82 20.44 -15.82
C ALA B 234 26.22 20.92 -16.20
N VAL B 235 27.22 20.47 -15.43
CA VAL B 235 28.60 20.88 -15.69
C VAL B 235 29.14 20.21 -16.94
N GLU B 236 28.86 18.91 -17.12
CA GLU B 236 29.47 18.15 -18.20
C GLU B 236 29.51 18.89 -19.53
N PRO B 237 28.40 19.42 -20.06
CA PRO B 237 28.45 20.10 -21.37
C PRO B 237 29.09 21.47 -21.31
N MET B 238 29.49 21.97 -20.15
CA MET B 238 30.17 23.26 -20.07
C MET B 238 31.65 23.16 -20.41
N LEU B 239 32.20 21.95 -20.48
CA LEU B 239 33.60 21.75 -20.84
C LEU B 239 33.84 21.91 -22.34
N THR B 240 32.79 22.15 -23.13
CA THR B 240 32.91 22.38 -24.57
C THR B 240 32.84 23.86 -24.90
N LEU B 241 33.20 24.72 -23.95
CA LEU B 241 33.06 26.17 -24.08
C LEU B 241 34.44 26.82 -24.18
N GLU B 242 34.47 28.15 -24.13
CA GLU B 242 35.70 28.92 -24.14
C GLU B 242 36.27 29.03 -22.73
N ARG B 243 37.55 29.39 -22.65
CA ARG B 243 38.19 29.59 -21.36
C ARG B 243 37.85 30.99 -20.81
N ASP B 244 38.48 31.33 -19.68
CA ASP B 244 38.27 32.64 -19.06
C ASP B 244 39.43 32.86 -18.09
N THR B 245 40.44 33.61 -18.54
CA THR B 245 41.59 33.92 -17.70
C THR B 245 41.24 34.88 -16.56
N ALA B 246 40.14 35.63 -16.70
CA ALA B 246 39.76 36.64 -15.72
C ALA B 246 39.32 35.94 -14.43
N ALA B 247 40.31 35.61 -13.61
CA ALA B 247 40.06 34.98 -12.32
C ALA B 247 39.82 36.07 -11.29
N HIS B 248 38.78 35.89 -10.49
CA HIS B 248 38.45 36.91 -9.49
C HIS B 248 39.53 36.97 -8.42
N PRO B 249 39.87 38.16 -7.92
CA PRO B 249 40.90 38.25 -6.88
C PRO B 249 40.43 37.60 -5.59
N ALA B 250 41.30 36.77 -5.01
CA ALA B 250 41.01 36.13 -3.74
C ALA B 250 41.56 36.96 -2.58
N ALA B 251 41.01 36.71 -1.41
CA ALA B 251 41.51 37.24 -0.15
C ALA B 251 41.85 36.08 0.77
N PRO B 252 42.63 36.31 1.82
CA PRO B 252 42.88 35.23 2.78
C PRO B 252 41.69 34.97 3.69
N ASP B 253 40.77 35.92 3.81
CA ASP B 253 39.60 35.78 4.69
C ASP B 253 38.29 35.72 3.92
N ASP B 254 38.33 35.68 2.59
CA ASP B 254 37.11 35.47 1.83
C ASP B 254 36.57 34.06 2.09
N SER B 255 35.24 33.95 2.14
CA SER B 255 34.62 32.63 2.33
C SER B 255 34.86 31.78 1.08
N VAL B 256 35.34 30.56 1.27
CA VAL B 256 35.76 29.72 0.15
C VAL B 256 34.71 28.66 -0.20
N PHE B 257 34.16 27.96 0.80
CA PHE B 257 33.11 26.98 0.52
C PHE B 257 32.26 26.77 1.76
N PHE B 258 31.06 26.23 1.54
CA PHE B 258 30.15 25.83 2.61
C PHE B 258 30.12 24.31 2.72
N ILE B 259 30.20 23.80 3.95
CA ILE B 259 30.15 22.37 4.23
C ILE B 259 29.19 22.15 5.39
N LEU B 260 28.27 21.21 5.24
CA LEU B 260 27.19 20.99 6.18
C LEU B 260 27.44 19.79 7.08
N THR B 261 26.70 19.73 8.19
CA THR B 261 26.68 18.57 9.07
C THR B 261 25.57 17.64 8.64
N SER B 262 25.79 16.99 7.49
CA SER B 262 24.82 16.03 6.97
C SER B 262 24.48 14.96 8.00
N GLY B 263 25.49 14.49 8.74
CA GLY B 263 25.25 13.57 9.83
C GLY B 263 24.85 14.31 11.09
N SER B 264 23.72 14.99 11.03
CA SER B 264 23.18 15.73 12.18
C SER B 264 21.73 15.29 12.39
N THR B 265 21.44 14.81 13.61
CA THR B 265 20.08 14.37 13.92
C THR B 265 19.07 15.48 13.67
N GLY B 266 19.40 16.71 14.06
CA GLY B 266 18.49 17.82 13.89
C GLY B 266 18.64 18.46 12.52
N MET B 267 17.94 19.58 12.33
CA MET B 267 18.06 20.29 11.07
C MET B 267 19.52 20.65 10.82
N PRO B 268 19.98 20.59 9.58
CA PRO B 268 21.42 20.74 9.32
C PRO B 268 21.91 22.15 9.59
N LYS B 269 23.20 22.23 9.94
CA LYS B 269 23.87 23.50 10.19
C LYS B 269 24.96 23.71 9.15
N CYS B 270 25.18 24.98 8.80
CA CYS B 270 26.06 25.36 7.70
C CYS B 270 27.33 26.00 8.23
N VAL B 271 28.44 25.76 7.54
CA VAL B 271 29.77 26.13 8.02
C VAL B 271 30.46 27.01 6.98
N GLU B 272 30.99 28.16 7.43
CA GLU B 272 31.81 29.03 6.58
C GLU B 272 33.28 28.66 6.75
N HIS B 273 33.99 28.62 5.63
CA HIS B 273 35.44 28.42 5.64
C HIS B 273 36.11 29.53 4.84
N SER B 274 37.26 29.98 5.33
CA SER B 274 38.06 31.00 4.67
C SER B 274 39.27 30.35 4.03
N HIS B 275 39.79 30.99 2.97
CA HIS B 275 40.96 30.47 2.27
C HIS B 275 42.08 30.16 3.25
N ARG B 276 42.24 30.99 4.29
CA ARG B 276 43.33 30.78 5.23
C ARG B 276 42.98 29.73 6.27
N SER B 277 41.74 29.72 6.76
CA SER B 277 41.34 28.72 7.74
C SER B 277 41.47 27.32 7.15
N VAL B 278 41.25 27.16 5.86
CA VAL B 278 41.44 25.88 5.19
C VAL B 278 42.92 25.60 5.02
N LEU B 279 43.62 26.48 4.29
CA LEU B 279 45.06 26.32 4.10
C LEU B 279 45.79 26.19 5.44
N ALA B 280 45.22 26.73 6.52
CA ALA B 280 45.84 26.60 7.83
C ALA B 280 46.08 25.14 8.18
N ASN B 281 45.20 24.25 7.74
CA ASN B 281 45.30 22.85 8.11
C ASN B 281 46.12 22.05 7.10
N VAL B 282 45.94 22.30 5.80
CA VAL B 282 46.67 21.54 4.80
C VAL B 282 48.17 21.78 4.94
N LYS B 283 48.55 22.96 5.44
CA LYS B 283 49.96 23.24 5.68
C LYS B 283 50.46 22.50 6.92
N GLY B 284 49.69 22.57 8.01
CA GLY B 284 50.04 21.80 9.19
C GLY B 284 49.92 20.31 8.96
N THR B 285 48.97 19.89 8.14
CA THR B 285 48.79 18.46 7.85
C THR B 285 50.01 17.91 7.12
N VAL B 286 50.42 18.57 6.02
CA VAL B 286 51.58 18.11 5.27
C VAL B 286 52.81 18.02 6.17
N ALA B 287 52.85 18.84 7.22
CA ALA B 287 53.98 18.78 8.15
C ALA B 287 53.97 17.50 8.95
N ALA B 288 52.88 17.26 9.70
CA ALA B 288 52.85 16.12 10.61
C ALA B 288 52.97 14.80 9.88
N ASN B 289 52.53 14.73 8.62
CA ASN B 289 52.49 13.46 7.90
C ASN B 289 53.59 13.33 6.86
N GLN B 290 54.23 14.42 6.46
CA GLN B 290 55.29 14.42 5.45
C GLN B 290 54.75 13.92 4.10
N PHE B 291 53.95 14.77 3.47
CA PHE B 291 53.40 14.51 2.15
C PHE B 291 54.17 15.29 1.10
N THR B 292 54.10 14.81 -0.14
CA THR B 292 54.98 15.28 -1.20
C THR B 292 54.35 15.00 -2.56
N GLN B 293 54.96 15.57 -3.60
CA GLN B 293 54.55 15.26 -4.97
C GLN B 293 54.58 13.76 -5.26
N GLU B 294 55.36 13.00 -4.48
CA GLU B 294 55.55 11.58 -4.79
C GLU B 294 54.29 10.76 -4.53
N ASP B 295 53.60 11.03 -3.44
CA ASP B 295 52.50 10.17 -3.02
C ASP B 295 51.47 10.00 -4.14
N VAL B 296 50.86 8.83 -4.16
CA VAL B 296 49.68 8.55 -4.99
C VAL B 296 48.51 8.33 -4.04
N SER B 297 47.42 9.07 -4.26
CA SER B 297 46.31 9.14 -3.31
C SER B 297 45.08 8.46 -3.89
N LEU B 298 44.70 7.34 -3.28
CA LEU B 298 43.49 6.63 -3.62
C LEU B 298 42.41 7.02 -2.62
N ASP B 299 41.29 7.54 -3.13
CA ASP B 299 40.21 8.02 -2.28
C ASP B 299 38.88 7.76 -2.96
N TRP B 300 37.94 7.16 -2.22
CA TRP B 300 36.58 6.94 -2.72
C TRP B 300 35.52 7.58 -1.83
N MET B 301 35.88 8.05 -0.64
CA MET B 301 34.92 8.74 0.19
C MET B 301 34.34 9.93 -0.56
N PRO B 302 33.07 10.24 -0.38
CA PRO B 302 32.47 11.34 -1.14
C PRO B 302 33.07 12.68 -0.74
N LEU B 303 32.99 13.64 -1.67
CA LEU B 303 33.59 14.95 -1.45
C LEU B 303 32.79 15.80 -0.46
N ASP B 304 31.50 15.51 -0.26
CA ASP B 304 30.71 16.27 0.69
C ASP B 304 31.17 16.09 2.12
N HIS B 305 32.14 15.22 2.37
CA HIS B 305 32.72 15.04 3.69
C HIS B 305 33.99 15.86 3.83
N ILE B 306 34.26 16.33 5.05
CA ILE B 306 35.42 17.19 5.28
C ILE B 306 36.69 16.48 4.86
N GLY B 307 36.81 15.20 5.17
CA GLY B 307 37.97 14.44 4.73
C GLY B 307 38.04 14.27 3.23
N GLY B 308 36.91 14.41 2.54
CA GLY B 308 36.90 14.24 1.10
C GLY B 308 37.71 15.32 0.40
N ILE B 309 37.67 16.54 0.91
CA ILE B 309 38.36 17.68 0.30
C ILE B 309 39.58 18.08 1.12
N VAL B 310 39.37 18.56 2.35
CA VAL B 310 40.48 19.14 3.11
C VAL B 310 41.58 18.10 3.34
N MET B 311 41.24 16.98 3.98
CA MET B 311 42.28 16.05 4.40
C MET B 311 42.97 15.39 3.22
N PHE B 312 42.30 15.26 2.08
CA PHE B 312 42.83 14.49 0.96
C PHE B 312 42.97 15.31 -0.30
N HIS B 313 41.87 15.67 -0.97
CA HIS B 313 41.97 16.30 -2.28
C HIS B 313 42.82 17.57 -2.23
N LEU B 314 42.45 18.51 -1.36
CA LEU B 314 43.21 19.76 -1.30
C LEU B 314 44.64 19.54 -0.83
N VAL B 315 44.88 18.55 0.04
CA VAL B 315 46.24 18.25 0.45
C VAL B 315 47.05 17.62 -0.68
N ASN B 316 46.39 17.03 -1.68
CA ASN B 316 47.11 16.48 -2.82
C ASN B 316 47.46 17.54 -3.85
N VAL B 317 46.62 18.56 -4.03
CA VAL B 317 46.94 19.60 -5.00
C VAL B 317 47.93 20.61 -4.42
N TYR B 318 47.98 20.76 -3.10
CA TYR B 318 48.98 21.65 -2.51
C TYR B 318 50.38 21.08 -2.68
N THR B 319 50.51 19.76 -2.67
CA THR B 319 51.79 19.09 -2.83
C THR B 319 51.95 18.41 -4.18
N GLY B 320 50.94 18.46 -5.04
CA GLY B 320 51.09 17.96 -6.40
C GLY B 320 51.12 16.45 -6.55
N CYS B 321 50.40 15.71 -5.71
CA CYS B 321 50.35 14.25 -5.81
C CYS B 321 49.64 13.82 -7.08
N GLU B 322 49.88 12.58 -7.48
CA GLU B 322 48.99 11.90 -8.42
C GLU B 322 47.76 11.46 -7.64
N GLN B 323 46.58 11.74 -8.17
CA GLN B 323 45.32 11.43 -7.49
C GLN B 323 44.55 10.35 -8.23
N ILE B 324 43.90 9.48 -7.47
CA ILE B 324 43.00 8.46 -7.98
C ILE B 324 41.69 8.60 -7.22
N ARG B 325 40.59 8.80 -7.93
CA ARG B 325 39.25 8.91 -7.34
C ARG B 325 38.36 7.81 -7.88
N ALA B 326 37.67 7.12 -6.98
CA ALA B 326 36.69 6.11 -7.36
C ALA B 326 35.36 6.41 -6.68
N ARG B 327 34.29 5.90 -7.27
CA ARG B 327 32.96 6.12 -6.71
C ARG B 327 32.81 5.35 -5.40
N THR B 328 32.16 6.00 -4.42
CA THR B 328 31.90 5.33 -3.16
C THR B 328 31.04 4.09 -3.37
N ASP B 329 30.10 4.17 -4.32
CA ASP B 329 29.23 3.03 -4.62
C ASP B 329 30.04 1.82 -5.08
N ASP B 330 30.94 2.02 -6.04
CA ASP B 330 31.71 0.90 -6.58
C ASP B 330 32.47 0.16 -5.48
N PHE B 331 32.90 0.87 -4.44
CA PHE B 331 33.61 0.20 -3.35
C PHE B 331 32.64 -0.59 -2.49
N ILE B 332 31.61 0.09 -1.97
CA ILE B 332 30.66 -0.55 -1.07
C ILE B 332 30.00 -1.75 -1.72
N ALA B 333 29.88 -1.74 -3.06
CA ALA B 333 29.29 -2.87 -3.77
C ALA B 333 30.17 -4.10 -3.74
N GLN B 334 31.47 -3.95 -3.47
CA GLN B 334 32.40 -5.07 -3.37
C GLN B 334 33.73 -4.57 -2.82
N PRO B 335 33.90 -4.54 -1.49
CA PRO B 335 35.08 -3.87 -0.91
C PRO B 335 36.42 -4.45 -1.33
N LEU B 336 36.48 -5.64 -1.92
CA LEU B 336 37.79 -6.14 -2.35
C LEU B 336 38.31 -5.40 -3.58
N ARG B 337 37.60 -4.39 -4.08
CA ARG B 337 38.16 -3.47 -5.05
C ARG B 337 39.11 -2.46 -4.41
N TRP B 338 39.06 -2.31 -3.08
CA TRP B 338 40.03 -1.47 -2.40
C TRP B 338 41.44 -2.01 -2.58
N LEU B 339 41.57 -3.34 -2.60
CA LEU B 339 42.88 -3.95 -2.85
C LEU B 339 43.24 -3.87 -4.33
N ASP B 340 42.29 -4.14 -5.22
CA ASP B 340 42.58 -4.06 -6.64
C ASP B 340 43.11 -2.69 -7.04
N TRP B 341 42.65 -1.63 -6.38
CA TRP B 341 43.07 -0.28 -6.76
C TRP B 341 44.44 0.05 -6.18
N MET B 342 44.67 -0.26 -4.91
CA MET B 342 45.99 -0.03 -4.32
C MET B 342 47.07 -0.82 -5.05
N ASP B 343 46.70 -1.80 -5.86
CA ASP B 343 47.63 -2.58 -6.68
C ASP B 343 47.67 -2.11 -8.13
N ARG B 344 46.52 -1.74 -8.70
CA ARG B 344 46.52 -1.29 -10.08
C ARG B 344 47.13 0.10 -10.24
N TYR B 345 47.24 0.87 -9.15
CA TYR B 345 47.78 2.22 -9.19
C TYR B 345 48.98 2.40 -8.26
N ARG B 346 49.46 1.32 -7.64
CA ARG B 346 50.62 1.36 -6.75
C ARG B 346 50.54 2.57 -5.82
N ALA B 347 49.49 2.58 -5.00
CA ALA B 347 49.19 3.72 -4.16
C ALA B 347 50.02 3.72 -2.89
N THR B 348 50.33 4.93 -2.40
CA THR B 348 51.06 5.11 -1.16
C THR B 348 50.20 5.74 -0.06
N LYS B 349 49.00 6.20 -0.39
CA LYS B 349 48.19 6.96 0.56
C LYS B 349 46.72 6.71 0.27
N THR B 350 45.98 6.28 1.27
CA THR B 350 44.53 6.11 1.16
C THR B 350 43.91 6.27 2.54
N TRP B 351 42.59 6.40 2.57
CA TRP B 351 41.89 6.57 3.83
C TRP B 351 40.48 6.02 3.71
N ALA B 352 39.93 5.59 4.86
CA ALA B 352 38.61 4.98 4.93
C ALA B 352 38.19 4.82 6.39
N PRO B 353 36.99 5.27 6.78
CA PRO B 353 36.55 5.11 8.17
C PRO B 353 36.60 3.65 8.62
N ASN B 354 36.46 3.47 9.93
CA ASN B 354 36.64 2.14 10.51
C ASN B 354 35.69 1.12 9.90
N PHE B 355 34.50 1.56 9.46
CA PHE B 355 33.52 0.61 8.93
C PHE B 355 34.04 -0.11 7.70
N ALA B 356 34.97 0.50 6.96
CA ALA B 356 35.46 -0.13 5.75
C ALA B 356 36.42 -1.28 6.07
N PHE B 357 37.22 -1.14 7.11
CA PHE B 357 38.14 -2.21 7.47
C PHE B 357 37.38 -3.47 7.83
N ALA B 358 36.38 -3.36 8.71
CA ALA B 358 35.58 -4.51 9.05
C ALA B 358 34.95 -5.14 7.81
N MET B 359 34.50 -4.32 6.86
CA MET B 359 33.89 -4.85 5.65
C MET B 359 34.85 -5.72 4.86
N ILE B 360 36.16 -5.45 4.94
CA ILE B 360 37.12 -6.22 4.15
C ILE B 360 37.29 -7.61 4.74
N ASN B 361 37.37 -7.71 6.07
CA ASN B 361 37.69 -8.99 6.70
C ASN B 361 36.73 -10.11 6.30
N ASP B 362 35.48 -9.78 6.00
CA ASP B 362 34.48 -10.80 5.69
C ASP B 362 34.80 -11.59 4.44
N TYR B 363 35.65 -11.06 3.56
CA TYR B 363 36.05 -11.76 2.33
C TYR B 363 37.30 -12.61 2.52
N GLU B 364 37.47 -13.22 3.70
CA GLU B 364 38.69 -13.95 3.98
C GLU B 364 38.97 -15.06 2.97
N LYS B 365 37.94 -15.59 2.31
CA LYS B 365 38.13 -16.69 1.37
C LYS B 365 38.95 -16.25 0.16
N GLU B 366 38.66 -15.06 -0.38
CA GLU B 366 39.38 -14.60 -1.57
C GLU B 366 40.80 -14.18 -1.23
N ILE B 367 40.99 -13.51 -0.09
CA ILE B 367 42.30 -12.98 0.27
C ILE B 367 43.35 -14.09 0.29
N SER B 368 43.02 -15.21 0.92
CA SER B 368 43.96 -16.33 1.01
C SER B 368 44.00 -17.18 -0.26
N SER B 369 43.62 -16.60 -1.40
CA SER B 369 43.66 -17.32 -2.68
C SER B 369 43.64 -16.26 -3.79
N GLY B 370 44.81 -15.73 -4.13
CA GLY B 370 44.92 -14.65 -5.09
C GLY B 370 45.53 -13.42 -4.49
N SER B 371 46.80 -13.14 -4.81
CA SER B 371 47.58 -12.12 -4.14
C SER B 371 47.58 -10.81 -4.93
N TRP B 372 47.88 -9.73 -4.22
CA TRP B 372 48.07 -8.40 -4.76
C TRP B 372 49.46 -7.89 -4.37
N ASP B 373 49.75 -6.65 -4.75
CA ASP B 373 50.99 -5.97 -4.36
C ASP B 373 50.63 -4.72 -3.59
N LEU B 374 51.04 -4.66 -2.32
CA LEU B 374 50.67 -3.57 -1.44
C LEU B 374 51.87 -2.93 -0.75
N SER B 375 53.09 -3.30 -1.13
CA SER B 375 54.28 -2.61 -0.59
C SER B 375 54.21 -1.12 -0.87
N ALA B 376 53.49 -0.73 -1.92
CA ALA B 376 53.31 0.68 -2.22
C ALA B 376 52.84 1.47 -1.00
N MET B 377 52.00 0.86 -0.16
CA MET B 377 51.30 1.58 0.89
C MET B 377 52.20 1.92 2.07
N THR B 378 52.07 3.16 2.54
CA THR B 378 52.76 3.62 3.74
C THR B 378 51.86 4.39 4.70
N CYS B 379 50.73 4.93 4.24
CA CYS B 379 49.85 5.75 5.08
C CYS B 379 48.41 5.36 4.79
N MET B 380 47.81 4.61 5.71
CA MET B 380 46.42 4.18 5.62
C MET B 380 45.67 4.78 6.81
N ILE B 381 44.76 5.72 6.53
CA ILE B 381 44.11 6.51 7.56
C ILE B 381 42.68 6.04 7.75
N ASN B 382 42.18 6.20 8.98
CA ASN B 382 40.80 5.86 9.30
C ASN B 382 40.31 6.79 10.39
N GLY B 383 39.00 7.02 10.42
CA GLY B 383 38.41 7.88 11.44
C GLY B 383 38.68 7.35 12.83
N ALA B 384 39.20 8.20 13.72
CA ALA B 384 39.55 7.71 15.05
C ALA B 384 38.33 7.48 15.92
N GLU B 385 37.26 8.25 15.72
CA GLU B 385 36.04 8.01 16.49
C GLU B 385 35.55 6.61 16.14
N ALA B 386 35.44 5.77 17.16
CA ALA B 386 35.08 4.37 16.99
C ALA B 386 36.19 3.60 16.26
N VAL B 387 37.35 3.55 16.88
CA VAL B 387 38.47 2.74 16.39
C VAL B 387 38.47 1.45 17.20
N VAL B 388 38.50 0.31 16.52
CA VAL B 388 38.43 -0.97 17.21
C VAL B 388 39.62 -1.84 16.77
N PRO B 389 40.69 -1.91 17.59
CA PRO B 389 41.84 -2.74 17.23
C PRO B 389 41.48 -4.18 16.94
N LYS B 390 40.27 -4.60 17.35
CA LYS B 390 39.83 -5.96 17.11
C LYS B 390 39.99 -6.34 15.65
N THR B 391 39.36 -5.57 14.75
CA THR B 391 39.41 -5.85 13.32
C THR B 391 40.66 -5.28 12.64
N ILE B 392 41.34 -4.33 13.28
CA ILE B 392 42.50 -3.70 12.65
C ILE B 392 43.68 -4.66 12.61
N HIS B 393 44.10 -5.17 13.78
CA HIS B 393 45.21 -6.11 13.79
C HIS B 393 44.89 -7.35 12.97
N ARG B 394 43.61 -7.62 12.71
CA ARG B 394 43.23 -8.63 11.73
C ARG B 394 43.52 -8.15 10.32
N PHE B 395 43.29 -6.85 10.06
CA PHE B 395 43.59 -6.28 8.75
C PHE B 395 45.06 -6.44 8.40
N LEU B 396 45.96 -6.00 9.30
CA LEU B 396 47.38 -6.06 9.00
C LEU B 396 47.86 -7.49 8.86
N HIS B 397 47.41 -8.38 9.75
CA HIS B 397 47.85 -9.77 9.68
C HIS B 397 47.27 -10.49 8.46
N LEU B 398 46.07 -10.10 8.02
CA LEU B 398 45.44 -10.80 6.91
C LEU B 398 45.95 -10.34 5.56
N LEU B 399 46.49 -9.12 5.48
CA LEU B 399 47.05 -8.58 4.24
C LEU B 399 48.58 -8.59 4.24
N ALA B 400 49.21 -8.92 5.36
CA ALA B 400 50.67 -8.98 5.42
C ALA B 400 51.25 -9.82 4.28
N PRO B 401 50.70 -10.97 3.91
CA PRO B 401 51.29 -11.74 2.80
C PRO B 401 51.25 -11.01 1.46
N HIS B 402 50.55 -9.88 1.37
CA HIS B 402 50.48 -9.10 0.15
C HIS B 402 51.41 -7.89 0.16
N GLY B 403 52.25 -7.75 1.17
CA GLY B 403 53.23 -6.70 1.21
C GLY B 403 52.87 -5.49 2.04
N LEU B 404 51.80 -5.56 2.83
CA LEU B 404 51.39 -4.41 3.64
C LEU B 404 52.23 -4.34 4.91
N LYS B 405 52.81 -3.17 5.16
CA LYS B 405 53.66 -2.96 6.32
C LYS B 405 52.83 -2.76 7.60
N GLY B 406 53.47 -3.02 8.73
CA GLY B 406 52.79 -3.04 10.01
C GLY B 406 52.38 -1.68 10.51
N ASP B 407 53.05 -0.62 10.05
CA ASP B 407 52.80 0.73 10.54
C ASP B 407 51.93 1.55 9.57
N VAL B 408 51.21 0.88 8.67
CA VAL B 408 50.41 1.60 7.69
C VAL B 408 49.28 2.36 8.36
N ILE B 409 48.63 1.76 9.36
CA ILE B 409 47.44 2.38 9.92
C ILE B 409 47.81 3.73 10.55
N ARG B 410 46.86 4.66 10.49
CA ARG B 410 47.11 6.05 10.90
C ARG B 410 45.82 6.63 11.46
N PRO B 411 45.56 6.44 12.76
CA PRO B 411 44.40 7.10 13.38
C PRO B 411 44.45 8.61 13.26
N ALA B 412 43.25 9.23 13.22
CA ALA B 412 43.13 10.67 13.10
C ALA B 412 41.74 11.11 13.56
N PHE B 413 41.69 12.22 14.29
CA PHE B 413 40.45 12.77 14.82
C PHE B 413 40.20 14.16 14.23
N GLY B 414 39.14 14.29 13.43
CA GLY B 414 38.78 15.59 12.88
C GLY B 414 37.29 15.76 12.74
N MET B 415 36.83 16.99 12.89
CA MET B 415 35.43 17.37 12.74
C MET B 415 35.23 18.19 11.47
N SER B 416 33.97 18.57 11.24
CA SER B 416 33.62 19.38 10.08
C SER B 416 34.02 20.85 10.26
N GLU B 417 33.86 21.38 11.47
CA GLU B 417 34.09 22.80 11.70
C GLU B 417 35.56 23.17 11.75
N ILE B 418 36.44 22.22 12.09
CA ILE B 418 37.84 22.53 12.35
C ILE B 418 38.70 22.11 11.17
N SER B 419 38.15 22.23 9.96
CA SER B 419 38.83 21.80 8.75
C SER B 419 39.53 20.46 8.95
N SER B 420 38.75 19.39 9.13
CA SER B 420 39.27 18.04 9.08
C SER B 420 40.21 17.68 10.22
N ALA B 421 40.98 16.60 10.02
CA ALA B 421 41.83 16.04 11.06
C ALA B 421 42.72 17.10 11.69
N VAL B 422 43.02 16.89 12.98
CA VAL B 422 43.90 17.77 13.73
C VAL B 422 44.93 17.00 14.56
N VAL B 423 44.91 15.66 14.52
CA VAL B 423 45.91 14.84 15.20
C VAL B 423 46.14 13.58 14.36
N PHE B 424 47.29 12.95 14.55
CA PHE B 424 47.64 11.75 13.80
C PHE B 424 48.44 10.80 14.68
N SER B 425 48.07 9.52 14.68
CA SER B 425 48.75 8.49 15.46
C SER B 425 49.65 7.67 14.55
N PHE B 426 50.92 7.55 14.92
CA PHE B 426 51.91 6.82 14.14
C PHE B 426 52.34 5.52 14.80
N ALA B 427 52.05 5.35 16.09
CA ALA B 427 52.46 4.16 16.84
C ALA B 427 51.35 3.13 16.78
N ILE B 428 51.24 2.47 15.62
CA ILE B 428 50.30 1.38 15.41
C ILE B 428 51.12 0.26 14.79
N GLU B 429 51.61 -0.66 15.62
CA GLU B 429 52.45 -1.75 15.15
C GLU B 429 51.63 -3.01 15.09
N ARG B 430 51.97 -3.90 14.16
CA ARG B 430 51.22 -5.14 14.05
C ARG B 430 51.57 -6.09 15.20
N GLY B 431 52.87 -6.28 15.46
CA GLY B 431 53.28 -7.19 16.50
C GLY B 431 52.86 -6.73 17.89
N ASP B 432 52.84 -5.42 18.13
CA ASP B 432 52.58 -4.86 19.45
C ASP B 432 51.18 -4.26 19.44
N GLU B 433 50.23 -4.97 20.06
CA GLU B 433 48.86 -4.49 20.18
C GLU B 433 48.70 -3.49 21.32
N ASN B 434 49.70 -3.40 22.20
CA ASN B 434 49.67 -2.42 23.28
C ASN B 434 50.30 -1.09 22.87
N SER B 435 51.07 -1.08 21.78
CA SER B 435 51.66 0.15 21.29
C SER B 435 50.57 1.12 20.85
N GLY B 436 50.60 2.33 21.40
CA GLY B 436 49.57 3.31 21.15
C GLY B 436 48.25 3.06 21.84
N VAL B 437 48.21 2.13 22.81
CA VAL B 437 47.00 1.82 23.56
C VAL B 437 47.35 1.89 25.03
N LEU B 438 46.65 2.75 25.77
CA LEU B 438 46.86 2.94 27.20
C LEU B 438 45.71 2.33 27.98
N THR B 439 46.03 1.46 28.93
CA THR B 439 45.05 0.81 29.79
C THR B 439 45.16 1.40 31.19
N PHE B 440 44.00 1.70 31.78
CA PHE B 440 43.94 2.34 33.09
C PHE B 440 42.92 1.64 33.97
N GLU B 441 43.03 1.89 35.28
CA GLU B 441 42.07 1.35 36.23
C GLU B 441 40.75 2.10 36.14
N GLU B 442 39.65 1.34 36.17
CA GLU B 442 38.32 1.95 36.12
C GLU B 442 38.07 2.84 37.33
N THR B 443 38.74 2.56 38.45
CA THR B 443 38.49 3.33 39.67
C THR B 443 38.95 4.77 39.54
N SER B 444 40.00 5.02 38.76
CA SER B 444 40.64 6.33 38.70
C SER B 444 40.16 7.19 37.55
N LEU B 445 39.04 6.83 36.89
CA LEU B 445 38.54 7.66 35.81
C LEU B 445 38.15 9.05 36.30
N THR B 446 37.70 9.16 37.55
CA THR B 446 37.34 10.44 38.11
C THR B 446 38.55 11.19 38.66
N GLU B 447 39.59 10.47 39.06
CA GLU B 447 40.82 11.05 39.57
C GLU B 447 41.94 10.85 38.54
N GLN B 448 43.19 10.98 38.99
CA GLN B 448 44.32 10.70 38.10
C GLN B 448 44.37 9.21 37.78
N LEU B 449 44.26 8.89 36.49
CA LEU B 449 44.23 7.49 36.09
C LEU B 449 45.51 6.78 36.52
N ARG B 450 45.37 5.56 37.02
CA ARG B 450 46.50 4.73 37.45
C ARG B 450 46.71 3.63 36.41
N PRO B 451 47.84 3.62 35.69
CA PRO B 451 48.05 2.58 34.68
C PRO B 451 47.88 1.18 35.27
N ALA B 452 47.49 0.24 34.41
CA ALA B 452 47.22 -1.12 34.83
C ALA B 452 47.44 -2.07 33.65
N GLU B 453 47.26 -3.36 33.91
CA GLU B 453 47.43 -4.40 32.92
C GLU B 453 46.06 -4.84 32.38
N ALA B 454 46.10 -5.58 31.27
CA ALA B 454 44.88 -6.08 30.64
C ALA B 454 44.15 -7.04 31.56
N ARG B 455 42.98 -6.63 32.04
CA ARG B 455 42.18 -7.44 32.95
C ARG B 455 40.76 -7.53 32.43
N GLU B 456 40.04 -8.57 32.84
CA GLU B 456 38.70 -8.83 32.32
C GLU B 456 37.63 -8.01 33.03
N THR B 457 37.85 -7.65 34.30
CA THR B 457 36.92 -6.81 35.04
C THR B 457 37.74 -5.89 35.93
N GLY B 458 37.86 -4.63 35.54
CA GLY B 458 38.54 -3.65 36.36
C GLY B 458 39.32 -2.58 35.63
N THR B 459 39.52 -2.74 34.32
CA THR B 459 40.34 -1.83 33.54
C THR B 459 39.63 -1.42 32.25
N VAL B 460 40.16 -0.38 31.63
CA VAL B 460 39.67 0.14 30.36
C VAL B 460 40.87 0.45 29.48
N SER B 461 40.75 0.18 28.19
CA SER B 461 41.79 0.44 27.21
C SER B 461 41.36 1.56 26.29
N PHE B 462 42.22 2.55 26.13
CA PHE B 462 41.97 3.69 25.25
C PHE B 462 43.07 3.77 24.20
N THR B 463 42.68 3.86 22.94
CA THR B 463 43.63 3.99 21.85
C THR B 463 44.12 5.44 21.77
N GLU B 464 45.44 5.61 21.62
CA GLU B 464 46.04 6.93 21.57
C GLU B 464 45.92 7.54 20.18
N LEU B 465 45.44 8.78 20.12
CA LEU B 465 45.27 9.47 18.85
C LEU B 465 46.57 10.14 18.38
N GLY B 466 47.36 10.67 19.32
CA GLY B 466 48.65 11.24 18.99
C GLY B 466 48.80 12.70 19.38
N LYS B 467 49.84 13.39 18.82
CA LYS B 467 50.12 14.75 19.24
C LYS B 467 49.41 15.75 18.32
N PRO B 468 49.07 16.95 18.82
CA PRO B 468 48.46 17.96 17.96
C PRO B 468 49.30 18.28 16.74
N ILE B 469 48.61 18.78 15.73
CA ILE B 469 49.21 19.07 14.42
C ILE B 469 50.01 20.35 14.52
N PRO B 470 51.09 20.50 13.75
CA PRO B 470 51.76 21.81 13.66
C PRO B 470 50.80 22.94 13.32
N GLY B 471 50.53 23.81 14.28
CA GLY B 471 49.75 25.01 14.02
C GLY B 471 48.55 25.22 14.93
N ILE B 472 48.28 24.28 15.84
CA ILE B 472 47.10 24.35 16.70
C ILE B 472 47.49 23.98 18.12
N THR B 473 46.53 24.15 19.03
CA THR B 473 46.69 23.81 20.45
C THR B 473 45.43 23.14 20.96
N ILE B 474 45.60 22.16 21.86
CA ILE B 474 44.49 21.42 22.45
C ILE B 474 44.63 21.39 23.96
N ARG B 475 43.50 21.43 24.66
CA ARG B 475 43.44 21.25 26.11
C ARG B 475 42.19 20.46 26.46
N ILE B 476 41.96 20.26 27.76
CA ILE B 476 40.75 19.61 28.27
C ILE B 476 40.15 20.46 29.37
N VAL B 477 38.82 20.39 29.47
CA VAL B 477 38.06 21.29 30.32
C VAL B 477 37.05 20.50 31.14
N ASN B 478 36.75 21.02 32.33
CA ASN B 478 35.73 20.49 33.22
C ASN B 478 34.39 21.14 32.87
N HIS B 479 33.35 20.79 33.63
CA HIS B 479 32.05 21.43 33.43
C HIS B 479 32.11 22.94 33.71
N GLN B 480 33.09 23.39 34.48
CA GLN B 480 33.22 24.81 34.80
C GLN B 480 34.11 25.56 33.81
N HIS B 481 34.54 24.91 32.72
CA HIS B 481 35.38 25.53 31.69
C HIS B 481 36.75 25.93 32.20
N GLU B 482 37.28 25.20 33.17
CA GLU B 482 38.63 25.41 33.70
C GLU B 482 39.56 24.29 33.24
N LEU B 483 40.85 24.62 33.14
CA LEU B 483 41.82 23.61 32.74
C LEU B 483 41.92 22.50 33.79
N LEU B 484 42.20 21.30 33.31
CA LEU B 484 42.30 20.08 34.10
C LEU B 484 43.75 19.61 34.14
N PRO B 485 44.07 18.64 35.00
CA PRO B 485 45.42 18.09 35.00
C PRO B 485 45.66 17.15 33.83
N GLU B 486 46.93 16.75 33.68
CA GLU B 486 47.35 15.93 32.55
C GLU B 486 46.39 14.76 32.31
N ASP B 487 46.13 13.97 33.35
CA ASP B 487 45.53 12.66 33.17
C ASP B 487 44.03 12.65 33.40
N HIS B 488 43.44 13.74 33.86
CA HIS B 488 42.01 13.74 34.10
C HIS B 488 41.24 13.80 32.79
N ILE B 489 40.12 13.08 32.74
CA ILE B 489 39.28 13.08 31.55
C ILE B 489 38.46 14.36 31.55
N GLY B 490 38.30 14.95 30.37
CA GLY B 490 37.55 16.18 30.25
C GLY B 490 37.03 16.39 28.85
N ARG B 491 36.29 17.47 28.69
CA ARG B 491 35.76 17.85 27.38
C ARG B 491 36.89 18.37 26.50
N VAL B 492 37.03 17.79 25.30
CA VAL B 492 38.10 18.21 24.39
C VAL B 492 37.75 19.56 23.77
N GLN B 493 38.71 20.49 23.83
CA GLN B 493 38.54 21.83 23.27
C GLN B 493 39.77 22.19 22.46
N ILE B 494 39.55 22.75 21.26
CA ILE B 494 40.60 22.98 20.27
C ILE B 494 40.55 24.41 19.78
N LYS B 495 41.73 25.00 19.55
CA LYS B 495 41.83 26.36 19.01
C LYS B 495 43.06 26.43 18.10
N GLY B 496 42.93 27.20 17.03
CA GLY B 496 44.02 27.42 16.10
C GLY B 496 43.59 28.30 14.95
N PRO B 497 44.45 28.44 13.95
CA PRO B 497 44.06 29.19 12.75
C PRO B 497 43.17 28.40 11.80
N THR B 498 42.94 27.12 12.08
CA THR B 498 42.12 26.25 11.25
C THR B 498 40.63 26.30 11.62
N THR B 499 40.25 27.12 12.59
CA THR B 499 38.85 27.21 13.00
C THR B 499 38.06 28.04 12.01
N MET B 500 36.86 27.57 11.69
CA MET B 500 36.03 28.23 10.69
C MET B 500 35.72 29.67 11.11
N LYS B 501 35.07 30.39 10.18
CA LYS B 501 34.52 31.70 10.50
C LYS B 501 33.40 31.59 11.52
N GLY B 502 32.58 30.56 11.39
CA GLY B 502 31.42 30.38 12.24
C GLY B 502 30.22 29.98 11.41
N TYR B 503 29.26 29.30 12.06
CA TYR B 503 28.06 28.85 11.36
C TYR B 503 27.38 30.01 10.66
N TYR B 504 26.83 29.74 9.49
CA TYR B 504 26.22 30.77 8.65
C TYR B 504 24.76 30.96 9.05
N ARG B 505 24.43 32.15 9.54
CA ARG B 505 23.05 32.50 9.88
C ARG B 505 22.47 31.53 10.90
N ASN B 506 23.18 31.38 12.02
CA ASN B 506 22.71 30.54 13.11
C ASN B 506 23.55 30.95 14.32
N ASP B 507 22.98 31.84 15.13
CA ASP B 507 23.74 32.51 16.18
C ASP B 507 23.82 31.64 17.43
N GLU B 508 22.67 31.15 17.89
CA GLU B 508 22.64 30.31 19.08
C GLU B 508 23.51 29.07 18.89
N ALA B 509 23.66 28.61 17.65
CA ALA B 509 24.60 27.53 17.37
C ALA B 509 26.04 27.99 17.58
N ASN B 510 26.33 29.26 17.30
CA ASN B 510 27.67 29.78 17.53
C ASN B 510 28.01 29.87 19.01
N GLN B 511 27.01 30.20 19.84
CA GLN B 511 27.27 30.34 21.27
C GLN B 511 27.75 29.04 21.90
N GLU B 512 27.29 27.90 21.38
CA GLU B 512 27.66 26.62 21.96
C GLU B 512 29.06 26.17 21.53
N VAL B 513 29.39 26.36 20.25
CA VAL B 513 30.56 25.68 19.68
C VAL B 513 31.86 26.35 20.12
N PHE B 514 32.08 27.61 19.71
CA PHE B 514 33.27 28.35 20.16
C PHE B 514 32.82 29.26 21.30
N GLN B 515 32.96 28.77 22.53
CA GLN B 515 32.46 29.48 23.70
C GLN B 515 33.09 30.87 23.81
N ALA B 516 34.42 30.92 23.92
CA ALA B 516 35.12 32.18 24.09
C ALA B 516 36.54 32.01 23.57
N ASP B 517 37.03 33.02 22.85
CA ASP B 517 38.38 33.01 22.29
C ASP B 517 38.54 31.96 21.19
N GLY B 518 37.45 31.64 20.50
CA GLY B 518 37.50 30.70 19.40
C GLY B 518 37.80 29.27 19.77
N TRP B 519 37.87 28.94 21.06
CA TRP B 519 38.11 27.57 21.50
C TRP B 519 36.88 26.73 21.19
N PHE B 520 37.04 25.77 20.28
CA PHE B 520 35.92 25.02 19.73
C PHE B 520 35.56 23.85 20.63
N HIS B 521 34.26 23.72 20.95
CA HIS B 521 33.75 22.65 21.79
C HIS B 521 33.40 21.44 20.93
N THR B 522 34.30 20.46 20.87
CA THR B 522 33.99 19.23 20.14
C THR B 522 32.97 18.38 20.88
N GLY B 523 32.94 18.45 22.20
CA GLY B 523 32.13 17.58 23.02
C GLY B 523 32.75 16.23 23.34
N ASP B 524 33.71 15.78 22.53
CA ASP B 524 34.31 14.46 22.74
C ASP B 524 35.09 14.43 24.04
N LEU B 525 34.87 13.40 24.85
CA LEU B 525 35.53 13.27 26.14
C LEU B 525 36.84 12.51 25.98
N GLY B 526 37.93 13.10 26.47
CA GLY B 526 39.23 12.46 26.40
C GLY B 526 40.23 13.20 27.26
N PHE B 527 41.30 12.50 27.59
CA PHE B 527 42.39 13.02 28.41
C PHE B 527 43.61 13.31 27.53
N LEU B 528 44.56 14.06 28.10
CA LEU B 528 45.77 14.48 27.40
C LEU B 528 46.99 14.03 28.19
N HIS B 529 47.56 12.89 27.81
CA HIS B 529 48.70 12.29 28.50
C HIS B 529 49.94 12.40 27.64
N GLU B 530 51.06 12.79 28.27
CA GLU B 530 52.35 13.00 27.63
C GLU B 530 52.33 14.18 26.67
N GLY B 531 51.22 14.90 26.55
CA GLY B 531 51.07 15.89 25.51
C GLY B 531 50.47 15.36 24.23
N ARG B 532 49.93 14.15 24.24
CA ARG B 532 49.36 13.51 23.06
C ARG B 532 47.93 13.08 23.39
N LEU B 533 46.96 13.73 22.77
CA LEU B 533 45.55 13.51 23.09
C LEU B 533 45.20 12.02 23.01
N THR B 534 44.25 11.62 23.86
CA THR B 534 43.76 10.24 23.87
C THR B 534 42.27 10.27 24.20
N LEU B 535 41.43 9.99 23.21
CA LEU B 535 39.99 10.03 23.40
C LEU B 535 39.54 8.85 24.27
N THR B 536 38.51 9.09 25.10
CA THR B 536 37.86 8.04 25.88
C THR B 536 36.49 7.68 25.32
N GLY B 537 35.62 8.67 25.11
CA GLY B 537 34.34 8.43 24.48
C GLY B 537 33.65 9.72 24.07
N ARG B 538 33.01 9.71 22.91
CA ARG B 538 32.29 10.89 22.45
C ARG B 538 31.04 11.12 23.26
N GLU B 539 30.72 12.38 23.52
CA GLU B 539 29.60 12.77 24.39
C GLU B 539 28.28 12.45 23.68
N LYS B 540 27.54 11.47 24.21
CA LYS B 540 26.26 10.92 23.74
C LYS B 540 26.50 9.78 22.75
N ASP B 541 27.71 9.66 22.22
CA ASP B 541 28.04 8.47 21.44
C ASP B 541 28.11 7.28 22.39
N MET B 542 28.72 7.49 23.56
CA MET B 542 28.72 6.49 24.63
C MET B 542 27.30 6.30 25.14
N ILE B 543 26.96 5.06 25.45
CA ILE B 543 25.63 4.69 25.95
C ILE B 543 25.78 4.24 27.40
N ILE B 544 24.83 4.64 28.23
CA ILE B 544 24.90 4.50 29.68
C ILE B 544 23.77 3.64 30.22
N ILE B 545 24.12 2.81 31.21
CA ILE B 545 23.18 1.96 31.93
C ILE B 545 23.47 2.07 33.41
N ASN B 546 22.42 1.89 34.23
CA ASN B 546 22.51 1.97 35.69
C ASN B 546 23.89 1.75 36.28
N GLY B 547 24.57 0.68 35.86
CA GLY B 547 25.86 0.35 36.45
C GLY B 547 27.09 0.85 35.73
N LYS B 548 27.07 0.89 34.40
CA LYS B 548 28.24 1.27 33.63
C LYS B 548 27.80 1.99 32.36
N ASN B 549 28.76 2.59 31.67
CA ASN B 549 28.52 3.19 30.36
C ASN B 549 29.41 2.49 29.35
N TYR B 550 28.90 2.33 28.15
CA TYR B 550 29.55 1.58 27.09
C TYR B 550 29.58 2.38 25.80
N HIS B 551 30.60 2.12 25.00
CA HIS B 551 30.73 2.75 23.69
C HIS B 551 29.98 1.92 22.66
N ASN B 552 29.08 2.57 21.92
CA ASN B 552 28.24 1.84 20.97
C ASN B 552 29.04 1.22 19.83
N TYR B 553 30.22 1.76 19.49
CA TYR B 553 30.98 1.15 18.41
C TYR B 553 31.50 -0.22 18.79
N GLU B 554 31.85 -0.42 20.06
CA GLU B 554 32.26 -1.75 20.50
C GLU B 554 31.06 -2.69 20.57
N ILE B 555 29.93 -2.19 21.07
CA ILE B 555 28.72 -2.99 21.16
C ILE B 555 28.39 -3.61 19.80
N GLU B 556 28.30 -2.76 18.78
CA GLU B 556 27.95 -3.23 17.44
C GLU B 556 29.01 -4.15 16.88
N ALA B 557 30.28 -3.91 17.22
CA ALA B 557 31.35 -4.78 16.74
C ALA B 557 31.20 -6.20 17.30
N ILE B 558 30.80 -6.31 18.57
CA ILE B 558 30.62 -7.63 19.18
C ILE B 558 29.41 -8.34 18.59
N ALA B 559 28.35 -7.60 18.29
CA ALA B 559 27.20 -8.21 17.63
C ALA B 559 27.53 -8.64 16.21
N GLU B 560 28.53 -8.03 15.58
CA GLU B 560 28.91 -8.38 14.22
C GLU B 560 29.67 -9.70 14.15
N GLU B 561 30.22 -10.16 15.27
CA GLU B 561 30.83 -11.48 15.32
C GLU B 561 29.79 -12.57 15.15
N VAL B 562 28.59 -12.36 15.69
CA VAL B 562 27.55 -13.40 15.72
C VAL B 562 27.21 -13.83 14.31
N PRO B 563 27.15 -15.13 14.01
CA PRO B 563 26.75 -15.55 12.67
C PRO B 563 25.38 -15.02 12.29
N GLY B 564 25.24 -14.62 11.02
CA GLY B 564 24.01 -14.08 10.50
C GLY B 564 23.88 -12.57 10.57
N VAL B 565 24.66 -11.92 11.42
CA VAL B 565 24.63 -10.47 11.54
C VAL B 565 25.45 -9.88 10.39
N GLU B 566 24.79 -9.09 9.54
CA GLU B 566 25.50 -8.41 8.46
C GLU B 566 26.46 -7.39 9.04
N THR B 567 27.71 -7.45 8.58
CA THR B 567 28.76 -6.63 9.17
C THR B 567 28.50 -5.14 8.91
N SER B 568 28.54 -4.35 9.97
CA SER B 568 28.41 -2.89 9.97
C SER B 568 26.96 -2.43 9.89
N PHE B 569 25.98 -3.32 10.07
CA PHE B 569 24.58 -2.93 10.08
C PHE B 569 23.99 -3.20 11.45
N VAL B 570 24.54 -2.54 12.48
CA VAL B 570 24.12 -2.74 13.86
C VAL B 570 24.11 -1.37 14.55
N ALA B 571 23.20 -1.19 15.49
CA ALA B 571 23.05 0.08 16.18
C ALA B 571 22.72 -0.14 17.65
N ALA B 572 23.17 0.78 18.49
CA ALA B 572 22.94 0.72 19.93
C ALA B 572 22.50 2.09 20.43
N CYS B 573 21.38 2.12 21.15
CA CYS B 573 20.82 3.38 21.65
C CYS B 573 20.42 3.23 23.11
N SER B 574 19.70 4.21 23.66
CA SER B 574 19.23 4.13 25.04
C SER B 574 17.97 4.95 25.21
N VAL B 575 17.18 4.58 26.22
CA VAL B 575 15.93 5.26 26.52
C VAL B 575 15.54 4.92 27.96
N ARG B 576 14.98 5.91 28.66
CA ARG B 576 14.53 5.71 30.04
C ARG B 576 13.16 5.06 30.12
N MET B 577 12.41 5.05 29.02
CA MET B 577 11.12 4.38 28.92
C MET B 577 10.19 4.72 30.08
N GLU B 578 10.43 5.86 30.74
CA GLU B 578 9.64 6.27 31.90
C GLU B 578 9.71 5.26 33.04
N ALA B 579 10.48 4.18 32.85
CA ALA B 579 10.82 3.26 33.92
C ALA B 579 11.97 3.88 34.71
N SER B 580 11.68 4.35 35.94
CA SER B 580 12.67 5.03 36.76
C SER B 580 13.90 4.18 37.04
N ALA B 581 13.75 2.84 37.06
CA ALA B 581 14.83 1.93 37.43
C ALA B 581 16.14 2.14 36.67
N SER B 582 16.10 2.48 35.37
CA SER B 582 17.36 2.50 34.62
C SER B 582 17.14 3.03 33.21
N ASP B 583 18.16 2.83 32.36
CA ASP B 583 18.13 3.17 30.94
C ASP B 583 18.29 1.86 30.18
N GLU B 584 17.40 1.61 29.24
CA GLU B 584 17.36 0.33 28.56
C GLU B 584 18.08 0.42 27.22
N LEU B 585 18.70 -0.70 26.83
CA LEU B 585 19.41 -0.82 25.56
C LEU B 585 18.44 -1.29 24.48
N ILE B 586 18.16 -0.44 23.51
CA ILE B 586 17.49 -0.86 22.28
C ILE B 586 18.57 -1.10 21.24
N LEU B 587 18.48 -2.22 20.53
CA LEU B 587 19.53 -2.64 19.62
C LEU B 587 18.93 -3.08 18.30
N PHE B 588 19.43 -2.50 17.21
CA PHE B 588 19.01 -2.84 15.86
C PHE B 588 20.10 -3.67 15.17
N PHE B 589 19.68 -4.45 14.17
CA PHE B 589 20.63 -5.22 13.38
C PHE B 589 19.91 -5.71 12.12
N THR B 590 20.72 -6.14 11.15
CA THR B 590 20.21 -6.69 9.91
C THR B 590 20.68 -8.14 9.77
N PRO B 591 19.78 -9.08 9.47
CA PRO B 591 20.20 -10.46 9.25
C PRO B 591 20.59 -10.75 7.81
N LYS B 592 21.51 -11.70 7.66
CA LYS B 592 21.85 -12.18 6.33
C LYS B 592 20.68 -12.85 5.62
N LEU B 593 19.60 -13.16 6.36
CA LEU B 593 18.36 -13.69 5.79
C LEU B 593 17.19 -13.10 6.56
N TYR B 594 16.22 -12.52 5.86
CA TYR B 594 15.07 -11.90 6.51
C TYR B 594 13.91 -12.89 6.58
N GLU B 595 13.93 -13.72 7.62
CA GLU B 595 12.88 -14.69 7.90
C GLU B 595 12.95 -15.06 9.38
N PRO B 596 11.84 -15.06 10.12
CA PRO B 596 11.94 -15.08 11.59
C PRO B 596 12.77 -16.23 12.13
N ALA B 597 12.77 -17.39 11.47
CA ALA B 597 13.59 -18.49 11.94
C ALA B 597 15.06 -18.10 11.99
N TYR B 598 15.59 -17.57 10.89
CA TYR B 598 16.95 -17.05 10.88
C TYR B 598 17.09 -15.88 11.85
N ILE B 599 16.07 -15.03 11.93
CA ILE B 599 16.12 -13.87 12.80
C ILE B 599 16.07 -14.31 14.27
N MET B 600 14.99 -15.00 14.65
CA MET B 600 14.86 -15.48 16.02
C MET B 600 16.10 -16.25 16.45
N ARG B 601 16.67 -17.03 15.53
CA ARG B 601 17.88 -17.78 15.83
C ARG B 601 19.02 -16.86 16.26
N ALA B 602 19.25 -15.79 15.49
CA ALA B 602 20.37 -14.90 15.76
C ALA B 602 20.09 -13.94 16.91
N SER B 603 18.85 -13.45 17.03
CA SER B 603 18.52 -12.51 18.10
C SER B 603 18.89 -13.10 19.46
N GLN B 604 18.56 -14.36 19.70
CA GLN B 604 18.95 -15.01 20.95
C GLN B 604 20.46 -15.04 21.11
N HIS B 605 21.16 -15.45 20.04
CA HIS B 605 22.62 -15.55 20.11
C HIS B 605 23.24 -14.22 20.52
N ILE B 606 22.68 -13.10 20.04
CA ILE B 606 23.19 -11.79 20.43
C ILE B 606 22.91 -11.53 21.90
N LYS B 607 21.63 -11.62 22.30
CA LYS B 607 21.25 -11.30 23.67
C LYS B 607 22.20 -11.92 24.68
N SER B 608 22.64 -13.16 24.42
CA SER B 608 23.58 -13.81 25.33
C SER B 608 25.01 -13.33 25.10
N HIS B 609 25.42 -13.19 23.84
CA HIS B 609 26.79 -12.77 23.55
C HIS B 609 27.09 -11.39 24.13
N ILE B 610 26.09 -10.53 24.24
CA ILE B 610 26.30 -9.23 24.88
C ILE B 610 26.55 -9.41 26.38
N ALA B 611 25.79 -10.29 27.02
CA ALA B 611 26.00 -10.56 28.44
C ALA B 611 27.34 -11.25 28.68
N THR B 612 27.82 -12.04 27.71
CA THR B 612 29.06 -12.80 27.90
C THR B 612 30.27 -11.88 27.90
N LYS B 613 30.53 -11.21 26.76
CA LYS B 613 31.77 -10.44 26.61
C LYS B 613 31.71 -9.08 27.30
N MET B 614 30.53 -8.46 27.36
CA MET B 614 30.38 -7.13 27.93
C MET B 614 29.59 -7.10 29.22
N GLY B 615 28.85 -8.15 29.55
CA GLY B 615 28.20 -8.26 30.83
C GLY B 615 26.79 -7.73 30.93
N LEU B 616 26.22 -7.19 29.85
CA LEU B 616 24.87 -6.67 29.87
C LEU B 616 24.01 -7.40 28.84
N SER B 617 22.70 -7.40 29.06
CA SER B 617 21.73 -8.04 28.18
C SER B 617 20.85 -7.01 27.47
N ALA B 618 20.46 -7.35 26.25
CA ALA B 618 19.65 -6.45 25.43
C ALA B 618 18.17 -6.55 25.81
N SER B 619 17.56 -5.42 26.17
CA SER B 619 16.13 -5.40 26.47
C SER B 619 15.37 -6.00 25.30
N ARG B 620 15.32 -5.28 24.17
CA ARG B 620 14.76 -5.81 22.94
C ARG B 620 15.78 -5.67 21.82
N ILE B 621 15.62 -6.53 20.81
CA ILE B 621 16.47 -6.54 19.63
C ILE B 621 15.56 -6.50 18.42
N ILE B 622 15.66 -5.44 17.64
CA ILE B 622 14.69 -5.09 16.60
C ILE B 622 15.32 -5.41 15.25
N PRO B 623 14.85 -6.41 14.52
CA PRO B 623 15.39 -6.67 13.19
C PRO B 623 14.88 -5.65 12.18
N VAL B 624 15.76 -5.31 11.23
CA VAL B 624 15.44 -4.34 10.19
C VAL B 624 16.12 -4.79 8.90
N GLN B 625 15.37 -4.74 7.80
CA GLN B 625 15.89 -5.21 6.52
C GLN B 625 17.11 -4.38 6.11
N LYS B 626 17.97 -4.99 5.30
CA LYS B 626 19.17 -4.27 4.86
C LYS B 626 18.79 -3.03 4.06
N HIS B 627 17.90 -3.19 3.07
CA HIS B 627 17.64 -2.08 2.15
C HIS B 627 17.01 -0.88 2.84
N ALA B 628 16.66 -0.99 4.13
CA ALA B 628 16.11 0.14 4.87
C ALA B 628 16.93 0.47 6.11
N PHE B 629 18.13 -0.08 6.24
CA PHE B 629 19.02 0.33 7.32
C PHE B 629 19.56 1.71 7.00
N PRO B 630 19.32 2.73 7.82
CA PRO B 630 19.66 4.10 7.44
C PRO B 630 21.13 4.41 7.71
N LYS B 631 21.85 4.77 6.64
CA LYS B 631 23.21 5.26 6.72
C LYS B 631 23.35 6.51 5.87
N THR B 632 24.34 7.32 6.19
CA THR B 632 24.65 8.48 5.37
C THR B 632 25.47 8.05 4.15
N SER B 633 25.64 8.99 3.21
CA SER B 633 26.45 8.70 2.04
C SER B 633 27.86 8.25 2.45
N SER B 634 28.38 8.85 3.52
CA SER B 634 29.72 8.56 4.01
C SER B 634 29.79 7.27 4.83
N GLY B 635 28.76 6.43 4.79
CA GLY B 635 28.77 5.17 5.50
C GLY B 635 28.46 5.25 6.99
N LYS B 636 28.17 6.44 7.52
CA LYS B 636 27.85 6.58 8.93
C LYS B 636 26.48 5.97 9.24
N ILE B 637 26.37 5.35 10.41
CA ILE B 637 25.14 4.70 10.83
C ILE B 637 24.27 5.75 11.50
N GLU B 638 23.21 6.16 10.81
CA GLU B 638 22.29 7.16 11.34
C GLU B 638 21.54 6.59 12.54
N ARG B 639 22.23 6.49 13.68
CA ARG B 639 21.66 5.81 14.83
C ARG B 639 20.42 6.53 15.36
N ALA B 640 20.58 7.80 15.74
CA ALA B 640 19.48 8.53 16.37
C ALA B 640 18.23 8.56 15.49
N GLN B 641 18.37 8.32 14.18
CA GLN B 641 17.21 8.24 13.33
C GLN B 641 16.44 6.95 13.55
N LEU B 642 17.17 5.84 13.76
CA LEU B 642 16.50 4.56 14.01
C LEU B 642 15.58 4.64 15.22
N LYS B 643 16.07 5.20 16.32
CA LYS B 643 15.23 5.38 17.50
C LYS B 643 13.88 5.97 17.13
N THR B 644 13.88 7.17 16.55
CA THR B 644 12.64 7.83 16.18
C THR B 644 11.88 7.07 15.11
N ARG B 645 12.60 6.39 14.21
CA ARG B 645 11.94 5.59 13.18
C ARG B 645 11.22 4.38 13.74
N TRP B 646 11.61 3.93 14.94
CA TRP B 646 11.01 2.76 15.59
C TRP B 646 9.79 3.15 16.40
N GLN B 647 9.91 4.23 17.17
CA GLN B 647 8.76 4.75 17.92
C GLN B 647 7.59 5.04 16.99
N GLU B 648 7.86 5.34 15.72
CA GLU B 648 6.79 5.50 14.76
C GLU B 648 6.13 4.17 14.42
N GLY B 649 6.85 3.06 14.62
CA GLY B 649 6.26 1.75 14.52
C GLY B 649 6.34 1.17 13.13
N GLU B 650 7.46 1.40 12.45
CA GLU B 650 7.76 0.61 11.26
C GLU B 650 8.06 -0.82 11.65
N PHE B 651 8.78 -0.99 12.76
CA PHE B 651 9.24 -2.27 13.24
C PHE B 651 8.24 -2.94 14.17
N ASP B 652 7.17 -2.25 14.55
CA ASP B 652 6.09 -2.90 15.27
C ASP B 652 5.66 -4.18 14.55
N GLU B 653 5.50 -4.10 13.23
CA GLU B 653 4.94 -5.23 12.48
C GLU B 653 5.73 -6.50 12.72
N MET B 654 7.06 -6.40 12.78
CA MET B 654 7.90 -7.58 12.93
C MET B 654 8.36 -7.84 14.36
N ILE B 655 8.43 -6.82 15.21
CA ILE B 655 8.73 -7.10 16.62
C ILE B 655 7.57 -7.88 17.24
N MET B 656 6.36 -7.73 16.70
CA MET B 656 5.23 -8.54 17.13
C MET B 656 5.35 -9.98 16.64
N GLU B 657 5.50 -10.16 15.32
CA GLU B 657 5.64 -11.51 14.78
C GLU B 657 6.75 -12.29 15.47
N MET B 658 7.75 -11.58 15.98
CA MET B 658 8.77 -12.22 16.81
C MET B 658 8.23 -12.50 18.21
N ASP B 659 7.59 -11.50 18.83
CA ASP B 659 7.00 -11.71 20.14
C ASP B 659 6.17 -12.98 20.19
N MET B 660 5.38 -13.25 19.14
CA MET B 660 4.51 -14.42 19.15
C MET B 660 5.29 -15.72 19.29
N ARG B 661 6.40 -15.85 18.58
CA ARG B 661 7.08 -17.13 18.54
C ARG B 661 7.68 -17.54 19.89
N LEU B 662 7.87 -16.61 20.82
CA LEU B 662 8.48 -16.91 22.11
C LEU B 662 7.42 -16.88 23.22
N GLU B 663 7.87 -17.16 24.44
CA GLU B 663 7.03 -17.07 25.63
C GLU B 663 7.11 -15.65 26.20
N ASN B 664 6.81 -14.70 25.33
CA ASN B 664 7.15 -13.31 25.60
C ASN B 664 6.16 -12.67 26.57
N GLU B 665 6.57 -11.52 27.13
CA GLU B 665 5.67 -10.73 27.96
C GLU B 665 4.43 -10.29 27.18
N HIS B 666 4.48 -10.37 25.86
CA HIS B 666 3.35 -9.97 25.02
C HIS B 666 2.57 -11.16 24.47
N THR B 667 2.87 -12.38 24.93
CA THR B 667 2.26 -13.60 24.38
C THR B 667 1.17 -14.14 25.31
N LEU B 668 -0.09 -13.86 24.98
CA LEU B 668 -1.25 -14.36 25.71
C LEU B 668 -1.81 -15.64 25.07
N PRO B 669 -1.42 -16.84 25.53
CA PRO B 669 -1.77 -18.06 24.78
C PRO B 669 -3.27 -18.17 24.51
N ASN B 670 -3.61 -18.79 23.39
CA ASN B 670 -5.01 -19.07 23.06
C ASN B 670 -5.38 -20.36 23.77
N TRP B 671 -5.97 -20.22 24.95
CA TRP B 671 -6.22 -21.36 25.84
C TRP B 671 -7.56 -21.22 26.53
N SER B 672 -8.56 -20.68 25.82
CA SER B 672 -9.87 -20.41 26.40
C SER B 672 -10.93 -21.03 25.51
N TYR B 673 -11.93 -21.65 26.14
CA TYR B 673 -12.93 -22.44 25.43
C TYR B 673 -14.29 -22.25 26.08
N GLN B 674 -15.32 -22.78 25.39
CA GLN B 674 -16.69 -22.76 25.86
C GLN B 674 -17.25 -24.17 25.93
N LYS B 675 -18.31 -24.35 26.74
CA LYS B 675 -19.08 -25.58 26.75
C LYS B 675 -20.21 -25.45 25.73
N LYS B 676 -20.25 -26.37 24.77
CA LYS B 676 -21.31 -26.39 23.77
C LYS B 676 -22.05 -27.71 23.84
N TRP B 677 -23.37 -27.64 23.96
CA TRP B 677 -24.20 -28.84 24.00
C TRP B 677 -24.41 -29.33 22.57
N ILE B 678 -23.82 -30.49 22.25
CA ILE B 678 -23.83 -31.03 20.89
C ILE B 678 -24.63 -32.32 20.86
N PRO B 679 -25.36 -32.61 19.78
CA PRO B 679 -26.04 -33.90 19.71
C PRO B 679 -25.05 -35.04 19.46
N ALA B 680 -25.26 -36.13 20.20
CA ALA B 680 -24.59 -37.41 19.99
C ALA B 680 -25.61 -38.50 20.24
N PRO B 681 -26.03 -39.26 19.24
CA PRO B 681 -27.05 -40.27 19.47
C PRO B 681 -26.45 -41.56 20.04
N LEU B 682 -27.34 -42.50 20.35
CA LEU B 682 -27.00 -43.77 20.97
C LEU B 682 -27.06 -44.89 19.94
N ASP B 683 -26.31 -45.96 20.19
CA ASP B 683 -26.36 -47.13 19.34
C ASP B 683 -27.42 -48.11 19.84
N ALA B 684 -27.84 -49.02 18.96
CA ALA B 684 -28.76 -50.08 19.35
C ALA B 684 -28.07 -51.01 20.33
N ALA B 685 -28.86 -51.60 21.23
CA ALA B 685 -28.31 -52.44 22.30
C ALA B 685 -29.20 -53.65 22.50
N ASP B 686 -28.69 -54.83 22.15
CA ASP B 686 -29.42 -56.07 22.35
C ASP B 686 -29.31 -56.56 23.79
N LYS B 687 -28.59 -55.80 24.63
CA LYS B 687 -28.41 -56.17 26.03
C LYS B 687 -29.56 -55.59 26.84
N GLN B 688 -29.91 -56.28 27.93
CA GLN B 688 -30.92 -55.83 28.85
C GLN B 688 -30.36 -55.83 30.27
N ILE B 689 -31.12 -55.22 31.18
CA ILE B 689 -30.69 -55.08 32.56
C ILE B 689 -30.64 -56.46 33.22
N VAL B 690 -29.53 -56.73 33.90
CA VAL B 690 -29.27 -58.04 34.49
C VAL B 690 -29.07 -57.86 35.99
N GLY B 691 -30.13 -57.51 36.70
CA GLY B 691 -30.04 -57.40 38.15
C GLY B 691 -31.29 -56.79 38.74
N ASP B 692 -31.31 -56.79 40.07
CA ASP B 692 -32.38 -56.17 40.84
C ASP B 692 -32.10 -54.69 41.00
N VAL B 693 -33.14 -53.86 40.88
CA VAL B 693 -32.96 -52.42 40.80
C VAL B 693 -33.64 -51.75 41.99
N VAL B 694 -32.96 -50.78 42.58
CA VAL B 694 -33.52 -49.86 43.57
C VAL B 694 -33.78 -48.53 42.88
N ILE B 695 -34.86 -47.86 43.26
CA ILE B 695 -35.26 -46.63 42.57
C ILE B 695 -35.88 -45.66 43.56
N PHE B 696 -35.29 -44.47 43.68
CA PHE B 696 -35.82 -43.44 44.57
C PHE B 696 -36.89 -42.68 43.78
N ALA B 697 -38.15 -42.97 44.10
CA ALA B 697 -39.26 -42.61 43.25
C ALA B 697 -39.47 -41.10 43.20
N ASP B 698 -39.95 -40.64 42.05
CA ASP B 698 -40.32 -39.24 41.83
C ASP B 698 -41.76 -39.01 42.23
N PRO B 699 -42.21 -37.76 42.22
CA PRO B 699 -43.63 -37.49 42.44
C PRO B 699 -44.47 -37.37 41.18
N LEU B 700 -43.83 -37.41 40.00
CA LEU B 700 -44.56 -37.18 38.75
C LEU B 700 -45.02 -38.46 38.07
N GLY B 701 -44.41 -39.60 38.37
CA GLY B 701 -44.83 -40.87 37.80
C GLY B 701 -43.81 -41.53 36.90
N LEU B 702 -42.65 -40.91 36.67
CA LEU B 702 -41.62 -41.57 35.88
C LEU B 702 -41.25 -42.92 36.48
N ALA B 703 -41.14 -42.98 37.81
CA ALA B 703 -40.85 -44.25 38.47
C ALA B 703 -41.86 -45.33 38.08
N ASP B 704 -43.14 -45.01 38.21
CA ASP B 704 -44.17 -46.00 37.86
C ASP B 704 -43.98 -46.49 36.42
N GLN B 705 -43.73 -45.58 35.48
CA GLN B 705 -43.49 -46.01 34.10
C GLN B 705 -42.32 -46.99 34.04
N LEU B 706 -41.20 -46.61 34.65
CA LEU B 706 -40.00 -47.44 34.58
C LEU B 706 -40.27 -48.83 35.12
N LYS B 707 -41.09 -48.94 36.18
CA LYS B 707 -41.36 -50.25 36.76
C LYS B 707 -42.04 -51.17 35.76
N SER B 708 -42.91 -50.61 34.92
CA SER B 708 -43.64 -51.43 33.95
C SER B 708 -42.69 -52.12 32.99
N PHE B 709 -41.47 -51.64 32.87
CA PHE B 709 -40.53 -52.24 31.93
C PHE B 709 -39.75 -53.40 32.54
N ALA B 710 -39.74 -53.54 33.86
CA ALA B 710 -38.90 -54.53 34.51
C ALA B 710 -39.23 -55.94 34.03
N ASN B 711 -38.19 -56.76 33.91
CA ASN B 711 -38.38 -58.16 33.53
C ASN B 711 -38.95 -58.96 34.70
N SER B 712 -39.49 -60.13 34.37
CA SER B 712 -40.24 -60.93 35.33
C SER B 712 -39.38 -61.45 36.48
N GLU B 713 -38.06 -61.46 36.34
CA GLU B 713 -37.19 -62.04 37.36
C GLU B 713 -36.71 -61.01 38.37
N GLN B 714 -36.79 -59.72 38.04
CA GLN B 714 -36.19 -58.66 38.82
C GLN B 714 -37.18 -58.05 39.79
N THR B 715 -36.66 -57.62 40.94
CA THR B 715 -37.44 -56.95 41.97
C THR B 715 -37.09 -55.48 41.98
N TYR B 716 -38.11 -54.63 41.92
CA TYR B 716 -37.91 -53.18 41.93
C TYR B 716 -38.30 -52.67 43.32
N ILE B 717 -37.32 -52.17 44.05
CA ILE B 717 -37.53 -51.64 45.39
C ILE B 717 -37.76 -50.15 45.30
N THR B 718 -38.91 -49.71 45.79
CA THR B 718 -39.30 -48.31 45.66
C THR B 718 -39.03 -47.57 46.95
N VAL B 719 -38.35 -46.43 46.86
CA VAL B 719 -37.96 -45.63 48.00
C VAL B 719 -38.54 -44.23 47.80
N GLU B 720 -39.32 -43.77 48.75
CA GLU B 720 -39.85 -42.42 48.78
C GLU B 720 -39.25 -41.64 49.94
N PRO B 721 -39.28 -40.31 49.88
CA PRO B 721 -38.73 -39.51 50.97
C PRO B 721 -39.77 -39.15 52.00
N GLY B 722 -39.31 -38.96 53.25
CA GLY B 722 -40.21 -38.64 54.33
C GLY B 722 -39.55 -38.21 55.62
N GLN B 723 -40.22 -38.47 56.74
CA GLN B 723 -39.76 -37.97 58.03
C GLN B 723 -38.73 -38.89 58.68
N ALA B 724 -38.82 -40.20 58.46
CA ALA B 724 -37.80 -41.09 58.98
C ALA B 724 -38.04 -42.48 58.41
N PHE B 725 -37.12 -43.39 58.72
CA PHE B 725 -37.19 -44.75 58.22
C PHE B 725 -38.53 -45.38 58.56
N LYS B 726 -39.22 -45.88 57.54
CA LYS B 726 -40.45 -46.65 57.76
C LYS B 726 -40.53 -47.67 56.63
N GLN B 727 -40.38 -48.94 56.98
CA GLN B 727 -40.52 -50.01 55.99
C GLN B 727 -41.99 -50.34 55.84
N LEU B 728 -42.57 -50.01 54.69
CA LEU B 728 -43.98 -50.30 54.47
C LEU B 728 -44.17 -51.74 54.02
N THR B 729 -43.32 -52.18 53.10
CA THR B 729 -43.30 -53.56 52.60
C THR B 729 -41.84 -53.97 52.47
N HIS B 730 -41.62 -55.13 51.88
CA HIS B 730 -40.25 -55.54 51.58
C HIS B 730 -39.73 -54.94 50.29
N THR B 731 -40.58 -54.23 49.55
CA THR B 731 -40.18 -53.57 48.31
C THR B 731 -40.66 -52.14 48.28
N HIS B 732 -40.88 -51.53 49.44
CA HIS B 732 -41.40 -50.18 49.52
C HIS B 732 -40.91 -49.56 50.83
N PHE B 733 -40.26 -48.40 50.73
CA PHE B 733 -39.59 -47.82 51.88
C PHE B 733 -39.83 -46.32 51.91
N ILE B 734 -39.42 -45.71 53.02
CA ILE B 734 -39.52 -44.27 53.24
C ILE B 734 -38.33 -43.87 54.11
N ILE B 735 -37.64 -42.78 53.74
CA ILE B 735 -36.49 -42.35 54.52
C ILE B 735 -36.43 -40.82 54.52
N HIS B 736 -35.65 -40.30 55.47
CA HIS B 736 -35.38 -38.87 55.54
C HIS B 736 -34.21 -38.63 54.60
N PRO B 737 -34.41 -37.98 53.45
CA PRO B 737 -33.36 -37.95 52.43
C PRO B 737 -32.04 -37.47 52.99
N ASN B 738 -32.11 -36.72 54.07
CA ASN B 738 -30.95 -36.03 54.61
C ASN B 738 -30.25 -36.79 55.73
N ARG B 739 -30.82 -37.91 56.18
CA ARG B 739 -30.23 -38.65 57.29
C ARG B 739 -29.44 -39.82 56.75
N PRO B 740 -28.12 -39.87 56.93
CA PRO B 740 -27.34 -40.96 56.33
C PRO B 740 -27.66 -42.31 56.93
N SER B 741 -28.05 -42.36 58.21
CA SER B 741 -28.39 -43.65 58.81
C SER B 741 -29.41 -44.37 57.95
N ASP B 742 -30.49 -43.68 57.59
CA ASP B 742 -31.55 -44.30 56.82
C ASP B 742 -31.06 -44.85 55.48
N TYR B 743 -29.91 -44.41 55.00
CA TYR B 743 -29.38 -44.94 53.75
C TYR B 743 -28.68 -46.28 53.97
N GLU B 744 -27.73 -46.32 54.90
CA GLU B 744 -27.03 -47.58 55.14
C GLU B 744 -27.97 -48.61 55.76
N GLN B 745 -28.96 -48.18 56.54
CA GLN B 745 -29.91 -49.16 57.07
C GLN B 745 -30.79 -49.71 55.96
N LEU B 746 -31.22 -48.86 55.03
CA LEU B 746 -31.98 -49.34 53.88
C LEU B 746 -31.28 -50.52 53.24
N PHE B 747 -30.06 -50.30 52.75
CA PHE B 747 -29.36 -51.35 52.04
C PHE B 747 -29.12 -52.55 52.94
N GLU B 748 -28.86 -52.32 54.23
CA GLU B 748 -28.59 -53.43 55.13
C GLU B 748 -29.79 -54.38 55.21
N THR B 749 -31.01 -53.83 55.29
CA THR B 749 -32.18 -54.70 55.33
C THR B 749 -32.48 -55.32 53.97
N LEU B 750 -31.98 -54.74 52.88
CA LEU B 750 -32.15 -55.37 51.58
C LEU B 750 -31.10 -56.43 51.35
N ARG B 751 -29.90 -56.22 51.87
CA ARG B 751 -28.88 -57.27 51.87
C ARG B 751 -29.40 -58.51 52.58
N SER B 752 -30.19 -58.32 53.62
CA SER B 752 -30.74 -59.46 54.34
C SER B 752 -31.75 -60.20 53.46
N TYR B 753 -32.67 -59.48 52.85
CA TYR B 753 -33.70 -60.14 52.04
C TYR B 753 -33.15 -60.88 50.84
N GLY B 754 -31.83 -60.79 50.59
CA GLY B 754 -31.23 -61.50 49.48
C GLY B 754 -31.27 -60.77 48.15
N VAL B 755 -31.59 -59.48 48.15
CA VAL B 755 -31.72 -58.71 46.92
C VAL B 755 -30.33 -58.21 46.51
N SER B 756 -29.83 -58.70 45.38
CA SER B 756 -28.56 -58.21 44.85
C SER B 756 -28.88 -56.92 44.10
N VAL B 757 -28.57 -55.79 44.73
CA VAL B 757 -28.80 -54.50 44.12
C VAL B 757 -27.69 -54.22 43.10
N LYS B 758 -28.07 -54.12 41.83
CA LYS B 758 -27.12 -53.86 40.77
C LYS B 758 -27.37 -52.56 40.01
N HIS B 759 -28.51 -51.91 40.21
CA HIS B 759 -28.84 -50.67 39.53
C HIS B 759 -29.60 -49.78 40.50
N ILE B 760 -29.21 -48.50 40.56
CA ILE B 760 -29.87 -47.52 41.40
C ILE B 760 -30.30 -46.36 40.53
N ILE B 761 -31.57 -45.97 40.65
CA ILE B 761 -32.15 -44.88 39.88
C ILE B 761 -32.63 -43.82 40.86
N HIS B 762 -32.25 -42.56 40.62
CA HIS B 762 -32.38 -41.47 41.59
C HIS B 762 -33.15 -40.31 40.96
N LEU B 763 -34.48 -40.45 40.92
CA LEU B 763 -35.34 -39.45 40.31
C LEU B 763 -35.72 -38.33 41.27
N TRP B 764 -34.90 -38.04 42.26
CA TRP B 764 -35.40 -37.25 43.37
C TRP B 764 -35.30 -35.76 43.12
N ASN B 765 -34.48 -35.31 42.18
CA ASN B 765 -34.61 -33.98 41.61
C ASN B 765 -35.15 -34.09 40.18
N TYR B 766 -36.11 -35.00 39.99
CA TYR B 766 -36.98 -34.99 38.81
C TYR B 766 -38.32 -34.38 39.22
N THR B 767 -38.28 -33.07 39.41
CA THR B 767 -39.34 -32.33 40.07
C THR B 767 -40.15 -31.52 39.06
N ASN B 768 -41.12 -30.79 39.60
CA ASN B 768 -41.89 -29.83 38.83
C ASN B 768 -41.41 -28.44 39.18
N GLN B 769 -41.53 -27.54 38.21
CA GLN B 769 -40.75 -26.31 38.18
C GLN B 769 -41.28 -25.23 39.14
N GLU B 770 -40.37 -24.66 39.91
CA GLU B 770 -40.63 -23.52 40.77
C GLU B 770 -39.85 -22.32 40.24
N ASP B 771 -40.43 -21.14 40.35
CA ASP B 771 -39.83 -19.93 39.78
C ASP B 771 -39.02 -19.16 40.80
N LYS B 772 -39.44 -19.14 42.06
CA LYS B 772 -38.71 -18.41 43.08
C LYS B 772 -37.36 -19.06 43.30
N LEU B 773 -36.39 -18.24 43.73
CA LEU B 773 -35.05 -18.75 43.99
C LEU B 773 -34.43 -17.90 45.10
N TYR B 774 -34.86 -18.13 46.33
CA TYR B 774 -34.21 -17.62 47.51
C TYR B 774 -33.14 -18.62 47.93
N VAL B 775 -32.58 -18.46 49.14
CA VAL B 775 -31.56 -19.39 49.60
C VAL B 775 -32.19 -20.62 50.26
N SER B 776 -33.27 -20.44 51.03
CA SER B 776 -33.95 -21.59 51.62
C SER B 776 -34.21 -22.66 50.57
N LYS B 777 -34.84 -22.29 49.46
CA LYS B 777 -35.04 -23.23 48.36
C LYS B 777 -33.73 -23.85 47.92
N ALA B 778 -32.63 -23.12 48.04
CA ALA B 778 -31.33 -23.68 47.69
C ALA B 778 -30.88 -24.69 48.74
N LYS B 779 -30.89 -24.29 50.01
CA LYS B 779 -30.52 -25.20 51.10
C LYS B 779 -31.47 -26.40 51.17
N GLN B 780 -32.78 -26.15 51.01
CA GLN B 780 -33.75 -27.22 51.15
C GLN B 780 -33.64 -28.23 50.02
N ALA B 781 -33.41 -27.75 48.79
CA ALA B 781 -33.28 -28.66 47.66
C ALA B 781 -31.99 -29.46 47.71
N GLN B 782 -31.02 -29.02 48.50
CA GLN B 782 -29.74 -29.73 48.57
C GLN B 782 -29.93 -31.11 49.19
N LYS B 783 -30.72 -31.20 50.26
CA LYS B 783 -30.82 -32.45 51.01
C LYS B 783 -31.57 -33.51 50.20
N THR B 784 -32.61 -33.11 49.48
CA THR B 784 -33.33 -34.04 48.62
C THR B 784 -32.56 -34.42 47.37
N GLY B 785 -31.44 -33.77 47.09
CA GLY B 785 -30.69 -34.02 45.87
C GLY B 785 -29.21 -34.30 46.09
N SER B 786 -28.40 -33.24 46.06
CA SER B 786 -26.95 -33.41 46.06
C SER B 786 -26.46 -34.11 47.32
N MET B 787 -27.03 -33.78 48.48
CA MET B 787 -26.65 -34.47 49.72
C MET B 787 -27.08 -35.93 49.66
N SER B 788 -28.34 -36.17 49.31
CA SER B 788 -28.80 -37.54 49.13
C SER B 788 -27.81 -38.36 48.33
N ALA B 789 -27.27 -37.78 47.26
CA ALA B 789 -26.31 -38.51 46.46
C ALA B 789 -25.08 -38.89 47.27
N LEU B 790 -24.59 -37.98 48.11
CA LEU B 790 -23.47 -38.30 48.97
C LEU B 790 -23.83 -39.46 49.88
N PHE B 791 -24.90 -39.32 50.65
CA PHE B 791 -25.30 -40.34 51.59
C PHE B 791 -25.53 -41.68 50.90
N LEU B 792 -26.20 -41.65 49.74
CA LEU B 792 -26.50 -42.89 49.03
C LEU B 792 -25.23 -43.60 48.59
N THR B 793 -24.27 -42.86 48.03
CA THR B 793 -23.02 -43.49 47.60
C THR B 793 -22.17 -43.93 48.78
N LYS B 794 -22.04 -43.08 49.80
CA LYS B 794 -21.28 -43.49 50.98
C LYS B 794 -21.77 -44.82 51.52
N ALA B 795 -23.09 -45.01 51.59
CA ALA B 795 -23.65 -46.24 52.13
C ALA B 795 -23.21 -47.44 51.31
N ILE B 796 -23.53 -47.42 50.01
CA ILE B 796 -23.27 -48.57 49.16
C ILE B 796 -21.80 -48.74 48.81
N SER B 797 -20.94 -47.80 49.21
CA SER B 797 -19.52 -47.94 48.91
C SER B 797 -18.86 -49.00 49.78
N VAL B 798 -19.42 -49.26 50.97
CA VAL B 798 -18.75 -50.14 51.92
C VAL B 798 -18.83 -51.58 51.48
N TYR B 799 -19.89 -51.96 50.76
CA TYR B 799 -20.03 -53.32 50.27
C TYR B 799 -19.01 -53.66 49.18
N GLU B 800 -18.37 -52.65 48.57
CA GLU B 800 -17.31 -52.87 47.57
C GLU B 800 -17.79 -53.75 46.42
N GLU B 801 -19.05 -53.60 46.02
CA GLU B 801 -19.62 -54.38 44.94
C GLU B 801 -19.99 -53.48 43.76
N GLN B 802 -19.82 -54.00 42.55
CA GLN B 802 -20.15 -53.24 41.36
C GLN B 802 -21.64 -52.90 41.34
N VAL B 803 -21.97 -51.72 40.82
CA VAL B 803 -23.34 -51.23 40.81
C VAL B 803 -23.45 -50.03 39.89
N ALA B 804 -24.60 -49.87 39.24
CA ALA B 804 -24.81 -48.86 38.21
C ALA B 804 -25.81 -47.83 38.72
N ILE B 805 -25.29 -46.77 39.32
CA ILE B 805 -26.13 -45.66 39.76
C ILE B 805 -26.44 -44.77 38.56
N THR B 806 -27.64 -44.19 38.55
CA THR B 806 -28.08 -43.38 37.43
C THR B 806 -28.94 -42.24 37.98
N PHE B 807 -28.36 -41.06 38.10
CA PHE B 807 -29.13 -39.91 38.57
C PHE B 807 -29.91 -39.30 37.42
N VAL B 808 -31.09 -38.74 37.75
CA VAL B 808 -31.99 -38.18 36.76
C VAL B 808 -32.45 -36.82 37.26
N SER B 809 -32.21 -35.79 36.47
CA SER B 809 -32.49 -34.41 36.85
C SER B 809 -33.49 -33.83 35.86
N THR B 810 -34.09 -32.70 36.24
CA THR B 810 -34.91 -31.93 35.32
C THR B 810 -34.52 -30.48 35.42
N HIS B 811 -34.04 -29.91 34.31
CA HIS B 811 -33.70 -28.50 34.24
C HIS B 811 -32.44 -28.20 35.05
N ALA B 812 -31.57 -29.18 35.21
CA ALA B 812 -30.32 -28.94 35.92
C ALA B 812 -29.23 -28.42 35.02
N MET B 813 -29.27 -28.79 33.74
CA MET B 813 -28.34 -28.31 32.73
C MET B 813 -29.07 -27.36 31.79
N ASN B 814 -28.39 -26.27 31.43
CA ASN B 814 -28.98 -25.20 30.62
C ASN B 814 -28.56 -25.40 29.16
N VAL B 815 -29.52 -25.86 28.36
CA VAL B 815 -29.38 -26.00 26.91
C VAL B 815 -30.20 -24.85 26.33
N PRO B 816 -30.24 -24.64 25.01
CA PRO B 816 -31.06 -23.54 24.47
C PRO B 816 -32.54 -23.71 24.79
N GLU B 817 -32.85 -23.84 26.07
CA GLU B 817 -34.20 -24.05 26.60
C GLU B 817 -34.62 -22.83 27.39
N ASP B 818 -35.75 -22.24 27.01
CA ASP B 818 -36.23 -21.03 27.66
C ASP B 818 -37.37 -21.30 28.61
N HIS B 819 -37.66 -22.57 28.88
CA HIS B 819 -38.83 -22.85 29.70
C HIS B 819 -38.49 -22.69 31.17
N ILE B 820 -37.33 -23.16 31.62
CA ILE B 820 -36.92 -23.02 33.01
C ILE B 820 -35.50 -23.54 33.20
N HIS B 821 -34.86 -23.14 34.29
CA HIS B 821 -33.53 -23.60 34.67
C HIS B 821 -33.47 -23.61 36.19
N ASP B 822 -33.75 -24.79 36.77
CA ASP B 822 -33.61 -25.04 38.20
C ASP B 822 -32.14 -25.35 38.47
N VAL B 823 -31.35 -24.29 38.60
CA VAL B 823 -29.91 -24.45 38.69
C VAL B 823 -29.45 -25.11 39.99
N GLU B 824 -30.28 -25.09 41.04
CA GLU B 824 -29.86 -25.67 42.31
C GLU B 824 -29.51 -27.15 42.19
N LYS B 825 -30.00 -27.84 41.17
CA LYS B 825 -29.78 -29.27 41.02
C LYS B 825 -28.42 -29.60 40.42
N ALA B 826 -27.61 -28.59 40.09
CA ALA B 826 -26.37 -28.86 39.38
C ALA B 826 -25.32 -29.48 40.29
N THR B 827 -25.36 -29.17 41.58
CA THR B 827 -24.37 -29.73 42.50
C THR B 827 -24.40 -31.26 42.48
N THR B 828 -25.58 -31.84 42.36
CA THR B 828 -25.73 -33.29 42.25
C THR B 828 -24.73 -33.84 41.24
N ALA B 829 -24.88 -33.45 39.97
CA ALA B 829 -23.98 -33.94 38.92
C ALA B 829 -22.54 -33.56 39.18
N GLY B 830 -22.30 -32.47 39.90
CA GLY B 830 -20.94 -32.03 40.11
C GLY B 830 -20.23 -32.77 41.22
N LEU B 831 -20.96 -33.25 42.22
CA LEU B 831 -20.34 -34.02 43.29
C LEU B 831 -19.99 -35.42 42.80
N MET B 832 -20.88 -36.03 42.01
CA MET B 832 -20.67 -37.39 41.55
C MET B 832 -19.50 -37.51 40.59
N THR B 833 -18.92 -36.40 40.15
CA THR B 833 -17.75 -36.49 39.29
C THR B 833 -16.62 -37.21 39.99
N ALA B 834 -16.47 -37.00 41.30
CA ALA B 834 -15.40 -37.60 42.07
C ALA B 834 -15.64 -39.06 42.41
N VAL B 835 -16.80 -39.61 42.08
CA VAL B 835 -17.10 -40.98 42.48
C VAL B 835 -16.20 -41.97 41.74
N GLN B 836 -16.35 -42.05 40.41
CA GLN B 836 -15.60 -43.04 39.64
C GLN B 836 -14.10 -42.94 39.91
N HIS B 837 -13.66 -41.85 40.54
CA HIS B 837 -12.26 -41.69 40.86
C HIS B 837 -11.91 -42.31 42.22
N GLU B 838 -12.81 -42.20 43.19
CA GLU B 838 -12.55 -42.71 44.55
C GLU B 838 -13.04 -44.14 44.76
N TRP B 839 -14.09 -44.56 44.06
CA TRP B 839 -14.67 -45.89 44.17
C TRP B 839 -14.83 -46.48 42.78
N PRO B 840 -13.74 -46.98 42.19
CA PRO B 840 -13.80 -47.43 40.79
C PRO B 840 -14.95 -48.38 40.48
N PHE B 841 -15.38 -49.18 41.45
CA PHE B 841 -16.42 -50.18 41.23
C PHE B 841 -17.82 -49.57 41.11
N ILE B 842 -17.98 -48.26 41.30
CA ILE B 842 -19.27 -47.61 41.30
C ILE B 842 -19.40 -46.79 40.03
N LYS B 843 -20.21 -47.26 39.09
CA LYS B 843 -20.46 -46.53 37.86
C LYS B 843 -21.55 -45.49 38.12
N VAL B 844 -21.39 -44.32 37.52
CA VAL B 844 -22.34 -43.23 37.69
C VAL B 844 -22.55 -42.52 36.36
N GLN B 845 -23.79 -42.10 36.11
CA GLN B 845 -24.10 -41.27 34.95
C GLN B 845 -25.35 -40.46 35.26
N CYS B 846 -25.31 -39.16 34.99
CA CYS B 846 -26.43 -38.28 35.28
C CYS B 846 -27.14 -37.94 33.98
N LEU B 847 -28.46 -37.78 34.06
CA LEU B 847 -29.28 -37.40 32.92
C LEU B 847 -30.16 -36.23 33.31
N ASP B 848 -30.44 -35.38 32.33
CA ASP B 848 -31.28 -34.21 32.52
C ASP B 848 -32.32 -34.17 31.42
N PHE B 849 -33.58 -34.03 31.81
CA PHE B 849 -34.69 -33.96 30.87
C PHE B 849 -35.35 -32.60 31.00
N SER B 850 -36.24 -32.30 30.05
CA SER B 850 -36.99 -31.06 30.05
C SER B 850 -38.46 -31.40 30.02
N LEU B 851 -39.22 -30.80 30.94
CA LEU B 851 -40.66 -30.96 30.98
C LEU B 851 -41.36 -30.00 30.04
N ALA B 852 -40.57 -29.34 29.18
CA ALA B 852 -41.12 -28.55 28.09
C ALA B 852 -42.15 -29.37 27.34
N GLU B 853 -43.38 -28.88 27.29
CA GLU B 853 -44.47 -29.72 26.82
C GLU B 853 -44.15 -30.33 25.47
N SER B 854 -44.06 -31.66 25.45
CA SER B 854 -43.87 -32.45 24.25
C SER B 854 -44.71 -33.70 24.45
N VAL B 855 -45.70 -33.91 23.60
CA VAL B 855 -46.66 -34.99 23.83
C VAL B 855 -45.93 -36.31 23.64
N SER B 856 -45.14 -36.68 24.65
CA SER B 856 -44.28 -37.87 24.60
C SER B 856 -43.74 -38.10 23.19
N SER B 857 -42.98 -37.12 22.68
CA SER B 857 -42.34 -37.32 21.38
C SER B 857 -41.27 -38.39 21.49
N HIS B 858 -40.62 -38.45 22.64
CA HIS B 858 -39.68 -39.50 23.00
C HIS B 858 -39.79 -39.62 24.53
N SER B 859 -40.81 -40.38 24.99
CA SER B 859 -41.14 -40.41 26.41
C SER B 859 -39.87 -40.51 27.24
N HIS B 860 -39.84 -39.72 28.31
CA HIS B 860 -38.69 -39.74 29.20
C HIS B 860 -38.38 -41.16 29.63
N ALA B 861 -39.42 -41.95 29.90
CA ALA B 861 -39.22 -43.34 30.28
C ALA B 861 -38.47 -44.09 29.18
N MET B 862 -38.97 -43.99 27.94
CA MET B 862 -38.33 -44.69 26.83
C MET B 862 -36.86 -44.32 26.73
N ALA B 863 -36.56 -43.01 26.73
CA ALA B 863 -35.17 -42.59 26.69
C ALA B 863 -34.39 -43.10 27.90
N MET B 864 -35.03 -43.09 29.08
CA MET B 864 -34.36 -43.51 30.30
C MET B 864 -33.77 -44.90 30.16
N MET B 865 -34.60 -45.86 29.72
CA MET B 865 -34.12 -47.23 29.57
C MET B 865 -32.93 -47.29 28.62
N ALA B 866 -33.03 -46.63 27.47
CA ALA B 866 -31.98 -46.70 26.48
C ALA B 866 -30.62 -46.37 27.07
N GLU B 867 -30.55 -45.31 27.88
CA GLU B 867 -29.26 -44.91 28.45
C GLU B 867 -28.74 -45.94 29.44
N LEU B 868 -29.64 -46.69 30.09
CA LEU B 868 -29.22 -47.69 31.08
C LEU B 868 -28.61 -48.92 30.43
N THR B 869 -29.22 -49.39 29.34
CA THR B 869 -28.75 -50.62 28.69
C THR B 869 -27.39 -50.41 28.03
N HIS B 870 -27.08 -49.18 27.63
CA HIS B 870 -25.94 -48.89 26.76
C HIS B 870 -24.64 -48.65 27.50
N ASP B 871 -24.68 -47.92 28.62
CA ASP B 871 -23.47 -47.47 29.30
C ASP B 871 -22.51 -46.82 28.31
N GLN B 872 -22.87 -45.60 27.90
CA GLN B 872 -22.02 -44.87 26.96
C GLN B 872 -20.74 -44.36 27.60
N ASP B 873 -20.57 -44.53 28.91
CA ASP B 873 -19.39 -44.08 29.65
C ASP B 873 -19.31 -42.56 29.76
N CYS B 874 -20.24 -41.82 29.18
CA CYS B 874 -20.25 -40.36 29.33
C CYS B 874 -21.02 -39.99 30.60
N HIS B 875 -20.45 -39.08 31.38
CA HIS B 875 -20.99 -38.72 32.68
C HIS B 875 -22.38 -38.09 32.60
N VAL B 876 -22.47 -36.91 32.04
CA VAL B 876 -23.72 -36.16 31.99
C VAL B 876 -24.21 -36.07 30.56
N ALA B 877 -25.52 -36.10 30.38
CA ALA B 877 -26.15 -35.98 29.08
C ALA B 877 -27.51 -35.32 29.29
N ALA B 878 -28.04 -34.73 28.22
CA ALA B 878 -29.27 -33.95 28.31
C ALA B 878 -30.18 -34.31 27.15
N TYR B 879 -31.40 -34.72 27.48
CA TYR B 879 -32.48 -34.93 26.52
C TYR B 879 -33.46 -33.77 26.68
N ARG B 880 -33.67 -32.99 25.62
CA ARG B 880 -34.63 -31.89 25.71
C ARG B 880 -35.84 -32.11 24.82
N GLN B 881 -35.64 -32.35 23.53
CA GLN B 881 -36.75 -32.55 22.61
C GLN B 881 -36.70 -33.95 22.02
N GLY B 882 -36.42 -34.94 22.86
CA GLY B 882 -36.17 -36.28 22.38
C GLY B 882 -34.82 -36.40 21.71
N VAL B 883 -33.87 -35.55 22.08
CA VAL B 883 -32.56 -35.51 21.44
C VAL B 883 -31.50 -35.53 22.53
N ARG B 884 -30.58 -36.49 22.45
CA ARG B 884 -29.48 -36.55 23.40
C ARG B 884 -28.41 -35.54 23.01
N TYR B 885 -27.95 -34.77 24.00
CA TYR B 885 -26.85 -33.83 23.84
C TYR B 885 -25.80 -34.12 24.89
N ILE B 886 -24.53 -33.96 24.53
CA ILE B 886 -23.44 -34.09 25.49
C ILE B 886 -22.64 -32.80 25.47
N PRO B 887 -21.99 -32.39 26.56
CA PRO B 887 -21.26 -31.12 26.54
C PRO B 887 -19.85 -31.31 25.97
N PHE B 888 -19.54 -30.48 24.97
CA PHE B 888 -18.22 -30.41 24.35
C PHE B 888 -17.58 -29.04 24.56
N LEU B 889 -16.27 -29.01 24.40
CA LEU B 889 -15.53 -27.77 24.46
C LEU B 889 -15.37 -27.17 23.06
N ALA B 890 -15.23 -25.85 23.00
CA ALA B 890 -15.04 -25.15 21.75
C ALA B 890 -14.18 -23.93 22.03
N PRO B 891 -13.23 -23.60 21.16
CA PRO B 891 -12.32 -22.49 21.44
C PRO B 891 -13.04 -21.15 21.40
N LEU B 892 -12.46 -20.19 22.11
CA LEU B 892 -13.09 -18.89 22.26
C LEU B 892 -12.85 -18.01 21.03
N HIS B 893 -11.62 -17.99 20.53
CA HIS B 893 -11.25 -17.13 19.41
C HIS B 893 -11.53 -15.67 19.79
N LEU B 894 -10.67 -15.16 20.67
CA LEU B 894 -10.98 -13.92 21.36
C LEU B 894 -11.12 -12.76 20.39
N GLU B 895 -10.18 -12.63 19.45
CA GLU B 895 -10.25 -11.53 18.50
C GLU B 895 -11.55 -11.59 17.69
N LYS B 896 -11.74 -12.68 16.94
CA LYS B 896 -12.81 -12.73 15.97
C LYS B 896 -14.18 -12.60 16.63
N GLU B 897 -14.29 -13.00 17.90
CA GLU B 897 -15.56 -12.99 18.62
C GLU B 897 -15.69 -11.76 19.52
N GLN B 898 -14.68 -10.91 19.57
CA GLN B 898 -14.72 -9.72 20.40
C GLN B 898 -15.92 -8.86 20.02
N LYS B 899 -16.52 -8.21 21.02
CA LYS B 899 -17.71 -7.39 20.81
C LYS B 899 -17.59 -6.03 21.50
N ARG B 900 -16.38 -5.59 21.83
CA ARG B 900 -16.22 -4.46 22.72
C ARG B 900 -14.75 -4.10 22.87
N LYS B 901 -14.44 -2.81 23.01
CA LYS B 901 -13.07 -2.33 22.90
C LYS B 901 -12.38 -2.09 24.24
N GLU B 902 -13.13 -1.91 25.32
CA GLU B 902 -12.54 -1.79 26.64
C GLU B 902 -13.30 -2.69 27.60
N PRO B 903 -12.68 -3.09 28.70
CA PRO B 903 -13.40 -3.84 29.73
C PRO B 903 -14.70 -3.12 30.09
N PRO B 904 -15.75 -3.85 30.45
CA PRO B 904 -17.05 -3.18 30.66
C PRO B 904 -17.18 -2.52 32.03
N PHE B 905 -16.08 -2.01 32.57
CA PHE B 905 -16.11 -1.29 33.83
C PHE B 905 -16.41 0.17 33.59
N GLU B 906 -17.40 0.70 34.29
CA GLU B 906 -17.67 2.13 34.24
C GLU B 906 -16.58 2.87 35.02
N SER B 907 -16.41 4.15 34.68
CA SER B 907 -15.27 4.91 35.19
C SER B 907 -15.32 5.02 36.71
N SER B 908 -16.30 5.75 37.23
CA SER B 908 -16.49 5.84 38.68
C SER B 908 -17.72 5.06 39.11
N GLY B 909 -17.75 3.76 38.82
CA GLY B 909 -18.89 2.95 39.12
C GLY B 909 -18.79 2.26 40.47
N LEU B 910 -19.95 1.88 41.00
CA LEU B 910 -20.00 1.16 42.27
C LEU B 910 -19.78 -0.33 42.02
N TYR B 911 -18.76 -0.88 42.67
CA TYR B 911 -18.40 -2.28 42.48
C TYR B 911 -18.12 -2.91 43.83
N VAL B 912 -18.81 -4.00 44.13
CA VAL B 912 -18.65 -4.73 45.39
C VAL B 912 -17.89 -6.02 45.12
N ILE B 913 -16.99 -6.36 46.04
CA ILE B 913 -15.99 -7.40 45.82
C ILE B 913 -15.91 -8.30 47.04
N THR B 914 -15.81 -9.60 46.82
CA THR B 914 -15.62 -10.59 47.87
C THR B 914 -14.23 -11.18 47.76
N GLY B 915 -13.51 -11.21 48.87
CA GLY B 915 -12.15 -11.71 48.87
C GLY B 915 -11.23 -10.93 47.95
N GLY B 916 -11.44 -9.62 47.86
CA GLY B 916 -10.52 -8.78 47.11
C GLY B 916 -9.10 -8.84 47.62
N LEU B 917 -8.90 -9.33 48.84
CA LEU B 917 -7.57 -9.52 49.40
C LEU B 917 -6.91 -10.82 48.92
N GLY B 918 -7.65 -11.69 48.24
CA GLY B 918 -7.04 -12.87 47.68
C GLY B 918 -6.12 -12.54 46.52
N GLY B 919 -5.26 -13.50 46.18
CA GLY B 919 -4.31 -13.29 45.11
C GLY B 919 -4.97 -12.78 43.85
N ILE B 920 -6.09 -13.37 43.46
CA ILE B 920 -6.79 -12.95 42.25
C ILE B 920 -7.70 -11.77 42.50
N GLY B 921 -8.15 -11.58 43.75
CA GLY B 921 -8.98 -10.42 44.04
C GLY B 921 -8.20 -9.11 43.99
N ARG B 922 -7.02 -9.09 44.59
CA ARG B 922 -6.18 -7.90 44.58
C ARG B 922 -5.96 -7.40 43.15
N LEU B 923 -5.52 -8.30 42.26
CA LEU B 923 -5.33 -7.97 40.86
C LEU B 923 -6.50 -7.15 40.31
N VAL B 924 -7.72 -7.55 40.65
CA VAL B 924 -8.90 -6.86 40.16
C VAL B 924 -9.17 -5.58 40.95
N SER B 925 -8.82 -5.55 42.24
CA SER B 925 -9.05 -4.35 43.03
C SER B 925 -8.06 -3.25 42.67
N GLU B 926 -6.78 -3.61 42.52
CA GLU B 926 -5.79 -2.64 42.06
C GLU B 926 -6.25 -2.00 40.75
N GLN B 927 -6.78 -2.79 39.83
CA GLN B 927 -7.23 -2.26 38.55
C GLN B 927 -8.41 -1.31 38.73
N LEU B 928 -9.47 -1.75 39.40
CA LEU B 928 -10.68 -0.95 39.50
C LEU B 928 -10.50 0.33 40.29
N LEU B 929 -9.34 0.54 40.92
CA LEU B 929 -9.08 1.78 41.65
C LEU B 929 -8.16 2.72 40.88
N THR B 930 -7.21 2.19 40.10
CA THR B 930 -6.30 3.04 39.33
C THR B 930 -6.91 3.37 37.98
N SER B 931 -6.91 2.41 37.06
CA SER B 931 -7.40 2.67 35.70
C SER B 931 -8.79 3.27 35.72
N TYR B 932 -9.67 2.74 36.58
CA TYR B 932 -10.98 3.32 36.83
C TYR B 932 -11.01 3.81 38.27
N GLN B 933 -11.82 4.82 38.53
CA GLN B 933 -11.86 5.48 39.83
C GLN B 933 -13.13 5.04 40.55
N ALA B 934 -13.15 3.77 40.95
CA ALA B 934 -14.35 3.11 41.38
C ALA B 934 -14.51 3.17 42.90
N HIS B 935 -15.77 3.19 43.34
CA HIS B 935 -16.12 3.09 44.74
C HIS B 935 -16.22 1.61 45.10
N LEU B 936 -15.13 1.07 45.63
CA LEU B 936 -15.06 -0.34 45.99
C LEU B 936 -15.49 -0.52 47.44
N VAL B 937 -16.39 -1.48 47.68
CA VAL B 937 -16.75 -1.90 49.03
C VAL B 937 -16.44 -3.39 49.12
N LEU B 938 -15.50 -3.76 49.98
CA LEU B 938 -15.10 -5.14 50.15
C LEU B 938 -15.86 -5.76 51.31
N LEU B 939 -16.49 -6.89 51.06
CA LEU B 939 -17.21 -7.65 52.08
C LEU B 939 -16.40 -8.89 52.41
N GLY B 940 -15.97 -8.99 53.66
CA GLY B 940 -15.29 -10.16 54.16
C GLY B 940 -16.08 -10.82 55.28
N ARG B 941 -15.65 -12.04 55.62
CA ARG B 941 -16.36 -12.83 56.63
C ARG B 941 -15.82 -12.59 58.04
N LYS B 942 -14.51 -12.40 58.18
CA LYS B 942 -13.94 -12.01 59.47
C LYS B 942 -14.08 -10.50 59.66
N GLU B 943 -13.68 -10.02 60.83
CA GLU B 943 -13.58 -8.58 61.07
C GLU B 943 -12.17 -8.08 60.80
N ARG B 944 -12.05 -6.77 60.58
CA ARG B 944 -10.78 -6.17 60.18
C ARG B 944 -9.64 -6.59 61.10
N GLU B 945 -9.81 -6.40 62.41
CA GLU B 945 -8.73 -6.64 63.34
C GLU B 945 -8.29 -8.09 63.37
N ALA B 946 -9.15 -9.02 62.95
CA ALA B 946 -8.86 -10.44 62.98
C ALA B 946 -8.37 -10.97 61.64
N LEU B 947 -7.98 -10.09 60.73
CA LEU B 947 -7.47 -10.57 59.45
C LEU B 947 -6.01 -10.98 59.59
N SER B 948 -5.56 -11.79 58.63
CA SER B 948 -4.15 -12.14 58.56
C SER B 948 -3.30 -10.88 58.40
N SER B 949 -2.21 -10.82 59.16
CA SER B 949 -1.25 -9.74 58.95
C SER B 949 -0.84 -9.66 57.47
N ASP B 950 -0.93 -10.77 56.74
CA ASP B 950 -0.67 -10.75 55.31
C ASP B 950 -1.75 -9.99 54.55
N GLN B 951 -2.99 -10.00 55.05
CA GLN B 951 -4.10 -9.33 54.39
C GLN B 951 -4.19 -7.87 54.79
N GLN B 952 -4.17 -7.59 56.10
CA GLN B 952 -4.22 -6.21 56.56
C GLN B 952 -3.17 -5.36 55.85
N GLU B 953 -2.01 -5.95 55.56
CA GLU B 953 -1.01 -5.26 54.74
C GLU B 953 -1.49 -5.11 53.30
N THR B 954 -1.87 -6.21 52.66
CA THR B 954 -2.34 -6.14 51.27
C THR B 954 -3.62 -5.33 51.15
N LEU B 955 -4.24 -4.96 52.28
CA LEU B 955 -5.41 -4.09 52.32
C LEU B 955 -5.02 -2.61 52.40
N SER B 956 -4.16 -2.26 53.35
CA SER B 956 -3.68 -0.87 53.44
C SER B 956 -3.09 -0.42 52.10
N LEU B 957 -2.35 -1.30 51.43
CA LEU B 957 -1.90 -1.03 50.07
C LEU B 957 -3.04 -0.49 49.22
N LEU B 958 -4.17 -1.20 49.21
CA LEU B 958 -5.32 -0.76 48.42
C LEU B 958 -5.92 0.52 48.97
N GLU B 959 -5.88 0.72 50.29
CA GLU B 959 -6.37 1.97 50.87
C GLU B 959 -5.54 3.15 50.38
N LYS B 960 -4.21 3.01 50.43
CA LYS B 960 -3.33 4.03 49.88
C LYS B 960 -3.55 4.21 48.38
N GLN B 961 -3.52 3.10 47.63
CA GLN B 961 -3.68 3.16 46.19
C GLN B 961 -4.99 3.80 45.75
N ALA B 962 -5.96 3.94 46.65
CA ALA B 962 -7.23 4.58 46.33
C ALA B 962 -7.22 6.08 46.59
N LYS B 963 -6.60 6.50 47.70
CA LYS B 963 -6.56 7.93 48.04
C LYS B 963 -5.87 8.73 46.94
N VAL B 964 -4.83 8.16 46.33
CA VAL B 964 -4.03 8.90 45.35
C VAL B 964 -4.58 8.81 43.93
N HIS B 965 -5.63 8.01 43.70
CA HIS B 965 -6.25 7.92 42.39
C HIS B 965 -7.73 8.32 42.41
N GLY B 966 -8.18 8.97 43.49
CA GLY B 966 -9.53 9.51 43.51
C GLY B 966 -10.61 8.48 43.70
N GLY B 967 -10.27 7.21 43.86
CA GLY B 967 -11.24 6.19 44.17
C GLY B 967 -11.42 6.01 45.68
N LYS B 968 -12.46 5.28 46.04
CA LYS B 968 -12.75 4.97 47.44
C LYS B 968 -12.75 3.46 47.63
N VAL B 969 -12.38 3.03 48.83
CA VAL B 969 -12.33 1.62 49.16
C VAL B 969 -12.74 1.44 50.62
N LEU B 970 -13.86 0.75 50.84
CA LEU B 970 -14.36 0.46 52.18
C LEU B 970 -14.43 -1.05 52.39
N TYR B 971 -14.46 -1.45 53.66
CA TYR B 971 -14.57 -2.85 54.04
C TYR B 971 -15.61 -2.99 55.14
N GLU B 972 -16.43 -4.03 55.04
CA GLU B 972 -17.49 -4.28 56.02
C GLU B 972 -17.61 -5.77 56.27
N LYS B 973 -17.53 -6.16 57.54
CA LYS B 973 -17.87 -7.52 57.95
C LYS B 973 -19.34 -7.79 57.69
N ALA B 974 -19.64 -8.95 57.11
CA ALA B 974 -21.03 -9.24 56.75
C ALA B 974 -21.18 -10.72 56.41
N ASP B 975 -22.42 -11.19 56.54
CA ASP B 975 -22.79 -12.54 56.14
C ASP B 975 -23.15 -12.54 54.67
N ILE B 976 -22.26 -13.08 53.83
CA ILE B 976 -22.49 -13.13 52.40
C ILE B 976 -23.80 -13.83 52.05
N THR B 977 -24.41 -14.54 53.00
CA THR B 977 -25.50 -15.47 52.73
C THR B 977 -26.90 -14.88 52.92
N ALA B 978 -27.04 -13.77 53.63
CA ALA B 978 -28.36 -13.27 54.01
C ALA B 978 -28.91 -12.38 52.90
N GLU B 979 -30.02 -12.81 52.30
CA GLU B 979 -30.67 -12.01 51.26
C GLU B 979 -30.85 -10.57 51.70
N LYS B 980 -31.50 -10.38 52.85
CA LYS B 980 -31.90 -9.02 53.24
C LYS B 980 -30.70 -8.23 53.73
N GLU B 981 -29.81 -8.86 54.50
CA GLU B 981 -28.61 -8.18 54.97
C GLU B 981 -27.75 -7.64 53.84
N VAL B 982 -27.85 -8.20 52.65
CA VAL B 982 -27.07 -7.70 51.52
C VAL B 982 -27.71 -6.46 50.91
N GLU B 983 -29.01 -6.51 50.65
CA GLU B 983 -29.69 -5.36 50.06
C GLU B 983 -29.53 -4.10 50.91
N ALA B 984 -29.50 -4.26 52.24
CA ALA B 984 -29.31 -3.12 53.12
C ALA B 984 -27.93 -2.50 52.95
N ILE B 985 -26.88 -3.33 52.86
CA ILE B 985 -25.53 -2.80 52.73
C ILE B 985 -25.31 -2.15 51.36
N ILE B 986 -26.00 -2.63 50.33
CA ILE B 986 -25.86 -2.02 49.00
C ILE B 986 -26.55 -0.66 48.98
N SER B 987 -27.82 -0.61 49.39
CA SER B 987 -28.54 0.66 49.40
C SER B 987 -27.74 1.75 50.08
N ARG B 988 -27.20 1.46 51.26
CA ARG B 988 -26.44 2.47 51.99
C ARG B 988 -25.29 3.04 51.16
N HIS B 989 -24.49 2.17 50.54
CA HIS B 989 -23.42 2.66 49.67
C HIS B 989 -23.96 3.23 48.36
N GLU B 990 -25.16 2.83 47.96
CA GLU B 990 -25.79 3.39 46.77
C GLU B 990 -26.31 4.81 47.02
N VAL B 991 -26.51 5.20 48.28
CA VAL B 991 -27.03 6.52 48.62
C VAL B 991 -25.88 7.39 49.12
N ALA B 992 -24.90 6.77 49.78
CA ALA B 992 -23.71 7.48 50.23
C ALA B 992 -23.05 8.14 49.03
N GLY B 993 -22.50 7.34 48.12
CA GLY B 993 -22.26 7.82 46.77
C GLY B 993 -23.55 7.64 46.00
N ASN B 994 -23.97 8.68 45.29
CA ASN B 994 -25.28 8.65 44.63
C ASN B 994 -25.26 7.88 43.31
N ARG B 995 -24.52 6.77 43.27
CA ARG B 995 -24.47 5.87 42.12
C ARG B 995 -25.19 4.58 42.50
N ARG B 996 -25.88 3.98 41.54
CA ARG B 996 -26.45 2.66 41.72
C ARG B 996 -25.42 1.59 41.36
N LEU B 997 -25.51 0.46 42.05
CA LEU B 997 -24.54 -0.62 41.88
C LEU B 997 -24.28 -0.89 40.41
N ASP B 998 -23.00 -0.99 40.06
CA ASP B 998 -22.57 -1.25 38.69
C ASP B 998 -22.04 -2.66 38.48
N GLY B 999 -21.75 -3.41 39.55
CA GLY B 999 -21.23 -4.75 39.38
C GLY B 999 -20.87 -5.47 40.66
N ILE B 1000 -20.91 -6.80 40.61
CA ILE B 1000 -20.49 -7.67 41.70
C ILE B 1000 -19.33 -8.51 41.21
N ILE B 1001 -18.26 -8.59 42.00
CA ILE B 1001 -17.13 -9.44 41.70
C ILE B 1001 -17.01 -10.43 42.85
N HIS B 1002 -17.33 -11.70 42.57
CA HIS B 1002 -17.53 -12.71 43.60
C HIS B 1002 -16.44 -13.77 43.47
N PHE B 1003 -15.35 -13.58 44.21
CA PHE B 1003 -14.25 -14.52 44.20
C PHE B 1003 -14.08 -15.25 45.53
N ALA B 1004 -14.85 -14.89 46.55
CA ALA B 1004 -14.84 -15.63 47.80
C ALA B 1004 -14.98 -17.12 47.53
N GLY B 1005 -14.30 -17.92 48.35
CA GLY B 1005 -14.32 -19.36 48.18
C GLY B 1005 -13.24 -20.05 48.97
N ILE B 1006 -13.61 -21.14 49.64
CA ILE B 1006 -12.66 -21.97 50.37
C ILE B 1006 -12.34 -23.19 49.52
N ILE B 1007 -11.20 -23.80 49.78
CA ILE B 1007 -10.86 -25.10 49.21
C ILE B 1007 -10.56 -26.06 50.33
N GLN B 1008 -11.13 -27.26 50.23
CA GLN B 1008 -10.80 -28.37 51.12
C GLN B 1008 -10.71 -29.62 50.26
N GLU B 1009 -9.51 -30.20 50.17
CA GLU B 1009 -9.33 -31.49 49.51
C GLU B 1009 -9.77 -32.59 50.47
N GLU B 1010 -10.89 -33.25 50.15
CA GLU B 1010 -11.50 -34.19 51.06
C GLU B 1010 -12.21 -35.28 50.25
N LEU B 1011 -12.12 -36.51 50.74
CA LEU B 1011 -12.68 -37.66 50.03
C LEU B 1011 -14.13 -37.88 50.43
N LEU B 1012 -14.89 -38.45 49.50
CA LEU B 1012 -16.27 -38.79 49.78
C LEU B 1012 -16.38 -39.71 50.99
N ALA B 1013 -15.37 -40.56 51.21
CA ALA B 1013 -15.38 -41.44 52.38
C ALA B 1013 -15.52 -40.64 53.67
N ASP B 1014 -14.71 -39.59 53.82
CA ASP B 1014 -14.68 -38.79 55.04
C ASP B 1014 -15.54 -37.54 54.96
N MET B 1015 -16.32 -37.39 53.89
CA MET B 1015 -17.04 -36.14 53.66
C MET B 1015 -18.28 -36.07 54.54
N THR B 1016 -18.21 -35.24 55.58
CA THR B 1016 -19.38 -34.98 56.41
C THR B 1016 -20.43 -34.19 55.63
N SER B 1017 -21.67 -34.22 56.14
CA SER B 1017 -22.73 -33.41 55.55
C SER B 1017 -22.47 -31.92 55.71
N VAL B 1018 -21.68 -31.53 56.71
CA VAL B 1018 -21.38 -30.13 56.93
C VAL B 1018 -20.13 -29.69 56.15
N SER B 1019 -19.17 -30.59 55.95
CA SER B 1019 -18.06 -30.29 55.06
C SER B 1019 -18.57 -29.69 53.76
N LEU B 1020 -19.65 -30.27 53.24
CA LEU B 1020 -20.25 -29.78 52.00
C LEU B 1020 -20.95 -28.44 52.23
N ASN B 1021 -21.71 -28.32 53.30
CA ASN B 1021 -22.43 -27.09 53.55
C ASN B 1021 -21.50 -25.93 53.89
N ASP B 1022 -20.30 -26.21 54.40
CA ASP B 1022 -19.32 -25.14 54.58
C ASP B 1022 -18.75 -24.68 53.24
N MET B 1023 -18.69 -25.58 52.27
CA MET B 1023 -18.26 -25.19 50.93
C MET B 1023 -19.31 -24.33 50.25
N TYR B 1024 -20.55 -24.81 50.20
CA TYR B 1024 -21.61 -24.09 49.50
C TYR B 1024 -21.85 -22.71 50.08
N GLU B 1025 -21.46 -22.47 51.34
CA GLU B 1025 -21.81 -21.21 51.99
C GLU B 1025 -21.37 -20.04 51.13
N ALA B 1026 -20.10 -20.03 50.72
CA ALA B 1026 -19.58 -18.95 49.89
C ALA B 1026 -20.01 -19.10 48.43
N LYS B 1027 -19.65 -20.22 47.81
CA LYS B 1027 -19.76 -20.38 46.36
C LYS B 1027 -21.18 -20.64 45.88
N VAL B 1028 -22.17 -20.75 46.78
CA VAL B 1028 -23.55 -20.99 46.37
C VAL B 1028 -24.50 -20.08 47.12
N TYR B 1029 -24.67 -20.33 48.42
CA TYR B 1029 -25.61 -19.55 49.20
C TYR B 1029 -25.24 -18.07 49.18
N GLY B 1030 -23.94 -17.77 49.23
CA GLY B 1030 -23.53 -16.39 49.06
C GLY B 1030 -23.88 -15.86 47.67
N THR B 1031 -23.47 -16.59 46.64
CA THR B 1031 -23.80 -16.22 45.27
C THR B 1031 -25.28 -15.87 45.13
N ILE B 1032 -26.15 -16.62 45.81
CA ILE B 1032 -27.58 -16.40 45.64
C ILE B 1032 -28.01 -15.10 46.29
N ALA B 1033 -27.40 -14.74 47.41
CA ALA B 1033 -27.75 -13.48 48.05
C ALA B 1033 -27.26 -12.30 47.23
N LEU B 1034 -26.03 -12.39 46.71
CA LEU B 1034 -25.50 -11.32 45.87
C LEU B 1034 -26.39 -11.12 44.64
N HIS B 1035 -26.75 -12.22 43.97
CA HIS B 1035 -27.65 -12.10 42.82
C HIS B 1035 -29.01 -11.58 43.26
N GLU B 1036 -29.40 -11.83 44.50
CA GLU B 1036 -30.67 -11.32 44.99
C GLU B 1036 -30.73 -9.80 44.86
N ALA B 1037 -29.58 -9.12 45.04
CA ALA B 1037 -29.51 -7.67 44.85
C ALA B 1037 -29.31 -7.31 43.38
N ALA B 1038 -28.30 -7.90 42.73
CA ALA B 1038 -28.00 -7.55 41.34
C ALA B 1038 -29.21 -7.75 40.44
N SER B 1039 -30.10 -8.70 40.77
CA SER B 1039 -31.29 -8.91 39.95
C SER B 1039 -32.28 -7.76 40.07
N LYS B 1040 -32.19 -7.00 41.16
CA LYS B 1040 -33.11 -5.87 41.39
C LYS B 1040 -32.66 -4.58 40.72
N ARG B 1041 -31.54 -4.58 40.03
CA ARG B 1041 -31.03 -3.42 39.30
C ARG B 1041 -30.89 -3.81 37.82
N ARG B 1042 -30.31 -2.91 37.02
CA ARG B 1042 -30.26 -3.11 35.58
C ARG B 1042 -28.82 -3.28 35.11
N ASN B 1043 -28.57 -4.41 34.45
CA ASN B 1043 -27.30 -4.67 33.74
C ASN B 1043 -26.10 -4.54 34.68
N VAL B 1044 -26.19 -5.23 35.82
CA VAL B 1044 -25.09 -5.29 36.77
C VAL B 1044 -24.10 -6.37 36.35
N LEU B 1045 -22.81 -6.06 36.49
CA LEU B 1045 -21.77 -7.00 36.12
C LEU B 1045 -21.55 -8.03 37.23
N PHE B 1046 -21.39 -9.29 36.84
CA PHE B 1046 -21.23 -10.39 37.79
C PHE B 1046 -20.00 -11.22 37.41
N LEU B 1047 -18.98 -11.18 38.25
CA LEU B 1047 -17.75 -11.94 38.06
C LEU B 1047 -17.71 -13.08 39.06
N SER B 1048 -17.37 -14.28 38.58
CA SER B 1048 -17.34 -15.47 39.41
C SER B 1048 -16.12 -16.31 39.06
N SER B 1049 -15.47 -16.85 40.09
CA SER B 1049 -14.30 -17.70 39.93
C SER B 1049 -14.69 -19.16 40.13
N SER B 1050 -14.15 -20.03 39.28
CA SER B 1050 -14.44 -21.46 39.34
C SER B 1050 -13.17 -22.29 39.12
N SER B 1051 -13.33 -23.50 38.61
CA SER B 1051 -12.20 -24.35 38.27
C SER B 1051 -12.59 -25.25 37.11
N ALA B 1052 -11.56 -25.68 36.36
CA ALA B 1052 -11.76 -26.58 35.23
C ALA B 1052 -11.79 -28.04 35.63
N ARG B 1053 -11.52 -28.36 36.89
CA ARG B 1053 -11.64 -29.75 37.35
C ARG B 1053 -13.04 -30.29 37.11
N THR B 1054 -14.05 -29.40 37.13
CA THR B 1054 -15.43 -29.82 36.94
C THR B 1054 -15.63 -30.58 35.64
N LEU B 1055 -14.73 -30.43 34.68
CA LEU B 1055 -14.92 -31.06 33.38
C LEU B 1055 -14.85 -32.57 33.50
N LYS B 1056 -13.75 -33.09 34.05
CA LYS B 1056 -13.53 -34.53 34.11
C LYS B 1056 -13.67 -35.10 35.53
N GLY B 1057 -13.86 -34.25 36.54
CA GLY B 1057 -13.94 -34.72 37.91
C GLY B 1057 -12.55 -34.92 38.48
N GLY B 1058 -12.50 -35.22 39.77
CA GLY B 1058 -11.23 -35.39 40.42
C GLY B 1058 -11.36 -36.08 41.75
N MET B 1059 -10.34 -36.86 42.09
CA MET B 1059 -10.24 -37.48 43.39
C MET B 1059 -10.03 -36.44 44.47
N THR B 1060 -10.57 -36.72 45.67
CA THR B 1060 -10.39 -35.87 46.85
C THR B 1060 -10.72 -34.41 46.58
N VAL B 1061 -11.67 -34.15 45.68
CA VAL B 1061 -12.10 -32.79 45.39
C VAL B 1061 -13.59 -32.77 45.09
N GLY B 1062 -14.33 -33.72 45.65
CA GLY B 1062 -15.77 -33.76 45.43
C GLY B 1062 -16.44 -32.47 45.83
N ALA B 1063 -16.08 -31.93 46.99
CA ALA B 1063 -16.68 -30.69 47.46
C ALA B 1063 -16.41 -29.56 46.46
N TYR B 1064 -15.14 -29.38 46.10
CA TYR B 1064 -14.78 -28.36 45.10
C TYR B 1064 -15.63 -28.52 43.85
N CYS B 1065 -15.47 -29.64 43.15
CA CYS B 1065 -16.19 -29.83 41.89
C CYS B 1065 -17.68 -29.60 42.06
N ALA B 1066 -18.24 -30.00 43.20
CA ALA B 1066 -19.69 -29.93 43.37
C ALA B 1066 -20.20 -28.50 43.34
N ALA B 1067 -19.55 -27.60 44.10
CA ALA B 1067 -19.99 -26.22 44.13
C ALA B 1067 -19.63 -25.51 42.83
N ASN B 1068 -18.41 -25.72 42.33
CA ASN B 1068 -17.98 -25.00 41.14
C ASN B 1068 -18.83 -25.34 39.93
N GLU B 1069 -19.30 -26.59 39.82
CA GLU B 1069 -20.23 -26.89 38.73
C GLU B 1069 -21.52 -26.10 38.87
N PHE B 1070 -21.79 -25.55 40.06
CA PHE B 1070 -22.93 -24.66 40.20
C PHE B 1070 -22.60 -23.25 39.75
N VAL B 1071 -21.50 -22.68 40.24
CA VAL B 1071 -21.19 -21.29 39.90
C VAL B 1071 -21.09 -21.15 38.39
N GLU B 1072 -20.54 -22.18 37.72
CA GLU B 1072 -20.48 -22.19 36.27
C GLU B 1072 -21.88 -22.18 35.68
N GLN B 1073 -22.68 -23.18 36.05
CA GLN B 1073 -24.06 -23.26 35.56
C GLN B 1073 -24.89 -22.06 35.98
N PHE B 1074 -24.40 -21.25 36.93
CA PHE B 1074 -25.20 -20.12 37.41
C PHE B 1074 -25.22 -18.99 36.40
N ALA B 1075 -24.07 -18.69 35.79
CA ALA B 1075 -24.02 -17.64 34.78
C ALA B 1075 -25.20 -17.73 33.83
N HIS B 1076 -25.49 -18.94 33.34
CA HIS B 1076 -26.62 -19.09 32.43
C HIS B 1076 -27.95 -18.81 33.12
N TYR B 1077 -28.06 -19.11 34.43
CA TYR B 1077 -29.31 -18.82 35.13
C TYR B 1077 -29.57 -17.32 35.15
N GLN B 1078 -28.51 -16.51 35.27
CA GLN B 1078 -28.69 -15.07 35.37
C GLN B 1078 -29.15 -14.50 34.03
N LYS B 1079 -28.52 -14.94 32.94
CA LYS B 1079 -28.92 -14.47 31.61
C LYS B 1079 -30.33 -14.89 31.25
N LEU B 1080 -30.86 -15.94 31.87
CA LEU B 1080 -32.22 -16.38 31.58
C LEU B 1080 -33.25 -15.77 32.51
N THR B 1081 -32.84 -15.39 33.72
CA THR B 1081 -33.75 -14.89 34.75
C THR B 1081 -33.77 -13.38 34.86
N SER B 1082 -32.62 -12.71 34.73
CA SER B 1082 -32.47 -11.35 35.19
C SER B 1082 -31.73 -10.51 34.17
N THR B 1083 -31.63 -9.21 34.47
CA THR B 1083 -30.86 -8.28 33.66
C THR B 1083 -29.37 -8.52 33.76
N VAL B 1084 -28.90 -9.22 34.80
CA VAL B 1084 -27.49 -9.27 35.09
C VAL B 1084 -26.69 -9.78 33.90
N LYS B 1085 -25.48 -9.24 33.76
CA LYS B 1085 -24.54 -9.65 32.73
C LYS B 1085 -23.41 -10.41 33.42
N PRO B 1086 -23.39 -11.73 33.37
CA PRO B 1086 -22.42 -12.48 34.16
C PRO B 1086 -21.19 -12.91 33.38
N TYR B 1087 -20.08 -13.03 34.08
CA TYR B 1087 -18.85 -13.57 33.50
C TYR B 1087 -18.24 -14.52 34.52
N CYS B 1088 -18.14 -15.79 34.16
CA CYS B 1088 -17.60 -16.81 35.06
C CYS B 1088 -16.36 -17.42 34.41
N PHE B 1089 -15.20 -17.19 35.02
CA PHE B 1089 -13.93 -17.73 34.55
C PHE B 1089 -13.58 -18.94 35.41
N SER B 1090 -13.53 -20.11 34.80
CA SER B 1090 -13.09 -21.33 35.48
C SER B 1090 -11.66 -21.63 35.05
N PHE B 1091 -10.73 -21.52 35.99
CA PHE B 1091 -9.32 -21.66 35.68
C PHE B 1091 -8.87 -23.10 35.88
N SER B 1092 -7.86 -23.50 35.11
CA SER B 1092 -7.29 -24.84 35.28
C SER B 1092 -6.60 -24.96 36.63
N MET B 1093 -5.66 -24.06 36.90
CA MET B 1093 -4.87 -24.14 38.11
C MET B 1093 -4.34 -22.74 38.40
N TRP B 1094 -3.96 -22.52 39.65
CA TRP B 1094 -3.35 -21.26 40.04
C TRP B 1094 -1.91 -21.49 40.50
N ASP B 1095 -1.05 -20.54 40.15
CA ASP B 1095 0.29 -20.46 40.72
C ASP B 1095 0.30 -19.80 42.09
N GLU B 1096 -0.86 -19.31 42.55
CA GLU B 1096 -0.97 -18.67 43.85
C GLU B 1096 -0.89 -19.67 44.99
N ILE B 1097 -1.15 -20.94 44.71
CA ILE B 1097 -1.01 -22.00 45.71
C ILE B 1097 0.45 -22.43 45.79
N GLY B 1098 1.32 -21.70 45.10
CA GLY B 1098 2.74 -22.02 45.10
C GLY B 1098 3.13 -22.91 43.94
N MET B 1099 4.23 -22.58 43.26
CA MET B 1099 4.64 -23.40 42.14
C MET B 1099 5.20 -24.75 42.60
N SER B 1100 5.77 -24.80 43.80
CA SER B 1100 6.19 -26.06 44.39
C SER B 1100 5.02 -26.74 45.10
N GLU B 1101 4.42 -26.03 46.06
CA GLU B 1101 3.26 -26.50 46.83
C GLU B 1101 3.63 -27.66 47.74
N GLY B 1102 4.87 -28.13 47.71
CA GLY B 1102 5.27 -29.38 48.33
C GLY B 1102 4.68 -30.61 47.68
N SER B 1103 3.94 -30.44 46.59
CA SER B 1103 3.42 -31.55 45.79
C SER B 1103 3.53 -31.11 44.34
N MET B 1104 4.69 -31.35 43.73
CA MET B 1104 4.80 -31.15 42.28
C MET B 1104 4.00 -32.18 41.50
N ILE B 1105 3.39 -33.15 42.17
CA ILE B 1105 2.46 -34.06 41.48
C ILE B 1105 1.12 -33.41 41.25
N LYS B 1106 0.86 -32.26 41.89
CA LYS B 1106 -0.21 -31.39 41.37
C LYS B 1106 0.18 -30.84 40.02
N GLY B 1107 1.49 -30.84 39.69
CA GLY B 1107 1.91 -30.58 38.33
C GLY B 1107 1.71 -31.74 37.40
N MET B 1108 1.75 -32.98 37.93
CA MET B 1108 1.40 -34.13 37.10
C MET B 1108 0.06 -33.89 36.41
N LEU B 1109 -0.85 -33.21 37.10
CA LEU B 1109 -2.11 -32.80 36.50
C LEU B 1109 -1.86 -31.97 35.24
N LYS B 1110 -0.74 -31.25 35.18
CA LYS B 1110 -0.39 -30.51 33.97
C LYS B 1110 -0.24 -31.45 32.78
N GLU B 1111 0.50 -32.56 32.96
CA GLU B 1111 0.83 -33.43 31.84
C GLU B 1111 -0.39 -33.98 31.12
N ARG B 1112 -1.56 -34.02 31.76
CA ARG B 1112 -2.77 -34.42 31.06
C ARG B 1112 -3.50 -33.24 30.44
N GLY B 1113 -3.03 -32.01 30.67
CA GLY B 1113 -3.50 -30.89 29.89
C GLY B 1113 -4.13 -29.75 30.66
N TYR B 1114 -3.69 -29.52 31.89
CA TYR B 1114 -4.20 -28.44 32.73
C TYR B 1114 -3.04 -27.55 33.13
N LEU B 1115 -2.82 -26.47 32.37
CA LEU B 1115 -1.65 -25.63 32.57
C LEU B 1115 -1.80 -24.78 33.84
N PRO B 1116 -0.70 -24.45 34.50
CA PRO B 1116 -0.73 -23.41 35.53
C PRO B 1116 -0.68 -22.02 34.89
N ILE B 1117 -1.44 -21.09 35.47
CA ILE B 1117 -1.56 -19.74 34.94
C ILE B 1117 -1.13 -18.75 36.02
N SER B 1118 -0.23 -17.84 35.66
CA SER B 1118 0.28 -16.86 36.60
C SER B 1118 -0.77 -15.79 36.91
N LYS B 1119 -0.47 -14.98 37.93
CA LYS B 1119 -1.36 -13.89 38.31
C LYS B 1119 -1.67 -13.02 37.10
N GLN B 1120 -0.64 -12.43 36.50
CA GLN B 1120 -0.82 -11.59 35.33
C GLN B 1120 -1.45 -12.38 34.18
N ALA B 1121 -0.87 -13.55 33.85
CA ALA B 1121 -1.38 -14.34 32.74
C ALA B 1121 -2.88 -14.56 32.85
N GLY B 1122 -3.38 -14.86 34.04
CA GLY B 1122 -4.81 -15.04 34.21
C GLY B 1122 -5.55 -13.73 34.13
N PHE B 1123 -5.15 -12.76 34.95
CA PHE B 1123 -5.79 -11.45 34.93
C PHE B 1123 -5.86 -10.88 33.51
N GLN B 1124 -4.74 -10.92 32.78
CA GLN B 1124 -4.76 -10.47 31.40
C GLN B 1124 -5.82 -11.19 30.58
N THR B 1125 -5.92 -12.51 30.76
CA THR B 1125 -6.94 -13.27 30.05
C THR B 1125 -8.33 -12.76 30.40
N MET B 1126 -8.62 -12.65 31.69
CA MET B 1126 -9.92 -12.15 32.13
C MET B 1126 -10.32 -10.90 31.35
N LEU B 1127 -9.41 -9.92 31.28
CA LEU B 1127 -9.70 -8.67 30.57
C LEU B 1127 -10.02 -8.94 29.11
N ALA B 1128 -9.17 -9.72 28.43
CA ALA B 1128 -9.44 -10.10 27.05
C ALA B 1128 -10.82 -10.72 26.90
N CYS B 1129 -11.14 -11.66 27.79
CA CYS B 1129 -12.45 -12.30 27.76
C CYS B 1129 -13.55 -11.33 28.14
N LEU B 1130 -13.31 -10.48 29.14
CA LEU B 1130 -14.31 -9.50 29.52
C LEU B 1130 -14.81 -8.70 28.32
N MET B 1131 -13.99 -8.55 27.28
CA MET B 1131 -14.40 -7.82 26.09
C MET B 1131 -15.12 -8.69 25.06
N THR B 1132 -15.89 -9.69 25.50
CA THR B 1132 -16.71 -10.48 24.59
C THR B 1132 -18.04 -10.73 25.32
N ASP B 1133 -18.86 -11.60 24.76
CA ASP B 1133 -20.16 -11.88 25.34
C ASP B 1133 -20.26 -13.29 25.93
N ALA B 1134 -19.21 -14.09 25.83
CA ALA B 1134 -19.22 -15.43 26.41
C ALA B 1134 -19.31 -15.33 27.93
N PRO B 1135 -20.35 -15.90 28.57
CA PRO B 1135 -20.51 -15.74 30.02
C PRO B 1135 -19.72 -16.77 30.80
N LEU B 1136 -19.50 -17.94 30.19
CA LEU B 1136 -18.77 -19.02 30.81
C LEU B 1136 -17.62 -19.40 29.90
N ILE B 1137 -16.42 -19.49 30.48
CA ILE B 1137 -15.21 -19.67 29.71
C ILE B 1137 -14.19 -20.46 30.50
N TYR B 1138 -13.75 -21.59 29.94
CA TYR B 1138 -12.71 -22.41 30.56
C TYR B 1138 -11.36 -22.02 30.00
N THR B 1139 -10.42 -21.68 30.90
CA THR B 1139 -9.12 -21.18 30.50
C THR B 1139 -8.01 -21.99 31.17
N GLY B 1140 -6.88 -22.07 30.50
CA GLY B 1140 -5.75 -22.84 30.97
C GLY B 1140 -5.67 -24.24 30.42
N LEU B 1141 -6.13 -24.47 29.19
CA LEU B 1141 -6.26 -25.81 28.63
C LEU B 1141 -5.33 -25.95 27.43
N ASP B 1142 -4.51 -27.00 27.44
CA ASP B 1142 -3.60 -27.29 26.34
C ASP B 1142 -4.32 -28.18 25.34
N ARG B 1143 -4.73 -27.59 24.22
CA ARG B 1143 -5.46 -28.35 23.20
C ARG B 1143 -4.62 -29.44 22.55
N SER B 1144 -3.36 -29.59 22.95
CA SER B 1144 -2.51 -30.64 22.40
C SER B 1144 -2.76 -31.99 23.07
N LYS B 1145 -2.64 -32.04 24.40
CA LYS B 1145 -2.80 -33.29 25.14
C LYS B 1145 -4.13 -33.96 24.82
N LYS B 1146 -4.21 -35.28 25.03
CA LYS B 1146 -5.34 -36.04 24.51
C LYS B 1146 -6.61 -35.77 25.31
N GLU B 1147 -6.51 -35.80 26.64
CA GLU B 1147 -7.71 -35.59 27.46
C GLU B 1147 -8.42 -34.31 27.04
N ILE B 1148 -7.65 -33.24 26.80
CA ILE B 1148 -8.25 -32.00 26.31
C ILE B 1148 -8.69 -32.17 24.86
N HIS B 1149 -7.82 -32.75 24.05
CA HIS B 1149 -8.09 -32.93 22.62
C HIS B 1149 -9.37 -33.72 22.38
N GLU B 1150 -9.62 -34.77 23.17
CA GLU B 1150 -10.82 -35.57 22.97
C GLU B 1150 -12.09 -34.86 23.40
N MET B 1151 -11.98 -33.79 24.19
CA MET B 1151 -13.14 -33.02 24.64
C MET B 1151 -13.59 -31.97 23.64
N ILE B 1152 -12.78 -31.67 22.63
CA ILE B 1152 -13.12 -30.63 21.66
C ILE B 1152 -13.82 -31.20 20.43
N HIS B 1153 -13.49 -32.44 20.04
CA HIS B 1153 -14.03 -33.15 18.87
C HIS B 1153 -13.50 -32.55 17.58
N ALA B 1154 -12.44 -31.73 17.66
CA ALA B 1154 -11.62 -31.30 16.54
C ALA B 1154 -10.31 -32.09 16.69
N ASP B 1155 -10.10 -33.08 15.82
CA ASP B 1155 -9.11 -34.12 16.11
C ASP B 1155 -7.92 -34.17 15.15
N ALA B 1156 -6.94 -34.99 15.56
CA ALA B 1156 -5.74 -35.32 14.80
C ALA B 1156 -4.78 -34.15 14.67
N GLU B 1157 -4.65 -33.33 15.71
CA GLU B 1157 -3.73 -32.19 15.69
C GLU B 1157 -4.09 -31.27 14.53
N MET B 1158 -3.64 -30.02 14.57
CA MET B 1158 -3.97 -29.09 13.50
C MET B 1158 -3.41 -29.60 12.17
N GLN B 1159 -2.15 -30.02 12.16
CA GLN B 1159 -1.48 -30.54 10.97
C GLN B 1159 -0.01 -30.82 11.27
N THR B 1160 0.56 -31.86 10.67
CA THR B 1160 1.98 -32.11 10.86
C THR B 1160 2.73 -31.23 9.88
N GLU B 1161 3.93 -30.82 10.27
CA GLU B 1161 4.73 -29.90 9.47
C GLU B 1161 6.13 -30.45 9.23
N GLN B 1162 6.47 -30.64 7.96
CA GLN B 1162 7.83 -31.03 7.62
C GLN B 1162 8.69 -29.77 7.54
N THR B 1163 9.84 -29.81 8.19
CA THR B 1163 10.71 -28.65 8.30
C THR B 1163 12.10 -29.04 7.81
N PHE B 1164 12.53 -28.42 6.71
CA PHE B 1164 13.82 -28.73 6.13
C PHE B 1164 14.90 -27.87 6.80
N TYR B 1165 16.03 -28.50 7.10
CA TYR B 1165 17.16 -27.83 7.72
C TYR B 1165 18.32 -27.93 6.73
N VAL B 1166 18.89 -26.78 6.38
CA VAL B 1166 19.91 -26.70 5.34
C VAL B 1166 21.17 -26.12 5.94
N PHE B 1167 22.31 -26.55 5.40
CA PHE B 1167 23.62 -26.12 5.87
C PHE B 1167 24.50 -25.76 4.69
N PHE B 1168 25.46 -24.88 4.93
CA PHE B 1168 26.09 -24.09 3.89
C PHE B 1168 27.59 -24.33 3.80
N LYS B 1169 28.10 -24.23 2.58
CA LYS B 1169 29.54 -24.15 2.35
C LYS B 1169 29.75 -23.61 0.94
N THR B 1170 30.26 -22.39 0.85
CA THR B 1170 30.38 -21.67 -0.40
C THR B 1170 31.84 -21.44 -0.74
N ASP B 1171 32.10 -21.30 -2.04
CA ASP B 1171 33.44 -20.93 -2.48
C ASP B 1171 33.70 -19.45 -2.19
N GLN B 1172 32.91 -18.58 -2.81
CA GLN B 1172 33.11 -17.14 -2.65
C GLN B 1172 32.52 -16.70 -1.33
N THR B 1173 32.30 -15.40 -1.16
CA THR B 1173 31.65 -14.86 0.03
C THR B 1173 30.33 -14.18 -0.30
N LYS B 1174 29.84 -14.34 -1.52
CA LYS B 1174 28.56 -13.75 -1.92
C LYS B 1174 27.43 -14.37 -1.11
N ALA B 1175 26.88 -13.62 -0.16
CA ALA B 1175 25.80 -14.12 0.68
C ALA B 1175 24.58 -14.43 -0.17
N VAL B 1176 24.32 -15.73 -0.39
CA VAL B 1176 23.20 -16.16 -1.22
C VAL B 1176 22.01 -16.59 -0.39
N GLU B 1177 22.11 -16.58 0.94
CA GLU B 1177 21.00 -16.98 1.81
C GLU B 1177 19.65 -16.55 1.24
N GLU B 1178 19.49 -15.24 1.00
CA GLU B 1178 18.20 -14.74 0.52
C GLU B 1178 17.81 -15.41 -0.80
N ARG B 1179 18.75 -15.47 -1.75
CA ARG B 1179 18.43 -16.11 -3.03
C ARG B 1179 18.19 -17.61 -2.86
N LEU B 1180 18.84 -18.23 -1.87
CA LEU B 1180 18.74 -19.68 -1.71
C LEU B 1180 17.46 -20.06 -0.98
N TYR B 1181 17.15 -19.37 0.13
CA TYR B 1181 15.88 -19.60 0.81
C TYR B 1181 14.73 -19.63 -0.18
N GLN B 1182 14.62 -18.58 -1.00
CA GLN B 1182 13.54 -18.51 -1.97
C GLN B 1182 13.57 -19.67 -2.96
N SER B 1183 14.76 -20.20 -3.27
CA SER B 1183 14.83 -21.30 -4.23
C SER B 1183 14.27 -22.58 -3.63
N ILE B 1184 14.53 -22.83 -2.36
CA ILE B 1184 13.96 -23.99 -1.69
C ILE B 1184 12.46 -23.80 -1.50
N HIS B 1185 12.05 -22.61 -1.07
CA HIS B 1185 10.63 -22.37 -0.82
C HIS B 1185 9.80 -22.51 -2.08
N THR B 1186 10.40 -22.23 -3.25
CA THR B 1186 9.65 -22.34 -4.51
C THR B 1186 9.58 -23.78 -5.00
N CYS B 1187 10.56 -24.61 -4.64
CA CYS B 1187 10.49 -26.02 -5.00
C CYS B 1187 9.54 -26.77 -4.07
N LEU B 1188 9.41 -26.31 -2.83
CA LEU B 1188 8.52 -26.98 -1.89
C LEU B 1188 7.08 -26.51 -2.03
N GLN B 1189 6.85 -25.31 -2.57
CA GLN B 1189 5.50 -24.79 -2.69
C GLN B 1189 4.69 -25.61 -3.69
N SER B 1190 5.27 -25.87 -4.86
CA SER B 1190 4.62 -26.68 -5.88
C SER B 1190 3.90 -27.89 -5.28
N ARG B 1191 4.63 -28.77 -4.61
CA ARG B 1191 4.09 -30.04 -4.13
C ARG B 1191 4.35 -30.13 -2.63
N LEU B 1192 3.47 -29.55 -1.82
CA LEU B 1192 3.62 -29.57 -0.37
C LEU B 1192 2.60 -30.48 0.31
N SER B 1193 1.31 -30.23 0.14
CA SER B 1193 0.25 -31.03 0.75
C SER B 1193 0.41 -31.11 2.27
N GLY B 1194 0.28 -29.97 2.92
CA GLY B 1194 0.49 -29.92 4.36
C GLY B 1194 0.68 -28.49 4.85
N GLU B 1195 1.52 -28.37 5.88
CA GLU B 1195 1.92 -27.09 6.45
C GLU B 1195 3.44 -27.15 6.58
N TYR B 1196 4.15 -26.36 5.78
CA TYR B 1196 5.60 -26.49 5.67
C TYR B 1196 6.31 -25.17 5.95
N ALA B 1197 7.63 -25.26 6.11
CA ALA B 1197 8.49 -24.10 6.36
C ALA B 1197 9.94 -24.51 6.17
N VAL B 1198 10.73 -23.65 5.52
CA VAL B 1198 12.16 -23.88 5.31
C VAL B 1198 12.93 -23.17 6.41
N HIS B 1199 13.97 -23.82 6.92
CA HIS B 1199 14.82 -23.27 7.97
C HIS B 1199 16.26 -23.31 7.53
N LEU B 1200 16.92 -22.15 7.50
CA LEU B 1200 18.28 -22.01 6.98
C LEU B 1200 19.27 -21.71 8.10
N PHE B 1201 20.50 -22.17 7.91
CA PHE B 1201 21.59 -22.02 8.86
C PHE B 1201 22.73 -21.21 8.24
N PRO B 1202 23.46 -20.43 9.04
CA PRO B 1202 24.61 -19.70 8.52
C PRO B 1202 25.64 -20.64 7.90
N GLU B 1203 26.58 -20.02 7.18
CA GLU B 1203 27.71 -20.77 6.64
C GLU B 1203 28.57 -21.32 7.77
N GLU B 1204 28.80 -20.51 8.80
CA GLU B 1204 29.80 -20.80 9.82
C GLU B 1204 29.29 -21.74 10.91
N TYR B 1205 28.29 -22.58 10.59
CA TYR B 1205 27.94 -23.72 11.41
C TYR B 1205 28.29 -25.06 10.76
N TRP B 1206 28.22 -25.14 9.43
CA TRP B 1206 28.68 -26.31 8.70
C TRP B 1206 30.02 -26.79 9.24
N LYS B 1207 30.13 -28.10 9.46
CA LYS B 1207 31.38 -28.71 9.89
C LYS B 1207 31.59 -30.04 9.17
N GLU B 1208 32.84 -30.48 9.11
CA GLU B 1208 33.19 -31.71 8.41
C GLU B 1208 34.16 -32.55 9.24
N THR B 1209 33.77 -33.81 9.45
CA THR B 1209 34.61 -34.85 10.06
C THR B 1209 35.81 -35.18 9.19
N GLU B 1210 36.78 -35.86 9.79
CA GLU B 1210 37.96 -36.30 9.06
C GLU B 1210 37.57 -37.01 7.77
N ASP B 1211 38.48 -36.99 6.80
CA ASP B 1211 38.34 -37.58 5.46
C ASP B 1211 37.47 -36.70 4.57
N GLY B 1212 37.12 -35.50 5.01
CA GLY B 1212 36.32 -34.59 4.22
C GLY B 1212 34.93 -35.08 3.92
N SER B 1213 34.09 -35.21 4.95
CA SER B 1213 32.72 -35.68 4.81
C SER B 1213 31.84 -34.79 5.67
N PRO B 1214 30.53 -34.76 5.41
CA PRO B 1214 29.66 -33.90 6.22
C PRO B 1214 29.50 -34.46 7.63
N ASP B 1215 29.69 -33.59 8.61
CA ASP B 1215 29.61 -33.97 10.02
C ASP B 1215 28.14 -34.10 10.40
N GLU B 1216 27.54 -35.23 10.03
CA GLU B 1216 26.12 -35.41 10.31
C GLU B 1216 25.85 -35.46 11.80
N ALA B 1217 26.82 -35.91 12.61
CA ALA B 1217 26.63 -35.90 14.05
C ALA B 1217 26.39 -34.48 14.56
N TYR B 1218 27.13 -33.51 14.03
CA TYR B 1218 26.97 -32.13 14.45
C TYR B 1218 25.65 -31.52 13.96
N PHE B 1219 25.15 -31.98 12.81
CA PHE B 1219 23.90 -31.45 12.27
C PHE B 1219 22.69 -32.03 13.00
N HIS B 1220 22.56 -33.35 13.00
CA HIS B 1220 21.46 -33.99 13.72
C HIS B 1220 21.41 -33.57 15.17
N GLU B 1221 22.54 -33.15 15.75
CA GLU B 1221 22.54 -32.59 17.09
C GLU B 1221 21.87 -31.21 17.12
N LEU B 1222 22.16 -30.37 16.12
CA LEU B 1222 21.62 -29.02 16.12
C LEU B 1222 20.10 -29.03 15.97
N ILE B 1223 19.58 -29.87 15.08
CA ILE B 1223 18.15 -29.88 14.79
C ILE B 1223 17.34 -30.15 16.04
N GLU B 1224 17.91 -30.88 17.00
CA GLU B 1224 17.19 -31.22 18.23
C GLU B 1224 17.17 -30.06 19.22
N GLU B 1225 18.29 -29.37 19.38
CA GLU B 1225 18.39 -28.24 20.28
C GLU B 1225 17.31 -27.19 20.00
N GLU C 13 23.40 46.62 -20.17
CA GLU C 13 23.72 45.30 -19.62
C GLU C 13 22.54 44.35 -19.84
N SER C 14 21.53 44.46 -18.98
CA SER C 14 20.38 43.57 -19.04
C SER C 14 19.80 43.48 -20.45
N MET C 15 20.06 44.45 -21.31
CA MET C 15 19.53 44.43 -22.67
C MET C 15 20.23 43.38 -23.54
N ASP C 16 21.51 43.61 -23.84
CA ASP C 16 22.26 42.71 -24.70
C ASP C 16 23.17 41.75 -23.95
N ALA C 17 23.67 42.14 -22.77
CA ALA C 17 24.50 41.23 -21.99
C ALA C 17 23.76 39.94 -21.68
N ILE C 18 22.48 40.03 -21.32
CA ILE C 18 21.67 38.84 -21.10
C ILE C 18 21.56 38.04 -22.40
N LEU C 19 21.18 38.71 -23.49
CA LEU C 19 21.09 38.04 -24.78
C LEU C 19 22.36 37.26 -25.07
N GLN C 20 23.52 37.85 -24.74
CA GLN C 20 24.79 37.17 -24.99
C GLN C 20 24.94 35.95 -24.10
N ASP C 21 24.60 36.09 -22.81
CA ASP C 21 24.67 34.94 -21.91
C ASP C 21 23.68 33.85 -22.29
N VAL C 22 22.69 34.16 -23.13
CA VAL C 22 21.80 33.14 -23.64
C VAL C 22 22.43 32.44 -24.83
N LYS C 23 23.11 33.19 -25.70
CA LYS C 23 23.75 32.58 -26.85
C LYS C 23 24.78 31.54 -26.40
N THR C 24 25.58 31.88 -25.39
CA THR C 24 26.56 30.91 -24.89
C THR C 24 25.89 29.71 -24.25
N THR C 25 24.70 29.90 -23.65
CA THR C 25 24.00 28.77 -23.04
C THR C 25 23.42 27.84 -24.10
N ILE C 26 23.03 28.39 -25.26
CA ILE C 26 22.50 27.55 -26.33
C ILE C 26 23.58 26.67 -26.94
N LEU C 27 24.86 27.07 -26.83
CA LEU C 27 25.94 26.26 -27.37
C LEU C 27 26.47 25.20 -26.40
N GLN C 28 26.13 25.31 -25.10
CA GLN C 28 26.46 24.22 -24.19
C GLN C 28 25.96 22.89 -24.74
N THR C 29 24.82 22.92 -25.42
CA THR C 29 24.29 21.73 -26.09
C THR C 29 25.11 21.48 -27.36
N ASN C 30 25.71 20.29 -27.45
CA ASN C 30 26.65 20.01 -28.52
C ASN C 30 25.99 19.54 -29.81
N GLU C 31 24.83 18.89 -29.73
CA GLU C 31 24.18 18.35 -30.91
C GLU C 31 23.66 19.42 -31.87
N ILE C 32 23.62 20.67 -31.46
CA ILE C 32 23.14 21.77 -32.29
C ILE C 32 24.35 22.48 -32.89
N GLU C 33 24.29 22.78 -34.19
CA GLU C 33 25.45 23.34 -34.85
C GLU C 33 25.18 24.67 -35.56
N ARG C 34 23.96 25.19 -35.52
CA ARG C 34 23.72 26.59 -35.85
C ARG C 34 22.30 26.96 -35.46
N PHE C 35 22.14 28.23 -35.07
CA PHE C 35 20.91 28.71 -34.48
C PHE C 35 20.79 30.20 -34.73
N ALA C 36 19.71 30.79 -34.21
CA ALA C 36 19.50 32.22 -34.27
C ALA C 36 18.52 32.58 -33.16
N VAL C 37 18.79 33.68 -32.46
CA VAL C 37 17.97 34.10 -31.33
C VAL C 37 17.88 35.62 -31.31
N PHE C 38 16.66 36.12 -31.10
CA PHE C 38 16.42 37.55 -30.88
C PHE C 38 15.30 37.67 -29.86
N SER C 39 15.27 38.80 -29.17
CA SER C 39 14.34 39.05 -28.08
C SER C 39 13.43 40.21 -28.45
N ARG C 40 12.27 40.26 -27.77
CA ARG C 40 11.30 41.32 -27.96
C ARG C 40 10.74 41.72 -26.61
N GLU C 41 10.50 43.01 -26.42
CA GLU C 41 9.78 43.51 -25.26
C GLU C 41 8.33 43.77 -25.66
N LYS C 42 7.41 43.38 -24.78
CA LYS C 42 5.99 43.37 -25.11
C LYS C 42 5.17 43.66 -23.85
N THR C 43 3.97 44.19 -24.08
CA THR C 43 3.02 44.42 -23.01
C THR C 43 2.19 43.16 -22.75
N ILE C 44 1.79 42.98 -21.51
CA ILE C 44 1.12 41.76 -21.09
C ILE C 44 -0.38 41.88 -21.24
N ARG C 45 -1.02 40.76 -21.56
CA ARG C 45 -2.47 40.64 -21.57
C ARG C 45 -2.86 39.78 -20.37
N PRO C 46 -3.64 40.27 -19.41
CA PRO C 46 -3.87 39.48 -18.19
C PRO C 46 -4.38 38.08 -18.50
N ARG C 47 -3.86 37.09 -17.77
CA ARG C 47 -4.25 35.70 -18.00
C ARG C 47 -5.70 35.49 -17.58
N PRO C 48 -6.52 34.83 -18.39
CA PRO C 48 -7.91 34.56 -17.98
C PRO C 48 -7.97 33.61 -16.79
N TYR C 49 -9.19 33.49 -16.26
CA TYR C 49 -9.52 32.46 -15.28
C TYR C 49 -10.05 31.23 -16.03
N HIS C 50 -10.00 30.07 -15.37
CA HIS C 50 -10.64 28.87 -15.89
C HIS C 50 -11.81 28.48 -15.02
N LEU C 51 -12.95 28.20 -15.66
CA LEU C 51 -14.21 27.97 -14.97
C LEU C 51 -14.09 26.97 -13.83
N SER C 52 -13.11 26.07 -13.88
CA SER C 52 -12.94 25.10 -12.80
C SER C 52 -12.81 25.78 -11.45
N HIS C 53 -12.36 27.03 -11.42
CA HIS C 53 -12.16 27.74 -10.16
C HIS C 53 -13.47 28.22 -9.55
N LEU C 54 -14.59 28.09 -10.26
CA LEU C 54 -15.90 28.27 -9.64
C LEU C 54 -16.19 27.12 -8.67
N PHE C 55 -15.92 25.89 -9.11
CA PHE C 55 -16.19 24.62 -8.42
C PHE C 55 -17.62 24.18 -8.62
N LEU C 56 -18.36 24.83 -9.53
CA LEU C 56 -19.64 24.29 -9.96
C LEU C 56 -19.41 23.24 -11.03
N ASP C 57 -18.29 23.37 -11.76
CA ASP C 57 -17.88 22.30 -12.66
C ASP C 57 -17.66 21.04 -11.86
N LYS C 58 -17.30 21.19 -10.59
CA LYS C 58 -17.14 20.03 -9.72
C LYS C 58 -18.49 19.34 -9.55
N HIS C 59 -19.58 20.12 -9.60
CA HIS C 59 -20.92 19.55 -9.62
C HIS C 59 -21.26 18.95 -10.98
N ILE C 60 -20.77 19.57 -12.06
CA ILE C 60 -21.11 19.11 -13.41
C ILE C 60 -20.52 17.72 -13.69
N GLU C 61 -19.36 17.41 -13.11
CA GLU C 61 -18.79 16.08 -13.28
C GLU C 61 -19.35 15.04 -12.31
N GLN C 62 -19.89 15.47 -11.16
CA GLN C 62 -20.45 14.49 -10.23
C GLN C 62 -21.88 14.11 -10.60
N GLU C 63 -22.63 15.02 -11.20
CA GLU C 63 -23.89 14.63 -11.82
C GLU C 63 -23.68 13.82 -13.09
N ALA C 64 -22.44 13.76 -13.59
CA ALA C 64 -22.11 12.86 -14.69
C ALA C 64 -21.67 11.50 -14.20
N ALA C 65 -21.01 11.42 -13.04
CA ALA C 65 -20.68 10.14 -12.46
C ALA C 65 -21.90 9.46 -11.84
N ALA C 66 -22.86 10.24 -11.35
CA ALA C 66 -24.09 9.67 -10.83
C ALA C 66 -25.00 9.17 -11.95
N GLU C 67 -25.01 9.86 -13.09
CA GLU C 67 -25.77 9.36 -14.23
C GLU C 67 -25.10 8.14 -14.85
N ALA C 68 -23.77 8.15 -14.97
CA ALA C 68 -23.06 7.00 -15.52
C ALA C 68 -23.17 5.78 -14.61
N ILE C 69 -23.33 5.99 -13.30
CA ILE C 69 -23.46 4.87 -12.37
C ILE C 69 -24.86 4.26 -12.47
N GLN C 70 -25.88 5.09 -12.65
CA GLN C 70 -27.25 4.62 -12.74
C GLN C 70 -27.61 4.08 -14.11
N THR C 71 -26.69 4.09 -15.07
CA THR C 71 -26.95 3.60 -16.41
C THR C 71 -26.53 2.13 -16.54
N PRO C 83 -42.48 -22.24 -13.19
CA PRO C 83 -42.43 -22.57 -14.61
C PRO C 83 -43.68 -22.11 -15.36
N ALA C 84 -43.94 -22.73 -16.51
CA ALA C 84 -45.03 -22.38 -17.41
C ALA C 84 -46.15 -23.42 -17.44
N LEU C 85 -46.34 -24.17 -16.36
CA LEU C 85 -47.39 -25.20 -16.27
C LEU C 85 -48.50 -24.72 -15.33
N SER C 86 -49.73 -24.65 -15.84
CA SER C 86 -50.91 -24.20 -15.09
C SER C 86 -52.00 -25.26 -15.09
N TYR C 87 -52.61 -25.48 -13.93
CA TYR C 87 -53.69 -26.45 -13.73
C TYR C 87 -54.93 -25.69 -13.26
N GLY C 88 -56.09 -26.12 -13.72
CA GLY C 88 -57.35 -25.48 -13.39
C GLY C 88 -58.07 -26.02 -12.19
N GLY C 89 -57.46 -26.90 -11.38
CA GLY C 89 -58.14 -27.43 -10.22
C GLY C 89 -58.91 -28.69 -10.55
N ASP C 90 -58.86 -29.69 -9.68
CA ASP C 90 -59.59 -30.93 -9.94
C ASP C 90 -61.05 -30.61 -10.24
N LEU C 91 -61.65 -31.46 -11.06
CA LEU C 91 -63.05 -31.32 -11.44
C LEU C 91 -63.76 -32.59 -10.99
N ASP C 92 -65.01 -32.44 -10.55
CA ASP C 92 -65.79 -33.58 -10.12
C ASP C 92 -66.61 -34.04 -11.32
N VAL C 93 -66.03 -34.94 -12.10
CA VAL C 93 -66.69 -35.44 -13.32
C VAL C 93 -67.74 -36.47 -12.99
N THR C 94 -67.73 -37.01 -11.78
CA THR C 94 -68.60 -38.10 -11.38
C THR C 94 -69.89 -37.63 -10.71
N GLN C 95 -70.15 -36.32 -10.72
CA GLN C 95 -71.37 -35.74 -10.18
C GLN C 95 -72.27 -35.32 -11.33
N GLY C 96 -73.47 -35.90 -11.40
CA GLY C 96 -74.43 -35.52 -12.41
C GLY C 96 -74.36 -36.39 -13.65
N ALA C 97 -75.20 -36.04 -14.61
CA ALA C 97 -75.33 -36.78 -15.87
C ALA C 97 -73.97 -37.15 -16.43
N GLN C 98 -73.76 -38.45 -16.67
CA GLN C 98 -72.54 -38.95 -17.30
C GLN C 98 -72.73 -39.19 -18.79
N THR C 99 -73.97 -39.15 -19.27
CA THR C 99 -74.28 -39.25 -20.69
C THR C 99 -75.31 -38.18 -21.03
N LEU C 100 -75.45 -37.91 -22.32
CA LEU C 100 -76.32 -36.82 -22.75
C LEU C 100 -77.78 -37.13 -22.46
N GLN C 101 -78.20 -38.38 -22.65
CA GLN C 101 -79.58 -38.76 -22.36
C GLN C 101 -79.97 -38.31 -20.96
N ASP C 102 -79.04 -38.40 -20.01
CA ASP C 102 -79.30 -37.95 -18.66
C ASP C 102 -79.44 -36.43 -18.58
N VAL C 103 -78.76 -35.71 -19.49
CA VAL C 103 -78.81 -34.26 -19.44
C VAL C 103 -80.12 -33.72 -19.99
N LEU C 104 -80.70 -34.38 -21.00
CA LEU C 104 -81.98 -33.92 -21.52
C LEU C 104 -83.09 -34.19 -20.51
N THR C 105 -83.14 -35.41 -19.99
CA THR C 105 -84.16 -35.75 -19.00
C THR C 105 -84.09 -34.82 -17.80
N GLU C 106 -82.87 -34.49 -17.34
CA GLU C 106 -82.75 -33.58 -16.21
C GLU C 106 -83.18 -32.18 -16.57
N ALA C 107 -82.96 -31.76 -17.82
CA ALA C 107 -83.40 -30.45 -18.25
C ALA C 107 -84.92 -30.41 -18.38
N ALA C 108 -85.51 -31.48 -18.93
CA ALA C 108 -86.96 -31.50 -19.13
C ALA C 108 -87.73 -31.38 -17.82
N LYS C 109 -87.07 -31.59 -16.68
CA LYS C 109 -87.70 -31.47 -15.38
C LYS C 109 -87.85 -30.02 -14.94
N THR C 110 -87.62 -29.05 -15.84
CA THR C 110 -87.86 -27.65 -15.57
C THR C 110 -88.79 -27.09 -16.64
N THR C 111 -89.41 -25.96 -16.34
CA THR C 111 -90.30 -25.30 -17.29
C THR C 111 -89.57 -24.28 -18.16
N ASN C 112 -88.25 -24.21 -18.06
CA ASN C 112 -87.46 -23.46 -19.01
C ASN C 112 -87.24 -24.30 -20.26
N GLY C 113 -86.89 -23.65 -21.36
CA GLY C 113 -86.70 -24.38 -22.59
C GLY C 113 -86.11 -23.57 -23.73
N LEU C 114 -86.69 -23.70 -24.92
CA LEU C 114 -86.16 -23.11 -26.12
C LEU C 114 -87.12 -22.11 -26.73
N THR C 115 -86.57 -21.00 -27.19
CA THR C 115 -87.32 -19.93 -27.83
C THR C 115 -86.64 -19.60 -29.15
N TYR C 116 -87.34 -19.81 -30.25
CA TYR C 116 -86.78 -19.63 -31.58
C TYR C 116 -87.26 -18.31 -32.18
N ILE C 117 -86.32 -17.55 -32.72
CA ILE C 117 -86.62 -16.23 -33.27
C ILE C 117 -86.90 -16.39 -34.76
N VAL C 118 -88.07 -15.93 -35.19
CA VAL C 118 -88.47 -15.93 -36.58
C VAL C 118 -88.45 -14.52 -37.16
N ASN C 119 -88.89 -13.54 -36.39
CA ASN C 119 -88.91 -12.15 -36.79
C ASN C 119 -88.73 -11.30 -35.54
N SER C 120 -88.88 -9.99 -35.70
CA SER C 120 -88.80 -9.10 -34.55
C SER C 120 -89.99 -9.26 -33.62
N LYS C 121 -91.11 -9.79 -34.12
CA LYS C 121 -92.34 -9.87 -33.34
C LYS C 121 -92.93 -11.28 -33.26
N ASN C 122 -92.21 -12.29 -33.76
CA ASN C 122 -92.70 -13.66 -33.78
C ASN C 122 -91.73 -14.58 -33.04
N GLU C 123 -92.25 -15.72 -32.59
CA GLU C 123 -91.51 -16.57 -31.69
C GLU C 123 -92.00 -18.01 -31.85
N LEU C 124 -91.19 -18.95 -31.35
CA LEU C 124 -91.58 -20.35 -31.26
C LEU C 124 -90.96 -20.94 -30.00
N THR C 125 -91.80 -21.54 -29.16
CA THR C 125 -91.38 -22.04 -27.86
C THR C 125 -91.27 -23.56 -27.91
N GLN C 126 -90.21 -24.09 -27.31
CA GLN C 126 -90.02 -25.54 -27.16
C GLN C 126 -89.46 -25.79 -25.77
N SER C 127 -90.34 -26.12 -24.82
CA SER C 127 -89.88 -26.50 -23.50
C SER C 127 -89.01 -27.75 -23.59
N TYR C 128 -87.98 -27.82 -22.74
CA TYR C 128 -87.13 -29.02 -22.72
C TYR C 128 -87.98 -30.28 -22.65
N ALA C 129 -89.11 -30.23 -21.95
CA ALA C 129 -90.05 -31.35 -21.98
C ALA C 129 -90.63 -31.51 -23.37
N GLN C 130 -91.01 -30.41 -24.02
CA GLN C 130 -91.41 -30.50 -25.42
C GLN C 130 -90.29 -31.05 -26.29
N LEU C 131 -89.04 -30.81 -25.89
CA LEU C 131 -87.91 -31.22 -26.72
C LEU C 131 -87.74 -32.73 -26.67
N GLN C 132 -87.56 -33.30 -25.48
CA GLN C 132 -87.44 -34.75 -25.35
C GLN C 132 -88.64 -35.45 -25.98
N GLY C 133 -89.83 -34.87 -25.84
CA GLY C 133 -91.01 -35.44 -26.48
C GLY C 133 -90.96 -35.31 -27.99
N ASP C 134 -90.67 -34.10 -28.48
CA ASP C 134 -90.52 -33.92 -29.91
C ASP C 134 -89.33 -34.70 -30.45
N ALA C 135 -88.27 -34.84 -29.65
CA ALA C 135 -87.09 -35.58 -30.11
C ALA C 135 -87.43 -37.05 -30.32
N GLU C 136 -88.32 -37.61 -29.49
CA GLU C 136 -88.74 -39.00 -29.62
C GLU C 136 -89.70 -39.21 -30.79
N ARG C 137 -90.35 -38.17 -31.28
CA ARG C 137 -91.16 -38.30 -32.48
C ARG C 137 -90.27 -38.38 -33.72
N VAL C 138 -89.16 -37.64 -33.72
CA VAL C 138 -88.21 -37.72 -34.82
C VAL C 138 -87.47 -39.05 -34.78
N LEU C 139 -87.13 -39.55 -33.58
CA LEU C 139 -86.46 -40.83 -33.47
C LEU C 139 -87.31 -41.94 -34.05
N THR C 140 -88.64 -41.76 -34.07
CA THR C 140 -89.49 -42.71 -34.76
C THR C 140 -89.23 -42.71 -36.26
N GLY C 141 -88.91 -41.54 -36.82
CA GLY C 141 -88.60 -41.47 -38.24
C GLY C 141 -87.23 -42.03 -38.57
N LEU C 142 -86.23 -41.79 -37.71
CA LEU C 142 -84.88 -42.25 -38.01
C LEU C 142 -84.79 -43.77 -38.02
N ARG C 143 -85.31 -44.42 -36.97
CA ARG C 143 -85.30 -45.88 -36.96
C ARG C 143 -86.07 -46.45 -38.14
N ALA C 144 -87.14 -45.78 -38.57
CA ALA C 144 -87.89 -46.23 -39.73
C ALA C 144 -86.98 -46.30 -40.94
N LEU C 145 -86.29 -45.20 -41.25
CA LEU C 145 -85.33 -45.23 -42.35
C LEU C 145 -84.27 -46.30 -42.11
N GLY C 146 -84.07 -46.71 -40.86
CA GLY C 146 -83.27 -47.88 -40.58
C GLY C 146 -81.89 -47.62 -39.99
N LEU C 147 -81.80 -46.69 -39.06
CA LEU C 147 -80.54 -46.36 -38.45
C LEU C 147 -80.26 -47.28 -37.27
N LYS C 148 -78.99 -47.67 -37.14
CA LYS C 148 -78.51 -48.47 -36.02
C LYS C 148 -77.47 -47.68 -35.24
N ALA C 149 -77.36 -48.00 -33.95
CA ALA C 149 -76.43 -47.29 -33.08
C ALA C 149 -75.03 -47.33 -33.68
N GLY C 150 -74.34 -46.20 -33.60
CA GLY C 150 -73.02 -46.09 -34.16
C GLY C 150 -72.99 -45.71 -35.62
N ASP C 151 -74.14 -45.43 -36.23
CA ASP C 151 -74.21 -45.08 -37.64
C ASP C 151 -73.98 -43.58 -37.82
N PRO C 152 -72.94 -43.15 -38.55
CA PRO C 152 -72.79 -41.72 -38.83
C PRO C 152 -74.02 -41.10 -39.48
N VAL C 153 -74.26 -39.82 -39.17
CA VAL C 153 -75.34 -39.04 -39.75
C VAL C 153 -74.81 -37.65 -40.10
N PHE C 154 -75.30 -37.09 -41.20
CA PHE C 154 -74.78 -35.86 -41.77
C PHE C 154 -75.79 -34.73 -41.60
N PHE C 155 -75.35 -33.62 -41.01
CA PHE C 155 -76.23 -32.51 -40.68
C PHE C 155 -76.02 -31.34 -41.62
N GLN C 156 -77.11 -30.86 -42.19
CA GLN C 156 -77.11 -29.66 -43.04
C GLN C 156 -78.42 -28.94 -42.77
N PHE C 157 -78.39 -27.91 -41.90
CA PHE C 157 -79.61 -27.28 -41.41
C PHE C 157 -79.56 -25.77 -41.53
N SER C 158 -80.74 -25.17 -41.67
CA SER C 158 -80.93 -23.73 -41.60
C SER C 158 -81.91 -23.31 -40.51
N SER C 159 -82.87 -24.16 -40.16
CA SER C 159 -83.83 -23.87 -39.09
C SER C 159 -83.26 -24.35 -37.77
N ASN C 160 -83.00 -23.41 -36.86
CA ASN C 160 -82.51 -23.78 -35.53
C ASN C 160 -83.45 -24.79 -34.88
N HIS C 161 -84.75 -24.69 -35.16
CA HIS C 161 -85.71 -25.62 -34.57
C HIS C 161 -85.40 -27.05 -34.97
N ALA C 162 -85.45 -27.34 -36.27
CA ALA C 162 -85.27 -28.71 -36.75
C ALA C 162 -83.93 -29.29 -36.31
N MET C 163 -82.89 -28.46 -36.24
CA MET C 163 -81.57 -28.99 -35.89
C MET C 163 -81.50 -29.37 -34.42
N VAL C 164 -82.06 -28.55 -33.54
CA VAL C 164 -81.95 -28.83 -32.10
C VAL C 164 -82.67 -30.12 -31.76
N THR C 165 -83.91 -30.28 -32.24
CA THR C 165 -84.64 -31.51 -31.96
C THR C 165 -83.92 -32.72 -32.57
N ALA C 166 -83.31 -32.52 -33.74
CA ALA C 166 -82.64 -33.63 -34.40
C ALA C 166 -81.38 -34.05 -33.67
N PHE C 167 -80.60 -33.08 -33.16
CA PHE C 167 -79.38 -33.46 -32.45
C PHE C 167 -79.69 -34.43 -31.32
N TRP C 168 -80.77 -34.18 -30.57
CA TRP C 168 -81.13 -35.05 -29.45
C TRP C 168 -81.75 -36.35 -29.94
N ALA C 169 -82.60 -36.29 -30.96
CA ALA C 169 -83.13 -37.52 -31.54
C ALA C 169 -82.02 -38.50 -31.88
N CYS C 170 -80.81 -38.00 -32.18
CA CYS C 170 -79.67 -38.87 -32.41
C CYS C 170 -78.98 -39.27 -31.12
N VAL C 171 -78.98 -38.40 -30.11
CA VAL C 171 -78.45 -38.78 -28.81
C VAL C 171 -79.27 -39.92 -28.23
N LEU C 172 -80.60 -39.83 -28.35
CA LEU C 172 -81.48 -40.89 -27.87
C LEU C 172 -81.19 -42.20 -28.58
N GLY C 173 -81.38 -42.23 -29.91
CA GLY C 173 -81.19 -43.46 -30.67
C GLY C 173 -79.79 -44.04 -30.58
N GLY C 174 -78.81 -43.25 -30.13
CA GLY C 174 -77.45 -43.72 -30.05
C GLY C 174 -76.65 -43.54 -31.33
N PHE C 175 -77.03 -42.59 -32.18
CA PHE C 175 -76.36 -42.33 -33.44
C PHE C 175 -75.26 -41.29 -33.27
N VAL C 176 -74.47 -41.12 -34.32
CA VAL C 176 -73.36 -40.20 -34.34
C VAL C 176 -73.61 -39.16 -35.43
N PRO C 177 -74.10 -37.97 -35.08
CA PRO C 177 -74.30 -36.94 -36.10
C PRO C 177 -73.00 -36.26 -36.48
N THR C 178 -72.97 -35.77 -37.73
CA THR C 178 -71.80 -35.10 -38.28
C THR C 178 -72.16 -33.63 -38.49
N LEU C 179 -71.40 -32.76 -37.84
CA LEU C 179 -71.69 -31.33 -37.79
C LEU C 179 -70.83 -30.60 -38.80
N VAL C 180 -71.47 -30.08 -39.86
CA VAL C 180 -70.82 -29.24 -40.86
C VAL C 180 -71.82 -28.17 -41.25
N SER C 181 -71.29 -26.99 -41.58
CA SER C 181 -72.16 -25.88 -41.95
C SER C 181 -72.85 -26.17 -43.28
N ALA C 182 -74.01 -25.56 -43.46
CA ALA C 182 -74.73 -25.73 -44.71
C ALA C 182 -73.99 -24.99 -45.82
N ALA C 183 -74.14 -25.51 -47.02
CA ALA C 183 -73.46 -24.90 -48.15
C ALA C 183 -74.17 -23.61 -48.56
N PRO C 184 -73.43 -22.57 -48.95
CA PRO C 184 -74.09 -21.39 -49.50
C PRO C 184 -75.01 -21.70 -50.66
N THR C 185 -74.63 -22.64 -51.53
CA THR C 185 -75.47 -23.05 -52.65
C THR C 185 -75.11 -24.47 -53.08
N TYR C 186 -76.12 -25.27 -53.39
CA TYR C 186 -75.93 -26.63 -53.86
C TYR C 186 -76.12 -26.78 -55.36
N ARG C 187 -76.51 -25.72 -56.07
CA ARG C 187 -76.73 -25.85 -57.51
C ARG C 187 -75.43 -26.17 -58.24
N GLU C 188 -74.31 -25.62 -57.78
CA GLU C 188 -73.04 -25.76 -58.47
C GLU C 188 -71.92 -26.13 -57.50
N MET C 189 -70.95 -26.89 -58.01
CA MET C 189 -69.76 -27.22 -57.24
C MET C 189 -69.01 -25.95 -56.87
N ASN C 190 -68.31 -25.99 -55.75
CA ASN C 190 -67.55 -24.83 -55.30
C ASN C 190 -66.54 -25.32 -54.25
N ALA C 191 -65.98 -24.37 -53.49
CA ALA C 191 -65.06 -24.74 -52.43
C ALA C 191 -65.77 -25.51 -51.32
N ALA C 192 -67.00 -25.10 -50.99
CA ALA C 192 -67.75 -25.75 -49.92
C ALA C 192 -68.22 -27.14 -50.33
N VAL C 193 -69.07 -27.22 -51.36
CA VAL C 193 -69.62 -28.51 -51.76
C VAL C 193 -68.50 -29.50 -52.06
N LYS C 194 -67.31 -29.00 -52.43
CA LYS C 194 -66.17 -29.89 -52.61
C LYS C 194 -65.70 -30.46 -51.28
N LYS C 195 -65.53 -29.59 -50.27
CA LYS C 195 -65.18 -30.06 -48.94
C LYS C 195 -66.25 -31.01 -48.38
N LEU C 196 -67.51 -30.78 -48.72
CA LEU C 196 -68.57 -31.69 -48.28
C LEU C 196 -68.44 -33.05 -48.95
N HIS C 197 -68.16 -33.06 -50.26
CA HIS C 197 -68.00 -34.32 -50.97
C HIS C 197 -66.89 -35.16 -50.34
N HIS C 198 -65.81 -34.51 -49.90
CA HIS C 198 -64.72 -35.24 -49.26
C HIS C 198 -65.22 -35.93 -48.00
N ALA C 199 -65.95 -35.21 -47.16
CA ALA C 199 -66.49 -35.80 -45.93
C ALA C 199 -67.53 -36.87 -46.24
N TRP C 200 -68.52 -36.54 -47.08
CA TRP C 200 -69.57 -37.48 -47.41
C TRP C 200 -69.00 -38.79 -47.92
N LYS C 201 -67.89 -38.73 -48.65
CA LYS C 201 -67.25 -39.95 -49.13
C LYS C 201 -66.37 -40.57 -48.06
N LEU C 202 -65.79 -39.75 -47.18
CA LEU C 202 -64.97 -40.29 -46.10
C LEU C 202 -65.81 -41.11 -45.13
N LEU C 203 -67.07 -40.73 -44.95
CA LEU C 203 -67.95 -41.36 -43.98
C LEU C 203 -68.78 -42.48 -44.58
N GLU C 204 -68.36 -43.05 -45.72
CA GLU C 204 -69.05 -44.16 -46.37
C GLU C 204 -70.49 -43.79 -46.72
N HIS C 205 -70.64 -42.64 -47.37
CA HIS C 205 -71.92 -42.26 -47.92
C HIS C 205 -73.00 -42.19 -46.85
N PRO C 206 -72.80 -41.42 -45.79
CA PRO C 206 -73.78 -41.39 -44.70
C PRO C 206 -75.08 -40.74 -45.14
N LEU C 207 -76.06 -40.81 -44.24
CA LEU C 207 -77.34 -40.14 -44.47
C LEU C 207 -77.22 -38.65 -44.20
N ILE C 208 -77.99 -37.86 -44.93
CA ILE C 208 -78.07 -36.42 -44.76
C ILE C 208 -79.44 -36.05 -44.23
N LEU C 209 -79.46 -35.15 -43.24
CA LEU C 209 -80.68 -34.75 -42.54
C LEU C 209 -80.80 -33.24 -42.58
N THR C 210 -81.94 -32.74 -43.08
CA THR C 210 -82.14 -31.30 -43.29
C THR C 210 -83.56 -30.93 -42.90
N ASP C 211 -83.89 -29.63 -43.05
CA ASP C 211 -85.24 -29.15 -42.88
C ASP C 211 -85.97 -29.09 -44.22
N ASP C 212 -87.24 -28.65 -44.19
CA ASP C 212 -88.05 -28.66 -45.40
C ASP C 212 -87.53 -27.71 -46.47
N SER C 213 -86.86 -26.62 -46.08
CA SER C 213 -86.47 -25.63 -47.07
C SER C 213 -85.33 -26.11 -47.95
N LEU C 214 -84.38 -26.84 -47.38
CA LEU C 214 -83.16 -27.24 -48.09
C LEU C 214 -83.29 -28.57 -48.80
N ILE C 215 -84.37 -29.32 -48.59
CA ILE C 215 -84.47 -30.66 -49.17
C ILE C 215 -84.42 -30.58 -50.69
N GLU C 216 -85.19 -29.66 -51.27
CA GLU C 216 -85.22 -29.53 -52.73
C GLU C 216 -83.82 -29.27 -53.28
N GLU C 217 -83.04 -28.43 -52.59
CA GLU C 217 -81.72 -28.05 -53.09
C GLU C 217 -80.66 -29.10 -52.77
N VAL C 218 -80.78 -29.81 -51.65
CA VAL C 218 -79.74 -30.77 -51.28
C VAL C 218 -79.82 -32.03 -52.11
N GLN C 219 -81.04 -32.48 -52.44
CA GLN C 219 -81.18 -33.65 -53.28
C GLN C 219 -80.49 -33.47 -54.63
N GLY C 220 -80.22 -32.24 -55.04
CA GLY C 220 -79.50 -32.01 -56.28
C GLY C 220 -78.09 -32.56 -56.27
N LEU C 221 -77.53 -32.79 -55.08
CA LEU C 221 -76.18 -33.32 -54.98
C LEU C 221 -76.04 -34.68 -55.64
N ALA C 222 -77.15 -35.36 -55.92
CA ALA C 222 -77.08 -36.63 -56.64
C ALA C 222 -76.49 -36.44 -58.03
N PHE C 223 -76.91 -35.38 -58.73
CA PHE C 223 -76.37 -35.10 -60.05
C PHE C 223 -74.99 -34.47 -59.98
N LEU C 224 -74.75 -33.60 -59.00
CA LEU C 224 -73.46 -32.92 -58.91
C LEU C 224 -72.35 -33.90 -58.56
N TRP C 225 -72.59 -34.79 -57.60
CA TRP C 225 -71.60 -35.76 -57.18
C TRP C 225 -71.63 -37.03 -58.04
N HIS C 226 -72.61 -37.15 -58.94
CA HIS C 226 -72.69 -38.27 -59.87
C HIS C 226 -72.74 -39.61 -59.15
N THR C 227 -73.13 -39.61 -57.88
CA THR C 227 -73.25 -40.82 -57.10
C THR C 227 -74.72 -41.10 -56.83
N ASP C 228 -75.07 -42.39 -56.83
CA ASP C 228 -76.44 -42.82 -56.58
C ASP C 228 -76.64 -43.30 -55.16
N GLN C 229 -75.57 -43.44 -54.38
CA GLN C 229 -75.63 -43.92 -53.02
C GLN C 229 -75.84 -42.80 -51.99
N LEU C 230 -76.37 -41.66 -52.41
CA LEU C 230 -76.69 -40.54 -51.51
C LEU C 230 -78.20 -40.36 -51.43
N ARG C 231 -78.70 -40.19 -50.20
CA ARG C 231 -80.10 -39.81 -49.99
C ARG C 231 -80.24 -39.00 -48.71
N VAL C 232 -81.33 -38.25 -48.63
CA VAL C 232 -81.55 -37.23 -47.62
C VAL C 232 -82.95 -37.38 -47.03
N ALA C 233 -83.13 -36.83 -45.83
CA ALA C 233 -84.40 -36.91 -45.11
C ALA C 233 -84.72 -35.58 -44.45
N ALA C 234 -86.01 -35.22 -44.45
CA ALA C 234 -86.50 -33.98 -43.85
C ALA C 234 -87.03 -34.23 -42.45
N VAL C 235 -86.56 -33.44 -41.48
CA VAL C 235 -86.97 -33.60 -40.09
C VAL C 235 -88.38 -33.07 -39.86
N GLU C 236 -88.69 -31.90 -40.43
CA GLU C 236 -89.95 -31.21 -40.13
C GLU C 236 -91.17 -32.13 -40.11
N PRO C 237 -91.46 -32.94 -41.13
CA PRO C 237 -92.67 -33.78 -41.08
C PRO C 237 -92.54 -34.97 -40.14
N MET C 238 -91.39 -35.16 -39.49
CA MET C 238 -91.23 -36.24 -38.53
C MET C 238 -91.80 -35.90 -37.15
N LEU C 239 -92.09 -34.64 -36.89
CA LEU C 239 -92.66 -34.24 -35.59
C LEU C 239 -94.14 -34.57 -35.49
N THR C 240 -94.76 -35.11 -36.54
CA THR C 240 -96.16 -35.48 -36.55
C THR C 240 -96.38 -36.98 -36.37
N LEU C 241 -95.42 -37.69 -35.79
CA LEU C 241 -95.44 -39.14 -35.68
C LEU C 241 -95.69 -39.59 -34.24
N GLU C 242 -95.49 -40.90 -34.01
CA GLU C 242 -95.62 -41.52 -32.71
C GLU C 242 -94.33 -41.24 -31.92
N ARG C 243 -94.40 -41.44 -30.60
CA ARG C 243 -93.23 -41.25 -29.77
C ARG C 243 -92.38 -42.52 -29.82
N ASP C 244 -91.30 -42.59 -29.01
CA ASP C 244 -90.42 -43.75 -29.02
C ASP C 244 -89.65 -43.79 -27.70
N THR C 245 -90.12 -44.62 -26.78
CA THR C 245 -89.45 -44.78 -25.49
C THR C 245 -88.13 -45.52 -25.60
N ALA C 246 -87.93 -46.30 -26.67
CA ALA C 246 -86.77 -47.17 -26.81
C ALA C 246 -85.50 -46.32 -26.95
N ALA C 247 -84.95 -45.91 -25.81
CA ALA C 247 -83.71 -45.15 -25.80
C ALA C 247 -82.53 -46.10 -25.79
N HIS C 248 -81.59 -45.87 -26.68
CA HIS C 248 -80.43 -46.74 -26.77
C HIS C 248 -79.51 -46.51 -25.56
N PRO C 249 -78.91 -47.56 -25.02
CA PRO C 249 -78.00 -47.37 -23.87
C PRO C 249 -76.75 -46.61 -24.28
N ALA C 250 -76.39 -45.63 -23.47
CA ALA C 250 -75.18 -44.85 -23.69
C ALA C 250 -74.02 -45.42 -22.91
N ALA C 251 -72.81 -45.06 -23.34
CA ALA C 251 -71.57 -45.31 -22.63
C ALA C 251 -70.86 -43.99 -22.39
N PRO C 252 -69.88 -43.94 -21.49
CA PRO C 252 -69.12 -42.70 -21.30
C PRO C 252 -68.12 -42.46 -22.42
N ASP C 253 -67.73 -43.49 -23.16
CA ASP C 253 -66.75 -43.37 -24.23
C ASP C 253 -67.34 -43.64 -25.60
N ASP C 254 -68.67 -43.80 -25.70
CA ASP C 254 -69.30 -43.92 -27.00
C ASP C 254 -69.20 -42.61 -27.77
N SER C 255 -69.00 -42.70 -29.08
CA SER C 255 -68.95 -41.51 -29.92
C SER C 255 -70.33 -40.86 -29.98
N VAL C 256 -70.37 -39.55 -29.75
CA VAL C 256 -71.63 -38.81 -29.66
C VAL C 256 -71.91 -38.01 -30.93
N PHE C 257 -70.92 -37.29 -31.45
CA PHE C 257 -71.09 -36.57 -32.70
C PHE C 257 -69.75 -36.33 -33.38
N PHE C 258 -69.82 -36.04 -34.68
CA PHE C 258 -68.67 -35.64 -35.49
C PHE C 258 -68.77 -34.15 -35.79
N ILE C 259 -67.65 -33.44 -35.65
CA ILE C 259 -67.57 -32.02 -35.99
C ILE C 259 -66.30 -31.83 -36.79
N LEU C 260 -66.41 -31.13 -37.92
CA LEU C 260 -65.32 -30.99 -38.87
C LEU C 260 -64.66 -29.63 -38.73
N THR C 261 -63.45 -29.53 -39.27
CA THR C 261 -62.74 -28.24 -39.34
C THR C 261 -63.10 -27.55 -40.65
N SER C 262 -64.34 -27.06 -40.71
CA SER C 262 -64.79 -26.33 -41.89
C SER C 262 -63.82 -25.20 -42.22
N GLY C 263 -63.30 -24.53 -41.19
CA GLY C 263 -62.28 -23.53 -41.39
C GLY C 263 -60.91 -24.18 -41.53
N SER C 264 -60.74 -24.98 -42.59
CA SER C 264 -59.47 -25.63 -42.88
C SER C 264 -59.10 -25.31 -44.32
N THR C 265 -57.90 -24.74 -44.51
CA THR C 265 -57.44 -24.43 -45.86
C THR C 265 -57.41 -25.68 -46.74
N GLY C 266 -56.93 -26.80 -46.19
CA GLY C 266 -56.86 -28.05 -46.93
C GLY C 266 -58.15 -28.84 -46.84
N MET C 267 -58.11 -30.05 -47.37
CA MET C 267 -59.29 -30.91 -47.29
C MET C 267 -59.70 -31.06 -45.83
N PRO C 268 -61.00 -31.10 -45.54
CA PRO C 268 -61.43 -31.05 -44.14
C PRO C 268 -61.08 -32.33 -43.39
N LYS C 269 -60.87 -32.17 -42.09
CA LYS C 269 -60.60 -33.29 -41.19
C LYS C 269 -61.73 -33.39 -40.17
N CYS C 270 -62.01 -34.62 -39.76
CA CYS C 270 -63.17 -34.95 -38.94
C CYS C 270 -62.74 -35.30 -37.53
N VAL C 271 -63.59 -34.95 -36.56
CA VAL C 271 -63.27 -35.05 -35.14
C VAL C 271 -64.31 -35.92 -34.44
N GLU C 272 -63.83 -36.90 -33.66
CA GLU C 272 -64.67 -37.73 -32.81
C GLU C 272 -64.80 -37.10 -31.43
N HIS C 273 -66.01 -37.14 -30.89
CA HIS C 273 -66.25 -36.72 -29.51
C HIS C 273 -66.99 -37.82 -28.75
N SER C 274 -66.61 -38.00 -27.48
CA SER C 274 -67.23 -38.98 -26.61
C SER C 274 -68.15 -38.29 -25.61
N HIS C 275 -69.17 -39.02 -25.14
CA HIS C 275 -70.13 -38.43 -24.21
C HIS C 275 -69.45 -37.80 -23.01
N ARG C 276 -68.38 -38.42 -22.48
CA ARG C 276 -67.72 -37.85 -21.31
C ARG C 276 -66.71 -36.78 -21.71
N SER C 277 -65.99 -36.97 -22.82
CA SER C 277 -65.04 -35.94 -23.25
C SER C 277 -65.74 -34.60 -23.49
N VAL C 278 -67.00 -34.63 -23.92
CA VAL C 278 -67.77 -33.40 -24.06
C VAL C 278 -68.20 -32.87 -22.70
N LEU C 279 -68.93 -33.69 -21.94
CA LEU C 279 -69.37 -33.29 -20.60
C LEU C 279 -68.19 -32.87 -19.72
N ALA C 280 -66.97 -33.30 -20.04
CA ALA C 280 -65.81 -32.86 -19.28
C ALA C 280 -65.72 -31.34 -19.23
N ASN C 281 -66.19 -30.66 -20.27
CA ASN C 281 -66.10 -29.20 -20.34
C ASN C 281 -67.34 -28.50 -19.79
N VAL C 282 -68.54 -28.99 -20.09
CA VAL C 282 -69.74 -28.28 -19.65
C VAL C 282 -69.85 -28.23 -18.13
N LYS C 283 -69.32 -29.24 -17.43
CA LYS C 283 -69.30 -29.19 -15.98
C LYS C 283 -68.23 -28.22 -15.48
N GLY C 284 -67.02 -28.33 -16.04
CA GLY C 284 -65.97 -27.38 -15.72
C GLY C 284 -66.31 -25.97 -16.17
N THR C 285 -67.03 -25.84 -17.29
CA THR C 285 -67.42 -24.53 -17.79
C THR C 285 -68.36 -23.82 -16.82
N VAL C 286 -69.44 -24.49 -16.43
CA VAL C 286 -70.40 -23.88 -15.52
C VAL C 286 -69.71 -23.43 -14.23
N ALA C 287 -68.63 -24.11 -13.86
CA ALA C 287 -67.92 -23.77 -12.62
C ALA C 287 -67.21 -22.43 -12.75
N ALA C 288 -66.29 -22.31 -13.72
CA ALA C 288 -65.50 -21.10 -13.83
C ALA C 288 -66.38 -19.88 -14.06
N ASN C 289 -67.53 -20.06 -14.68
CA ASN C 289 -68.40 -18.95 -15.06
C ASN C 289 -69.59 -18.79 -14.13
N GLN C 290 -69.91 -19.80 -13.33
CA GLN C 290 -71.05 -19.76 -12.42
C GLN C 290 -72.34 -19.55 -13.20
N PHE C 291 -72.72 -20.60 -13.91
CA PHE C 291 -73.97 -20.62 -14.67
C PHE C 291 -75.03 -21.41 -13.91
N THR C 292 -76.29 -21.13 -14.23
CA THR C 292 -77.40 -21.58 -13.42
C THR C 292 -78.66 -21.64 -14.28
N GLN C 293 -79.70 -22.26 -13.71
CA GLN C 293 -81.02 -22.26 -14.36
C GLN C 293 -81.51 -20.85 -14.64
N GLU C 294 -80.94 -19.85 -13.96
CA GLU C 294 -81.42 -18.47 -14.11
C GLU C 294 -81.03 -17.88 -15.47
N ASP C 295 -79.82 -18.19 -15.95
CA ASP C 295 -79.30 -17.55 -17.15
C ASP C 295 -80.27 -17.70 -18.32
N VAL C 296 -80.31 -16.68 -19.17
CA VAL C 296 -80.98 -16.73 -20.46
C VAL C 296 -79.91 -16.62 -21.54
N SER C 297 -79.93 -17.53 -22.51
CA SER C 297 -78.86 -17.67 -23.49
C SER C 297 -79.35 -17.24 -24.87
N LEU C 298 -78.83 -16.11 -25.34
CA LEU C 298 -79.09 -15.61 -26.67
C LEU C 298 -77.93 -16.02 -27.57
N ASP C 299 -78.23 -16.75 -28.64
CA ASP C 299 -77.18 -17.25 -29.52
C ASP C 299 -77.69 -17.25 -30.95
N TRP C 300 -76.89 -16.70 -31.86
CA TRP C 300 -77.17 -16.75 -33.28
C TRP C 300 -76.06 -17.40 -34.09
N MET C 301 -74.89 -17.64 -33.49
CA MET C 301 -73.84 -18.37 -34.16
C MET C 301 -74.37 -19.74 -34.58
N PRO C 302 -73.94 -20.27 -35.73
CA PRO C 302 -74.48 -21.55 -36.18
C PRO C 302 -74.05 -22.68 -35.27
N LEU C 303 -74.86 -23.74 -35.25
CA LEU C 303 -74.59 -24.85 -34.36
C LEU C 303 -73.41 -25.70 -34.84
N ASP C 304 -73.09 -25.66 -36.13
CA ASP C 304 -71.98 -26.44 -36.65
C ASP C 304 -70.63 -25.96 -36.12
N HIS C 305 -70.59 -24.89 -35.34
CA HIS C 305 -69.37 -24.45 -34.71
C HIS C 305 -69.30 -25.00 -33.30
N ILE C 306 -68.07 -25.25 -32.83
CA ILE C 306 -67.89 -25.88 -31.52
C ILE C 306 -68.58 -25.06 -30.43
N GLY C 307 -68.46 -23.74 -30.50
CA GLY C 307 -69.14 -22.89 -29.54
C GLY C 307 -70.64 -22.91 -29.65
N GLY C 308 -71.16 -23.31 -30.80
CA GLY C 308 -72.61 -23.34 -30.98
C GLY C 308 -73.27 -24.38 -30.10
N ILE C 309 -72.62 -25.52 -29.90
CA ILE C 309 -73.18 -26.64 -29.16
C ILE C 309 -72.56 -26.77 -27.79
N VAL C 310 -71.26 -27.07 -27.72
CA VAL C 310 -70.62 -27.40 -26.46
C VAL C 310 -70.70 -26.21 -25.49
N MET C 311 -70.11 -25.07 -25.88
CA MET C 311 -69.99 -23.97 -24.93
C MET C 311 -71.35 -23.35 -24.60
N PHE C 312 -72.34 -23.48 -25.48
CA PHE C 312 -73.61 -22.79 -25.27
C PHE C 312 -74.78 -23.75 -25.19
N HIS C 313 -75.20 -24.37 -26.29
CA HIS C 313 -76.42 -25.17 -26.27
C HIS C 313 -76.39 -26.21 -25.16
N LEU C 314 -75.38 -27.08 -25.17
CA LEU C 314 -75.29 -28.13 -24.16
C LEU C 314 -75.09 -27.58 -22.76
N VAL C 315 -74.35 -26.47 -22.61
CA VAL C 315 -74.19 -25.86 -21.31
C VAL C 315 -75.48 -25.21 -20.85
N ASN C 316 -76.39 -24.91 -21.78
CA ASN C 316 -77.70 -24.39 -21.38
C ASN C 316 -78.63 -25.51 -20.96
N VAL C 317 -78.52 -26.68 -21.59
CA VAL C 317 -79.36 -27.81 -21.20
C VAL C 317 -78.80 -28.52 -19.97
N TYR C 318 -77.49 -28.41 -19.72
CA TYR C 318 -76.95 -28.97 -18.50
C TYR C 318 -77.43 -28.22 -17.27
N THR C 319 -77.63 -26.91 -17.39
CA THR C 319 -78.07 -26.08 -16.28
C THR C 319 -79.51 -25.62 -16.40
N GLY C 320 -80.22 -26.01 -17.46
CA GLY C 320 -81.65 -25.72 -17.55
C GLY C 320 -82.01 -24.28 -17.82
N CYS C 321 -81.17 -23.57 -18.58
CA CYS C 321 -81.44 -22.18 -18.93
C CYS C 321 -82.66 -22.07 -19.84
N GLU C 322 -83.22 -20.87 -19.90
CA GLU C 322 -84.09 -20.50 -21.01
C GLU C 322 -83.18 -20.21 -22.21
N GLN C 323 -83.50 -20.77 -23.37
CA GLN C 323 -82.68 -20.62 -24.55
C GLN C 323 -83.40 -19.79 -25.60
N ILE C 324 -82.64 -18.93 -26.26
CA ILE C 324 -83.13 -18.11 -27.35
C ILE C 324 -82.20 -18.33 -28.54
N ARG C 325 -82.75 -18.75 -29.67
CA ARG C 325 -81.97 -18.98 -30.87
C ARG C 325 -82.46 -18.07 -31.98
N ALA C 326 -81.52 -17.42 -32.65
CA ALA C 326 -81.79 -16.59 -33.81
C ALA C 326 -80.91 -17.08 -34.96
N ARG C 327 -81.37 -16.81 -36.17
CA ARG C 327 -80.59 -17.18 -37.35
C ARG C 327 -79.37 -16.27 -37.42
N THR C 328 -78.21 -16.87 -37.74
CA THR C 328 -77.00 -16.07 -37.91
C THR C 328 -77.18 -15.03 -39.01
N ASP C 329 -77.96 -15.38 -40.05
CA ASP C 329 -78.25 -14.46 -41.13
C ASP C 329 -78.93 -13.20 -40.61
N ASP C 330 -79.97 -13.36 -39.80
CA ASP C 330 -80.70 -12.21 -39.30
C ASP C 330 -79.78 -11.23 -38.57
N PHE C 331 -78.72 -11.75 -37.94
CA PHE C 331 -77.77 -10.87 -37.26
C PHE C 331 -76.85 -10.16 -38.26
N ILE C 332 -76.15 -10.94 -39.08
CA ILE C 332 -75.18 -10.37 -40.01
C ILE C 332 -75.85 -9.36 -40.93
N ALA C 333 -77.14 -9.56 -41.23
CA ALA C 333 -77.86 -8.63 -42.09
C ALA C 333 -78.12 -7.29 -41.42
N GLN C 334 -78.02 -7.22 -40.09
CA GLN C 334 -78.22 -5.99 -39.34
C GLN C 334 -77.78 -6.23 -37.90
N PRO C 335 -76.50 -6.04 -37.58
CA PRO C 335 -76.01 -6.44 -36.25
C PRO C 335 -76.71 -5.74 -35.11
N LEU C 336 -77.47 -4.67 -35.38
CA LEU C 336 -78.20 -3.97 -34.34
C LEU C 336 -79.41 -4.74 -33.84
N ARG C 337 -79.67 -5.94 -34.37
CA ARG C 337 -80.61 -6.86 -33.75
C ARG C 337 -80.01 -7.56 -32.55
N TRP C 338 -78.68 -7.52 -32.40
CA TRP C 338 -78.05 -8.08 -31.21
C TRP C 338 -78.49 -7.33 -29.96
N LEU C 339 -78.68 -6.02 -30.07
CA LEU C 339 -79.20 -5.25 -28.95
C LEU C 339 -80.70 -5.45 -28.77
N ASP C 340 -81.44 -5.44 -29.88
CA ASP C 340 -82.89 -5.63 -29.79
C ASP C 340 -83.25 -6.92 -29.07
N TRP C 341 -82.41 -7.95 -29.21
CA TRP C 341 -82.69 -9.23 -28.57
C TRP C 341 -82.27 -9.25 -27.12
N MET C 342 -81.08 -8.72 -26.82
CA MET C 342 -80.65 -8.65 -25.42
C MET C 342 -81.62 -7.82 -24.58
N ASP C 343 -82.49 -7.03 -25.20
CA ASP C 343 -83.52 -6.26 -24.51
C ASP C 343 -84.89 -6.91 -24.57
N ARG C 344 -85.25 -7.53 -25.70
CA ARG C 344 -86.55 -8.17 -25.82
C ARG C 344 -86.64 -9.46 -25.01
N TYR C 345 -85.50 -10.03 -24.60
CA TYR C 345 -85.46 -11.27 -23.85
C TYR C 345 -84.75 -11.12 -22.51
N ARG C 346 -84.37 -9.92 -22.13
CA ARG C 346 -83.67 -9.65 -20.88
C ARG C 346 -82.59 -10.71 -20.66
N ALA C 347 -81.67 -10.76 -21.62
CA ALA C 347 -80.68 -11.81 -21.67
C ALA C 347 -79.49 -11.51 -20.77
N THR C 348 -78.91 -12.56 -20.21
CA THR C 348 -77.72 -12.45 -19.37
C THR C 348 -76.47 -13.07 -19.97
N LYS C 349 -76.60 -13.84 -21.05
CA LYS C 349 -75.49 -14.64 -21.56
C LYS C 349 -75.61 -14.74 -23.07
N THR C 350 -74.58 -14.29 -23.78
CA THR C 350 -74.52 -14.41 -25.24
C THR C 350 -73.06 -14.44 -25.63
N TRP C 351 -72.81 -14.77 -26.90
CA TRP C 351 -71.45 -14.84 -27.40
C TRP C 351 -71.40 -14.54 -28.88
N ALA C 352 -70.25 -14.06 -29.33
CA ALA C 352 -70.04 -13.68 -30.72
C ALA C 352 -68.56 -13.41 -30.95
N PRO C 353 -67.94 -14.00 -31.98
CA PRO C 353 -66.52 -13.72 -32.22
C PRO C 353 -66.29 -12.23 -32.40
N ASN C 354 -65.01 -11.84 -32.33
CA ASN C 354 -64.69 -10.41 -32.30
C ASN C 354 -65.24 -9.67 -33.51
N PHE C 355 -65.38 -10.35 -34.65
CA PHE C 355 -65.84 -9.66 -35.85
C PHE C 355 -67.23 -9.05 -35.64
N ALA C 356 -68.02 -9.60 -34.73
CA ALA C 356 -69.36 -9.06 -34.49
C ALA C 356 -69.32 -7.76 -33.71
N PHE C 357 -68.37 -7.64 -32.78
CA PHE C 357 -68.25 -6.40 -32.00
C PHE C 357 -67.92 -5.22 -32.91
N ALA C 358 -66.88 -5.37 -33.74
CA ALA C 358 -66.53 -4.30 -34.68
C ALA C 358 -67.73 -3.94 -35.56
N MET C 359 -68.49 -4.95 -36.00
CA MET C 359 -69.64 -4.68 -36.86
C MET C 359 -70.65 -3.76 -36.20
N ILE C 360 -70.75 -3.82 -34.87
CA ILE C 360 -71.75 -3.00 -34.18
C ILE C 360 -71.31 -1.53 -34.18
N ASN C 361 -70.01 -1.27 -34.01
CA ASN C 361 -69.54 0.09 -33.83
C ASN C 361 -69.96 1.01 -34.98
N ASP C 362 -70.05 0.48 -36.20
CA ASP C 362 -70.35 1.33 -37.34
C ASP C 362 -71.75 1.93 -37.27
N TYR C 363 -72.64 1.37 -36.45
CA TYR C 363 -73.99 1.90 -36.29
C TYR C 363 -74.05 2.96 -35.19
N GLU C 364 -72.98 3.73 -35.03
CA GLU C 364 -72.89 4.74 -33.99
C GLU C 364 -74.01 5.76 -34.06
N LYS C 365 -74.58 5.95 -35.25
CA LYS C 365 -75.62 6.96 -35.42
C LYS C 365 -76.89 6.58 -34.66
N GLU C 366 -77.30 5.31 -34.76
CA GLU C 366 -78.55 4.89 -34.12
C GLU C 366 -78.38 4.76 -32.61
N ILE C 367 -77.25 4.23 -32.17
CA ILE C 367 -77.05 3.94 -30.75
C ILE C 367 -77.25 5.20 -29.91
N SER C 368 -76.68 6.32 -30.35
CA SER C 368 -76.81 7.57 -29.63
C SER C 368 -78.14 8.26 -29.93
N SER C 369 -79.16 7.50 -30.34
CA SER C 369 -80.50 8.05 -30.58
C SER C 369 -81.47 6.87 -30.56
N GLY C 370 -81.96 6.53 -29.36
CA GLY C 370 -82.81 5.36 -29.20
C GLY C 370 -82.22 4.33 -28.25
N SER C 371 -82.80 4.23 -27.05
CA SER C 371 -82.22 3.46 -25.96
C SER C 371 -82.81 2.06 -25.87
N TRP C 372 -82.03 1.17 -25.24
CA TRP C 372 -82.43 -0.17 -24.86
C TRP C 372 -82.22 -0.34 -23.36
N ASP C 373 -82.51 -1.54 -22.87
CA ASP C 373 -82.20 -1.93 -21.50
C ASP C 373 -81.32 -3.16 -21.58
N LEU C 374 -80.09 -3.04 -21.09
CA LEU C 374 -79.10 -4.10 -21.21
C LEU C 374 -78.46 -4.45 -19.87
N SER C 375 -78.97 -3.90 -18.76
CA SER C 375 -78.48 -4.31 -17.45
C SER C 375 -78.57 -5.81 -17.28
N ALA C 376 -79.50 -6.45 -18.01
CA ALA C 376 -79.59 -7.90 -17.97
C ALA C 376 -78.23 -8.55 -18.20
N MET C 377 -77.39 -7.95 -19.04
CA MET C 377 -76.20 -8.62 -19.50
C MET C 377 -75.12 -8.66 -18.43
N THR C 378 -74.52 -9.83 -18.27
CA THR C 378 -73.38 -10.02 -17.37
C THR C 378 -72.27 -10.86 -17.99
N CYS C 379 -72.56 -11.66 -19.02
CA CYS C 379 -71.58 -12.54 -19.64
C CYS C 379 -71.72 -12.44 -21.15
N MET C 380 -70.79 -11.69 -21.77
CA MET C 380 -70.72 -11.52 -23.22
C MET C 380 -69.37 -12.05 -23.66
N ILE C 381 -69.37 -13.17 -24.39
CA ILE C 381 -68.15 -13.91 -24.71
C ILE C 381 -67.80 -13.71 -26.18
N ASN C 382 -66.50 -13.76 -26.47
CA ASN C 382 -66.03 -13.61 -27.84
C ASN C 382 -64.76 -14.43 -28.02
N GLY C 383 -64.51 -14.84 -29.27
CA GLY C 383 -63.30 -15.58 -29.60
C GLY C 383 -62.05 -14.78 -29.33
N ALA C 384 -61.12 -15.38 -28.57
CA ALA C 384 -59.88 -14.73 -28.20
C ALA C 384 -58.89 -14.66 -29.36
N GLU C 385 -59.05 -15.51 -30.37
CA GLU C 385 -58.10 -15.53 -31.48
C GLU C 385 -57.93 -14.15 -32.10
N ALA C 386 -59.00 -13.35 -32.12
CA ALA C 386 -58.99 -12.03 -32.75
C ALA C 386 -59.46 -10.99 -31.74
N VAL C 387 -58.67 -10.77 -30.69
CA VAL C 387 -58.98 -9.79 -29.67
C VAL C 387 -58.33 -8.46 -30.02
N VAL C 388 -59.14 -7.41 -30.09
CA VAL C 388 -58.66 -6.05 -30.40
C VAL C 388 -59.30 -5.08 -29.41
N PRO C 389 -58.59 -4.64 -28.37
CA PRO C 389 -59.18 -3.68 -27.43
C PRO C 389 -59.70 -2.42 -28.11
N LYS C 390 -59.23 -2.16 -29.33
CA LYS C 390 -59.64 -0.97 -30.06
C LYS C 390 -61.17 -0.86 -30.14
N THR C 391 -61.82 -1.87 -30.70
CA THR C 391 -63.27 -1.82 -30.86
C THR C 391 -64.03 -2.26 -29.62
N ILE C 392 -63.38 -2.95 -28.69
CA ILE C 392 -64.09 -3.45 -27.51
C ILE C 392 -64.43 -2.30 -26.56
N HIS C 393 -63.41 -1.59 -26.09
CA HIS C 393 -63.67 -0.48 -25.18
C HIS C 393 -64.55 0.59 -25.81
N ARG C 394 -64.61 0.63 -27.14
CA ARG C 394 -65.61 1.47 -27.81
C ARG C 394 -67.00 0.90 -27.64
N PHE C 395 -67.11 -0.44 -27.65
CA PHE C 395 -68.39 -1.10 -27.42
C PHE C 395 -68.96 -0.72 -26.06
N LEU C 396 -68.16 -0.88 -25.00
CA LEU C 396 -68.66 -0.60 -23.65
C LEU C 396 -68.97 0.88 -23.48
N HIS C 397 -68.12 1.77 -23.99
CA HIS C 397 -68.39 3.19 -23.82
C HIS C 397 -69.62 3.62 -24.61
N LEU C 398 -69.89 2.97 -25.74
CA LEU C 398 -71.01 3.38 -26.59
C LEU C 398 -72.34 2.81 -26.12
N LEU C 399 -72.33 1.69 -25.40
CA LEU C 399 -73.55 1.08 -24.90
C LEU C 399 -73.76 1.27 -23.41
N ALA C 400 -72.78 1.81 -22.68
CA ALA C 400 -72.97 2.04 -21.25
C ALA C 400 -74.28 2.78 -20.95
N PRO C 401 -74.67 3.82 -21.70
CA PRO C 401 -75.93 4.51 -21.39
C PRO C 401 -77.17 3.66 -21.55
N HIS C 402 -77.06 2.46 -22.12
CA HIS C 402 -78.19 1.57 -22.27
C HIS C 402 -78.23 0.49 -21.19
N GLY C 403 -77.35 0.58 -20.21
CA GLY C 403 -77.36 -0.33 -19.09
C GLY C 403 -76.37 -1.46 -19.16
N LEU C 404 -75.47 -1.44 -20.14
CA LEU C 404 -74.49 -2.52 -20.25
C LEU C 404 -73.34 -2.26 -19.28
N LYS C 405 -73.07 -3.26 -18.43
CA LYS C 405 -72.02 -3.12 -17.43
C LYS C 405 -70.64 -3.30 -18.03
N GLY C 406 -69.64 -2.75 -17.33
CA GLY C 406 -68.30 -2.69 -17.86
C GLY C 406 -67.59 -4.03 -17.88
N ASP C 407 -68.01 -4.97 -17.03
CA ASP C 407 -67.34 -6.26 -16.93
C ASP C 407 -68.10 -7.38 -17.65
N VAL C 408 -68.99 -7.02 -18.58
CA VAL C 408 -69.77 -8.03 -19.28
C VAL C 408 -68.88 -8.87 -20.20
N ILE C 409 -67.89 -8.25 -20.85
CA ILE C 409 -67.10 -8.94 -21.85
C ILE C 409 -66.36 -10.13 -21.23
N ARG C 410 -66.09 -11.14 -22.05
CA ARG C 410 -65.51 -12.40 -21.56
C ARG C 410 -64.65 -13.02 -22.66
N PRO C 411 -63.36 -12.66 -22.70
CA PRO C 411 -62.45 -13.33 -23.65
C PRO C 411 -62.43 -14.84 -23.44
N ALA C 412 -62.14 -15.57 -24.53
CA ALA C 412 -62.07 -17.03 -24.45
C ALA C 412 -61.27 -17.57 -25.63
N PHE C 413 -60.38 -18.53 -25.34
CA PHE C 413 -59.55 -19.20 -26.35
C PHE C 413 -59.90 -20.67 -26.35
N GLY C 414 -60.54 -21.13 -27.42
CA GLY C 414 -60.92 -22.53 -27.54
C GLY C 414 -60.84 -23.03 -28.95
N MET C 415 -60.55 -24.31 -29.10
CA MET C 415 -60.48 -25.00 -30.38
C MET C 415 -61.66 -25.96 -30.55
N SER C 416 -61.71 -26.55 -31.76
CA SER C 416 -62.72 -27.57 -32.05
C SER C 416 -62.33 -28.93 -31.48
N GLU C 417 -61.03 -29.23 -31.45
CA GLU C 417 -60.56 -30.55 -31.07
C GLU C 417 -60.70 -30.80 -29.58
N ILE C 418 -60.74 -29.74 -28.78
CA ILE C 418 -60.72 -29.83 -27.32
C ILE C 418 -62.11 -29.63 -26.72
N SER C 419 -63.10 -29.35 -27.57
CA SER C 419 -64.47 -29.07 -27.16
C SER C 419 -64.54 -27.66 -26.58
N SER C 420 -64.70 -26.69 -27.47
CA SER C 420 -65.02 -25.31 -27.13
C SER C 420 -63.99 -24.67 -26.19
N ALA C 421 -64.39 -23.55 -25.59
CA ALA C 421 -63.49 -22.75 -24.77
C ALA C 421 -62.81 -23.59 -23.71
N VAL C 422 -61.58 -23.19 -23.36
CA VAL C 422 -60.82 -23.82 -22.29
C VAL C 422 -60.19 -22.81 -21.34
N VAL C 423 -60.40 -21.50 -21.56
CA VAL C 423 -59.96 -20.47 -20.64
C VAL C 423 -60.97 -19.33 -20.71
N PHE C 424 -61.04 -18.53 -19.64
CA PHE C 424 -61.96 -17.41 -19.56
C PHE C 424 -61.33 -16.27 -18.80
N SER C 425 -61.42 -15.06 -19.36
CA SER C 425 -60.90 -13.86 -18.73
C SER C 425 -62.06 -13.08 -18.13
N PHE C 426 -61.94 -12.74 -16.85
CA PHE C 426 -62.97 -12.00 -16.14
C PHE C 426 -62.54 -10.59 -15.78
N ALA C 427 -61.25 -10.27 -15.84
CA ALA C 427 -60.76 -8.93 -15.52
C ALA C 427 -60.73 -8.11 -16.81
N ILE C 428 -61.94 -7.73 -17.24
CA ILE C 428 -62.13 -6.90 -18.43
C ILE C 428 -63.09 -5.78 -18.03
N GLU C 429 -62.54 -4.66 -17.58
CA GLU C 429 -63.33 -3.51 -17.14
C GLU C 429 -63.21 -2.40 -18.17
N ARG C 430 -64.24 -1.54 -18.22
CA ARG C 430 -64.24 -0.47 -19.22
C ARG C 430 -63.24 0.62 -18.87
N GLY C 431 -63.25 1.09 -17.61
CA GLY C 431 -62.39 2.20 -17.25
C GLY C 431 -60.91 1.92 -17.39
N ASP C 432 -60.49 0.68 -17.14
CA ASP C 432 -59.07 0.31 -17.11
C ASP C 432 -58.76 -0.49 -18.37
N GLU C 433 -58.07 0.15 -19.32
CA GLU C 433 -57.71 -0.52 -20.55
C GLU C 433 -56.50 -1.44 -20.39
N ASN C 434 -55.74 -1.29 -19.30
CA ASN C 434 -54.61 -2.17 -19.02
C ASN C 434 -54.99 -3.35 -18.12
N SER C 435 -56.13 -3.30 -17.46
CA SER C 435 -56.56 -4.41 -16.60
C SER C 435 -56.75 -5.66 -17.45
N GLY C 436 -56.05 -6.73 -17.06
CA GLY C 436 -56.04 -7.95 -17.86
C GLY C 436 -55.20 -7.85 -19.11
N VAL C 437 -54.39 -6.80 -19.27
CA VAL C 437 -53.53 -6.60 -20.42
C VAL C 437 -52.13 -6.33 -19.92
N LEU C 438 -51.18 -7.16 -20.31
CA LEU C 438 -49.78 -7.01 -19.92
C LEU C 438 -49.00 -6.54 -21.14
N THR C 439 -48.30 -5.42 -21.00
CA THR C 439 -47.47 -4.86 -22.05
C THR C 439 -46.01 -5.06 -21.69
N PHE C 440 -45.22 -5.48 -22.68
CA PHE C 440 -43.81 -5.79 -22.46
C PHE C 440 -42.97 -5.14 -23.55
N GLU C 441 -41.68 -5.02 -23.26
CA GLU C 441 -40.74 -4.46 -24.22
C GLU C 441 -40.47 -5.47 -25.33
N GLU C 442 -40.42 -4.97 -26.57
CA GLU C 442 -40.17 -5.85 -27.70
C GLU C 442 -38.81 -6.53 -27.60
N THR C 443 -37.86 -5.90 -26.91
CA THR C 443 -36.52 -6.46 -26.82
C THR C 443 -36.49 -7.75 -26.01
N SER C 444 -37.35 -7.87 -25.00
CA SER C 444 -37.31 -8.98 -24.05
C SER C 444 -38.25 -10.13 -24.40
N LEU C 445 -38.80 -10.14 -25.61
CA LEU C 445 -39.71 -11.22 -25.99
C LEU C 445 -39.01 -12.57 -26.02
N THR C 446 -37.71 -12.59 -26.33
CA THR C 446 -36.96 -13.85 -26.36
C THR C 446 -36.48 -14.27 -24.99
N GLU C 447 -36.30 -13.33 -24.06
CA GLU C 447 -35.88 -13.65 -22.71
C GLU C 447 -37.06 -13.43 -21.76
N GLN C 448 -36.78 -13.30 -20.47
CA GLN C 448 -37.82 -13.03 -19.49
C GLN C 448 -38.41 -11.65 -19.78
N LEU C 449 -39.72 -11.61 -20.03
CA LEU C 449 -40.37 -10.38 -20.47
C LEU C 449 -40.19 -9.26 -19.45
N ARG C 450 -39.88 -8.07 -19.96
CA ARG C 450 -39.73 -6.87 -19.13
C ARG C 450 -40.91 -5.94 -19.36
N PRO C 451 -41.79 -5.74 -18.38
CA PRO C 451 -42.92 -4.81 -18.59
C PRO C 451 -42.43 -3.43 -19.02
N ALA C 452 -43.29 -2.71 -19.74
CA ALA C 452 -42.95 -1.41 -20.28
C ALA C 452 -44.21 -0.58 -20.43
N GLU C 453 -44.04 0.66 -20.88
CA GLU C 453 -45.15 1.59 -21.08
C GLU C 453 -45.58 1.60 -22.54
N ALA C 454 -46.77 2.16 -22.78
CA ALA C 454 -47.32 2.26 -24.13
C ALA C 454 -46.47 3.14 -25.03
N ARG C 455 -45.84 2.54 -26.04
CA ARG C 455 -45.01 3.26 -26.99
C ARG C 455 -45.46 2.91 -28.42
N GLU C 456 -45.15 3.80 -29.35
CA GLU C 456 -45.61 3.62 -30.73
C GLU C 456 -44.68 2.72 -31.52
N THR C 457 -43.39 2.65 -31.18
CA THR C 457 -42.45 1.73 -31.81
C THR C 457 -41.48 1.26 -30.74
N GLY C 458 -41.68 0.03 -30.25
CA GLY C 458 -40.76 -0.55 -29.29
C GLY C 458 -41.37 -1.49 -28.27
N THR C 459 -42.71 -1.53 -28.17
CA THR C 459 -43.39 -2.33 -27.16
C THR C 459 -44.51 -3.15 -27.80
N VAL C 460 -45.01 -4.12 -27.03
CA VAL C 460 -46.09 -4.99 -27.47
C VAL C 460 -47.08 -5.17 -26.33
N SER C 461 -48.37 -5.22 -26.69
CA SER C 461 -49.45 -5.44 -25.73
C SER C 461 -50.07 -6.81 -25.99
N PHE C 462 -50.22 -7.60 -24.93
CA PHE C 462 -50.84 -8.91 -25.01
C PHE C 462 -52.05 -8.94 -24.08
N THR C 463 -53.21 -9.30 -24.63
CA THR C 463 -54.40 -9.46 -23.80
C THR C 463 -54.35 -10.81 -23.10
N GLU C 464 -54.62 -10.80 -21.79
CA GLU C 464 -54.59 -12.03 -21.02
C GLU C 464 -55.88 -12.80 -21.18
N LEU C 465 -55.77 -14.07 -21.53
CA LEU C 465 -56.94 -14.91 -21.71
C LEU C 465 -57.45 -15.44 -20.39
N GLY C 466 -56.54 -15.73 -19.47
CA GLY C 466 -56.93 -16.18 -18.15
C GLY C 466 -56.35 -17.52 -17.79
N LYS C 467 -56.91 -18.10 -16.84
CA LYS C 467 -56.52 -19.33 -16.20
C LYS C 467 -57.24 -20.53 -16.81
N PRO C 468 -56.64 -21.71 -16.77
CA PRO C 468 -57.33 -22.91 -17.27
C PRO C 468 -58.66 -23.14 -16.57
N ILE C 469 -59.53 -23.89 -17.26
CA ILE C 469 -60.88 -24.18 -16.80
C ILE C 469 -60.80 -25.26 -15.72
N PRO C 470 -61.71 -25.29 -14.75
CA PRO C 470 -61.78 -26.44 -13.85
C PRO C 470 -61.84 -27.75 -14.62
N GLY C 471 -60.74 -28.51 -14.60
CA GLY C 471 -60.73 -29.83 -15.20
C GLY C 471 -59.63 -30.11 -16.20
N ILE C 472 -58.78 -29.14 -16.50
CA ILE C 472 -57.74 -29.30 -17.52
C ILE C 472 -56.43 -28.71 -17.03
N THR C 473 -55.37 -28.92 -17.84
CA THR C 473 -54.05 -28.41 -17.56
C THR C 473 -53.45 -27.84 -18.84
N ILE C 474 -52.71 -26.74 -18.70
CA ILE C 474 -52.06 -26.08 -19.83
C ILE C 474 -50.59 -25.85 -19.51
N ARG C 475 -49.76 -25.96 -20.55
CA ARG C 475 -48.36 -25.57 -20.50
C ARG C 475 -48.00 -24.91 -21.83
N ILE C 476 -46.73 -24.54 -21.97
CA ILE C 476 -46.20 -24.03 -23.22
C ILE C 476 -44.92 -24.82 -23.49
N VAL C 477 -44.58 -24.95 -24.76
CA VAL C 477 -43.63 -25.95 -25.20
C VAL C 477 -42.51 -25.32 -26.00
N ASN C 478 -41.33 -25.94 -25.92
CA ASN C 478 -40.17 -25.51 -26.67
C ASN C 478 -40.16 -26.16 -28.05
N HIS C 479 -39.15 -25.82 -28.84
CA HIS C 479 -38.97 -26.46 -30.14
C HIS C 479 -38.63 -27.94 -29.98
N GLN C 480 -38.04 -28.32 -28.85
CA GLN C 480 -37.65 -29.69 -28.55
C GLN C 480 -38.70 -30.44 -27.72
N HIS C 481 -39.89 -29.88 -27.56
CA HIS C 481 -40.95 -30.46 -26.72
C HIS C 481 -40.60 -30.37 -25.24
N GLU C 482 -39.90 -29.31 -24.86
CA GLU C 482 -39.49 -29.08 -23.48
C GLU C 482 -40.33 -27.97 -22.85
N LEU C 483 -40.50 -28.06 -21.54
CA LEU C 483 -41.21 -27.03 -20.78
C LEU C 483 -40.39 -25.74 -20.75
N LEU C 484 -41.09 -24.62 -20.67
CA LEU C 484 -40.47 -23.31 -20.69
C LEU C 484 -40.57 -22.62 -19.33
N PRO C 485 -39.80 -21.55 -19.12
CA PRO C 485 -39.90 -20.77 -17.87
C PRO C 485 -41.14 -19.89 -17.88
N GLU C 486 -41.33 -19.19 -16.75
CA GLU C 486 -42.54 -18.40 -16.51
C GLU C 486 -42.98 -17.59 -17.72
N ASP C 487 -42.09 -16.75 -18.26
CA ASP C 487 -42.48 -15.74 -19.24
C ASP C 487 -42.12 -16.09 -20.68
N HIS C 488 -41.44 -17.20 -20.94
CA HIS C 488 -41.03 -17.49 -22.31
C HIS C 488 -42.22 -17.92 -23.17
N ILE C 489 -42.24 -17.46 -24.41
CA ILE C 489 -43.27 -17.83 -25.35
C ILE C 489 -42.94 -19.20 -25.93
N GLY C 490 -43.97 -20.01 -26.15
CA GLY C 490 -43.78 -21.33 -26.70
C GLY C 490 -45.06 -21.81 -27.34
N ARG C 491 -44.99 -23.01 -27.92
CA ARG C 491 -46.16 -23.61 -28.52
C ARG C 491 -47.13 -24.04 -27.43
N VAL C 492 -48.38 -23.57 -27.52
CA VAL C 492 -49.37 -23.91 -26.51
C VAL C 492 -49.77 -25.37 -26.69
N GLN C 493 -49.69 -26.13 -25.60
CA GLN C 493 -50.05 -27.54 -25.61
C GLN C 493 -50.98 -27.79 -24.42
N ILE C 494 -52.08 -28.49 -24.66
CA ILE C 494 -53.16 -28.61 -23.70
C ILE C 494 -53.49 -30.09 -23.50
N LYS C 495 -53.83 -30.44 -22.26
CA LYS C 495 -54.19 -31.82 -21.90
C LYS C 495 -55.30 -31.80 -20.87
N GLY C 496 -56.24 -32.75 -21.00
CA GLY C 496 -57.33 -32.89 -20.07
C GLY C 496 -58.32 -33.96 -20.48
N PRO C 497 -59.44 -34.06 -19.77
CA PRO C 497 -60.49 -35.01 -20.15
C PRO C 497 -61.37 -34.52 -21.28
N THR C 498 -61.21 -33.27 -21.71
CA THR C 498 -62.03 -32.70 -22.78
C THR C 498 -61.43 -32.97 -24.16
N THR C 499 -60.33 -33.72 -24.24
CA THR C 499 -59.68 -33.99 -25.52
C THR C 499 -60.45 -35.04 -26.29
N MET C 500 -60.59 -34.82 -27.59
CA MET C 500 -61.34 -35.72 -28.44
C MET C 500 -60.74 -37.12 -28.42
N LYS C 501 -61.45 -38.06 -29.05
CA LYS C 501 -60.90 -39.38 -29.27
C LYS C 501 -59.70 -39.33 -30.21
N GLY C 502 -59.79 -38.50 -31.23
CA GLY C 502 -58.78 -38.39 -32.27
C GLY C 502 -59.48 -38.32 -33.61
N TYR C 503 -58.80 -37.72 -34.59
CA TYR C 503 -59.38 -37.58 -35.92
C TYR C 503 -59.82 -38.94 -36.45
N TYR C 504 -60.93 -38.94 -37.17
CA TYR C 504 -61.56 -40.15 -37.68
C TYR C 504 -60.91 -40.54 -39.00
N ARG C 505 -60.27 -41.71 -39.03
CA ARG C 505 -59.64 -42.24 -40.24
C ARG C 505 -58.52 -41.33 -40.75
N ASN C 506 -57.59 -40.99 -39.86
CA ASN C 506 -56.44 -40.19 -40.27
C ASN C 506 -55.37 -40.21 -39.18
N ASP C 507 -54.35 -41.06 -39.37
CA ASP C 507 -53.37 -41.32 -38.32
C ASP C 507 -52.26 -40.28 -38.32
N GLU C 508 -51.64 -40.03 -39.49
CA GLU C 508 -50.53 -39.09 -39.56
C GLU C 508 -50.94 -37.70 -39.07
N ALA C 509 -52.21 -37.33 -39.23
CA ALA C 509 -52.69 -36.09 -38.64
C ALA C 509 -52.70 -36.18 -37.11
N ASN C 510 -52.97 -37.37 -36.58
CA ASN C 510 -52.98 -37.56 -35.13
C ASN C 510 -51.57 -37.49 -34.56
N GLN C 511 -50.55 -37.96 -35.30
CA GLN C 511 -49.19 -37.93 -34.78
C GLN C 511 -48.72 -36.51 -34.51
N GLU C 512 -49.20 -35.55 -35.30
CA GLU C 512 -48.76 -34.16 -35.15
C GLU C 512 -49.50 -33.46 -34.01
N VAL C 513 -50.81 -33.70 -33.89
CA VAL C 513 -51.63 -32.88 -32.99
C VAL C 513 -51.36 -33.24 -31.54
N PHE C 514 -51.65 -34.48 -31.14
CA PHE C 514 -51.28 -34.93 -29.80
C PHE C 514 -50.00 -35.74 -29.97
N GLN C 515 -48.87 -35.04 -29.81
CA GLN C 515 -47.56 -35.62 -30.06
C GLN C 515 -47.31 -36.84 -29.17
N ALA C 516 -47.36 -36.67 -27.86
CA ALA C 516 -47.10 -37.75 -26.93
C ALA C 516 -47.83 -37.45 -25.64
N ASP C 517 -48.46 -38.49 -25.07
CA ASP C 517 -49.19 -38.38 -23.82
C ASP C 517 -50.44 -37.51 -23.96
N GLY C 518 -51.03 -37.47 -25.16
CA GLY C 518 -52.25 -36.72 -25.37
C GLY C 518 -52.11 -35.22 -25.31
N TRP C 519 -50.89 -34.69 -25.21
CA TRP C 519 -50.68 -33.25 -25.19
C TRP C 519 -50.94 -32.68 -26.57
N PHE C 520 -51.99 -31.86 -26.69
CA PHE C 520 -52.47 -31.41 -27.98
C PHE C 520 -51.68 -30.23 -28.51
N HIS C 521 -51.21 -30.33 -29.75
CA HIS C 521 -50.48 -29.25 -30.41
C HIS C 521 -51.50 -28.38 -31.12
N THR C 522 -51.93 -27.30 -30.47
CA THR C 522 -52.80 -26.35 -31.14
C THR C 522 -52.04 -25.57 -32.19
N GLY C 523 -50.72 -25.41 -32.01
CA GLY C 523 -49.92 -24.54 -32.81
C GLY C 523 -49.92 -23.10 -32.33
N ASP C 524 -50.91 -22.71 -31.55
CA ASP C 524 -51.02 -21.34 -31.09
C ASP C 524 -49.87 -21.00 -30.14
N LEU C 525 -49.16 -19.91 -30.41
CA LEU C 525 -48.04 -19.47 -29.59
C LEU C 525 -48.50 -18.44 -28.56
N GLY C 526 -48.17 -18.70 -27.30
CA GLY C 526 -48.52 -17.80 -26.23
C GLY C 526 -47.76 -18.14 -24.97
N PHE C 527 -47.69 -17.17 -24.06
CA PHE C 527 -46.95 -17.37 -22.82
C PHE C 527 -47.91 -17.59 -21.66
N LEU C 528 -47.37 -18.11 -20.57
CA LEU C 528 -48.13 -18.42 -19.37
C LEU C 528 -47.45 -17.74 -18.17
N HIS C 529 -47.93 -16.55 -17.83
CA HIS C 529 -47.32 -15.74 -16.78
C HIS C 529 -48.24 -15.68 -15.58
N GLU C 530 -47.66 -15.84 -14.39
CA GLU C 530 -48.36 -15.85 -13.12
C GLU C 530 -49.29 -17.06 -12.98
N GLY C 531 -49.29 -17.97 -13.95
CA GLY C 531 -50.25 -19.04 -13.99
C GLY C 531 -51.51 -18.76 -14.78
N ARG C 532 -51.53 -17.68 -15.58
CA ARG C 532 -52.71 -17.28 -16.35
C ARG C 532 -52.30 -17.13 -17.80
N LEU C 533 -52.80 -18.03 -18.65
CA LEU C 533 -52.41 -18.05 -20.06
C LEU C 533 -52.63 -16.69 -20.70
N THR C 534 -51.76 -16.36 -21.65
CA THR C 534 -51.86 -15.11 -22.39
C THR C 534 -51.38 -15.38 -23.81
N LEU C 535 -52.31 -15.41 -24.77
CA LEU C 535 -51.93 -15.69 -26.14
C LEU C 535 -51.13 -14.51 -26.70
N THR C 536 -50.13 -14.83 -27.52
CA THR C 536 -49.37 -13.83 -28.25
C THR C 536 -49.75 -13.81 -29.72
N GLY C 537 -49.75 -14.96 -30.37
CA GLY C 537 -50.18 -15.07 -31.75
C GLY C 537 -50.38 -16.53 -32.16
N ARG C 538 -51.39 -16.79 -32.96
CA ARG C 538 -51.64 -18.14 -33.44
C ARG C 538 -50.52 -18.55 -34.40
N GLU C 539 -50.54 -19.81 -34.79
CA GLU C 539 -49.38 -20.43 -35.44
C GLU C 539 -48.92 -19.75 -36.72
N LYS C 540 -49.71 -19.83 -37.79
CA LYS C 540 -49.33 -19.26 -39.09
C LYS C 540 -50.07 -17.99 -39.46
N ASP C 541 -51.10 -17.60 -38.72
CA ASP C 541 -51.80 -16.35 -39.02
C ASP C 541 -50.88 -15.13 -38.92
N MET C 542 -49.89 -15.17 -38.02
CA MET C 542 -48.91 -14.10 -37.96
C MET C 542 -48.20 -13.97 -39.31
N ILE C 543 -47.98 -12.72 -39.74
CA ILE C 543 -47.36 -12.42 -41.02
C ILE C 543 -46.02 -11.73 -40.78
N ILE C 544 -45.03 -12.11 -41.59
CA ILE C 544 -43.64 -11.71 -41.40
C ILE C 544 -43.13 -10.96 -42.62
N ILE C 545 -42.32 -9.93 -42.36
CA ILE C 545 -41.63 -9.11 -43.36
C ILE C 545 -40.19 -8.98 -42.86
N ASN C 546 -39.27 -8.74 -43.79
CA ASN C 546 -37.86 -8.67 -43.41
C ASN C 546 -37.64 -7.71 -42.25
N GLY C 547 -37.16 -8.24 -41.12
CA GLY C 547 -36.88 -7.46 -39.94
C GLY C 547 -37.88 -7.61 -38.80
N LYS C 548 -39.17 -7.77 -39.10
CA LYS C 548 -40.18 -7.88 -38.06
C LYS C 548 -41.38 -8.65 -38.61
N ASN C 549 -42.26 -9.07 -37.70
CA ASN C 549 -43.51 -9.74 -38.05
C ASN C 549 -44.69 -8.98 -37.45
N TYR C 550 -45.83 -9.07 -38.13
CA TYR C 550 -47.03 -8.33 -37.74
C TYR C 550 -48.21 -9.29 -37.64
N HIS C 551 -49.15 -8.96 -36.76
CA HIS C 551 -50.39 -9.72 -36.63
C HIS C 551 -51.41 -9.20 -37.64
N ASN C 552 -51.98 -10.11 -38.42
CA ASN C 552 -52.96 -9.71 -39.43
C ASN C 552 -54.22 -9.10 -38.82
N TYR C 553 -54.53 -9.36 -37.55
CA TYR C 553 -55.70 -8.70 -36.99
C TYR C 553 -55.48 -7.19 -36.91
N GLU C 554 -54.25 -6.76 -36.65
CA GLU C 554 -53.96 -5.33 -36.58
C GLU C 554 -53.96 -4.68 -37.95
N ILE C 555 -53.31 -5.32 -38.94
CA ILE C 555 -53.29 -4.77 -40.29
C ILE C 555 -54.69 -4.49 -40.78
N GLU C 556 -55.56 -5.52 -40.72
CA GLU C 556 -56.92 -5.37 -41.21
C GLU C 556 -57.72 -4.38 -40.37
N ALA C 557 -57.47 -4.35 -39.06
CA ALA C 557 -58.19 -3.41 -38.19
C ALA C 557 -57.82 -1.97 -38.52
N ILE C 558 -56.54 -1.71 -38.79
CA ILE C 558 -56.11 -0.36 -39.12
C ILE C 558 -56.65 0.04 -40.50
N ALA C 559 -56.72 -0.92 -41.42
CA ALA C 559 -57.28 -0.64 -42.73
C ALA C 559 -58.77 -0.34 -42.69
N GLU C 560 -59.49 -0.82 -41.67
CA GLU C 560 -60.91 -0.54 -41.56
C GLU C 560 -61.19 0.89 -41.11
N GLU C 561 -60.20 1.57 -40.55
CA GLU C 561 -60.37 3.00 -40.27
C GLU C 561 -60.51 3.79 -41.57
N VAL C 562 -59.81 3.36 -42.61
CA VAL C 562 -59.77 4.12 -43.85
C VAL C 562 -61.20 4.25 -44.39
N PRO C 563 -61.67 5.44 -44.72
CA PRO C 563 -63.02 5.57 -45.27
C PRO C 563 -63.20 4.72 -46.51
N GLY C 564 -64.39 4.13 -46.66
CA GLY C 564 -64.70 3.30 -47.79
C GLY C 564 -64.46 1.83 -47.61
N VAL C 565 -63.64 1.44 -46.64
CA VAL C 565 -63.38 0.03 -46.37
C VAL C 565 -64.56 -0.56 -45.60
N GLU C 566 -65.20 -1.57 -46.20
CA GLU C 566 -66.30 -2.25 -45.55
C GLU C 566 -65.79 -2.98 -44.32
N THR C 567 -66.46 -2.79 -43.18
CA THR C 567 -65.96 -3.31 -41.92
C THR C 567 -65.98 -4.83 -41.91
N SER C 568 -64.84 -5.44 -41.56
CA SER C 568 -64.61 -6.87 -41.40
C SER C 568 -64.39 -7.59 -42.71
N PHE C 569 -64.17 -6.87 -43.82
CA PHE C 569 -63.89 -7.50 -45.10
C PHE C 569 -62.49 -7.11 -45.58
N VAL C 570 -61.47 -7.49 -44.81
CA VAL C 570 -60.08 -7.17 -45.10
C VAL C 570 -59.22 -8.38 -44.77
N ALA C 571 -58.14 -8.55 -45.53
CA ALA C 571 -57.28 -9.71 -45.37
C ALA C 571 -55.83 -9.30 -45.55
N ALA C 572 -54.94 -10.02 -44.86
CA ALA C 572 -53.51 -9.77 -44.93
C ALA C 572 -52.78 -11.10 -45.09
N CYS C 573 -51.91 -11.18 -46.11
CA CYS C 573 -51.15 -12.39 -46.39
C CYS C 573 -49.71 -11.99 -46.68
N SER C 574 -48.91 -12.96 -47.14
CA SER C 574 -47.53 -12.69 -47.53
C SER C 574 -47.10 -13.74 -48.54
N VAL C 575 -46.11 -13.37 -49.36
CA VAL C 575 -45.58 -14.31 -50.35
C VAL C 575 -44.21 -13.84 -50.78
N ARG C 576 -43.27 -14.80 -50.86
CA ARG C 576 -41.94 -14.56 -51.38
C ARG C 576 -41.97 -14.84 -52.88
N MET C 577 -41.86 -13.79 -53.70
CA MET C 577 -41.74 -14.01 -55.13
C MET C 577 -40.47 -14.81 -55.39
N GLU C 578 -40.22 -15.18 -56.66
CA GLU C 578 -39.06 -15.98 -56.99
C GLU C 578 -37.76 -15.22 -56.72
N ALA C 579 -37.85 -13.98 -56.25
CA ALA C 579 -36.66 -13.27 -55.80
C ALA C 579 -36.22 -13.76 -54.42
N SER C 580 -37.17 -14.24 -53.61
CA SER C 580 -36.90 -14.77 -52.28
C SER C 580 -36.07 -13.81 -51.42
N ALA C 581 -36.02 -12.53 -51.78
CA ALA C 581 -35.23 -11.59 -50.99
C ALA C 581 -35.94 -11.16 -49.71
N SER C 582 -37.24 -11.42 -49.61
CA SER C 582 -38.04 -11.09 -48.44
C SER C 582 -39.47 -11.53 -48.68
N ASP C 583 -40.38 -11.15 -47.80
CA ASP C 583 -41.79 -11.50 -47.93
C ASP C 583 -42.60 -10.21 -48.03
N GLU C 584 -43.43 -10.13 -49.07
CA GLU C 584 -44.21 -8.95 -49.36
C GLU C 584 -45.63 -9.09 -48.83
N LEU C 585 -46.23 -7.97 -48.45
CA LEU C 585 -47.59 -7.95 -47.95
C LEU C 585 -48.55 -7.81 -49.13
N ILE C 586 -49.35 -8.85 -49.35
CA ILE C 586 -50.50 -8.78 -50.24
C ILE C 586 -51.74 -8.52 -49.39
N LEU C 587 -52.56 -7.58 -49.81
CA LEU C 587 -53.68 -7.11 -48.99
C LEU C 587 -54.94 -7.03 -49.84
N PHE C 588 -56.00 -7.67 -49.38
CA PHE C 588 -57.30 -7.63 -50.03
C PHE C 588 -58.25 -6.78 -49.21
N PHE C 589 -59.28 -6.24 -49.88
CA PHE C 589 -60.32 -5.50 -49.16
C PHE C 589 -61.50 -5.31 -50.10
N THR C 590 -62.63 -4.93 -49.51
CA THR C 590 -63.84 -4.66 -50.25
C THR C 590 -64.23 -3.19 -50.04
N PRO C 591 -64.50 -2.44 -51.11
CA PRO C 591 -64.96 -1.06 -50.94
C PRO C 591 -66.47 -0.99 -50.80
N LYS C 592 -66.93 0.02 -50.06
CA LYS C 592 -68.36 0.29 -50.01
C LYS C 592 -68.92 0.67 -51.38
N LEU C 593 -68.05 0.88 -52.37
CA LEU C 593 -68.46 1.09 -53.75
C LEU C 593 -67.48 0.39 -54.66
N TYR C 594 -67.98 -0.45 -55.57
CA TYR C 594 -67.15 -1.17 -56.52
C TYR C 594 -67.10 -0.36 -57.82
N GLU C 595 -66.19 0.61 -57.83
CA GLU C 595 -65.94 1.48 -58.97
C GLU C 595 -64.55 2.07 -58.81
N PRO C 596 -63.70 2.01 -59.84
CA PRO C 596 -62.26 2.24 -59.62
C PRO C 596 -61.93 3.56 -58.95
N ALA C 597 -62.70 4.61 -59.20
CA ALA C 597 -62.41 5.89 -58.58
C ALA C 597 -62.44 5.77 -57.06
N TYR C 598 -63.53 5.21 -56.52
CA TYR C 598 -63.61 4.96 -55.08
C TYR C 598 -62.51 4.02 -54.63
N ILE C 599 -62.22 2.99 -55.44
CA ILE C 599 -61.21 2.00 -55.07
C ILE C 599 -59.82 2.62 -55.04
N MET C 600 -59.39 3.18 -56.18
CA MET C 600 -58.09 3.83 -56.25
C MET C 600 -57.93 4.82 -55.11
N ARG C 601 -59.00 5.53 -54.78
CA ARG C 601 -58.93 6.50 -53.67
C ARG C 601 -58.52 5.80 -52.38
N ALA C 602 -59.16 4.69 -52.06
CA ALA C 602 -58.89 4.00 -50.80
C ALA C 602 -57.60 3.19 -50.87
N SER C 603 -57.31 2.57 -52.02
CA SER C 603 -56.09 1.77 -52.14
C SER C 603 -54.87 2.59 -51.75
N GLN C 604 -54.79 3.83 -52.23
CA GLN C 604 -53.72 4.73 -51.82
C GLN C 604 -53.79 5.02 -50.33
N HIS C 605 -54.99 5.38 -49.85
CA HIS C 605 -55.15 5.75 -48.45
C HIS C 605 -54.72 4.62 -47.52
N ILE C 606 -55.03 3.38 -47.89
CA ILE C 606 -54.60 2.24 -47.08
C ILE C 606 -53.08 2.10 -47.15
N LYS C 607 -52.54 2.00 -48.36
CA LYS C 607 -51.11 1.81 -48.57
C LYS C 607 -50.29 2.80 -47.74
N SER C 608 -50.78 4.04 -47.63
CA SER C 608 -50.07 5.05 -46.84
C SER C 608 -50.35 4.88 -45.35
N HIS C 609 -51.61 4.61 -44.99
CA HIS C 609 -51.97 4.48 -43.58
C HIS C 609 -51.19 3.35 -42.92
N ILE C 610 -50.83 2.31 -43.69
CA ILE C 610 -49.98 1.26 -43.16
C ILE C 610 -48.57 1.80 -42.94
N ALA C 611 -48.06 2.58 -43.90
CA ALA C 611 -46.72 3.15 -43.73
C ALA C 611 -46.68 4.13 -42.56
N THR C 612 -47.78 4.84 -42.31
CA THR C 612 -47.82 5.79 -41.21
C THR C 612 -47.89 5.07 -39.87
N LYS C 613 -48.94 4.27 -39.65
CA LYS C 613 -49.22 3.72 -38.33
C LYS C 613 -48.36 2.51 -38.00
N MET C 614 -47.99 1.71 -38.99
CA MET C 614 -47.26 0.48 -38.77
C MET C 614 -45.83 0.47 -39.29
N GLY C 615 -45.46 1.42 -40.15
CA GLY C 615 -44.07 1.53 -40.56
C GLY C 615 -43.70 0.76 -41.80
N LEU C 616 -44.67 0.33 -42.60
CA LEU C 616 -44.38 -0.37 -43.84
C LEU C 616 -45.49 -0.11 -44.85
N SER C 617 -45.15 -0.30 -46.13
CA SER C 617 -46.08 -0.08 -47.23
C SER C 617 -46.48 -1.41 -47.85
N ALA C 618 -47.71 -1.45 -48.35
CA ALA C 618 -48.25 -2.67 -48.94
C ALA C 618 -47.77 -2.83 -50.38
N SER C 619 -47.19 -3.99 -50.67
CA SER C 619 -46.73 -4.30 -52.03
C SER C 619 -47.87 -4.09 -53.01
N ARG C 620 -48.90 -4.93 -52.96
CA ARG C 620 -50.09 -4.75 -53.77
C ARG C 620 -51.32 -4.73 -52.86
N ILE C 621 -52.37 -4.07 -53.36
CA ILE C 621 -53.66 -3.99 -52.68
C ILE C 621 -54.71 -4.36 -53.71
N ILE C 622 -55.37 -5.50 -53.50
CA ILE C 622 -56.22 -6.12 -54.51
C ILE C 622 -57.68 -5.94 -54.08
N PRO C 623 -58.46 -5.14 -54.78
CA PRO C 623 -59.88 -5.02 -54.44
C PRO C 623 -60.69 -6.22 -54.88
N VAL C 624 -61.71 -6.55 -54.10
CA VAL C 624 -62.57 -7.70 -54.34
C VAL C 624 -63.99 -7.36 -53.92
N GLN C 625 -64.96 -7.72 -54.77
CA GLN C 625 -66.35 -7.38 -54.50
C GLN C 625 -66.80 -8.03 -53.20
N LYS C 626 -67.80 -7.43 -52.56
CA LYS C 626 -68.31 -7.99 -51.32
C LYS C 626 -68.87 -9.39 -51.55
N HIS C 627 -69.72 -9.54 -52.58
CA HIS C 627 -70.44 -10.80 -52.75
C HIS C 627 -69.51 -11.97 -53.06
N ALA C 628 -68.22 -11.72 -53.26
CA ALA C 628 -67.27 -12.79 -53.53
C ALA C 628 -66.13 -12.82 -52.52
N PHE C 629 -66.24 -12.07 -51.43
CA PHE C 629 -65.27 -12.16 -50.34
C PHE C 629 -65.55 -13.42 -49.52
N PRO C 630 -64.62 -14.38 -49.46
CA PRO C 630 -64.91 -15.68 -48.84
C PRO C 630 -64.76 -15.66 -47.33
N LYS C 631 -65.84 -16.01 -46.62
CA LYS C 631 -65.82 -16.19 -45.17
C LYS C 631 -66.52 -17.50 -44.83
N THR C 632 -66.16 -18.05 -43.66
CA THR C 632 -66.85 -19.22 -43.14
C THR C 632 -68.13 -18.82 -42.41
N SER C 633 -68.96 -19.82 -42.13
CA SER C 633 -70.19 -19.57 -41.37
C SER C 633 -69.88 -18.94 -40.02
N SER C 634 -68.80 -19.39 -39.39
CA SER C 634 -68.41 -18.93 -38.07
C SER C 634 -67.71 -17.58 -38.10
N GLY C 635 -67.81 -16.87 -39.21
CA GLY C 635 -67.22 -15.55 -39.33
C GLY C 635 -65.73 -15.54 -39.58
N LYS C 636 -65.09 -16.71 -39.70
CA LYS C 636 -63.67 -16.75 -39.99
C LYS C 636 -63.43 -16.34 -41.44
N ILE C 637 -62.35 -15.59 -41.66
CA ILE C 637 -62.01 -15.07 -42.98
C ILE C 637 -61.13 -16.10 -43.68
N GLU C 638 -61.69 -16.76 -44.70
CA GLU C 638 -60.93 -17.77 -45.43
C GLU C 638 -59.77 -17.14 -46.20
N ARG C 639 -58.72 -16.77 -45.46
CA ARG C 639 -57.61 -16.02 -46.05
C ARG C 639 -56.87 -16.83 -47.10
N ALA C 640 -56.37 -18.01 -46.73
CA ALA C 640 -55.57 -18.79 -47.66
C ALA C 640 -56.30 -19.11 -48.96
N GLN C 641 -57.64 -18.99 -48.98
CA GLN C 641 -58.37 -19.18 -50.23
C GLN C 641 -58.17 -17.98 -51.16
N LEU C 642 -58.18 -16.76 -50.62
CA LEU C 642 -58.00 -15.57 -51.45
C LEU C 642 -56.66 -15.62 -52.18
N LYS C 643 -55.56 -15.85 -51.46
CA LYS C 643 -54.26 -15.97 -52.10
C LYS C 643 -54.32 -16.94 -53.28
N THR C 644 -54.77 -18.16 -53.03
CA THR C 644 -54.86 -19.15 -54.10
C THR C 644 -55.83 -18.71 -55.18
N ARG C 645 -56.90 -18.02 -54.80
CA ARG C 645 -57.85 -17.49 -55.79
C ARG C 645 -57.26 -16.35 -56.59
N TRP C 646 -56.24 -15.67 -56.06
CA TRP C 646 -55.62 -14.53 -56.74
C TRP C 646 -54.50 -14.97 -57.67
N GLN C 647 -53.66 -15.91 -57.23
CA GLN C 647 -52.66 -16.47 -58.13
C GLN C 647 -53.32 -17.02 -59.39
N GLU C 648 -54.56 -17.49 -59.27
CA GLU C 648 -55.32 -17.91 -60.43
C GLU C 648 -55.83 -16.74 -61.25
N GLY C 649 -55.95 -15.56 -60.64
CA GLY C 649 -56.18 -14.35 -61.41
C GLY C 649 -57.63 -13.99 -61.66
N GLU C 650 -58.48 -14.13 -60.65
CA GLU C 650 -59.82 -13.54 -60.74
C GLU C 650 -59.72 -12.02 -60.71
N PHE C 651 -58.81 -11.50 -59.90
CA PHE C 651 -58.65 -10.07 -59.69
C PHE C 651 -57.68 -9.45 -60.68
N ASP C 652 -57.05 -10.26 -61.53
CA ASP C 652 -56.29 -9.71 -62.65
C ASP C 652 -57.13 -8.68 -63.40
N GLU C 653 -58.40 -9.00 -63.65
CA GLU C 653 -59.21 -8.16 -64.53
C GLU C 653 -59.24 -6.71 -64.04
N MET C 654 -59.32 -6.49 -62.73
CA MET C 654 -59.37 -5.15 -62.19
C MET C 654 -58.04 -4.66 -61.66
N ILE C 655 -57.13 -5.56 -61.27
CA ILE C 655 -55.81 -5.10 -60.89
C ILE C 655 -55.10 -4.50 -62.09
N MET C 656 -55.49 -4.91 -63.30
CA MET C 656 -55.00 -4.22 -64.50
C MET C 656 -55.65 -2.85 -64.62
N GLU C 657 -56.99 -2.81 -64.59
CA GLU C 657 -57.70 -1.53 -64.67
C GLU C 657 -57.19 -0.53 -63.65
N MET C 658 -56.62 -1.01 -62.54
CA MET C 658 -55.96 -0.09 -61.62
C MET C 658 -54.59 0.32 -62.16
N ASP C 659 -53.78 -0.65 -62.60
CA ASP C 659 -52.50 -0.29 -63.20
C ASP C 659 -52.65 0.79 -64.25
N MET C 660 -53.66 0.67 -65.11
CA MET C 660 -53.84 1.63 -66.20
C MET C 660 -54.06 3.04 -65.68
N ARG C 661 -54.94 3.19 -64.68
CA ARG C 661 -55.31 4.53 -64.23
C ARG C 661 -54.16 5.25 -63.54
N LEU C 662 -53.15 4.52 -63.07
CA LEU C 662 -51.98 5.12 -62.43
C LEU C 662 -50.76 5.13 -63.35
N GLU C 663 -50.87 4.54 -64.53
CA GLU C 663 -49.78 4.53 -65.50
C GLU C 663 -48.55 3.84 -64.88
N ASN C 664 -48.77 2.60 -64.46
CA ASN C 664 -47.85 1.81 -63.68
C ASN C 664 -46.75 1.26 -64.57
N GLU C 665 -45.77 0.59 -63.98
CA GLU C 665 -44.71 -0.06 -64.74
C GLU C 665 -45.27 -0.93 -65.86
N HIS C 666 -46.57 -1.21 -65.81
CA HIS C 666 -47.28 -1.99 -66.81
C HIS C 666 -48.12 -1.11 -67.75
N THR C 667 -47.83 0.20 -67.80
CA THR C 667 -48.67 1.21 -68.46
C THR C 667 -48.56 1.21 -69.98
N LEU C 668 -47.34 1.21 -70.53
CA LEU C 668 -47.14 1.27 -71.98
C LEU C 668 -48.06 2.29 -72.65
N PRO C 669 -47.78 3.58 -72.49
CA PRO C 669 -48.73 4.62 -72.94
C PRO C 669 -49.03 4.54 -74.42
N ASN C 670 -50.27 4.91 -74.77
CA ASN C 670 -50.70 4.98 -76.18
C ASN C 670 -50.31 6.33 -76.72
N TRP C 671 -49.14 6.38 -77.36
CA TRP C 671 -48.58 7.64 -77.82
C TRP C 671 -47.85 7.48 -79.15
N SER C 672 -48.33 6.59 -80.01
CA SER C 672 -47.67 6.28 -81.27
C SER C 672 -48.66 6.39 -82.41
N TYR C 673 -48.22 6.96 -83.52
CA TYR C 673 -49.10 7.28 -84.64
C TYR C 673 -48.35 7.03 -85.95
N GLN C 674 -49.11 7.08 -87.05
CA GLN C 674 -48.58 6.99 -88.40
C GLN C 674 -49.00 8.22 -89.19
N LYS C 675 -48.26 8.50 -90.25
CA LYS C 675 -48.63 9.54 -91.20
C LYS C 675 -49.52 8.88 -92.25
N LYS C 676 -50.74 9.39 -92.39
CA LYS C 676 -51.69 8.89 -93.36
C LYS C 676 -52.05 10.04 -94.29
N TRP C 677 -51.87 9.83 -95.59
CA TRP C 677 -52.12 10.86 -96.59
C TRP C 677 -53.63 10.91 -96.84
N ILE C 678 -54.24 12.03 -96.46
CA ILE C 678 -55.69 12.18 -96.49
C ILE C 678 -56.05 13.28 -97.49
N PRO C 679 -57.17 13.16 -98.20
CA PRO C 679 -57.58 14.23 -99.10
C PRO C 679 -58.08 15.45 -98.35
N ALA C 680 -57.62 16.62 -98.79
CA ALA C 680 -58.14 17.90 -98.34
C ALA C 680 -58.18 18.80 -99.57
N PRO C 681 -59.34 19.20 -100.06
CA PRO C 681 -59.37 20.09 -101.23
C PRO C 681 -59.16 21.53 -100.79
N LEU C 682 -59.12 22.42 -101.77
CA LEU C 682 -58.88 23.83 -101.54
C LEU C 682 -60.20 24.59 -101.62
N ASP C 683 -60.23 25.75 -100.96
CA ASP C 683 -61.43 26.56 -100.97
C ASP C 683 -61.41 27.45 -102.21
N ALA C 684 -62.56 28.00 -102.55
CA ALA C 684 -62.57 28.96 -103.65
C ALA C 684 -61.74 30.16 -103.25
N ALA C 685 -61.05 30.76 -104.22
CA ALA C 685 -60.12 31.84 -103.92
C ALA C 685 -60.29 32.95 -104.95
N ASP C 686 -60.88 34.06 -104.51
CA ASP C 686 -61.01 35.21 -105.40
C ASP C 686 -59.76 36.05 -105.43
N LYS C 687 -58.75 35.71 -104.63
CA LYS C 687 -57.52 36.47 -104.65
C LYS C 687 -56.70 36.07 -105.88
N GLN C 688 -55.92 37.01 -106.38
CA GLN C 688 -55.04 36.77 -107.51
C GLN C 688 -53.62 37.19 -107.15
N ILE C 689 -52.66 36.68 -107.94
CA ILE C 689 -51.26 36.96 -107.68
C ILE C 689 -50.93 38.40 -108.05
N VAL C 690 -50.32 39.14 -107.13
CA VAL C 690 -49.99 40.54 -107.32
C VAL C 690 -48.50 40.72 -107.01
N GLY C 691 -47.67 40.47 -108.00
CA GLY C 691 -46.26 40.76 -107.83
C GLY C 691 -45.43 40.22 -108.96
N ASP C 692 -44.17 40.63 -108.95
CA ASP C 692 -43.19 40.09 -109.86
C ASP C 692 -42.63 38.79 -109.29
N VAL C 693 -42.49 37.78 -110.14
CA VAL C 693 -42.17 36.44 -109.69
C VAL C 693 -40.86 35.98 -110.31
N VAL C 694 -40.02 35.35 -109.51
CA VAL C 694 -38.84 34.66 -109.98
C VAL C 694 -39.19 33.18 -110.02
N ILE C 695 -38.66 32.47 -111.01
CA ILE C 695 -39.00 31.06 -111.18
C ILE C 695 -37.79 30.31 -111.71
N PHE C 696 -37.35 29.31 -110.96
CA PHE C 696 -36.22 28.48 -111.36
C PHE C 696 -36.77 27.36 -112.24
N ALA C 697 -36.58 27.54 -113.54
CA ALA C 697 -37.33 26.78 -114.53
C ALA C 697 -36.93 25.31 -114.56
N ASP C 698 -37.90 24.48 -114.91
CA ASP C 698 -37.70 23.05 -115.11
C ASP C 698 -37.30 22.76 -116.55
N PRO C 699 -36.91 21.53 -116.84
CA PRO C 699 -36.65 21.12 -118.24
C PRO C 699 -37.83 20.44 -118.92
N LEU C 700 -38.93 20.19 -118.22
CA LEU C 700 -40.05 19.44 -118.78
C LEU C 700 -41.11 20.34 -119.39
N GLY C 701 -41.15 21.62 -119.03
CA GLY C 701 -42.08 22.56 -119.61
C GLY C 701 -43.11 23.12 -118.66
N LEU C 702 -43.11 22.69 -117.39
CA LEU C 702 -44.03 23.29 -116.43
C LEU C 702 -43.83 24.80 -116.35
N ALA C 703 -42.58 25.24 -116.34
CA ALA C 703 -42.30 26.67 -116.35
C ALA C 703 -43.03 27.36 -117.48
N ASP C 704 -42.92 26.82 -118.69
CA ASP C 704 -43.59 27.41 -119.85
C ASP C 704 -45.10 27.55 -119.59
N GLN C 705 -45.72 26.50 -119.04
CA GLN C 705 -47.15 26.57 -118.75
C GLN C 705 -47.47 27.72 -117.80
N LEU C 706 -46.74 27.81 -116.70
CA LEU C 706 -47.02 28.80 -115.67
C LEU C 706 -46.92 30.24 -116.19
N LYS C 707 -45.96 30.49 -117.08
CA LYS C 707 -45.78 31.85 -117.59
C LYS C 707 -46.99 32.32 -118.39
N SER C 708 -47.64 31.40 -119.12
CA SER C 708 -48.76 31.81 -119.96
C SER C 708 -49.91 32.38 -119.13
N PHE C 709 -49.96 32.11 -117.84
CA PHE C 709 -51.04 32.57 -116.99
C PHE C 709 -50.79 33.95 -116.42
N ALA C 710 -49.55 34.45 -116.48
CA ALA C 710 -49.21 35.69 -115.80
C ALA C 710 -50.09 36.84 -116.27
N ASN C 711 -50.44 37.71 -115.34
CA ASN C 711 -51.21 38.89 -115.67
C ASN C 711 -50.34 39.89 -116.43
N SER C 712 -50.99 40.83 -117.10
CA SER C 712 -50.27 41.73 -118.00
C SER C 712 -49.30 42.64 -117.26
N GLU C 713 -49.43 42.79 -115.96
CA GLU C 713 -48.63 43.77 -115.24
C GLU C 713 -47.34 43.19 -114.69
N GLN C 714 -47.26 41.88 -114.52
CA GLN C 714 -46.15 41.25 -113.82
C GLN C 714 -45.14 40.69 -114.80
N THR C 715 -43.86 40.79 -114.42
CA THR C 715 -42.75 40.33 -115.24
C THR C 715 -42.17 39.07 -114.60
N TYR C 716 -41.97 38.04 -115.41
CA TYR C 716 -41.52 36.74 -114.91
C TYR C 716 -40.04 36.56 -115.22
N ILE C 717 -39.24 36.50 -114.17
CA ILE C 717 -37.79 36.29 -114.31
C ILE C 717 -37.51 34.80 -114.23
N THR C 718 -36.97 34.24 -115.29
CA THR C 718 -36.74 32.79 -115.38
C THR C 718 -35.27 32.49 -115.20
N VAL C 719 -34.96 31.51 -114.36
CA VAL C 719 -33.59 31.15 -114.01
C VAL C 719 -33.37 29.69 -114.37
N GLU C 720 -32.35 29.42 -115.17
CA GLU C 720 -31.95 28.06 -115.48
C GLU C 720 -30.60 27.75 -114.85
N PRO C 721 -30.28 26.47 -114.66
CA PRO C 721 -29.00 26.09 -114.06
C PRO C 721 -27.92 25.84 -115.10
N GLY C 722 -26.68 26.07 -114.69
CA GLY C 722 -25.55 25.92 -115.61
C GLY C 722 -24.19 25.92 -114.93
N GLN C 723 -23.17 26.41 -115.65
CA GLN C 723 -21.79 26.32 -115.18
C GLN C 723 -21.45 27.44 -114.21
N ALA C 724 -22.01 28.62 -114.40
CA ALA C 724 -21.82 29.76 -113.51
C ALA C 724 -22.77 30.87 -113.94
N PHE C 725 -22.75 31.98 -113.19
CA PHE C 725 -23.62 33.10 -113.48
C PHE C 725 -23.45 33.59 -114.91
N LYS C 726 -24.56 33.68 -115.64
CA LYS C 726 -24.58 34.29 -116.96
C LYS C 726 -25.95 34.93 -117.15
N GLN C 727 -25.99 36.24 -117.26
CA GLN C 727 -27.23 36.95 -117.56
C GLN C 727 -27.46 36.95 -119.06
N LEU C 728 -28.49 36.24 -119.52
CA LEU C 728 -28.78 36.25 -120.95
C LEU C 728 -29.62 37.45 -121.32
N THR C 729 -30.61 37.78 -120.49
CA THR C 729 -31.42 38.97 -120.67
C THR C 729 -31.69 39.56 -119.30
N HIS C 730 -32.56 40.57 -119.25
CA HIS C 730 -33.02 41.13 -117.98
C HIS C 730 -34.13 40.30 -117.36
N THR C 731 -34.58 39.27 -118.07
CA THR C 731 -35.62 38.37 -117.57
C THR C 731 -35.26 36.91 -117.82
N HIS C 732 -33.97 36.60 -117.97
CA HIS C 732 -33.51 35.25 -118.24
C HIS C 732 -32.08 35.14 -117.71
N PHE C 733 -31.83 34.15 -116.86
CA PHE C 733 -30.55 34.07 -116.17
C PHE C 733 -30.08 32.63 -116.13
N ILE C 734 -28.86 32.45 -115.65
CA ILE C 734 -28.22 31.15 -115.48
C ILE C 734 -27.33 31.24 -114.26
N ILE C 735 -27.39 30.22 -113.40
CA ILE C 735 -26.60 30.22 -112.17
C ILE C 735 -26.13 28.80 -111.87
N HIS C 736 -25.11 28.71 -111.02
CA HIS C 736 -24.62 27.43 -110.55
C HIS C 736 -25.40 27.07 -109.30
N PRO C 737 -26.28 26.06 -109.34
CA PRO C 737 -27.19 25.87 -108.20
C PRO C 737 -26.48 25.71 -106.89
N ASN C 738 -25.23 25.27 -106.90
CA ASN C 738 -24.50 24.94 -105.68
C ASN C 738 -23.63 26.10 -105.20
N ARG C 739 -23.56 27.19 -105.95
CA ARG C 739 -22.74 28.34 -105.56
C ARG C 739 -23.63 29.38 -104.91
N PRO C 740 -23.47 29.69 -103.62
CA PRO C 740 -24.42 30.62 -102.99
C PRO C 740 -24.32 32.03 -103.50
N SER C 741 -23.13 32.47 -103.90
CA SER C 741 -22.98 33.84 -104.41
C SER C 741 -23.95 34.11 -105.54
N ASP C 742 -24.02 33.20 -106.52
CA ASP C 742 -24.86 33.43 -107.69
C ASP C 742 -26.32 33.66 -107.32
N TYR C 743 -26.73 33.26 -106.12
CA TYR C 743 -28.11 33.49 -105.69
C TYR C 743 -28.30 34.93 -105.22
N GLU C 744 -27.45 35.38 -104.30
CA GLU C 744 -27.54 36.76 -103.82
C GLU C 744 -27.20 37.74 -104.93
N GLN C 745 -26.32 37.35 -105.85
CA GLN C 745 -26.04 38.25 -106.96
C GLN C 745 -27.24 38.37 -107.88
N LEU C 746 -27.93 37.26 -108.15
CA LEU C 746 -29.14 37.32 -108.93
C LEU C 746 -30.09 38.36 -108.35
N PHE C 747 -30.48 38.17 -107.10
CA PHE C 747 -31.46 39.07 -106.52
C PHE C 747 -30.92 40.49 -106.46
N GLU C 748 -29.63 40.66 -106.20
CA GLU C 748 -29.07 42.01 -106.12
C GLU C 748 -29.23 42.73 -107.46
N THR C 749 -28.97 42.04 -108.57
CA THR C 749 -29.13 42.71 -109.86
C THR C 749 -30.59 42.88 -110.24
N LEU C 750 -31.48 42.12 -109.61
CA LEU C 750 -32.91 42.31 -109.86
C LEU C 750 -33.47 43.46 -109.05
N ARG C 751 -32.94 43.67 -107.84
CA ARG C 751 -33.33 44.85 -107.08
C ARG C 751 -33.05 46.12 -107.87
N SER C 752 -31.96 46.11 -108.63
CA SER C 752 -31.59 47.27 -109.41
C SER C 752 -32.58 47.53 -110.52
N TYR C 753 -32.92 46.50 -111.30
CA TYR C 753 -33.82 46.71 -112.43
C TYR C 753 -35.21 47.16 -112.00
N GLY C 754 -35.49 47.20 -110.69
CA GLY C 754 -36.78 47.64 -110.20
C GLY C 754 -37.83 46.55 -110.07
N VAL C 755 -37.45 45.28 -110.17
CA VAL C 755 -38.41 44.18 -110.04
C VAL C 755 -38.55 43.86 -108.56
N SER C 756 -39.73 44.09 -108.02
CA SER C 756 -40.04 43.70 -106.64
C SER C 756 -40.43 42.23 -106.63
N VAL C 757 -39.54 41.38 -106.14
CA VAL C 757 -39.80 39.94 -106.11
C VAL C 757 -40.77 39.64 -104.98
N LYS C 758 -41.93 39.11 -105.34
CA LYS C 758 -42.95 38.74 -104.36
C LYS C 758 -43.27 37.26 -104.35
N HIS C 759 -42.84 36.50 -105.35
CA HIS C 759 -43.12 35.07 -105.44
C HIS C 759 -41.93 34.37 -106.07
N ILE C 760 -41.52 33.24 -105.48
CA ILE C 760 -40.45 32.42 -106.05
C ILE C 760 -41.00 31.00 -106.22
N ILE C 761 -40.76 30.43 -107.40
CA ILE C 761 -41.19 29.09 -107.76
C ILE C 761 -39.95 28.26 -108.06
N HIS C 762 -39.85 27.07 -107.47
CA HIS C 762 -38.61 26.30 -107.52
C HIS C 762 -38.89 24.91 -108.08
N LEU C 763 -38.99 24.82 -109.41
CA LEU C 763 -39.32 23.58 -110.10
C LEU C 763 -38.09 22.73 -110.39
N TRP C 764 -37.05 22.83 -109.57
CA TRP C 764 -35.77 22.26 -109.97
C TRP C 764 -35.62 20.79 -109.58
N ASN C 765 -36.41 20.29 -108.64
CA ASN C 765 -36.61 18.86 -108.47
C ASN C 765 -38.00 18.46 -108.95
N TYR C 766 -38.44 19.06 -110.07
CA TYR C 766 -39.56 18.58 -110.87
C TYR C 766 -38.99 17.83 -112.07
N THR C 767 -38.42 16.67 -111.77
CA THR C 767 -37.60 15.94 -112.71
C THR C 767 -38.39 14.76 -113.26
N ASN C 768 -37.74 13.99 -114.10
CA ASN C 768 -38.28 12.76 -114.64
C ASN C 768 -37.57 11.60 -113.98
N GLN C 769 -38.24 10.45 -113.98
CA GLN C 769 -37.82 9.39 -113.07
C GLN C 769 -36.56 8.68 -113.55
N GLU C 770 -35.70 8.39 -112.59
CA GLU C 770 -34.51 7.57 -112.75
C GLU C 770 -34.63 6.49 -111.70
N ASP C 771 -34.34 5.25 -112.06
CA ASP C 771 -34.58 4.16 -111.13
C ASP C 771 -33.36 3.80 -110.29
N LYS C 772 -32.17 3.99 -110.83
CA LYS C 772 -30.98 3.69 -110.05
C LYS C 772 -30.85 4.70 -108.92
N LEU C 773 -30.32 4.24 -107.77
CA LEU C 773 -30.14 5.12 -106.60
C LEU C 773 -28.82 4.75 -105.91
N TYR C 774 -27.73 5.25 -106.48
CA TYR C 774 -26.43 5.14 -105.82
C TYR C 774 -26.29 6.30 -104.84
N VAL C 775 -25.08 6.52 -104.31
CA VAL C 775 -24.87 7.63 -103.40
C VAL C 775 -24.60 8.91 -104.18
N SER C 776 -23.80 8.81 -105.25
CA SER C 776 -23.56 9.96 -106.11
C SER C 776 -24.88 10.63 -106.49
N LYS C 777 -25.82 9.85 -107.03
CA LYS C 777 -27.12 10.40 -107.37
C LYS C 777 -27.76 11.06 -106.16
N ALA C 778 -27.46 10.58 -104.95
CA ALA C 778 -27.97 11.22 -103.75
C ALA C 778 -27.25 12.54 -103.49
N LYS C 779 -25.92 12.51 -103.46
CA LYS C 779 -25.14 13.74 -103.26
C LYS C 779 -25.45 14.75 -104.36
N GLN C 780 -25.53 14.28 -105.61
CA GLN C 780 -25.69 15.19 -106.74
C GLN C 780 -27.06 15.86 -106.75
N ALA C 781 -28.11 15.12 -106.39
CA ALA C 781 -29.43 15.71 -106.42
C ALA C 781 -29.61 16.78 -105.35
N GLN C 782 -28.75 16.77 -104.32
CA GLN C 782 -28.89 17.75 -103.26
C GLN C 782 -28.63 19.17 -103.76
N LYS C 783 -27.60 19.33 -104.58
CA LYS C 783 -27.21 20.68 -104.98
C LYS C 783 -28.25 21.31 -105.90
N THR C 784 -28.85 20.52 -106.78
CA THR C 784 -29.95 21.06 -107.57
C THR C 784 -31.24 21.19 -106.77
N GLY C 785 -31.27 20.69 -105.53
CA GLY C 785 -32.48 20.71 -104.73
C GLY C 785 -32.34 21.29 -103.33
N SER C 786 -32.08 20.42 -102.34
CA SER C 786 -32.15 20.84 -100.95
C SER C 786 -31.13 21.93 -100.63
N MET C 787 -29.93 21.84 -101.21
CA MET C 787 -28.92 22.88 -101.02
C MET C 787 -29.38 24.18 -101.64
N SER C 788 -29.77 24.11 -102.93
CA SER C 788 -30.32 25.26 -103.62
C SER C 788 -31.36 25.97 -102.77
N ALA C 789 -32.25 25.23 -102.13
CA ALA C 789 -33.27 25.86 -101.30
C ALA C 789 -32.63 26.65 -100.17
N LEU C 790 -31.58 26.12 -99.57
CA LEU C 790 -30.86 26.86 -98.54
C LEU C 790 -30.34 28.18 -99.10
N PHE C 791 -29.52 28.09 -100.14
CA PHE C 791 -28.89 29.28 -100.70
C PHE C 791 -29.94 30.29 -101.14
N LEU C 792 -31.00 29.83 -101.80
CA LEU C 792 -32.02 30.75 -102.28
C LEU C 792 -32.68 31.49 -101.13
N THR C 793 -33.04 30.78 -100.06
CA THR C 793 -33.68 31.44 -98.92
C THR C 793 -32.70 32.35 -98.19
N LYS C 794 -31.47 31.88 -97.96
CA LYS C 794 -30.47 32.74 -97.34
C LYS C 794 -30.35 34.06 -98.10
N ALA C 795 -30.29 33.98 -99.44
CA ALA C 795 -30.09 35.17 -100.26
C ALA C 795 -31.22 36.17 -100.06
N ILE C 796 -32.46 35.76 -100.34
CA ILE C 796 -33.57 36.69 -100.29
C ILE C 796 -33.98 37.06 -98.86
N SER C 797 -33.39 36.41 -97.86
CA SER C 797 -33.79 36.71 -96.49
C SER C 797 -33.26 38.06 -96.02
N VAL C 798 -32.14 38.52 -96.59
CA VAL C 798 -31.48 39.68 -96.03
C VAL C 798 -32.26 40.95 -96.30
N TYR C 799 -33.00 41.00 -97.40
CA TYR C 799 -33.82 42.17 -97.71
C TYR C 799 -34.97 42.33 -96.73
N GLU C 800 -35.28 41.29 -95.95
CA GLU C 800 -36.27 41.36 -94.89
C GLU C 800 -37.63 41.83 -95.43
N GLU C 801 -37.96 41.40 -96.64
CA GLU C 801 -39.22 41.74 -97.28
C GLU C 801 -40.08 40.50 -97.47
N GLN C 802 -41.39 40.68 -97.35
CA GLN C 802 -42.31 39.57 -97.51
C GLN C 802 -42.21 38.97 -98.90
N VAL C 803 -42.38 37.66 -98.98
CA VAL C 803 -42.20 36.94 -100.23
C VAL C 803 -42.80 35.54 -100.10
N ALA C 804 -43.33 35.02 -101.21
CA ALA C 804 -44.04 33.75 -101.23
C ALA C 804 -43.24 32.75 -102.05
N ILE C 805 -42.38 31.98 -101.37
CA ILE C 805 -41.66 30.89 -102.02
C ILE C 805 -42.56 29.68 -102.12
N THR C 806 -42.39 28.91 -103.20
CA THR C 806 -43.25 27.76 -103.46
C THR C 806 -42.41 26.68 -104.14
N PHE C 807 -42.00 25.67 -103.38
CA PHE C 807 -41.23 24.57 -103.95
C PHE C 807 -42.15 23.53 -104.59
N VAL C 808 -41.65 22.89 -105.63
CA VAL C 808 -42.44 21.93 -106.41
C VAL C 808 -41.60 20.69 -106.68
N SER C 809 -42.11 19.53 -106.26
CA SER C 809 -41.40 18.27 -106.33
C SER C 809 -42.16 17.31 -107.22
N THR C 810 -41.48 16.25 -107.66
CA THR C 810 -42.11 15.13 -108.33
C THR C 810 -41.55 13.85 -107.75
N HIS C 811 -42.41 13.03 -107.18
CA HIS C 811 -42.02 11.74 -106.62
C HIS C 811 -41.16 11.91 -105.37
N ALA C 812 -41.34 13.03 -104.67
CA ALA C 812 -40.65 13.23 -103.42
C ALA C 812 -41.42 12.66 -102.24
N MET C 813 -42.74 12.65 -102.30
CA MET C 813 -43.59 12.08 -101.27
C MET C 813 -44.20 10.78 -101.77
N ASN C 814 -44.17 9.75 -100.93
CA ASN C 814 -44.69 8.43 -101.26
C ASN C 814 -46.08 8.29 -100.65
N VAL C 815 -47.10 8.37 -101.51
CA VAL C 815 -48.48 8.17 -101.08
C VAL C 815 -48.96 6.80 -101.54
N PRO C 816 -50.13 6.34 -101.12
CA PRO C 816 -50.64 5.04 -101.60
C PRO C 816 -50.94 5.04 -103.09
N GLU C 817 -50.56 3.95 -103.75
CA GLU C 817 -50.84 3.65 -105.17
C GLU C 817 -49.81 4.27 -106.10
N ASP C 818 -48.71 4.81 -105.59
CA ASP C 818 -47.70 5.44 -106.42
C ASP C 818 -46.49 4.50 -106.51
N HIS C 819 -46.11 4.18 -107.75
CA HIS C 819 -45.12 3.17 -108.05
C HIS C 819 -43.71 3.72 -108.24
N ILE C 820 -43.52 5.04 -108.14
CA ILE C 820 -42.21 5.66 -108.30
C ILE C 820 -41.98 6.50 -107.05
N HIS C 821 -40.73 6.54 -106.59
CA HIS C 821 -40.42 7.33 -105.41
C HIS C 821 -38.96 7.77 -105.51
N ASP C 822 -38.75 9.00 -106.01
CA ASP C 822 -37.45 9.65 -106.02
C ASP C 822 -37.26 10.27 -104.63
N VAL C 823 -36.83 9.43 -103.68
CA VAL C 823 -36.76 9.84 -102.29
C VAL C 823 -35.67 10.87 -102.04
N GLU C 824 -34.66 10.95 -102.90
CA GLU C 824 -33.58 11.90 -102.65
C GLU C 824 -34.08 13.34 -102.53
N LYS C 825 -35.27 13.61 -103.05
CA LYS C 825 -35.80 14.97 -103.06
C LYS C 825 -36.43 15.37 -101.72
N ALA C 826 -36.49 14.49 -100.74
CA ALA C 826 -37.24 14.80 -99.53
C ALA C 826 -36.57 15.86 -98.68
N THR C 827 -35.23 15.94 -98.71
CA THR C 827 -34.52 16.89 -97.85
C THR C 827 -34.94 18.33 -98.12
N THR C 828 -35.16 18.67 -99.38
CA THR C 828 -35.66 19.99 -99.73
C THR C 828 -36.84 20.36 -98.86
N ALA C 829 -37.95 19.62 -99.02
CA ALA C 829 -39.15 19.94 -98.26
C ALA C 829 -38.92 19.88 -96.76
N GLY C 830 -37.95 19.07 -96.32
CA GLY C 830 -37.70 18.90 -94.91
C GLY C 830 -36.91 20.02 -94.29
N LEU C 831 -36.06 20.67 -95.07
CA LEU C 831 -35.29 21.80 -94.56
C LEU C 831 -36.15 23.05 -94.40
N MET C 832 -37.05 23.28 -95.36
CA MET C 832 -37.85 24.50 -95.35
C MET C 832 -38.82 24.58 -94.17
N THR C 833 -38.95 23.51 -93.39
CA THR C 833 -39.79 23.57 -92.21
C THR C 833 -39.32 24.66 -91.25
N ALA C 834 -38.00 24.84 -91.17
CA ALA C 834 -37.39 25.81 -90.27
C ALA C 834 -37.47 27.25 -90.77
N VAL C 835 -37.97 27.49 -91.98
CA VAL C 835 -37.99 28.84 -92.50
C VAL C 835 -39.00 29.69 -91.74
N GLN C 836 -40.29 29.38 -91.89
CA GLN C 836 -41.33 30.23 -91.32
C GLN C 836 -41.11 30.49 -89.84
N HIS C 837 -40.24 29.71 -89.20
CA HIS C 837 -39.93 29.93 -87.80
C HIS C 837 -38.80 30.93 -87.63
N GLU C 838 -37.81 30.90 -88.52
CA GLU C 838 -36.64 31.76 -88.40
C GLU C 838 -36.79 33.08 -89.17
N TRP C 839 -37.54 33.08 -90.26
CA TRP C 839 -37.77 34.29 -91.07
C TRP C 839 -39.26 34.41 -91.33
N PRO C 840 -40.03 34.82 -90.32
CA PRO C 840 -41.51 34.81 -90.44
C PRO C 840 -42.03 35.46 -91.72
N PHE C 841 -41.28 36.40 -92.30
CA PHE C 841 -41.73 37.10 -93.49
C PHE C 841 -41.67 36.23 -94.75
N ILE C 842 -41.15 35.03 -94.67
CA ILE C 842 -40.99 34.16 -95.83
C ILE C 842 -42.04 33.07 -95.72
N LYS C 843 -43.10 33.17 -96.51
CA LYS C 843 -44.10 32.11 -96.51
C LYS C 843 -43.61 31.01 -97.44
N VAL C 844 -43.82 29.77 -97.04
CA VAL C 844 -43.32 28.62 -97.80
C VAL C 844 -44.38 27.55 -97.85
N GLN C 845 -44.48 26.89 -98.99
CA GLN C 845 -45.33 25.71 -99.12
C GLN C 845 -44.77 24.86 -100.26
N CYS C 846 -44.61 23.56 -100.01
CA CYS C 846 -44.04 22.64 -100.98
C CYS C 846 -45.16 21.78 -101.57
N LEU C 847 -44.98 21.42 -102.83
CA LEU C 847 -45.92 20.56 -103.53
C LEU C 847 -45.18 19.41 -104.18
N ASP C 848 -45.84 18.25 -104.25
CA ASP C 848 -45.27 17.08 -104.89
C ASP C 848 -46.30 16.50 -105.85
N PHE C 849 -45.89 16.30 -107.10
CA PHE C 849 -46.74 15.75 -108.14
C PHE C 849 -46.17 14.42 -108.62
N SER C 850 -46.98 13.69 -109.37
CA SER C 850 -46.58 12.40 -109.91
C SER C 850 -46.74 12.42 -111.41
N LEU C 851 -45.67 12.03 -112.11
CA LEU C 851 -45.69 11.90 -113.55
C LEU C 851 -46.20 10.54 -114.01
N ALA C 852 -46.70 9.70 -113.10
CA ALA C 852 -47.42 8.51 -113.50
C ALA C 852 -48.52 8.95 -114.46
N GLU C 853 -48.50 8.39 -115.66
CA GLU C 853 -49.26 8.96 -116.78
C GLU C 853 -50.71 9.23 -116.41
N SER C 854 -51.09 10.51 -116.53
CA SER C 854 -52.47 10.96 -116.39
C SER C 854 -52.64 12.08 -117.41
N VAL C 855 -53.53 11.86 -118.39
CA VAL C 855 -53.66 12.80 -119.50
C VAL C 855 -54.27 14.09 -119.00
N SER C 856 -53.43 14.98 -118.47
CA SER C 856 -53.87 16.23 -117.85
C SER C 856 -55.26 16.11 -117.25
N SER C 857 -55.44 15.18 -116.31
CA SER C 857 -56.73 15.07 -115.62
C SER C 857 -56.95 16.29 -114.74
N HIS C 858 -55.87 16.83 -114.18
CA HIS C 858 -55.82 18.07 -113.42
C HIS C 858 -54.42 18.62 -113.71
N SER C 859 -54.28 19.30 -114.85
CA SER C 859 -52.95 19.70 -115.31
C SER C 859 -52.17 20.24 -114.13
N HIS C 860 -50.91 19.81 -114.04
CA HIS C 860 -50.07 20.26 -112.93
C HIS C 860 -50.09 21.77 -112.85
N ALA C 861 -50.07 22.44 -114.00
CA ALA C 861 -50.11 23.90 -114.04
C ALA C 861 -51.34 24.42 -113.35
N MET C 862 -52.52 23.91 -113.73
CA MET C 862 -53.76 24.38 -113.13
C MET C 862 -53.72 24.30 -111.61
N ALA C 863 -53.37 23.13 -111.08
CA ALA C 863 -53.25 22.98 -109.64
C ALA C 863 -52.21 23.94 -109.08
N MET C 864 -51.09 24.11 -109.79
CA MET C 864 -50.02 24.98 -109.31
C MET C 864 -50.55 26.38 -109.03
N MET C 865 -51.24 26.97 -110.00
CA MET C 865 -51.78 28.32 -109.81
C MET C 865 -52.72 28.35 -108.61
N ALA C 866 -53.66 27.40 -108.56
CA ALA C 866 -54.64 27.37 -107.49
C ALA C 866 -53.97 27.40 -106.12
N GLU C 867 -52.93 26.60 -105.94
CA GLU C 867 -52.27 26.57 -104.64
C GLU C 867 -51.58 27.90 -104.34
N LEU C 868 -51.15 28.63 -105.37
CA LEU C 868 -50.48 29.90 -105.18
C LEU C 868 -51.44 31.00 -104.75
N THR C 869 -52.60 31.07 -105.40
CA THR C 869 -53.57 32.11 -105.08
C THR C 869 -54.19 31.88 -103.70
N HIS C 870 -54.24 30.63 -103.26
CA HIS C 870 -54.98 30.23 -102.08
C HIS C 870 -54.11 30.37 -100.83
N ASP C 871 -54.68 30.99 -99.80
CA ASP C 871 -53.98 31.28 -98.56
C ASP C 871 -53.11 30.10 -98.17
N GLN C 872 -51.79 30.30 -98.20
CA GLN C 872 -50.89 29.23 -97.81
C GLN C 872 -51.24 28.81 -96.39
N ASP C 873 -51.68 27.57 -96.24
CA ASP C 873 -52.12 27.04 -94.96
C ASP C 873 -51.16 25.96 -94.47
N CYS C 874 -51.15 24.81 -95.13
CA CYS C 874 -50.27 23.69 -94.78
C CYS C 874 -48.99 23.74 -95.59
N HIS C 875 -47.90 23.37 -94.91
CA HIS C 875 -46.57 23.39 -95.51
C HIS C 875 -46.51 22.50 -96.75
N VAL C 876 -46.71 21.20 -96.58
CA VAL C 876 -46.57 20.25 -97.70
C VAL C 876 -47.93 19.72 -98.11
N ALA C 877 -48.05 19.46 -99.41
CA ALA C 877 -49.24 18.87 -100.01
C ALA C 877 -48.80 18.08 -101.23
N ALA C 878 -49.63 17.12 -101.65
CA ALA C 878 -49.29 16.24 -102.75
C ALA C 878 -50.47 16.06 -103.66
N TYR C 879 -50.28 16.31 -104.95
CA TYR C 879 -51.26 16.03 -105.98
C TYR C 879 -50.82 14.74 -106.67
N ARG C 880 -51.69 13.73 -106.68
CA ARG C 880 -51.31 12.45 -107.27
C ARG C 880 -52.13 12.15 -108.52
N GLN C 881 -53.46 12.13 -108.41
CA GLN C 881 -54.34 11.86 -109.54
C GLN C 881 -55.25 13.05 -109.80
N GLY C 882 -54.69 14.25 -109.73
CA GLY C 882 -55.53 15.42 -109.74
C GLY C 882 -56.27 15.61 -108.43
N VAL C 883 -55.69 15.12 -107.34
CA VAL C 883 -56.32 15.16 -106.03
C VAL C 883 -55.31 15.68 -105.03
N ARG C 884 -55.68 16.75 -104.30
CA ARG C 884 -54.79 17.29 -103.28
C ARG C 884 -54.88 16.45 -102.02
N TYR C 885 -53.73 16.08 -101.48
CA TYR C 885 -53.63 15.35 -100.21
C TYR C 885 -52.69 16.09 -99.28
N ILE C 886 -53.00 16.07 -97.98
CA ILE C 886 -52.12 16.62 -96.97
C ILE C 886 -51.84 15.52 -95.93
N PRO C 887 -50.69 15.53 -95.26
CA PRO C 887 -50.41 14.45 -94.31
C PRO C 887 -51.02 14.69 -92.95
N PHE C 888 -51.79 13.72 -92.47
CA PHE C 888 -52.38 13.71 -91.15
C PHE C 888 -51.84 12.53 -90.34
N LEU C 889 -51.97 12.67 -89.02
CA LEU C 889 -51.60 11.61 -88.09
C LEU C 889 -52.80 10.75 -87.73
N ALA C 890 -52.52 9.49 -87.39
CA ALA C 890 -53.55 8.54 -86.99
C ALA C 890 -52.93 7.61 -85.96
N PRO C 891 -53.64 7.25 -84.90
CA PRO C 891 -53.02 6.43 -83.86
C PRO C 891 -52.73 5.02 -84.35
N LEU C 892 -51.74 4.40 -83.72
CA LEU C 892 -51.28 3.09 -84.17
C LEU C 892 -52.17 1.97 -83.64
N HIS C 893 -52.53 2.04 -82.36
CA HIS C 893 -53.35 1.00 -81.73
C HIS C 893 -52.62 -0.35 -81.84
N LEU C 894 -51.60 -0.48 -81.00
CA LEU C 894 -50.64 -1.57 -81.17
C LEU C 894 -51.33 -2.92 -81.07
N GLU C 895 -52.20 -3.08 -80.07
CA GLU C 895 -52.90 -4.34 -79.89
C GLU C 895 -53.71 -4.69 -81.14
N LYS C 896 -54.64 -3.82 -81.51
CA LYS C 896 -55.61 -4.14 -82.57
C LYS C 896 -54.92 -4.38 -83.90
N GLU C 897 -53.76 -3.77 -84.11
CA GLU C 897 -53.00 -3.91 -85.35
C GLU C 897 -51.87 -4.91 -85.23
N GLN C 898 -51.69 -5.52 -84.07
CA GLN C 898 -50.61 -6.48 -83.89
C GLN C 898 -50.70 -7.57 -84.95
N LYS C 899 -49.53 -8.01 -85.42
CA LYS C 899 -49.44 -9.05 -86.44
C LYS C 899 -48.40 -10.09 -86.04
N ARG C 900 -48.06 -10.15 -84.76
CA ARG C 900 -46.91 -10.90 -84.29
C ARG C 900 -46.82 -10.80 -82.77
N LYS C 901 -46.42 -11.87 -82.10
CA LYS C 901 -46.52 -11.92 -80.65
C LYS C 901 -45.22 -11.62 -79.92
N GLU C 902 -44.08 -11.76 -80.57
CA GLU C 902 -42.81 -11.39 -79.96
C GLU C 902 -41.96 -10.62 -80.97
N PRO C 903 -40.98 -9.86 -80.49
CA PRO C 903 -40.10 -9.11 -81.41
C PRO C 903 -39.57 -9.97 -82.53
N PRO C 904 -39.33 -9.39 -83.73
CA PRO C 904 -38.92 -10.20 -84.89
C PRO C 904 -37.43 -10.47 -85.01
N PHE C 905 -36.72 -10.61 -83.90
CA PHE C 905 -35.29 -10.90 -83.96
C PHE C 905 -35.06 -12.40 -83.93
N GLU C 906 -34.27 -12.91 -84.88
CA GLU C 906 -33.86 -14.30 -84.85
C GLU C 906 -32.81 -14.55 -83.77
N SER C 907 -32.70 -15.81 -83.34
CA SER C 907 -31.97 -16.17 -82.14
C SER C 907 -30.48 -15.82 -82.19
N SER C 908 -29.71 -16.52 -83.00
CA SER C 908 -28.30 -16.19 -83.17
C SER C 908 -28.10 -15.59 -84.55
N GLY C 909 -28.77 -14.48 -84.82
CA GLY C 909 -28.72 -13.89 -86.14
C GLY C 909 -27.62 -12.87 -86.26
N LEU C 910 -27.21 -12.63 -87.50
CA LEU C 910 -26.18 -11.64 -87.80
C LEU C 910 -26.83 -10.28 -87.88
N TYR C 911 -26.38 -9.35 -87.04
CA TYR C 911 -26.96 -8.02 -86.95
C TYR C 911 -25.84 -6.99 -86.90
N VAL C 912 -25.89 -6.02 -87.81
CA VAL C 912 -24.90 -4.95 -87.88
C VAL C 912 -25.54 -3.67 -87.37
N ILE C 913 -24.77 -2.90 -86.59
CA ILE C 913 -25.29 -1.81 -85.80
C ILE C 913 -24.38 -0.61 -85.96
N THR C 914 -24.99 0.58 -86.11
CA THR C 914 -24.27 1.84 -86.19
C THR C 914 -24.53 2.63 -84.92
N GLY C 915 -23.46 3.11 -84.29
CA GLY C 915 -23.60 3.82 -83.04
C GLY C 915 -24.26 3.00 -81.96
N GLY C 916 -24.01 1.69 -81.95
CA GLY C 916 -24.49 0.85 -80.88
C GLY C 916 -23.94 1.24 -79.52
N LEU C 917 -22.89 2.06 -79.51
CA LEU C 917 -22.35 2.60 -78.27
C LEU C 917 -23.12 3.82 -77.78
N GLY C 918 -24.04 4.35 -78.59
CA GLY C 918 -24.88 5.43 -78.14
C GLY C 918 -25.88 4.97 -77.09
N GLY C 919 -26.44 5.95 -76.37
CA GLY C 919 -27.39 5.63 -75.31
C GLY C 919 -28.50 4.72 -75.80
N ILE C 920 -29.07 5.02 -76.96
CA ILE C 920 -30.16 4.21 -77.49
C ILE C 920 -29.66 2.98 -78.24
N GLY C 921 -28.43 3.00 -78.75
CA GLY C 921 -27.89 1.81 -79.39
C GLY C 921 -27.60 0.70 -78.41
N ARG C 922 -26.97 1.02 -77.28
CA ARG C 922 -26.67 0.02 -76.26
C ARG C 922 -27.92 -0.76 -75.89
N LEU C 923 -28.99 -0.05 -75.52
CA LEU C 923 -30.25 -0.69 -75.17
C LEU C 923 -30.59 -1.78 -76.16
N VAL C 924 -30.38 -1.52 -77.45
CA VAL C 924 -30.69 -2.51 -78.46
C VAL C 924 -29.59 -3.56 -78.54
N SER C 925 -28.34 -3.17 -78.28
CA SER C 925 -27.26 -4.13 -78.33
C SER C 925 -27.28 -5.06 -77.12
N GLU C 926 -27.47 -4.50 -75.92
CA GLU C 926 -27.64 -5.35 -74.74
C GLU C 926 -28.74 -6.38 -74.97
N GLN C 927 -29.86 -5.95 -75.54
CA GLN C 927 -30.97 -6.87 -75.78
C GLN C 927 -30.55 -7.99 -76.73
N LEU C 928 -30.03 -7.63 -77.90
CA LEU C 928 -29.70 -8.63 -78.89
C LEU C 928 -28.56 -9.54 -78.46
N LEU C 929 -27.93 -9.28 -77.31
CA LEU C 929 -26.88 -10.14 -76.80
C LEU C 929 -27.35 -11.04 -75.67
N THR C 930 -28.28 -10.57 -74.83
CA THR C 930 -28.80 -11.39 -73.75
C THR C 930 -29.99 -12.20 -74.23
N SER C 931 -31.14 -11.53 -74.39
CA SER C 931 -32.36 -12.24 -74.77
C SER C 931 -32.13 -13.08 -76.02
N TYR C 932 -31.43 -12.54 -76.99
CA TYR C 932 -30.99 -13.27 -78.18
C TYR C 932 -29.47 -13.33 -78.16
N GLN C 933 -28.93 -14.39 -78.75
CA GLN C 933 -27.49 -14.65 -78.70
C GLN C 933 -26.90 -14.38 -80.08
N ALA C 934 -26.83 -13.09 -80.42
CA ALA C 934 -26.57 -12.66 -81.79
C ALA C 934 -25.10 -12.35 -82.02
N HIS C 935 -24.67 -12.57 -83.27
CA HIS C 935 -23.34 -12.22 -83.74
C HIS C 935 -23.39 -10.77 -84.20
N LEU C 936 -23.01 -9.85 -83.31
CA LEU C 936 -23.07 -8.42 -83.58
C LEU C 936 -21.76 -7.91 -84.14
N VAL C 937 -21.83 -7.10 -85.20
CA VAL C 937 -20.69 -6.35 -85.72
C VAL C 937 -21.06 -4.88 -85.67
N LEU C 938 -20.32 -4.11 -84.89
CA LEU C 938 -20.57 -2.69 -84.71
C LEU C 938 -19.65 -1.89 -85.64
N LEU C 939 -20.24 -0.97 -86.41
CA LEU C 939 -19.49 -0.12 -87.32
C LEU C 939 -19.44 1.30 -86.77
N GLY C 940 -18.21 1.79 -86.53
CA GLY C 940 -17.98 3.17 -86.16
C GLY C 940 -17.11 3.85 -87.21
N ARG C 941 -17.06 5.18 -87.13
CA ARG C 941 -16.31 5.95 -88.11
C ARG C 941 -14.86 6.18 -87.68
N LYS C 942 -14.63 6.31 -86.38
CA LYS C 942 -13.27 6.39 -85.86
C LYS C 942 -12.69 4.98 -85.75
N GLU C 943 -11.43 4.90 -85.36
CA GLU C 943 -10.81 3.62 -85.05
C GLU C 943 -10.96 3.32 -83.56
N ARG C 944 -10.82 2.05 -83.21
CA ARG C 944 -11.05 1.61 -81.84
C ARG C 944 -10.26 2.47 -80.85
N GLU C 945 -8.96 2.63 -81.10
CA GLU C 945 -8.09 3.33 -80.16
C GLU C 945 -8.49 4.79 -79.98
N ALA C 946 -9.18 5.38 -80.96
CA ALA C 946 -9.54 6.78 -80.93
C ALA C 946 -10.95 7.01 -80.43
N LEU C 947 -11.55 6.00 -79.80
CA LEU C 947 -12.90 6.18 -79.29
C LEU C 947 -12.88 6.95 -77.96
N SER C 948 -14.02 7.53 -77.62
CA SER C 948 -14.17 8.17 -76.32
C SER C 948 -13.95 7.15 -75.21
N SER C 949 -13.18 7.54 -74.19
CA SER C 949 -13.06 6.69 -73.01
C SER C 949 -14.42 6.30 -72.47
N ASP C 950 -15.44 7.13 -72.71
CA ASP C 950 -16.80 6.80 -72.31
C ASP C 950 -17.36 5.64 -73.13
N GLN C 951 -16.91 5.51 -74.38
CA GLN C 951 -17.38 4.48 -75.30
C GLN C 951 -16.63 3.17 -75.12
N GLN C 952 -15.30 3.24 -75.07
CA GLN C 952 -14.49 2.03 -74.91
C GLN C 952 -14.96 1.21 -73.71
N GLU C 953 -15.41 1.87 -72.64
CA GLU C 953 -16.02 1.14 -71.53
C GLU C 953 -17.34 0.53 -71.93
N THR C 954 -18.26 1.32 -72.47
CA THR C 954 -19.56 0.80 -72.84
C THR C 954 -19.47 -0.28 -73.90
N LEU C 955 -18.31 -0.46 -74.52
CA LEU C 955 -18.09 -1.56 -75.45
C LEU C 955 -17.58 -2.80 -74.72
N SER C 956 -16.53 -2.63 -73.89
CA SER C 956 -16.03 -3.74 -73.10
C SER C 956 -17.15 -4.37 -72.28
N LEU C 957 -18.00 -3.54 -71.69
CA LEU C 957 -19.22 -4.04 -71.05
C LEU C 957 -19.93 -5.02 -71.98
N LEU C 958 -20.15 -4.62 -73.23
CA LEU C 958 -20.86 -5.46 -74.18
C LEU C 958 -20.04 -6.69 -74.55
N GLU C 959 -18.71 -6.55 -74.64
CA GLU C 959 -17.87 -7.71 -74.93
C GLU C 959 -17.98 -8.74 -73.81
N LYS C 960 -17.85 -8.29 -72.57
CA LYS C 960 -18.05 -9.18 -71.43
C LYS C 960 -19.49 -9.69 -71.41
N GLN C 961 -20.46 -8.77 -71.46
CA GLN C 961 -21.87 -9.15 -71.42
C GLN C 961 -22.25 -10.09 -72.56
N ALA C 962 -21.42 -10.20 -73.59
CA ALA C 962 -21.67 -11.12 -74.68
C ALA C 962 -21.04 -12.48 -74.44
N LYS C 963 -19.81 -12.50 -73.90
CA LYS C 963 -19.13 -13.76 -73.65
C LYS C 963 -19.95 -14.64 -72.71
N VAL C 964 -20.63 -14.02 -71.73
CA VAL C 964 -21.38 -14.76 -70.74
C VAL C 964 -22.79 -15.10 -71.21
N HIS C 965 -23.20 -14.60 -72.37
CA HIS C 965 -24.50 -14.94 -72.93
C HIS C 965 -24.38 -15.64 -74.29
N GLY C 966 -23.19 -16.10 -74.65
CA GLY C 966 -22.98 -16.89 -75.84
C GLY C 966 -23.03 -16.12 -77.14
N GLY C 967 -23.21 -14.80 -77.09
CA GLY C 967 -23.15 -13.98 -78.29
C GLY C 967 -21.75 -13.48 -78.56
N LYS C 968 -21.57 -12.95 -79.77
CA LYS C 968 -20.31 -12.37 -80.18
C LYS C 968 -20.52 -10.90 -80.55
N VAL C 969 -19.48 -10.10 -80.35
CA VAL C 969 -19.56 -8.67 -80.64
C VAL C 969 -18.21 -8.15 -81.13
N LEU C 970 -18.18 -7.66 -82.37
CA LEU C 970 -16.98 -7.10 -82.97
C LEU C 970 -17.22 -5.64 -83.34
N TYR C 971 -16.11 -4.91 -83.50
CA TYR C 971 -16.15 -3.50 -83.90
C TYR C 971 -15.14 -3.27 -85.01
N GLU C 972 -15.53 -2.49 -86.00
CA GLU C 972 -14.68 -2.22 -87.15
C GLU C 972 -14.81 -0.77 -87.57
N LYS C 973 -13.68 -0.08 -87.71
CA LYS C 973 -13.66 1.21 -88.36
C LYS C 973 -14.08 1.02 -89.82
N ALA C 974 -14.93 1.91 -90.30
CA ALA C 974 -15.40 1.77 -91.67
C ALA C 974 -16.08 3.07 -92.11
N ASP C 975 -16.06 3.29 -93.42
CA ASP C 975 -16.74 4.43 -94.03
C ASP C 975 -18.17 3.98 -94.32
N ILE C 976 -19.10 4.41 -93.48
CA ILE C 976 -20.49 4.03 -93.63
C ILE C 976 -21.06 4.42 -95.00
N THR C 977 -20.35 5.26 -95.76
CA THR C 977 -20.88 5.88 -96.97
C THR C 977 -20.57 5.09 -98.22
N ALA C 978 -19.60 4.17 -98.19
CA ALA C 978 -19.12 3.51 -99.38
C ALA C 978 -19.94 2.25 -99.66
N GLU C 979 -20.63 2.24 -100.81
CA GLU C 979 -21.41 1.07 -101.21
C GLU C 979 -20.57 -0.20 -101.11
N LYS C 980 -19.42 -0.22 -101.79
CA LYS C 980 -18.64 -1.44 -101.92
C LYS C 980 -17.96 -1.82 -100.61
N GLU C 981 -17.40 -0.84 -99.91
CA GLU C 981 -16.78 -1.15 -98.62
C GLU C 981 -17.76 -1.79 -97.66
N VAL C 982 -19.06 -1.55 -97.83
CA VAL C 982 -20.04 -2.16 -96.94
C VAL C 982 -20.29 -3.61 -97.32
N GLU C 983 -20.56 -3.87 -98.60
CA GLU C 983 -20.78 -5.25 -99.04
C GLU C 983 -19.56 -6.10 -98.71
N ALA C 984 -18.37 -5.52 -98.79
CA ALA C 984 -17.16 -6.25 -98.46
C ALA C 984 -17.10 -6.60 -96.98
N ILE C 985 -17.42 -5.62 -96.11
CA ILE C 985 -17.34 -5.85 -94.68
C ILE C 985 -18.46 -6.78 -94.20
N ILE C 986 -19.63 -6.74 -94.84
CA ILE C 986 -20.71 -7.65 -94.46
C ILE C 986 -20.39 -9.06 -94.90
N SER C 987 -20.07 -9.24 -96.19
CA SER C 987 -19.77 -10.58 -96.70
C SER C 987 -18.80 -11.31 -95.78
N ARG C 988 -17.76 -10.61 -95.34
CA ARG C 988 -16.78 -11.23 -94.45
C ARG C 988 -17.44 -11.83 -93.21
N HIS C 989 -18.30 -11.05 -92.55
CA HIS C 989 -18.99 -11.55 -91.36
C HIS C 989 -20.08 -12.56 -91.71
N GLU C 990 -20.57 -12.56 -92.95
CA GLU C 990 -21.56 -13.54 -93.38
C GLU C 990 -20.98 -14.94 -93.50
N VAL C 991 -19.65 -15.06 -93.60
CA VAL C 991 -19.01 -16.35 -93.80
C VAL C 991 -18.40 -16.87 -92.50
N ALA C 992 -17.98 -15.95 -91.62
CA ALA C 992 -17.42 -16.35 -90.34
C ALA C 992 -18.41 -17.26 -89.61
N GLY C 993 -19.55 -16.70 -89.21
CA GLY C 993 -20.71 -17.52 -88.95
C GLY C 993 -21.43 -17.77 -90.27
N ASN C 994 -21.81 -19.00 -90.51
CA ASN C 994 -22.42 -19.36 -91.80
C ASN C 994 -23.86 -18.92 -91.89
N ARG C 995 -24.15 -17.73 -91.36
CA ARG C 995 -25.46 -17.11 -91.40
C ARG C 995 -25.43 -15.95 -92.38
N ARG C 996 -26.54 -15.75 -93.09
CA ARG C 996 -26.71 -14.56 -93.90
C ARG C 996 -27.28 -13.42 -93.06
N LEU C 997 -26.90 -12.20 -93.40
CA LEU C 997 -27.32 -11.03 -92.64
C LEU C 997 -28.81 -11.10 -92.31
N ASP C 998 -29.14 -10.83 -91.04
CA ASP C 998 -30.51 -10.86 -90.58
C ASP C 998 -31.11 -9.48 -90.31
N GLY C 999 -30.29 -8.42 -90.25
CA GLY C 999 -30.84 -7.11 -90.00
C GLY C 999 -29.82 -6.00 -89.82
N ILE C 1000 -30.22 -4.78 -90.12
CA ILE C 1000 -29.40 -3.58 -89.94
C ILE C 1000 -30.13 -2.67 -88.95
N ILE C 1001 -29.39 -2.16 -87.97
CA ILE C 1001 -29.91 -1.21 -86.99
C ILE C 1001 -29.08 0.06 -87.12
N HIS C 1002 -29.72 1.12 -87.62
CA HIS C 1002 -29.04 2.34 -88.06
C HIS C 1002 -29.44 3.50 -87.14
N PHE C 1003 -28.67 3.71 -86.09
CA PHE C 1003 -28.90 4.80 -85.16
C PHE C 1003 -27.81 5.86 -85.19
N ALA C 1004 -26.75 5.64 -85.96
CA ALA C 1004 -25.71 6.66 -86.10
C ALA C 1004 -26.32 8.01 -86.42
N GLY C 1005 -25.70 9.05 -85.90
CA GLY C 1005 -26.21 10.39 -86.13
C GLY C 1005 -25.63 11.43 -85.20
N ILE C 1006 -25.23 12.56 -85.77
CA ILE C 1006 -24.81 13.72 -85.00
C ILE C 1006 -25.96 14.71 -85.01
N ILE C 1007 -25.98 15.60 -84.03
CA ILE C 1007 -26.92 16.72 -84.03
C ILE C 1007 -26.13 18.00 -83.89
N GLN C 1008 -26.50 19.01 -84.70
CA GLN C 1008 -25.97 20.35 -84.58
C GLN C 1008 -27.15 21.30 -84.69
N GLU C 1009 -27.45 22.01 -83.60
CA GLU C 1009 -28.47 23.06 -83.62
C GLU C 1009 -27.84 24.28 -84.28
N GLU C 1010 -28.30 24.61 -85.48
CA GLU C 1010 -27.69 25.66 -86.28
C GLU C 1010 -28.77 26.32 -87.12
N LEU C 1011 -28.67 27.63 -87.27
CA LEU C 1011 -29.68 28.41 -87.96
C LEU C 1011 -29.38 28.51 -89.45
N LEU C 1012 -30.44 28.68 -90.23
CA LEU C 1012 -30.27 28.86 -91.67
C LEU C 1012 -29.33 30.01 -91.98
N ALA C 1013 -29.30 31.04 -91.14
CA ALA C 1013 -28.39 32.15 -91.36
C ALA C 1013 -26.94 31.69 -91.45
N ASP C 1014 -26.50 30.87 -90.49
CA ASP C 1014 -25.11 30.46 -90.41
C ASP C 1014 -24.85 29.10 -91.05
N MET C 1015 -25.82 28.53 -91.73
CA MET C 1015 -25.73 27.15 -92.21
C MET C 1015 -24.87 27.10 -93.46
N THR C 1016 -23.62 26.64 -93.32
CA THR C 1016 -22.75 26.44 -94.45
C THR C 1016 -23.24 25.27 -95.31
N SER C 1017 -22.75 25.21 -96.54
CA SER C 1017 -23.04 24.07 -97.41
C SER C 1017 -22.45 22.79 -96.86
N VAL C 1018 -21.43 22.88 -96.01
CA VAL C 1018 -20.86 21.68 -95.42
C VAL C 1018 -21.64 21.28 -94.18
N SER C 1019 -22.22 22.25 -93.47
CA SER C 1019 -23.11 21.91 -92.37
C SER C 1019 -24.08 20.82 -92.77
N LEU C 1020 -24.68 20.94 -93.96
CA LEU C 1020 -25.62 19.93 -94.41
C LEU C 1020 -24.90 18.65 -94.80
N ASN C 1021 -23.81 18.77 -95.56
CA ASN C 1021 -23.10 17.57 -95.99
C ASN C 1021 -22.45 16.85 -94.82
N ASP C 1022 -22.18 17.55 -93.72
CA ASP C 1022 -21.75 16.88 -92.50
C ASP C 1022 -22.92 16.18 -91.84
N MET C 1023 -24.13 16.72 -91.98
CA MET C 1023 -25.31 16.05 -91.45
C MET C 1023 -25.68 14.83 -92.29
N TYR C 1024 -25.81 15.02 -93.59
CA TYR C 1024 -26.24 13.94 -94.48
C TYR C 1024 -25.32 12.74 -94.42
N GLU C 1025 -24.06 12.91 -94.01
CA GLU C 1025 -23.10 11.82 -94.10
C GLU C 1025 -23.64 10.56 -93.43
N ALA C 1026 -24.12 10.68 -92.20
CA ALA C 1026 -24.65 9.52 -91.49
C ALA C 1026 -26.08 9.19 -91.95
N LYS C 1027 -27.02 10.13 -91.79
CA LYS C 1027 -28.44 9.84 -91.94
C LYS C 1027 -28.91 9.73 -93.38
N VAL C 1028 -28.05 9.93 -94.38
CA VAL C 1028 -28.49 9.81 -95.77
C VAL C 1028 -27.49 9.01 -96.60
N TYR C 1029 -26.31 9.58 -96.83
CA TYR C 1029 -25.33 8.90 -97.65
C TYR C 1029 -24.95 7.56 -97.03
N GLY C 1030 -24.85 7.52 -95.70
CA GLY C 1030 -24.63 6.26 -95.01
C GLY C 1030 -25.81 5.30 -95.15
N THR C 1031 -27.00 5.78 -94.82
CA THR C 1031 -28.20 4.97 -94.96
C THR C 1031 -28.27 4.30 -96.34
N ILE C 1032 -27.90 5.02 -97.39
CA ILE C 1032 -28.05 4.47 -98.73
C ILE C 1032 -27.05 3.34 -98.97
N ALA C 1033 -25.85 3.45 -98.39
CA ALA C 1033 -24.89 2.38 -98.57
C ALA C 1033 -25.32 1.10 -97.85
N LEU C 1034 -25.82 1.24 -96.61
CA LEU C 1034 -26.30 0.08 -95.88
C LEU C 1034 -27.44 -0.60 -96.63
N HIS C 1035 -28.42 0.18 -97.11
CA HIS C 1035 -29.51 -0.39 -97.88
C HIS C 1035 -29.01 -1.05 -99.16
N GLU C 1036 -27.90 -0.56 -99.71
CA GLU C 1036 -27.33 -1.17 -100.90
C GLU C 1036 -26.98 -2.64 -100.65
N ALA C 1037 -26.62 -2.99 -99.42
CA ALA C 1037 -26.36 -4.39 -99.06
C ALA C 1037 -27.66 -5.13 -98.75
N ALA C 1038 -28.48 -4.58 -97.86
CA ALA C 1038 -29.70 -5.25 -97.47
C ALA C 1038 -30.59 -5.55 -98.66
N SER C 1039 -30.54 -4.72 -99.70
CA SER C 1039 -31.36 -4.97 -100.87
C SER C 1039 -30.89 -6.19 -101.65
N LYS C 1040 -29.63 -6.58 -101.49
CA LYS C 1040 -29.09 -7.74 -102.17
C LYS C 1040 -29.40 -9.04 -101.45
N ARG C 1041 -30.08 -8.98 -100.30
CA ARG C 1041 -30.49 -10.14 -99.53
C ARG C 1041 -32.01 -10.09 -99.38
N ARG C 1042 -32.55 -11.04 -98.61
CA ARG C 1042 -33.99 -11.23 -98.52
C ARG C 1042 -34.50 -10.93 -97.12
N ASN C 1043 -35.48 -10.02 -97.04
CA ASN C 1043 -36.24 -9.76 -95.82
C ASN C 1043 -35.30 -9.38 -94.66
N VAL C 1044 -34.43 -8.42 -94.92
CA VAL C 1044 -33.52 -7.90 -93.89
C VAL C 1044 -34.24 -6.83 -93.09
N LEU C 1045 -34.03 -6.85 -91.78
CA LEU C 1045 -34.68 -5.88 -90.90
C LEU C 1045 -33.90 -4.57 -90.89
N PHE C 1046 -34.64 -3.45 -90.93
CA PHE C 1046 -34.05 -2.12 -91.00
C PHE C 1046 -34.68 -1.23 -89.93
N LEU C 1047 -33.87 -0.86 -88.93
CA LEU C 1047 -34.30 0.01 -87.85
C LEU C 1047 -33.70 1.40 -88.03
N SER C 1048 -34.52 2.44 -87.88
CA SER C 1048 -34.08 3.80 -88.09
C SER C 1048 -34.65 4.73 -87.04
N SER C 1049 -33.80 5.65 -86.58
CA SER C 1049 -34.18 6.66 -85.60
C SER C 1049 -34.37 8.00 -86.29
N SER C 1050 -35.42 8.72 -85.89
CA SER C 1050 -35.70 10.04 -86.44
C SER C 1050 -36.14 10.98 -85.33
N SER C 1051 -36.93 11.99 -85.67
CA SER C 1051 -37.49 12.88 -84.66
C SER C 1051 -38.83 13.40 -85.16
N ALA C 1052 -39.69 13.73 -84.20
CA ALA C 1052 -41.01 14.25 -84.51
C ALA C 1052 -41.01 15.75 -84.78
N ARG C 1053 -39.87 16.42 -84.59
CA ARG C 1053 -39.78 17.83 -84.95
C ARG C 1053 -40.14 18.03 -86.42
N THR C 1054 -39.84 17.04 -87.26
CA THR C 1054 -40.10 17.17 -88.69
C THR C 1054 -41.57 17.43 -88.99
N LEU C 1055 -42.47 17.14 -88.05
CA LEU C 1055 -43.89 17.27 -88.34
C LEU C 1055 -44.27 18.73 -88.55
N LYS C 1056 -43.97 19.57 -87.57
CA LYS C 1056 -44.37 20.96 -87.60
C LYS C 1056 -43.19 21.90 -87.84
N GLY C 1057 -41.97 21.36 -87.90
CA GLY C 1057 -40.80 22.19 -88.09
C GLY C 1057 -40.31 22.79 -86.78
N GLY C 1058 -39.17 23.46 -86.88
CA GLY C 1058 -38.59 24.05 -85.69
C GLY C 1058 -37.51 25.05 -86.00
N MET C 1059 -37.38 26.06 -85.14
CA MET C 1059 -36.30 27.01 -85.25
C MET C 1059 -34.97 26.34 -84.95
N THR C 1060 -33.92 26.83 -85.61
CA THR C 1060 -32.54 26.39 -85.38
C THR C 1060 -32.38 24.88 -85.43
N VAL C 1061 -33.16 24.22 -86.28
CA VAL C 1061 -33.03 22.77 -86.46
C VAL C 1061 -33.26 22.40 -87.91
N GLY C 1062 -32.98 23.33 -88.82
CA GLY C 1062 -33.16 23.02 -90.23
C GLY C 1062 -32.38 21.80 -90.67
N ALA C 1063 -31.12 21.71 -90.25
CA ALA C 1063 -30.30 20.56 -90.63
C ALA C 1063 -30.93 19.25 -90.15
N TYR C 1064 -31.29 19.18 -88.87
CA TYR C 1064 -31.97 18.01 -88.32
C TYR C 1064 -33.22 17.69 -89.14
N CYS C 1065 -34.21 18.58 -89.13
CA CYS C 1065 -35.46 18.32 -89.82
C CYS C 1065 -35.22 17.91 -91.27
N ALA C 1066 -34.22 18.51 -91.92
CA ALA C 1066 -34.01 18.22 -93.34
C ALA C 1066 -33.63 16.76 -93.55
N ALA C 1067 -32.70 16.26 -92.73
CA ALA C 1067 -32.27 14.87 -92.89
C ALA C 1067 -33.33 13.91 -92.37
N ASN C 1068 -33.92 14.20 -91.21
CA ASN C 1068 -34.89 13.28 -90.65
C ASN C 1068 -36.13 13.15 -91.53
N GLU C 1069 -36.53 14.22 -92.22
CA GLU C 1069 -37.63 14.09 -93.16
C GLU C 1069 -37.28 13.13 -94.28
N PHE C 1070 -35.98 12.85 -94.47
CA PHE C 1070 -35.58 11.85 -95.45
C PHE C 1070 -35.63 10.45 -94.85
N VAL C 1071 -35.03 10.25 -93.67
CA VAL C 1071 -34.98 8.90 -93.10
C VAL C 1071 -36.40 8.38 -92.89
N GLU C 1072 -37.32 9.26 -92.51
CA GLU C 1072 -38.72 8.85 -92.38
C GLU C 1072 -39.27 8.44 -93.73
N GLN C 1073 -39.18 9.31 -94.71
CA GLN C 1073 -39.68 8.97 -96.04
C GLN C 1073 -38.95 7.77 -96.63
N PHE C 1074 -37.81 7.38 -96.08
CA PHE C 1074 -37.04 6.31 -96.71
C PHE C 1074 -37.68 4.95 -96.48
N ALA C 1075 -38.16 4.70 -95.26
CA ALA C 1075 -38.84 3.45 -94.97
C ALA C 1075 -39.83 3.11 -96.07
N HIS C 1076 -40.64 4.09 -96.48
CA HIS C 1076 -41.59 3.83 -97.55
C HIS C 1076 -40.89 3.50 -98.86
N TYR C 1077 -39.71 4.07 -99.11
CA TYR C 1077 -38.98 3.74 -100.34
C TYR C 1077 -38.56 2.27 -100.34
N GLN C 1078 -38.19 1.74 -99.17
CA GLN C 1078 -37.73 0.35 -99.09
C GLN C 1078 -38.89 -0.62 -99.31
N LYS C 1079 -40.02 -0.36 -98.66
CA LYS C 1079 -41.19 -1.21 -98.82
C LYS C 1079 -41.68 -1.21 -100.27
N LEU C 1080 -41.36 -0.17 -101.04
CA LEU C 1080 -41.78 -0.09 -102.44
C LEU C 1080 -40.74 -0.64 -103.40
N THR C 1081 -39.47 -0.64 -103.01
CA THR C 1081 -38.38 -1.00 -103.90
C THR C 1081 -37.84 -2.40 -103.71
N SER C 1082 -37.71 -2.88 -102.48
CA SER C 1082 -36.85 -4.01 -102.19
C SER C 1082 -37.51 -4.97 -101.22
N THR C 1083 -36.78 -6.07 -100.93
CA THR C 1083 -37.21 -7.04 -99.95
C THR C 1083 -37.17 -6.52 -98.53
N VAL C 1084 -36.37 -5.47 -98.28
CA VAL C 1084 -36.10 -5.05 -96.91
C VAL C 1084 -37.39 -4.72 -96.18
N LYS C 1085 -37.43 -5.05 -94.89
CA LYS C 1085 -38.58 -4.76 -94.04
C LYS C 1085 -38.18 -3.70 -93.00
N PRO C 1086 -38.59 -2.45 -93.17
CA PRO C 1086 -38.08 -1.38 -92.31
C PRO C 1086 -39.00 -0.98 -91.16
N TYR C 1087 -38.39 -0.49 -90.08
CA TYR C 1087 -39.13 0.09 -88.96
C TYR C 1087 -38.43 1.37 -88.55
N CYS C 1088 -39.11 2.51 -88.70
CA CYS C 1088 -38.51 3.82 -88.40
C CYS C 1088 -39.29 4.49 -87.29
N PHE C 1089 -38.64 4.67 -86.14
CA PHE C 1089 -39.24 5.35 -84.99
C PHE C 1089 -38.70 6.77 -84.95
N SER C 1090 -39.59 7.74 -85.09
CA SER C 1090 -39.24 9.15 -84.93
C SER C 1090 -39.73 9.58 -83.56
N PHE C 1091 -38.79 9.85 -82.66
CA PHE C 1091 -39.12 10.12 -81.27
C PHE C 1091 -39.32 11.60 -81.01
N SER C 1092 -40.18 11.90 -80.06
CA SER C 1092 -40.39 13.27 -79.62
C SER C 1092 -39.16 13.82 -78.92
N MET C 1093 -38.69 13.12 -77.90
CA MET C 1093 -37.60 13.61 -77.08
C MET C 1093 -36.90 12.44 -76.42
N TRP C 1094 -35.66 12.69 -76.03
CA TRP C 1094 -34.87 11.77 -75.23
C TRP C 1094 -34.53 12.43 -73.91
N ASP C 1095 -34.43 11.63 -72.86
CA ASP C 1095 -33.86 12.11 -71.61
C ASP C 1095 -32.34 12.24 -71.71
N GLU C 1096 -31.78 11.85 -72.85
CA GLU C 1096 -30.34 11.94 -73.08
C GLU C 1096 -29.89 13.39 -73.27
N ILE C 1097 -30.81 14.30 -73.62
CA ILE C 1097 -30.50 15.71 -73.74
C ILE C 1097 -30.51 16.36 -72.36
N GLY C 1098 -30.66 15.55 -71.31
CA GLY C 1098 -30.63 16.05 -69.95
C GLY C 1098 -31.94 16.66 -69.50
N MET C 1099 -32.41 16.27 -68.30
CA MET C 1099 -33.66 16.82 -67.79
C MET C 1099 -33.47 18.27 -67.33
N SER C 1100 -32.26 18.64 -66.94
CA SER C 1100 -31.94 20.04 -66.67
C SER C 1100 -31.57 20.74 -67.98
N GLU C 1101 -30.55 20.21 -68.67
CA GLU C 1101 -30.14 20.71 -69.98
C GLU C 1101 -29.58 22.12 -69.95
N GLY C 1102 -29.65 22.77 -68.78
CA GLY C 1102 -29.38 24.18 -68.64
C GLY C 1102 -30.38 25.06 -69.36
N SER C 1103 -31.38 24.47 -70.02
CA SER C 1103 -32.50 25.18 -70.63
C SER C 1103 -33.71 24.29 -70.38
N MET C 1104 -34.36 24.48 -69.23
CA MET C 1104 -35.63 23.82 -68.99
C MET C 1104 -36.75 24.38 -69.85
N ILE C 1105 -36.47 25.42 -70.65
CA ILE C 1105 -37.45 25.94 -71.61
C ILE C 1105 -37.50 25.13 -72.90
N LYS C 1106 -36.55 24.23 -73.14
CA LYS C 1106 -36.77 23.21 -74.16
C LYS C 1106 -37.82 22.20 -73.70
N GLY C 1107 -38.12 22.16 -72.41
CA GLY C 1107 -39.27 21.41 -71.95
C GLY C 1107 -40.58 22.07 -72.30
N MET C 1108 -40.57 23.40 -72.46
CA MET C 1108 -41.74 24.09 -73.00
C MET C 1108 -42.26 23.38 -74.24
N LEU C 1109 -41.35 22.87 -75.07
CA LEU C 1109 -41.77 22.06 -76.20
C LEU C 1109 -42.65 20.90 -75.74
N LYS C 1110 -42.47 20.43 -74.51
CA LYS C 1110 -43.39 19.47 -73.94
C LYS C 1110 -44.80 20.05 -73.91
N GLU C 1111 -44.92 21.31 -73.46
CA GLU C 1111 -46.22 21.94 -73.26
C GLU C 1111 -47.04 21.96 -74.55
N ARG C 1112 -46.40 21.87 -75.71
CA ARG C 1112 -47.15 21.74 -76.96
C ARG C 1112 -47.38 20.29 -77.35
N GLY C 1113 -46.82 19.34 -76.60
CA GLY C 1113 -47.23 17.95 -76.74
C GLY C 1113 -46.18 16.95 -77.14
N TYR C 1114 -44.92 17.18 -76.75
CA TYR C 1114 -43.82 16.29 -77.11
C TYR C 1114 -43.24 15.75 -75.79
N LEU C 1115 -43.70 14.57 -75.38
CA LEU C 1115 -43.33 14.04 -74.09
C LEU C 1115 -41.88 13.56 -74.09
N PRO C 1116 -41.20 13.62 -72.96
CA PRO C 1116 -39.91 12.93 -72.84
C PRO C 1116 -40.15 11.46 -72.59
N ILE C 1117 -39.34 10.62 -73.23
CA ILE C 1117 -39.50 9.18 -73.15
C ILE C 1117 -38.20 8.58 -72.63
N SER C 1118 -38.31 7.77 -71.58
CA SER C 1118 -37.13 7.12 -71.03
C SER C 1118 -36.71 5.98 -71.95
N LYS C 1119 -35.50 5.48 -71.71
CA LYS C 1119 -35.00 4.34 -72.47
C LYS C 1119 -35.99 3.17 -72.39
N GLN C 1120 -36.29 2.72 -71.17
CA GLN C 1120 -37.23 1.61 -71.04
C GLN C 1120 -38.57 1.95 -71.70
N ALA C 1121 -39.17 3.08 -71.33
CA ALA C 1121 -40.45 3.45 -71.92
C ALA C 1121 -40.39 3.43 -73.43
N GLY C 1122 -39.33 4.01 -74.00
CA GLY C 1122 -39.19 4.01 -75.44
C GLY C 1122 -38.84 2.64 -75.98
N PHE C 1123 -37.79 2.01 -75.43
CA PHE C 1123 -37.41 0.67 -75.84
C PHE C 1123 -38.61 -0.26 -75.84
N GLN C 1124 -39.40 -0.25 -74.75
CA GLN C 1124 -40.61 -1.05 -74.71
C GLN C 1124 -41.52 -0.72 -75.88
N THR C 1125 -41.67 0.57 -76.19
CA THR C 1125 -42.52 0.96 -77.31
C THR C 1125 -42.02 0.33 -78.61
N MET C 1126 -40.73 0.48 -78.91
CA MET C 1126 -40.17 -0.09 -80.12
C MET C 1126 -40.58 -1.55 -80.30
N LEU C 1127 -40.41 -2.35 -79.25
CA LEU C 1127 -40.77 -3.76 -79.32
C LEU C 1127 -42.26 -3.93 -79.63
N ALA C 1128 -43.11 -3.22 -78.89
CA ALA C 1128 -44.54 -3.28 -79.15
C ALA C 1128 -44.85 -2.98 -80.60
N CYS C 1129 -44.26 -1.91 -81.13
CA CYS C 1129 -44.49 -1.54 -82.53
C CYS C 1129 -43.87 -2.55 -83.47
N LEU C 1130 -42.67 -3.03 -83.16
CA LEU C 1130 -42.04 -4.04 -83.99
C LEU C 1130 -42.97 -5.21 -84.24
N MET C 1131 -43.90 -5.47 -83.31
CA MET C 1131 -44.90 -6.51 -83.47
C MET C 1131 -46.13 -6.03 -84.24
N THR C 1132 -45.96 -5.10 -85.20
CA THR C 1132 -47.14 -4.56 -85.87
C THR C 1132 -46.99 -4.28 -87.36
N ASP C 1133 -45.82 -4.47 -87.96
CA ASP C 1133 -45.58 -4.24 -89.39
C ASP C 1133 -45.67 -2.77 -89.82
N ALA C 1134 -46.01 -1.85 -88.92
CA ALA C 1134 -46.03 -0.44 -89.26
C ALA C 1134 -44.61 0.01 -89.58
N PRO C 1135 -44.34 0.54 -90.79
CA PRO C 1135 -42.95 0.83 -91.16
C PRO C 1135 -42.45 2.18 -90.67
N LEU C 1136 -43.35 3.15 -90.54
CA LEU C 1136 -43.01 4.46 -90.01
C LEU C 1136 -43.99 4.81 -88.90
N ILE C 1137 -43.45 5.22 -87.76
CA ILE C 1137 -44.26 5.43 -86.56
C ILE C 1137 -43.69 6.56 -85.71
N TYR C 1138 -44.52 7.57 -85.45
CA TYR C 1138 -44.16 8.70 -84.59
C TYR C 1138 -44.59 8.38 -83.16
N THR C 1139 -43.65 8.46 -82.21
CA THR C 1139 -43.94 8.11 -80.83
C THR C 1139 -43.51 9.22 -79.88
N GLY C 1140 -44.23 9.32 -78.78
CA GLY C 1140 -44.01 10.36 -77.81
C GLY C 1140 -44.93 11.55 -77.97
N LEU C 1141 -46.15 11.35 -78.45
CA LEU C 1141 -47.06 12.45 -78.79
C LEU C 1141 -48.28 12.38 -77.91
N ASP C 1142 -48.61 13.51 -77.26
CA ASP C 1142 -49.77 13.60 -76.38
C ASP C 1142 -50.97 14.07 -77.20
N ARG C 1143 -51.88 13.14 -77.49
CA ARG C 1143 -53.07 13.49 -78.26
C ARG C 1143 -53.99 14.43 -77.52
N SER C 1144 -53.66 14.80 -76.27
CA SER C 1144 -54.46 15.77 -75.53
C SER C 1144 -54.12 17.20 -75.93
N LYS C 1145 -52.83 17.55 -75.87
CA LYS C 1145 -52.37 18.89 -76.22
C LYS C 1145 -52.81 19.29 -77.62
N LYS C 1146 -52.87 20.60 -77.91
CA LYS C 1146 -53.53 21.05 -79.12
C LYS C 1146 -52.70 20.76 -80.36
N GLU C 1147 -51.42 21.12 -80.34
CA GLU C 1147 -50.62 21.01 -81.56
C GLU C 1147 -50.74 19.62 -82.15
N ILE C 1148 -50.70 18.58 -81.30
CA ILE C 1148 -50.87 17.23 -81.79
C ILE C 1148 -52.31 16.99 -82.23
N HIS C 1149 -53.27 17.40 -81.41
CA HIS C 1149 -54.66 17.16 -81.75
C HIS C 1149 -55.01 17.75 -83.11
N GLU C 1150 -54.46 18.93 -83.43
CA GLU C 1150 -54.72 19.56 -84.71
C GLU C 1150 -54.06 18.80 -85.85
N MET C 1151 -53.10 17.92 -85.55
CA MET C 1151 -52.47 17.09 -86.55
C MET C 1151 -53.24 15.80 -86.82
N ILE C 1152 -54.14 15.38 -85.93
CA ILE C 1152 -54.90 14.15 -86.12
C ILE C 1152 -56.29 14.42 -86.68
N HIS C 1153 -56.88 15.55 -86.29
CA HIS C 1153 -58.22 15.94 -86.74
C HIS C 1153 -58.27 17.29 -87.45
N ALA C 1154 -57.56 18.30 -86.94
CA ALA C 1154 -57.43 19.60 -87.60
C ALA C 1154 -58.69 20.45 -87.53
N ASP C 1155 -59.86 19.83 -87.62
CA ASP C 1155 -61.12 20.57 -87.71
C ASP C 1155 -62.02 20.30 -86.51
N ALA C 1156 -62.21 19.05 -86.14
CA ALA C 1156 -63.02 18.70 -84.99
C ALA C 1156 -62.32 19.09 -83.68
N GLU C 1157 -63.09 19.68 -82.77
CA GLU C 1157 -62.57 20.06 -81.47
C GLU C 1157 -62.30 18.82 -80.62
N MET C 1158 -61.47 19.01 -79.59
CA MET C 1158 -61.14 17.93 -78.68
C MET C 1158 -62.43 17.38 -78.05
N GLN C 1159 -62.31 16.27 -77.32
CA GLN C 1159 -63.46 15.67 -76.65
C GLN C 1159 -63.34 15.90 -75.14
N THR C 1160 -64.39 16.48 -74.57
CA THR C 1160 -64.47 16.73 -73.14
C THR C 1160 -65.23 15.59 -72.45
N GLU C 1161 -64.89 15.36 -71.18
CA GLU C 1161 -65.58 14.38 -70.36
C GLU C 1161 -66.01 15.07 -69.06
N GLN C 1162 -67.32 15.11 -68.82
CA GLN C 1162 -67.84 15.73 -67.62
C GLN C 1162 -67.78 14.75 -66.45
N THR C 1163 -67.26 15.22 -65.32
CA THR C 1163 -67.02 14.39 -64.14
C THR C 1163 -67.73 15.01 -62.95
N PHE C 1164 -68.75 14.34 -62.45
CA PHE C 1164 -69.53 14.81 -61.31
C PHE C 1164 -68.94 14.30 -60.00
N TYR C 1165 -68.93 15.18 -59.00
CA TYR C 1165 -68.42 14.86 -57.66
C TYR C 1165 -69.55 15.02 -56.65
N VAL C 1166 -69.77 13.98 -55.84
CA VAL C 1166 -70.90 13.94 -54.91
C VAL C 1166 -70.35 13.75 -53.49
N PHE C 1167 -71.07 14.32 -52.52
CA PHE C 1167 -70.68 14.26 -51.11
C PHE C 1167 -71.87 13.88 -50.23
N PHE C 1168 -71.58 13.27 -49.08
CA PHE C 1168 -72.52 12.41 -48.38
C PHE C 1168 -72.83 12.88 -46.96
N LYS C 1169 -74.07 12.63 -46.53
CA LYS C 1169 -74.46 12.75 -45.13
C LYS C 1169 -75.77 12.00 -44.96
N THR C 1170 -75.73 10.90 -44.22
CA THR C 1170 -76.85 9.96 -44.12
C THR C 1170 -77.38 9.91 -42.69
N ASP C 1171 -78.66 9.54 -42.56
CA ASP C 1171 -79.25 9.35 -41.24
C ASP C 1171 -78.71 8.05 -40.64
N GLN C 1172 -79.09 6.92 -41.23
CA GLN C 1172 -78.68 5.64 -40.68
C GLN C 1172 -77.27 5.31 -41.16
N THR C 1173 -76.90 4.03 -41.11
CA THR C 1173 -75.61 3.56 -41.61
C THR C 1173 -75.78 2.60 -42.79
N LYS C 1174 -76.99 2.50 -43.35
CA LYS C 1174 -77.20 1.65 -44.52
C LYS C 1174 -76.35 2.17 -45.67
N ALA C 1175 -75.31 1.44 -46.03
CA ALA C 1175 -74.40 1.84 -47.09
C ALA C 1175 -75.15 1.97 -48.41
N VAL C 1176 -75.40 3.21 -48.84
CA VAL C 1176 -76.15 3.46 -50.07
C VAL C 1176 -75.24 3.74 -51.25
N GLU C 1177 -73.93 3.83 -51.04
CA GLU C 1177 -73.00 4.11 -52.13
C GLU C 1177 -73.38 3.37 -53.40
N GLU C 1178 -73.42 2.03 -53.34
CA GLU C 1178 -73.76 1.25 -54.52
C GLU C 1178 -75.15 1.60 -55.03
N ARG C 1179 -76.12 1.68 -54.11
CA ARG C 1179 -77.48 2.03 -54.51
C ARG C 1179 -77.53 3.43 -55.08
N LEU C 1180 -76.66 4.32 -54.61
CA LEU C 1180 -76.69 5.72 -55.04
C LEU C 1180 -75.93 5.92 -56.35
N TYR C 1181 -74.71 5.40 -56.44
CA TYR C 1181 -73.96 5.46 -57.70
C TYR C 1181 -74.84 5.04 -58.86
N GLN C 1182 -75.42 3.84 -58.79
CA GLN C 1182 -76.28 3.37 -59.86
C GLN C 1182 -77.46 4.31 -60.07
N SER C 1183 -77.90 5.00 -59.02
CA SER C 1183 -79.02 5.91 -59.17
C SER C 1183 -78.63 7.15 -59.96
N ILE C 1184 -77.43 7.70 -59.71
CA ILE C 1184 -76.97 8.85 -60.48
C ILE C 1184 -76.62 8.42 -61.90
N HIS C 1185 -75.92 7.30 -62.05
CA HIS C 1185 -75.49 6.87 -63.36
C HIS C 1185 -76.69 6.62 -64.27
N THR C 1186 -77.83 6.27 -63.67
CA THR C 1186 -79.05 6.02 -64.41
C THR C 1186 -79.76 7.31 -64.80
N CYS C 1187 -79.47 8.42 -64.12
CA CYS C 1187 -80.03 9.70 -64.53
C CYS C 1187 -79.30 10.27 -65.73
N LEU C 1188 -78.01 9.95 -65.86
CA LEU C 1188 -77.15 10.43 -66.93
C LEU C 1188 -77.28 9.62 -68.22
N GLN C 1189 -77.95 8.47 -68.18
CA GLN C 1189 -77.98 7.54 -69.29
C GLN C 1189 -78.59 8.17 -70.54
N SER C 1190 -77.79 8.20 -71.61
CA SER C 1190 -78.20 8.71 -72.91
C SER C 1190 -78.66 10.17 -72.89
N ARG C 1191 -78.25 10.94 -71.89
CA ARG C 1191 -78.77 12.30 -71.74
C ARG C 1191 -77.69 13.37 -71.69
N LEU C 1192 -76.43 13.01 -71.85
CA LEU C 1192 -75.36 13.97 -71.82
C LEU C 1192 -74.77 14.25 -73.19
N SER C 1193 -74.61 13.22 -74.03
CA SER C 1193 -74.02 13.39 -75.35
C SER C 1193 -72.57 13.86 -75.21
N GLY C 1194 -71.77 12.91 -74.74
CA GLY C 1194 -70.38 13.17 -74.40
C GLY C 1194 -69.81 11.97 -73.71
N GLU C 1195 -68.90 12.22 -72.77
CA GLU C 1195 -68.27 11.17 -72.00
C GLU C 1195 -68.31 11.56 -70.53
N TYR C 1196 -69.05 10.79 -69.73
CA TYR C 1196 -69.29 11.17 -68.34
C TYR C 1196 -68.80 10.08 -67.40
N ALA C 1197 -68.71 10.45 -66.13
CA ALA C 1197 -68.24 9.55 -65.09
C ALA C 1197 -68.63 10.14 -63.73
N VAL C 1198 -69.13 9.28 -62.85
CA VAL C 1198 -69.51 9.69 -61.49
C VAL C 1198 -68.38 9.34 -60.55
N HIS C 1199 -68.08 10.26 -59.63
CA HIS C 1199 -67.03 10.08 -58.64
C HIS C 1199 -67.65 10.35 -57.27
N LEU C 1200 -67.56 9.36 -56.38
CA LEU C 1200 -68.21 9.44 -55.08
C LEU C 1200 -67.19 9.56 -53.96
N PHE C 1201 -67.59 10.26 -52.89
CA PHE C 1201 -66.78 10.48 -51.72
C PHE C 1201 -67.41 9.83 -50.50
N PRO C 1202 -66.60 9.33 -49.56
CA PRO C 1202 -67.16 8.78 -48.33
C PRO C 1202 -67.98 9.80 -47.57
N GLU C 1203 -68.73 9.30 -46.59
CA GLU C 1203 -69.45 10.19 -45.69
C GLU C 1203 -68.49 11.06 -44.91
N GLU C 1204 -67.39 10.47 -44.42
CA GLU C 1204 -66.51 11.12 -43.47
C GLU C 1204 -65.52 12.08 -44.11
N TYR C 1205 -65.84 12.59 -45.30
CA TYR C 1205 -65.19 13.76 -45.87
C TYR C 1205 -66.11 14.98 -45.86
N TRP C 1206 -67.41 14.76 -46.04
CA TRP C 1206 -68.39 15.83 -45.89
C TRP C 1206 -68.10 16.64 -44.63
N LYS C 1207 -68.14 17.95 -44.76
CA LYS C 1207 -67.98 18.86 -43.65
C LYS C 1207 -68.96 20.02 -43.80
N GLU C 1208 -69.25 20.68 -42.69
CA GLU C 1208 -70.22 21.78 -42.67
C GLU C 1208 -69.61 22.96 -41.95
N THR C 1209 -69.61 24.12 -42.59
CA THR C 1209 -69.27 25.33 -41.87
C THR C 1209 -70.33 25.61 -40.80
N GLU C 1210 -69.92 26.30 -39.74
CA GLU C 1210 -70.90 26.72 -38.75
C GLU C 1210 -71.99 27.55 -39.46
N ASP C 1211 -73.13 27.69 -38.79
CA ASP C 1211 -74.30 28.42 -39.30
C ASP C 1211 -75.16 27.55 -40.21
N GLY C 1212 -74.86 26.26 -40.29
CA GLY C 1212 -75.68 25.35 -41.08
C GLY C 1212 -75.59 25.43 -42.59
N SER C 1213 -74.38 25.38 -43.14
CA SER C 1213 -74.19 25.40 -44.59
C SER C 1213 -73.14 24.36 -44.94
N PRO C 1214 -73.15 23.85 -46.16
CA PRO C 1214 -72.12 22.89 -46.56
C PRO C 1214 -70.77 23.57 -46.75
N ASP C 1215 -69.72 22.94 -46.21
CA ASP C 1215 -68.37 23.53 -46.25
C ASP C 1215 -67.84 23.41 -47.68
N GLU C 1216 -68.31 24.31 -48.54
CA GLU C 1216 -67.93 24.29 -49.95
C GLU C 1216 -66.44 24.56 -50.15
N ALA C 1217 -65.82 25.30 -49.24
CA ALA C 1217 -64.38 25.54 -49.37
C ALA C 1217 -63.61 24.23 -49.32
N TYR C 1218 -64.02 23.31 -48.44
CA TYR C 1218 -63.33 22.03 -48.30
C TYR C 1218 -63.54 21.12 -49.50
N PHE C 1219 -64.68 21.25 -50.19
CA PHE C 1219 -64.94 20.38 -51.34
C PHE C 1219 -64.14 20.81 -52.57
N HIS C 1220 -64.32 22.06 -53.00
CA HIS C 1220 -63.56 22.55 -54.16
C HIS C 1220 -62.07 22.37 -53.96
N GLU C 1221 -61.62 22.34 -52.71
CA GLU C 1221 -60.22 22.04 -52.44
C GLU C 1221 -59.92 20.57 -52.75
N LEU C 1222 -60.83 19.67 -52.34
CA LEU C 1222 -60.60 18.24 -52.54
C LEU C 1222 -60.58 17.87 -54.02
N ILE C 1223 -61.51 18.41 -54.80
CA ILE C 1223 -61.64 17.99 -56.19
C ILE C 1223 -60.36 18.26 -56.96
N GLU C 1224 -59.61 19.29 -56.58
CA GLU C 1224 -58.36 19.59 -57.27
C GLU C 1224 -57.25 18.68 -56.77
N GLU C 1225 -57.12 18.52 -55.46
CA GLU C 1225 -56.13 17.61 -54.92
C GLU C 1225 -56.31 16.21 -55.50
N SER C 1226 -57.52 15.88 -55.95
CA SER C 1226 -57.80 14.62 -56.63
C SER C 1226 -57.02 14.56 -57.94
N GLU D 13 8.22 -41.33 -3.12
CA GLU D 13 7.95 -40.09 -3.84
C GLU D 13 7.83 -38.94 -2.84
N SER D 14 6.77 -38.94 -2.04
CA SER D 14 6.64 -37.94 -0.99
C SER D 14 7.81 -37.98 -0.02
N MET D 15 8.48 -39.13 0.08
CA MET D 15 9.64 -39.24 0.96
C MET D 15 10.86 -38.54 0.37
N ASP D 16 11.29 -38.94 -0.82
CA ASP D 16 12.54 -38.47 -1.40
C ASP D 16 12.39 -37.71 -2.71
N ALA D 17 11.36 -37.96 -3.52
CA ALA D 17 11.23 -37.21 -4.77
C ALA D 17 11.24 -35.71 -4.50
N ILE D 18 10.52 -35.28 -3.46
CA ILE D 18 10.61 -33.89 -3.04
C ILE D 18 12.02 -33.57 -2.57
N LEU D 19 12.53 -34.39 -1.63
CA LEU D 19 13.88 -34.18 -1.13
C LEU D 19 14.86 -34.06 -2.28
N GLN D 20 14.70 -34.89 -3.31
CA GLN D 20 15.57 -34.83 -4.47
C GLN D 20 15.37 -33.52 -5.22
N ASP D 21 14.10 -33.09 -5.33
CA ASP D 21 13.80 -31.83 -6.00
C ASP D 21 14.36 -30.62 -5.26
N VAL D 22 14.70 -30.76 -3.98
CA VAL D 22 15.37 -29.69 -3.26
C VAL D 22 16.87 -29.71 -3.51
N LYS D 23 17.45 -30.91 -3.56
CA LYS D 23 18.89 -31.04 -3.75
C LYS D 23 19.33 -30.43 -5.08
N THR D 24 18.61 -30.75 -6.16
CA THR D 24 18.94 -30.18 -7.47
C THR D 24 18.67 -28.68 -7.53
N THR D 25 17.71 -28.19 -6.74
CA THR D 25 17.44 -26.75 -6.72
C THR D 25 18.54 -25.97 -6.01
N ILE D 26 19.18 -26.58 -5.00
CA ILE D 26 20.29 -25.93 -4.32
C ILE D 26 21.53 -25.82 -5.19
N LEU D 27 21.66 -26.66 -6.21
CA LEU D 27 22.81 -26.58 -7.11
C LEU D 27 22.63 -25.57 -8.24
N GLN D 28 21.39 -25.17 -8.53
CA GLN D 28 21.21 -24.09 -9.49
C GLN D 28 22.03 -22.87 -9.06
N THR D 29 22.08 -22.61 -7.76
CA THR D 29 22.93 -21.53 -7.25
C THR D 29 24.37 -22.01 -7.28
N ASN D 30 25.21 -21.31 -8.05
CA ASN D 30 26.59 -21.77 -8.21
C ASN D 30 27.47 -21.29 -7.08
N GLU D 31 27.08 -20.21 -6.39
CA GLU D 31 27.92 -19.66 -5.34
C GLU D 31 28.09 -20.64 -4.18
N ILE D 32 27.27 -21.69 -4.12
CA ILE D 32 27.36 -22.70 -3.08
C ILE D 32 28.01 -23.93 -3.70
N GLU D 33 28.98 -24.51 -3.01
CA GLU D 33 29.73 -25.63 -3.54
C GLU D 33 29.71 -26.85 -2.62
N ARG D 34 29.01 -26.79 -1.50
CA ARG D 34 28.69 -27.96 -0.71
C ARG D 34 27.60 -27.60 0.29
N PHE D 35 26.69 -28.54 0.55
CA PHE D 35 25.52 -28.28 1.36
C PHE D 35 24.99 -29.60 1.91
N ALA D 36 23.89 -29.51 2.65
CA ALA D 36 23.25 -30.70 3.21
C ALA D 36 21.80 -30.35 3.55
N VAL D 37 20.88 -31.28 3.28
CA VAL D 37 19.45 -31.07 3.49
C VAL D 37 18.82 -32.36 4.00
N PHE D 38 18.01 -32.25 5.04
CA PHE D 38 17.23 -33.38 5.56
C PHE D 38 15.90 -32.85 6.10
N SER D 39 14.92 -33.76 6.21
CA SER D 39 13.57 -33.39 6.62
C SER D 39 13.15 -34.09 7.92
N ARG D 40 12.18 -33.47 8.59
CA ARG D 40 11.57 -33.98 9.82
C ARG D 40 10.08 -33.69 9.79
N GLU D 41 9.26 -34.60 10.29
CA GLU D 41 7.84 -34.32 10.51
C GLU D 41 7.62 -33.97 11.98
N LYS D 42 6.85 -32.92 12.21
CA LYS D 42 6.63 -32.39 13.55
C LYS D 42 5.25 -31.77 13.61
N THR D 43 4.66 -31.76 14.81
CA THR D 43 3.38 -31.11 15.02
C THR D 43 3.57 -29.66 15.43
N ILE D 44 2.64 -28.80 14.99
CA ILE D 44 2.69 -27.37 15.25
C ILE D 44 1.84 -27.08 16.48
N ARG D 45 2.24 -26.07 17.25
CA ARG D 45 1.48 -25.61 18.40
C ARG D 45 0.80 -24.29 18.07
N PRO D 46 -0.53 -24.16 18.21
CA PRO D 46 -1.21 -22.95 17.76
C PRO D 46 -0.53 -21.68 18.26
N ARG D 47 -0.43 -20.70 17.37
CA ARG D 47 0.27 -19.46 17.70
C ARG D 47 -0.48 -18.68 18.78
N PRO D 48 0.22 -18.17 19.79
CA PRO D 48 -0.46 -17.34 20.81
C PRO D 48 -1.03 -16.08 20.18
N TYR D 49 -1.78 -15.34 20.99
CA TYR D 49 -2.21 -14.01 20.59
C TYR D 49 -1.17 -13.00 21.06
N HIS D 50 -1.20 -11.81 20.44
CA HIS D 50 -0.43 -10.66 20.88
C HIS D 50 -1.40 -9.64 21.48
N LEU D 51 -1.09 -9.17 22.69
CA LEU D 51 -2.06 -8.35 23.40
C LEU D 51 -2.49 -7.16 22.56
N SER D 52 -1.58 -6.61 21.76
CA SER D 52 -1.96 -5.53 20.86
C SER D 52 -2.97 -6.02 19.82
N HIS D 53 -2.95 -7.32 19.51
CA HIS D 53 -3.82 -7.85 18.48
C HIS D 53 -5.25 -8.03 18.94
N LEU D 54 -5.47 -8.20 20.25
CA LEU D 54 -6.82 -8.38 20.79
C LEU D 54 -7.14 -7.36 21.89
N PHE D 55 -6.26 -7.27 22.89
CA PHE D 55 -6.49 -6.38 24.02
C PHE D 55 -5.74 -5.09 23.73
N LEU D 56 -6.34 -4.34 22.82
CA LEU D 56 -5.83 -3.05 22.39
C LEU D 56 -6.27 -1.91 23.28
N ASP D 57 -6.98 -2.21 24.38
CA ASP D 57 -7.42 -1.14 25.29
C ASP D 57 -6.28 -0.60 26.15
N LYS D 58 -5.47 -1.48 26.75
CA LYS D 58 -4.34 -1.01 27.55
C LYS D 58 -3.18 -0.51 26.69
N HIS D 59 -3.01 -1.06 25.49
CA HIS D 59 -1.93 -0.59 24.64
C HIS D 59 -2.23 0.81 24.12
N ILE D 60 -3.48 1.08 23.75
CA ILE D 60 -3.84 2.43 23.32
C ILE D 60 -3.89 3.37 24.53
N GLU D 61 -4.22 2.83 25.71
CA GLU D 61 -4.26 3.63 26.94
C GLU D 61 -2.86 3.80 27.51
N PRO D 83 11.83 19.09 43.04
CA PRO D 83 12.19 20.01 44.11
C PRO D 83 13.40 20.89 43.77
N ALA D 84 13.95 21.61 44.74
CA ALA D 84 15.06 22.53 44.52
C ALA D 84 16.31 22.13 45.27
N LEU D 85 16.21 21.92 46.59
CA LEU D 85 17.30 21.48 47.46
C LEU D 85 18.30 22.55 47.87
N SER D 86 17.87 23.81 47.96
CA SER D 86 18.69 24.87 48.50
C SER D 86 17.96 25.42 49.72
N TYR D 87 18.57 25.31 50.90
CA TYR D 87 17.94 25.72 52.14
C TYR D 87 18.87 26.61 52.96
N GLY D 88 18.27 27.56 53.68
CA GLY D 88 19.04 28.47 54.53
C GLY D 88 18.39 29.82 54.71
N GLY D 89 18.07 30.18 55.97
CA GLY D 89 17.45 31.45 56.25
C GLY D 89 18.44 32.48 56.76
N ASP D 90 18.52 33.60 56.05
CA ASP D 90 19.37 34.72 56.42
C ASP D 90 18.91 35.38 57.72
N LEU D 91 19.86 35.99 58.43
CA LEU D 91 19.61 36.69 59.68
C LEU D 91 20.07 38.15 59.60
N ASP D 92 20.05 38.82 60.75
CA ASP D 92 20.51 40.21 60.88
C ASP D 92 21.99 40.17 61.22
N VAL D 93 22.83 40.35 60.19
CA VAL D 93 24.27 40.17 60.36
C VAL D 93 24.98 41.32 61.07
N THR D 94 24.42 42.53 61.04
CA THR D 94 25.08 43.71 61.58
C THR D 94 24.55 44.10 62.96
N GLN D 95 23.89 43.19 63.67
CA GLN D 95 23.38 43.47 65.01
C GLN D 95 24.39 43.04 66.07
N GLY D 96 24.86 44.01 66.86
CA GLY D 96 25.80 43.75 67.92
C GLY D 96 27.24 43.98 67.49
N ALA D 97 28.14 43.70 68.43
CA ALA D 97 29.57 43.89 68.23
C ALA D 97 30.01 43.38 66.87
N GLN D 98 30.65 44.26 66.08
CA GLN D 98 31.19 43.89 64.79
C GLN D 98 32.68 43.54 64.83
N THR D 99 33.35 43.77 65.96
CA THR D 99 34.74 43.34 66.14
C THR D 99 34.86 42.70 67.52
N LEU D 100 35.94 41.93 67.70
CA LEU D 100 36.09 41.16 68.93
C LEU D 100 36.34 42.06 70.14
N GLN D 101 37.12 43.13 69.96
CA GLN D 101 37.37 44.05 71.06
C GLN D 101 36.06 44.52 71.68
N ASP D 102 35.03 44.72 70.85
CA ASP D 102 33.74 45.15 71.36
C ASP D 102 33.08 44.07 72.20
N VAL D 103 33.37 42.81 71.94
CA VAL D 103 32.73 41.72 72.67
C VAL D 103 33.30 41.58 74.07
N LEU D 104 34.58 41.87 74.27
CA LEU D 104 35.16 41.75 75.61
C LEU D 104 34.63 42.83 76.54
N THR D 105 34.64 44.09 76.09
CA THR D 105 34.16 45.18 76.92
C THR D 105 32.71 44.96 77.36
N GLU D 106 31.87 44.44 76.46
CA GLU D 106 30.47 44.22 76.79
C GLU D 106 30.30 43.11 77.82
N ALA D 107 31.17 42.10 77.79
CA ALA D 107 31.07 41.02 78.78
C ALA D 107 31.49 41.52 80.16
N ALA D 108 32.52 42.36 80.23
CA ALA D 108 33.00 42.86 81.52
C ALA D 108 31.93 43.63 82.27
N LYS D 109 30.87 44.06 81.61
CA LYS D 109 29.78 44.79 82.25
C LYS D 109 28.86 43.88 83.04
N THR D 110 29.26 42.62 83.22
CA THR D 110 28.58 41.68 84.08
C THR D 110 29.59 41.08 85.05
N THR D 111 29.09 40.49 86.13
CA THR D 111 29.94 39.87 87.13
C THR D 111 30.20 38.39 86.87
N ASN D 112 29.76 37.87 85.72
CA ASN D 112 30.16 36.53 85.32
C ASN D 112 31.53 36.56 84.63
N GLY D 113 32.16 35.39 84.55
CA GLY D 113 33.47 35.30 83.94
C GLY D 113 33.97 33.89 83.70
N LEU D 114 35.22 33.64 84.08
CA LEU D 114 35.91 32.38 83.78
C LEU D 114 36.31 31.70 85.08
N THR D 115 36.19 30.37 85.08
CA THR D 115 36.56 29.54 86.23
C THR D 115 37.46 28.41 85.76
N TYR D 116 38.69 28.37 86.25
CA TYR D 116 39.68 27.39 85.81
C TYR D 116 39.79 26.29 86.87
N ILE D 117 39.69 25.04 86.42
CA ILE D 117 39.66 23.90 87.32
C ILE D 117 41.06 23.34 87.46
N VAL D 118 41.49 23.14 88.71
CA VAL D 118 42.78 22.56 89.02
C VAL D 118 42.63 21.14 89.56
N ASN D 119 41.71 20.93 90.50
CA ASN D 119 41.44 19.61 91.06
C ASN D 119 40.00 19.60 91.60
N SER D 120 39.68 18.58 92.39
CA SER D 120 38.32 18.46 92.93
C SER D 120 37.99 19.57 93.91
N LYS D 121 39.00 20.20 94.53
CA LYS D 121 38.78 21.17 95.58
C LYS D 121 39.46 22.52 95.32
N ASN D 122 40.01 22.74 94.13
CA ASN D 122 40.67 24.00 93.83
C ASN D 122 40.02 24.66 92.62
N GLU D 123 40.20 25.97 92.53
CA GLU D 123 39.51 26.76 91.52
C GLU D 123 40.31 28.03 91.26
N LEU D 124 39.98 28.69 90.15
CA LEU D 124 40.56 30.00 89.84
C LEU D 124 39.51 30.84 89.13
N THR D 125 39.26 32.03 89.64
CA THR D 125 38.21 32.89 89.13
C THR D 125 38.81 34.03 88.31
N GLN D 126 38.20 34.30 87.15
CA GLN D 126 38.58 35.43 86.31
C GLN D 126 37.30 36.05 85.75
N SER D 127 36.79 37.08 86.43
CA SER D 127 35.64 37.81 85.92
C SER D 127 35.99 38.45 84.58
N TYR D 128 34.99 38.53 83.70
CA TYR D 128 35.20 39.24 82.44
C TYR D 128 35.79 40.61 82.68
N ALA D 129 35.44 41.25 83.80
CA ALA D 129 36.11 42.48 84.19
C ALA D 129 37.57 42.20 84.55
N GLN D 130 37.82 41.14 85.31
CA GLN D 130 39.20 40.74 85.59
C GLN D 130 39.97 40.43 84.32
N LEU D 131 39.29 39.94 83.28
CA LEU D 131 39.98 39.51 82.07
C LEU D 131 40.52 40.70 81.28
N GLN D 132 39.64 41.62 80.88
CA GLN D 132 40.09 42.80 80.15
C GLN D 132 41.21 43.51 80.90
N GLY D 133 41.12 43.54 82.24
CA GLY D 133 42.19 44.11 83.03
C GLY D 133 43.46 43.26 83.00
N ASP D 134 43.31 41.96 83.23
CA ASP D 134 44.47 41.06 83.15
C ASP D 134 45.01 40.99 81.73
N ALA D 135 44.14 41.07 80.72
CA ALA D 135 44.60 40.99 79.33
C ALA D 135 45.45 42.20 78.96
N GLU D 136 45.11 43.38 79.48
CA GLU D 136 45.89 44.58 79.19
C GLU D 136 47.23 44.58 79.92
N ARG D 137 47.40 43.71 80.92
CA ARG D 137 48.71 43.56 81.54
C ARG D 137 49.66 42.80 80.62
N VAL D 138 49.14 41.80 79.91
CA VAL D 138 49.97 41.04 78.97
C VAL D 138 50.33 41.88 77.76
N LEU D 139 49.40 42.69 77.27
CA LEU D 139 49.68 43.52 76.10
C LEU D 139 50.84 44.46 76.33
N THR D 140 51.09 44.85 77.58
CA THR D 140 52.28 45.63 77.88
C THR D 140 53.54 44.81 77.66
N GLY D 141 53.49 43.51 77.96
CA GLY D 141 54.64 42.66 77.73
C GLY D 141 54.85 42.38 76.25
N LEU D 142 53.75 42.18 75.51
CA LEU D 142 53.87 41.87 74.09
C LEU D 142 54.49 43.03 73.33
N ARG D 143 53.95 44.24 73.52
CA ARG D 143 54.53 45.40 72.86
C ARG D 143 55.99 45.57 73.26
N ALA D 144 56.34 45.25 74.51
CA ALA D 144 57.73 45.35 74.94
C ALA D 144 58.63 44.47 74.09
N LEU D 145 58.30 43.19 73.98
CA LEU D 145 59.08 42.30 73.15
C LEU D 145 59.14 42.77 71.70
N GLY D 146 58.20 43.63 71.29
CA GLY D 146 58.30 44.31 70.01
C GLY D 146 57.34 43.86 68.93
N LEU D 147 56.09 43.61 69.29
CA LEU D 147 55.09 43.22 68.33
C LEU D 147 54.38 44.44 67.76
N LYS D 148 54.08 44.40 66.47
CA LYS D 148 53.27 45.42 65.81
C LYS D 148 52.01 44.77 65.27
N ALA D 149 50.96 45.58 65.12
CA ALA D 149 49.67 45.07 64.71
C ALA D 149 49.78 44.26 63.42
N GLY D 150 49.08 43.13 63.38
CA GLY D 150 49.09 42.25 62.23
C GLY D 150 50.22 41.23 62.20
N ASP D 151 51.04 41.16 63.25
CA ASP D 151 52.16 40.22 63.27
C ASP D 151 51.70 38.86 63.78
N PRO D 152 51.90 37.79 63.01
CA PRO D 152 51.58 36.45 63.53
C PRO D 152 52.25 36.19 64.86
N VAL D 153 51.56 35.41 65.70
CA VAL D 153 52.08 34.98 67.00
C VAL D 153 51.75 33.50 67.18
N PHE D 154 52.66 32.77 67.83
CA PHE D 154 52.58 31.31 67.94
C PHE D 154 52.25 30.92 69.38
N PHE D 155 51.20 30.12 69.55
CA PHE D 155 50.69 29.73 70.85
C PHE D 155 51.06 28.28 71.15
N GLN D 156 51.66 28.05 72.33
CA GLN D 156 51.97 26.71 72.81
C GLN D 156 51.74 26.73 74.31
N PHE D 157 50.56 26.26 74.74
CA PHE D 157 50.12 26.44 76.12
C PHE D 157 49.61 25.13 76.72
N SER D 158 49.74 25.04 78.05
CA SER D 158 49.14 23.99 78.85
C SER D 158 48.21 24.51 79.94
N SER D 159 48.44 25.73 80.42
CA SER D 159 47.59 26.34 81.45
C SER D 159 46.47 27.10 80.75
N ASN D 160 45.22 26.63 80.94
CA ASN D 160 44.09 27.34 80.35
C ASN D 160 44.09 28.81 80.75
N HIS D 161 44.56 29.11 81.96
CA HIS D 161 44.58 30.50 82.42
C HIS D 161 45.43 31.35 81.48
N ALA D 162 46.72 31.01 81.34
CA ALA D 162 47.62 31.83 80.56
C ALA D 162 47.14 31.99 79.11
N MET D 163 46.54 30.94 78.55
CA MET D 163 46.17 30.99 77.14
C MET D 163 45.02 31.97 76.90
N VAL D 164 44.01 31.95 77.76
CA VAL D 164 42.84 32.80 77.52
C VAL D 164 43.25 34.27 77.58
N THR D 165 44.04 34.65 78.59
CA THR D 165 44.46 36.03 78.70
C THR D 165 45.27 36.47 77.49
N ALA D 166 46.09 35.56 76.94
CA ALA D 166 46.93 35.93 75.81
C ALA D 166 46.12 36.14 74.53
N PHE D 167 45.12 35.31 74.30
CA PHE D 167 44.31 35.47 73.09
C PHE D 167 43.74 36.88 72.99
N TRP D 168 43.23 37.40 74.12
CA TRP D 168 42.65 38.73 74.09
C TRP D 168 43.73 39.81 74.08
N ALA D 169 44.81 39.60 74.84
CA ALA D 169 45.94 40.52 74.76
C ALA D 169 46.39 40.70 73.32
N CYS D 170 46.18 39.68 72.47
CA CYS D 170 46.48 39.82 71.06
C CYS D 170 45.31 40.44 70.31
N VAL D 171 44.07 40.18 70.74
CA VAL D 171 42.92 40.85 70.15
C VAL D 171 43.00 42.36 70.44
N LEU D 172 43.37 42.71 71.67
CA LEU D 172 43.55 44.12 72.01
C LEU D 172 44.62 44.77 71.14
N GLY D 173 45.85 44.27 71.24
CA GLY D 173 46.96 44.84 70.50
C GLY D 173 46.78 44.81 68.99
N GLY D 174 45.85 44.00 68.49
CA GLY D 174 45.64 43.87 67.07
C GLY D 174 46.52 42.84 66.40
N PHE D 175 47.00 41.85 67.15
CA PHE D 175 47.86 40.81 66.62
C PHE D 175 47.03 39.61 66.17
N VAL D 176 47.69 38.68 65.48
CA VAL D 176 47.06 37.49 64.94
C VAL D 176 47.70 36.28 65.59
N PRO D 177 47.05 35.69 66.60
CA PRO D 177 47.58 34.48 67.22
C PRO D 177 47.29 33.24 66.38
N THR D 178 48.16 32.25 66.55
CA THR D 178 48.08 30.97 65.83
C THR D 178 47.73 29.88 66.83
N LEU D 179 46.63 29.17 66.58
CA LEU D 179 46.07 28.22 67.53
C LEU D 179 46.48 26.80 67.15
N VAL D 180 47.39 26.21 67.92
CA VAL D 180 47.81 24.82 67.74
C VAL D 180 48.13 24.21 69.10
N SER D 181 47.87 22.91 69.21
CA SER D 181 48.13 22.20 70.45
C SER D 181 49.64 22.08 70.71
N ALA D 182 49.99 21.99 71.98
CA ALA D 182 51.38 21.79 72.38
C ALA D 182 51.81 20.37 72.05
N ALA D 183 53.11 20.21 71.81
CA ALA D 183 53.65 18.90 71.50
C ALA D 183 53.72 18.05 72.77
N PRO D 184 53.44 16.74 72.66
CA PRO D 184 53.64 15.87 73.83
C PRO D 184 55.04 16.01 74.42
N THR D 185 56.05 16.20 73.57
CA THR D 185 57.41 16.37 74.03
C THR D 185 58.18 17.20 73.02
N TYR D 186 59.00 18.12 73.53
CA TYR D 186 59.90 18.93 72.72
C TYR D 186 61.34 18.44 72.84
N ARG D 187 61.58 17.41 73.65
CA ARG D 187 62.94 16.90 73.83
C ARG D 187 63.48 16.30 72.54
N GLU D 188 62.64 15.63 71.78
CA GLU D 188 63.06 14.96 70.56
C GLU D 188 62.08 15.25 69.43
N MET D 189 62.60 15.30 68.21
CA MET D 189 61.76 15.47 67.03
C MET D 189 60.79 14.29 66.91
N ASN D 190 59.62 14.56 66.32
CA ASN D 190 58.63 13.50 66.14
C ASN D 190 57.62 13.97 65.10
N ALA D 191 56.46 13.29 65.06
CA ALA D 191 55.38 13.68 64.16
C ALA D 191 54.80 15.03 64.53
N ALA D 192 54.69 15.31 65.83
CA ALA D 192 54.13 16.58 66.28
C ALA D 192 55.10 17.72 66.02
N VAL D 193 56.30 17.65 66.62
CA VAL D 193 57.29 18.72 66.47
C VAL D 193 57.57 18.98 65.00
N LYS D 194 57.37 17.98 64.14
CA LYS D 194 57.54 18.20 62.70
C LYS D 194 56.49 19.17 62.18
N LYS D 195 55.22 18.95 62.54
CA LYS D 195 54.17 19.88 62.13
C LYS D 195 54.49 21.29 62.61
N LEU D 196 55.14 21.41 63.76
CA LEU D 196 55.48 22.74 64.29
C LEU D 196 56.54 23.42 63.45
N HIS D 197 57.59 22.69 63.04
CA HIS D 197 58.64 23.30 62.23
C HIS D 197 58.07 23.85 60.92
N HIS D 198 57.13 23.13 60.30
CA HIS D 198 56.55 23.61 59.05
C HIS D 198 55.82 24.93 59.26
N ALA D 199 54.97 24.99 60.29
CA ALA D 199 54.24 26.23 60.58
C ALA D 199 55.19 27.35 60.96
N TRP D 200 56.08 27.10 61.92
CA TRP D 200 57.02 28.12 62.36
C TRP D 200 57.81 28.69 61.19
N LYS D 201 58.12 27.86 60.18
CA LYS D 201 58.83 28.35 59.00
C LYS D 201 57.91 29.03 58.00
N LEU D 202 56.64 28.57 57.91
CA LEU D 202 55.70 29.19 56.98
C LEU D 202 55.38 30.63 57.38
N LEU D 203 55.36 30.93 58.68
CA LEU D 203 54.91 32.21 59.17
C LEU D 203 56.06 33.21 59.34
N GLU D 204 57.18 33.00 58.67
CA GLU D 204 58.31 33.93 58.71
C GLU D 204 58.85 34.05 60.13
N HIS D 205 59.02 32.90 60.79
CA HIS D 205 59.69 32.81 62.09
C HIS D 205 59.01 33.65 63.15
N PRO D 206 57.71 33.47 63.40
CA PRO D 206 57.00 34.31 64.35
C PRO D 206 57.49 34.09 65.78
N LEU D 207 56.95 34.90 66.68
CA LEU D 207 57.22 34.73 68.11
C LEU D 207 56.40 33.57 68.66
N ILE D 208 56.96 32.89 69.67
CA ILE D 208 56.29 31.78 70.34
C ILE D 208 55.95 32.19 71.76
N LEU D 209 54.73 31.86 72.19
CA LEU D 209 54.17 32.30 73.46
C LEU D 209 53.71 31.07 74.25
N THR D 210 54.23 30.91 75.47
CA THR D 210 53.96 29.73 76.28
C THR D 210 53.71 30.16 77.72
N ASP D 211 53.42 29.17 78.57
CA ASP D 211 53.34 29.38 80.00
C ASP D 211 54.69 29.04 80.64
N ASP D 212 54.76 29.17 81.96
CA ASP D 212 56.03 28.95 82.65
C ASP D 212 56.49 27.50 82.58
N SER D 213 55.56 26.55 82.48
CA SER D 213 55.94 25.14 82.55
C SER D 213 56.65 24.70 81.27
N LEU D 214 56.16 25.16 80.12
CA LEU D 214 56.66 24.67 78.84
C LEU D 214 57.83 25.48 78.29
N ILE D 215 58.11 26.65 78.87
CA ILE D 215 59.16 27.49 78.33
C ILE D 215 60.51 26.81 78.43
N GLU D 216 60.81 26.20 79.58
CA GLU D 216 62.08 25.51 79.74
C GLU D 216 62.27 24.45 78.66
N GLU D 217 61.20 23.72 78.34
CA GLU D 217 61.28 22.64 77.36
C GLU D 217 61.18 23.16 75.93
N VAL D 218 60.42 24.24 75.70
CA VAL D 218 60.22 24.74 74.34
C VAL D 218 61.47 25.43 73.83
N GLN D 219 62.17 26.18 74.68
CA GLN D 219 63.42 26.79 74.25
C GLN D 219 64.42 25.76 73.75
N GLY D 220 64.22 24.49 74.09
CA GLY D 220 65.06 23.43 73.54
C GLY D 220 64.93 23.28 72.05
N LEU D 221 63.83 23.77 71.45
CA LEU D 221 63.67 23.67 70.01
C LEU D 221 64.78 24.37 69.24
N ALA D 222 65.53 25.26 69.90
CA ALA D 222 66.66 25.91 69.23
C ALA D 222 67.69 24.87 68.79
N PHE D 223 67.96 23.89 69.64
CA PHE D 223 68.89 22.82 69.28
C PHE D 223 68.24 21.80 68.35
N LEU D 224 66.95 21.50 68.56
CA LEU D 224 66.29 20.50 67.73
C LEU D 224 66.10 21.00 66.31
N TRP D 225 65.66 22.24 66.14
CA TRP D 225 65.45 22.81 64.82
C TRP D 225 66.69 23.45 64.22
N HIS D 226 67.77 23.55 65.01
CA HIS D 226 69.07 24.08 64.54
C HIS D 226 68.96 25.50 64.00
N THR D 227 67.91 26.23 64.37
CA THR D 227 67.73 27.62 63.96
C THR D 227 67.88 28.52 65.17
N ASP D 228 68.50 29.69 64.98
CA ASP D 228 68.70 30.65 66.04
C ASP D 228 67.74 31.82 65.99
N GLN D 229 66.94 31.94 64.93
CA GLN D 229 66.00 33.06 64.80
C GLN D 229 64.66 32.76 65.44
N LEU D 230 64.61 31.84 66.40
CA LEU D 230 63.41 31.54 67.16
C LEU D 230 63.59 32.02 68.59
N ARG D 231 62.56 32.66 69.13
CA ARG D 231 62.57 33.03 70.54
C ARG D 231 61.15 32.95 71.08
N VAL D 232 61.08 32.78 72.40
CA VAL D 232 59.84 32.45 73.10
C VAL D 232 59.68 33.37 74.30
N ALA D 233 58.44 33.51 74.74
CA ALA D 233 58.11 34.38 75.86
C ALA D 233 57.09 33.70 76.75
N ALA D 234 57.22 33.90 78.05
CA ALA D 234 56.31 33.35 79.03
C ALA D 234 55.25 34.39 79.38
N VAL D 235 53.98 33.99 79.29
CA VAL D 235 52.89 34.92 79.59
C VAL D 235 52.79 35.17 81.08
N GLU D 236 52.89 34.10 81.89
CA GLU D 236 52.64 34.20 83.33
C GLU D 236 53.28 35.43 83.97
N PRO D 237 54.58 35.71 83.80
CA PRO D 237 55.17 36.88 84.46
C PRO D 237 54.76 38.21 83.85
N MET D 238 53.98 38.20 82.77
CA MET D 238 53.49 39.44 82.18
C MET D 238 52.27 39.99 82.89
N LEU D 239 51.64 39.21 83.74
CA LEU D 239 50.49 39.67 84.52
C LEU D 239 50.90 40.54 85.70
N THR D 240 52.20 40.73 85.92
CA THR D 240 52.70 41.58 87.00
C THR D 240 53.11 42.96 86.48
N LEU D 241 52.57 43.36 85.34
CA LEU D 241 52.93 44.61 84.69
C LEU D 241 51.74 45.57 84.77
N GLU D 242 51.86 46.71 84.11
CA GLU D 242 50.80 47.69 84.04
C GLU D 242 49.83 47.36 82.92
N ARG D 243 48.68 48.04 82.95
CA ARG D 243 47.66 47.89 81.91
C ARG D 243 48.09 48.68 80.69
N ASP D 244 47.22 48.76 79.69
CA ASP D 244 47.53 49.50 78.47
C ASP D 244 46.20 49.80 77.77
N THR D 245 45.70 51.03 77.94
CA THR D 245 44.46 51.43 77.31
C THR D 245 44.59 51.58 75.80
N ALA D 246 45.81 51.77 75.29
CA ALA D 246 46.03 52.02 73.87
C ALA D 246 45.73 50.76 73.07
N ALA D 247 44.44 50.56 72.78
CA ALA D 247 43.98 49.43 71.99
C ALA D 247 44.03 49.78 70.51
N HIS D 248 44.61 48.89 69.72
CA HIS D 248 44.71 49.14 68.29
C HIS D 248 43.30 49.05 67.67
N PRO D 249 42.99 49.91 66.69
CA PRO D 249 41.66 49.84 66.07
C PRO D 249 41.48 48.54 65.29
N ALA D 250 40.33 47.91 65.49
CA ALA D 250 39.99 46.69 64.78
C ALA D 250 39.21 47.02 63.52
N ALA D 251 39.16 46.05 62.61
CA ALA D 251 38.32 46.09 61.43
C ALA D 251 37.40 44.87 61.45
N PRO D 252 36.31 44.90 60.67
CA PRO D 252 35.45 43.72 60.61
C PRO D 252 36.01 42.60 59.76
N ASP D 253 36.93 42.90 58.83
CA ASP D 253 37.51 41.90 57.95
C ASP D 253 39.00 41.72 58.17
N ASP D 254 39.59 42.35 59.19
CA ASP D 254 40.97 42.06 59.53
C ASP D 254 41.09 40.64 60.05
N SER D 255 42.22 40.01 59.73
CA SER D 255 42.47 38.65 60.21
C SER D 255 42.59 38.67 61.73
N VAL D 256 41.86 37.78 62.39
CA VAL D 256 41.78 37.77 63.84
C VAL D 256 42.66 36.67 64.46
N PHE D 257 42.64 35.46 63.90
CA PHE D 257 43.49 34.39 64.40
C PHE D 257 43.70 33.35 63.30
N PHE D 258 44.74 32.54 63.49
CA PHE D 258 45.05 31.41 62.62
C PHE D 258 44.66 30.11 63.32
N ILE D 259 44.05 29.20 62.58
CA ILE D 259 43.68 27.88 63.10
C ILE D 259 44.09 26.84 62.07
N LEU D 260 44.80 25.80 62.53
CA LEU D 260 45.43 24.81 61.68
C LEU D 260 44.63 23.51 61.64
N THR D 261 44.97 22.67 60.67
CA THR D 261 44.43 21.32 60.54
C THR D 261 45.32 20.35 61.31
N SER D 262 45.20 20.39 62.64
CA SER D 262 45.98 19.47 63.47
C SER D 262 45.79 18.03 63.03
N GLY D 263 44.55 17.66 62.69
CA GLY D 263 44.26 16.36 62.14
C GLY D 263 44.49 16.28 60.65
N SER D 264 45.74 16.44 60.21
CA SER D 264 46.09 16.38 58.80
C SER D 264 47.19 15.36 58.58
N THR D 265 46.92 14.36 57.74
CA THR D 265 47.94 13.37 57.43
C THR D 265 49.18 14.01 56.84
N GLY D 266 48.99 14.97 55.93
CA GLY D 266 50.10 15.66 55.29
C GLY D 266 50.55 16.86 56.09
N MET D 267 51.45 17.63 55.49
CA MET D 267 51.91 18.85 56.12
C MET D 267 50.72 19.74 56.44
N PRO D 268 50.75 20.47 57.56
CA PRO D 268 49.57 21.20 58.01
C PRO D 268 49.21 22.35 57.08
N LYS D 269 47.93 22.68 57.09
CA LYS D 269 47.39 23.80 56.31
C LYS D 269 46.88 24.87 57.27
N CYS D 270 47.03 26.13 56.87
CA CYS D 270 46.73 27.26 57.73
C CYS D 270 45.50 28.01 57.24
N VAL D 271 44.69 28.50 58.18
CA VAL D 271 43.40 29.11 57.87
C VAL D 271 43.33 30.50 58.50
N GLU D 272 42.95 31.48 57.69
CA GLU D 272 42.68 32.84 58.18
C GLU D 272 41.21 32.98 58.54
N HIS D 273 40.95 33.67 59.66
CA HIS D 273 39.61 34.02 60.06
C HIS D 273 39.53 35.53 60.29
N SER D 274 38.41 36.11 59.90
CA SER D 274 38.18 37.54 60.04
C SER D 274 37.19 37.78 61.19
N HIS D 275 37.27 38.98 61.77
CA HIS D 275 36.39 39.33 62.87
C HIS D 275 34.93 39.03 62.54
N ARG D 276 34.53 39.28 61.29
CA ARG D 276 33.15 39.06 60.90
C ARG D 276 32.89 37.60 60.54
N SER D 277 33.85 36.96 59.85
CA SER D 277 33.67 35.54 59.52
C SER D 277 33.53 34.71 60.80
N VAL D 278 34.18 35.13 61.87
CA VAL D 278 34.02 34.47 63.16
C VAL D 278 32.68 34.84 63.78
N LEU D 279 32.47 36.14 64.01
CA LEU D 279 31.20 36.61 64.55
C LEU D 279 30.01 36.17 63.71
N ALA D 280 30.22 35.91 62.41
CA ALA D 280 29.13 35.45 61.56
C ALA D 280 28.51 34.16 62.10
N ASN D 281 29.30 33.33 62.77
CA ASN D 281 28.83 32.05 63.28
C ASN D 281 28.29 32.17 64.70
N VAL D 282 28.96 32.95 65.56
CA VAL D 282 28.52 33.05 66.94
C VAL D 282 27.12 33.64 67.02
N LYS D 283 26.77 34.51 66.06
CA LYS D 283 25.41 35.06 66.04
C LYS D 283 24.42 34.03 65.50
N GLY D 284 24.77 33.37 64.40
CA GLY D 284 23.92 32.30 63.89
C GLY D 284 23.83 31.13 64.84
N THR D 285 24.92 30.85 65.57
CA THR D 285 24.91 29.75 66.54
C THR D 285 23.99 30.06 67.72
N VAL D 286 24.18 31.22 68.35
CA VAL D 286 23.33 31.58 69.48
C VAL D 286 21.85 31.60 69.06
N ALA D 287 21.58 31.86 67.79
CA ALA D 287 20.20 31.91 67.32
C ALA D 287 19.56 30.53 67.35
N ALA D 288 20.16 29.56 66.65
CA ALA D 288 19.55 28.24 66.53
C ALA D 288 19.38 27.57 67.89
N ASN D 289 20.23 27.90 68.87
CA ASN D 289 20.23 27.20 70.15
C ASN D 289 19.62 28.00 71.29
N GLN D 290 19.44 29.32 71.15
CA GLN D 290 18.87 30.18 72.19
C GLN D 290 19.73 30.13 73.46
N PHE D 291 20.88 30.79 73.36
CA PHE D 291 21.81 30.93 74.47
C PHE D 291 21.69 32.33 75.08
N THR D 292 22.12 32.44 76.34
CA THR D 292 21.86 33.62 77.14
C THR D 292 22.90 33.74 78.24
N GLN D 293 22.90 34.89 78.91
CA GLN D 293 23.77 35.10 80.06
C GLN D 293 23.58 34.01 81.13
N GLU D 294 22.44 33.31 81.10
CA GLU D 294 22.14 32.35 82.15
C GLU D 294 23.00 31.09 82.04
N ASP D 295 23.22 30.60 80.83
CA ASP D 295 23.85 29.29 80.64
C ASP D 295 25.18 29.21 81.38
N VAL D 296 25.51 28.00 81.83
CA VAL D 296 26.82 27.67 82.39
C VAL D 296 27.51 26.71 81.44
N SER D 297 28.74 27.04 81.04
CA SER D 297 29.46 26.34 79.98
C SER D 297 30.65 25.58 80.54
N LEU D 298 30.57 24.25 80.51
CA LEU D 298 31.67 23.37 80.89
C LEU D 298 32.36 22.87 79.62
N ASP D 299 33.68 23.09 79.54
CA ASP D 299 34.44 22.73 78.36
C ASP D 299 35.84 22.28 78.75
N TRP D 300 36.26 21.12 78.23
CA TRP D 300 37.62 20.62 78.43
C TRP D 300 38.37 20.34 77.14
N MET D 301 37.70 20.32 75.99
CA MET D 301 38.41 20.18 74.72
C MET D 301 39.41 21.33 74.57
N PRO D 302 40.57 21.08 73.97
CA PRO D 302 41.57 22.14 73.87
C PRO D 302 41.10 23.26 72.96
N LEU D 303 41.69 24.44 73.17
CA LEU D 303 41.29 25.64 72.44
C LEU D 303 41.76 25.62 70.98
N ASP D 304 42.79 24.83 70.67
CA ASP D 304 43.29 24.78 69.29
C ASP D 304 42.30 24.17 68.31
N HIS D 305 41.18 23.63 68.78
CA HIS D 305 40.13 23.10 67.91
C HIS D 305 39.05 24.16 67.71
N ILE D 306 38.38 24.08 66.56
CA ILE D 306 37.40 25.12 66.21
C ILE D 306 36.36 25.25 67.32
N GLY D 307 35.92 24.12 67.88
CA GLY D 307 34.97 24.18 68.97
C GLY D 307 35.53 24.80 70.22
N GLY D 308 36.85 24.82 70.37
CA GLY D 308 37.44 25.39 71.57
C GLY D 308 37.25 26.89 71.66
N ILE D 309 37.33 27.59 70.51
CA ILE D 309 37.23 29.04 70.49
C ILE D 309 35.89 29.46 69.90
N VAL D 310 35.69 29.17 68.62
CA VAL D 310 34.53 29.71 67.91
C VAL D 310 33.24 29.21 68.55
N MET D 311 33.05 27.89 68.57
CA MET D 311 31.75 27.34 68.94
C MET D 311 31.44 27.53 70.43
N PHE D 312 32.46 27.65 71.29
CA PHE D 312 32.23 27.65 72.73
C PHE D 312 32.75 28.92 73.39
N HIS D 313 34.06 29.10 73.55
CA HIS D 313 34.58 30.20 74.35
C HIS D 313 34.04 31.54 73.87
N LEU D 314 34.22 31.84 72.58
CA LEU D 314 33.79 33.12 72.05
C LEU D 314 32.28 33.30 72.17
N VAL D 315 31.52 32.21 72.04
CA VAL D 315 30.07 32.31 72.19
C VAL D 315 29.68 32.55 73.65
N ASN D 316 30.55 32.23 74.60
CA ASN D 316 30.26 32.49 76.00
C ASN D 316 30.51 33.93 76.38
N VAL D 317 31.52 34.57 75.77
CA VAL D 317 31.80 35.97 76.05
C VAL D 317 30.86 36.90 75.28
N TYR D 318 30.32 36.43 74.15
CA TYR D 318 29.35 37.24 73.40
C TYR D 318 28.05 37.39 74.16
N THR D 319 27.66 36.36 74.93
CA THR D 319 26.42 36.39 75.70
C THR D 319 26.67 36.53 77.19
N GLY D 320 27.92 36.61 77.63
CA GLY D 320 28.23 36.87 79.02
C GLY D 320 27.96 35.71 79.97
N CYS D 321 28.12 34.48 79.50
CA CYS D 321 27.92 33.32 80.35
C CYS D 321 29.03 33.21 81.40
N GLU D 322 28.74 32.43 82.44
CA GLU D 322 29.79 31.93 83.32
C GLU D 322 30.50 30.78 82.63
N GLN D 323 31.84 30.80 82.63
CA GLN D 323 32.63 29.81 81.93
C GLN D 323 33.41 28.93 82.92
N ILE D 324 33.51 27.64 82.59
CA ILE D 324 34.33 26.69 83.34
C ILE D 324 35.25 25.98 82.36
N ARG D 325 36.55 26.05 82.60
CA ARG D 325 37.55 25.41 81.76
C ARG D 325 38.33 24.39 82.59
N ALA D 326 38.49 23.19 82.02
CA ALA D 326 39.26 22.14 82.65
C ALA D 326 40.32 21.64 81.66
N ARG D 327 41.39 21.08 82.21
CA ARG D 327 42.46 20.55 81.38
C ARG D 327 41.98 19.31 80.65
N THR D 328 42.31 19.21 79.36
CA THR D 328 41.95 18.01 78.61
C THR D 328 42.64 16.77 79.19
N ASP D 329 43.87 16.94 79.70
CA ASP D 329 44.58 15.82 80.32
C ASP D 329 43.79 15.25 81.49
N ASP D 330 43.34 16.13 82.39
CA ASP D 330 42.63 15.68 83.59
C ASP D 330 41.41 14.85 83.25
N PHE D 331 40.75 15.12 82.11
CA PHE D 331 39.55 14.38 81.74
C PHE D 331 39.89 12.96 81.25
N ILE D 332 40.73 12.87 80.22
CA ILE D 332 41.03 11.56 79.63
C ILE D 332 41.60 10.61 80.68
N ALA D 333 42.24 11.15 81.72
CA ALA D 333 42.78 10.31 82.78
C ALA D 333 41.69 9.68 83.64
N GLN D 334 40.46 10.20 83.58
CA GLN D 334 39.35 9.65 84.35
C GLN D 334 38.02 10.26 83.89
N PRO D 335 37.34 9.65 82.91
CA PRO D 335 36.16 10.32 82.32
C PRO D 335 35.05 10.62 83.31
N LEU D 336 35.06 10.04 84.51
CA LEU D 336 34.05 10.33 85.51
C LEU D 336 34.24 11.69 86.16
N ARG D 337 35.25 12.45 85.75
CA ARG D 337 35.34 13.85 86.13
C ARG D 337 34.40 14.73 85.30
N TRP D 338 33.91 14.22 84.17
CA TRP D 338 32.89 14.94 83.41
C TRP D 338 31.60 15.05 84.22
N LEU D 339 31.27 14.01 84.99
CA LEU D 339 30.09 14.06 85.85
C LEU D 339 30.36 14.89 87.10
N ASP D 340 31.54 14.74 87.71
CA ASP D 340 31.85 15.52 88.90
C ASP D 340 31.71 17.01 88.65
N TRP D 341 31.99 17.47 87.43
CA TRP D 341 31.92 18.89 87.11
C TRP D 341 30.50 19.32 86.81
N MET D 342 29.77 18.55 86.00
CA MET D 342 28.38 18.90 85.72
C MET D 342 27.53 18.94 86.98
N ASP D 343 27.99 18.35 88.08
CA ASP D 343 27.28 18.39 89.36
C ASP D 343 27.85 19.44 90.31
N ARG D 344 29.18 19.59 90.38
CA ARG D 344 29.76 20.59 91.25
C ARG D 344 29.55 22.00 90.71
N TYR D 345 29.24 22.13 89.42
CA TYR D 345 29.04 23.42 88.79
C TYR D 345 27.66 23.55 88.15
N ARG D 346 26.80 22.55 88.29
CA ARG D 346 25.45 22.55 87.75
C ARG D 346 25.42 23.14 86.33
N ALA D 347 26.11 22.46 85.42
CA ALA D 347 26.28 22.98 84.07
C ALA D 347 25.05 22.70 83.22
N THR D 348 24.76 23.62 82.29
CA THR D 348 23.64 23.47 81.37
C THR D 348 24.08 23.25 79.93
N LYS D 349 25.37 23.38 79.62
CA LYS D 349 25.84 23.35 78.24
C LYS D 349 27.25 22.78 78.21
N THR D 350 27.43 21.71 77.45
CA THR D 350 28.75 21.10 77.28
C THR D 350 28.79 20.39 75.93
N TRP D 351 29.99 20.01 75.50
CA TRP D 351 30.16 19.33 74.23
C TRP D 351 31.38 18.43 74.29
N ALA D 352 31.36 17.38 73.47
CA ALA D 352 32.45 16.40 73.41
C ALA D 352 32.22 15.47 72.24
N PRO D 353 33.22 15.25 71.38
CA PRO D 353 33.03 14.32 70.26
C PRO D 353 32.60 12.94 70.74
N ASN D 354 32.16 12.12 69.78
CA ASN D 354 31.56 10.84 70.12
C ASN D 354 32.50 9.98 70.94
N PHE D 355 33.82 10.15 70.77
CA PHE D 355 34.76 9.29 71.48
C PHE D 355 34.62 9.42 72.98
N ALA D 356 34.10 10.55 73.48
CA ALA D 356 33.95 10.73 74.91
C ALA D 356 32.76 9.93 75.45
N PHE D 357 31.68 9.83 74.68
CA PHE D 357 30.51 9.09 75.13
C PHE D 357 30.84 7.62 75.36
N ALA D 358 31.45 6.97 74.38
CA ALA D 358 31.85 5.57 74.56
C ALA D 358 32.74 5.40 75.78
N MET D 359 33.65 6.35 76.02
CA MET D 359 34.55 6.25 77.16
C MET D 359 33.79 6.22 78.48
N ILE D 360 32.64 6.90 78.55
CA ILE D 360 31.90 6.97 79.81
C ILE D 360 31.22 5.64 80.12
N ASN D 361 30.61 5.01 79.11
CA ASN D 361 29.85 3.80 79.36
C ASN D 361 30.69 2.72 80.01
N ASP D 362 32.00 2.72 79.74
CA ASP D 362 32.86 1.68 80.28
C ASP D 362 32.94 1.71 81.80
N TYR D 363 32.60 2.84 82.41
CA TYR D 363 32.57 2.98 83.87
C TYR D 363 31.20 2.66 84.46
N GLU D 364 30.50 1.67 83.90
CA GLU D 364 29.16 1.37 84.35
C GLU D 364 29.11 1.04 85.85
N LYS D 365 30.21 0.55 86.42
CA LYS D 365 30.20 0.24 87.85
C LYS D 365 30.07 1.51 88.69
N GLU D 366 30.80 2.57 88.34
CA GLU D 366 30.76 3.77 89.14
C GLU D 366 29.43 4.49 88.98
N ILE D 367 28.90 4.52 87.77
CA ILE D 367 27.62 5.18 87.52
C ILE D 367 26.54 4.56 88.39
N SER D 368 26.51 3.23 88.46
CA SER D 368 25.54 2.50 89.25
C SER D 368 25.95 2.39 90.72
N SER D 369 26.78 3.30 91.22
CA SER D 369 27.14 3.31 92.63
C SER D 369 27.68 4.67 93.03
N GLY D 370 26.79 5.61 93.32
CA GLY D 370 27.17 6.98 93.61
C GLY D 370 26.62 7.94 92.59
N SER D 371 25.55 8.65 92.94
CA SER D 371 24.81 9.46 91.98
C SER D 371 25.22 10.92 92.08
N TRP D 372 24.94 11.66 91.02
CA TRP D 372 25.13 13.10 90.96
C TRP D 372 23.81 13.76 90.59
N ASP D 373 23.85 15.07 90.41
CA ASP D 373 22.69 15.86 89.98
C ASP D 373 22.99 16.46 88.62
N LEU D 374 22.22 16.07 87.61
CA LEU D 374 22.47 16.46 86.23
C LEU D 374 21.24 17.07 85.56
N SER D 375 20.18 17.36 86.32
CA SER D 375 19.04 18.09 85.76
C SER D 375 19.48 19.41 85.16
N ALA D 376 20.62 19.95 85.61
CA ALA D 376 21.17 21.16 85.05
C ALA D 376 21.26 21.10 83.53
N MET D 377 21.57 19.94 82.98
CA MET D 377 21.94 19.84 81.58
C MET D 377 20.74 19.98 80.66
N THR D 378 20.92 20.76 79.60
CA THR D 378 19.92 20.92 78.55
C THR D 378 20.48 20.83 77.13
N CYS D 379 21.78 21.06 76.93
CA CYS D 379 22.38 21.08 75.60
C CYS D 379 23.71 20.34 75.63
N MET D 380 23.73 19.13 75.07
CA MET D 380 24.93 18.31 74.98
C MET D 380 25.22 18.04 73.50
N ILE D 381 26.32 18.61 73.00
CA ILE D 381 26.64 18.58 71.58
C ILE D 381 27.81 17.62 71.35
N ASN D 382 27.85 17.02 70.16
CA ASN D 382 28.91 16.10 69.79
C ASN D 382 29.18 16.19 68.30
N GLY D 383 30.41 15.86 67.91
CA GLY D 383 30.82 15.86 66.52
C GLY D 383 30.04 14.90 65.64
N ALA D 384 29.49 15.42 64.54
CA ALA D 384 28.70 14.62 63.62
C ALA D 384 29.53 13.68 62.75
N GLU D 385 30.83 13.96 62.61
CA GLU D 385 31.67 13.13 61.74
C GLU D 385 31.60 11.65 62.10
N ALA D 386 31.15 11.31 63.32
CA ALA D 386 31.12 9.94 63.81
C ALA D 386 29.86 9.76 64.65
N VAL D 387 28.71 9.69 63.99
CA VAL D 387 27.44 9.51 64.69
C VAL D 387 27.19 8.01 64.84
N VAL D 388 27.07 7.57 66.09
CA VAL D 388 26.80 6.16 66.38
C VAL D 388 25.72 6.09 67.46
N PRO D 389 24.45 5.93 67.10
CA PRO D 389 23.42 5.75 68.14
C PRO D 389 23.68 4.58 69.05
N LYS D 390 24.56 3.65 68.65
CA LYS D 390 24.84 2.45 69.44
C LYS D 390 25.21 2.79 70.88
N THR D 391 26.27 3.58 71.05
CA THR D 391 26.75 3.92 72.40
C THR D 391 25.99 5.10 72.98
N ILE D 392 25.27 5.87 72.16
CA ILE D 392 24.57 7.04 72.64
C ILE D 392 23.38 6.63 73.50
N HIS D 393 22.47 5.81 72.95
CA HIS D 393 21.32 5.37 73.71
C HIS D 393 21.70 4.61 74.98
N ARG D 394 22.91 4.03 75.03
CA ARG D 394 23.40 3.50 76.29
C ARG D 394 23.80 4.62 77.24
N PHE D 395 24.37 5.70 76.68
CA PHE D 395 24.71 6.86 77.50
C PHE D 395 23.47 7.40 78.22
N LEU D 396 22.40 7.65 77.46
CA LEU D 396 21.18 8.17 78.08
C LEU D 396 20.58 7.16 79.04
N HIS D 397 20.58 5.88 78.65
CA HIS D 397 20.01 4.85 79.53
C HIS D 397 20.85 4.66 80.78
N LEU D 398 22.16 4.84 80.68
CA LEU D 398 23.04 4.60 81.82
C LEU D 398 23.10 5.80 82.76
N LEU D 399 22.85 7.01 82.25
CA LEU D 399 22.91 8.22 83.05
C LEU D 399 21.55 8.82 83.39
N ALA D 400 20.46 8.31 82.82
CA ALA D 400 19.14 8.86 83.14
C ALA D 400 18.87 8.95 84.64
N PRO D 401 19.22 7.95 85.47
CA PRO D 401 18.89 8.05 86.91
C PRO D 401 19.57 9.18 87.64
N HIS D 402 20.50 9.89 87.02
CA HIS D 402 21.21 11.01 87.66
C HIS D 402 20.61 12.35 87.29
N GLY D 403 19.46 12.37 86.61
CA GLY D 403 18.77 13.60 86.29
C GLY D 403 18.97 14.09 84.88
N LEU D 404 19.57 13.28 84.01
CA LEU D 404 19.81 13.67 82.64
C LEU D 404 18.55 13.48 81.81
N LYS D 405 18.13 14.53 81.13
CA LYS D 405 16.95 14.49 80.27
C LYS D 405 17.25 13.82 78.94
N GLY D 406 16.20 13.30 78.31
CA GLY D 406 16.34 12.46 77.14
C GLY D 406 16.76 13.20 75.88
N ASP D 407 16.50 14.51 75.80
CA ASP D 407 16.77 15.30 74.62
C ASP D 407 18.06 16.10 74.74
N VAL D 408 18.95 15.70 75.64
CA VAL D 408 20.19 16.45 75.84
C VAL D 408 21.07 16.38 74.60
N ILE D 409 21.09 15.22 73.93
CA ILE D 409 22.01 15.04 72.82
C ILE D 409 21.71 16.05 71.72
N ARG D 410 22.76 16.48 71.02
CA ARG D 410 22.65 17.53 70.01
C ARG D 410 23.69 17.29 68.94
N PRO D 411 23.38 16.48 67.93
CA PRO D 411 24.30 16.33 66.80
C PRO D 411 24.59 17.69 66.16
N ALA D 412 25.79 17.80 65.58
CA ALA D 412 26.19 19.03 64.93
C ALA D 412 27.30 18.70 63.94
N PHE D 413 27.19 19.25 62.73
CA PHE D 413 28.14 19.00 61.65
C PHE D 413 28.81 20.32 61.28
N GLY D 414 30.09 20.44 61.58
CA GLY D 414 30.86 21.61 61.23
C GLY D 414 32.28 21.22 60.91
N MET D 415 32.93 22.02 60.07
CA MET D 415 34.32 21.74 59.76
C MET D 415 35.20 22.28 60.89
N SER D 416 36.46 21.87 60.89
CA SER D 416 37.37 22.37 61.92
C SER D 416 38.13 23.62 61.50
N GLU D 417 38.70 23.61 60.29
CA GLU D 417 39.65 24.66 59.94
C GLU D 417 38.98 25.95 59.45
N ILE D 418 37.81 25.88 58.82
CA ILE D 418 37.22 27.05 58.15
C ILE D 418 36.04 27.61 58.94
N SER D 419 35.05 26.79 59.25
CA SER D 419 33.86 27.23 59.97
C SER D 419 33.71 26.40 61.23
N SER D 420 32.79 26.81 62.08
CA SER D 420 32.37 26.01 63.21
C SER D 420 31.05 25.33 62.84
N ALA D 421 30.33 24.82 63.84
CA ALA D 421 29.09 24.09 63.55
C ALA D 421 28.20 24.95 62.65
N VAL D 422 27.44 24.28 61.79
CA VAL D 422 26.51 24.97 60.89
C VAL D 422 25.15 24.29 60.82
N VAL D 423 24.94 23.18 61.54
CA VAL D 423 23.64 22.55 61.64
C VAL D 423 23.55 21.90 63.02
N PHE D 424 22.32 21.70 63.48
CA PHE D 424 22.09 21.12 64.80
C PHE D 424 20.84 20.27 64.77
N SER D 425 20.93 19.06 65.32
CA SER D 425 19.80 18.14 65.39
C SER D 425 19.24 18.15 66.80
N PHE D 426 17.92 18.37 66.91
CA PHE D 426 17.25 18.45 68.20
C PHE D 426 16.32 17.28 68.50
N ALA D 427 15.96 16.49 67.49
CA ALA D 427 15.05 15.37 67.67
C ALA D 427 15.86 14.09 67.93
N ILE D 428 16.40 14.02 69.15
CA ILE D 428 17.13 12.84 69.62
C ILE D 428 16.55 12.50 71.00
N GLU D 429 15.54 11.63 71.01
CA GLU D 429 14.89 11.18 72.23
C GLU D 429 15.30 9.73 72.51
N ARG D 430 15.31 9.38 73.80
CA ARG D 430 15.73 8.03 74.18
C ARG D 430 14.67 6.99 73.81
N GLY D 431 13.41 7.27 74.14
CA GLY D 431 12.37 6.29 73.91
C GLY D 431 12.18 5.93 72.46
N ASP D 432 12.38 6.88 71.55
CA ASP D 432 12.16 6.67 70.12
C ASP D 432 13.53 6.60 69.46
N GLU D 433 13.95 5.37 69.13
CA GLU D 433 15.24 5.17 68.50
C GLU D 433 15.21 5.46 67.00
N ASN D 434 14.02 5.53 66.40
CA ASN D 434 13.89 5.90 65.00
C ASN D 434 13.67 7.39 64.80
N SER D 435 13.29 8.11 65.85
CA SER D 435 13.11 9.55 65.75
C SER D 435 14.43 10.21 65.38
N GLY D 436 14.42 10.98 64.30
CA GLY D 436 15.63 11.57 63.78
C GLY D 436 16.55 10.60 63.07
N VAL D 437 16.10 9.38 62.80
CA VAL D 437 16.88 8.37 62.11
C VAL D 437 16.06 7.86 60.94
N LEU D 438 16.61 7.97 59.73
CA LEU D 438 15.93 7.52 58.52
C LEU D 438 16.60 6.25 58.03
N THR D 439 15.82 5.19 57.86
CA THR D 439 16.30 3.92 57.36
C THR D 439 15.76 3.72 55.95
N PHE D 440 16.63 3.29 55.04
CA PHE D 440 16.27 3.10 53.64
C PHE D 440 16.80 1.76 53.15
N GLU D 441 16.22 1.31 52.03
CA GLU D 441 16.69 0.09 51.40
C GLU D 441 18.00 0.34 50.69
N GLU D 442 18.93 -0.61 50.80
CA GLU D 442 20.22 -0.45 50.15
C GLU D 442 20.10 -0.38 48.63
N THR D 443 19.05 -0.97 48.07
CA THR D 443 18.93 -1.00 46.61
C THR D 443 18.73 0.39 46.03
N SER D 444 18.07 1.28 46.76
CA SER D 444 17.68 2.59 46.25
C SER D 444 18.67 3.69 46.60
N LEU D 445 19.87 3.32 47.07
CA LEU D 445 20.86 4.33 47.44
C LEU D 445 21.31 5.16 46.24
N THR D 446 21.33 4.57 45.05
CA THR D 446 21.71 5.30 43.85
C THR D 446 20.54 6.08 43.25
N GLU D 447 19.31 5.62 43.49
CA GLU D 447 18.11 6.24 42.99
C GLU D 447 17.34 6.88 44.15
N GLN D 448 16.04 7.11 43.94
CA GLN D 448 15.18 7.64 44.98
C GLN D 448 15.08 6.63 46.12
N LEU D 449 15.53 7.03 47.31
CA LEU D 449 15.59 6.12 48.44
C LEU D 449 14.22 5.55 48.77
N ARG D 450 14.18 4.25 49.06
CA ARG D 450 12.96 3.58 49.47
C ARG D 450 13.05 3.28 50.96
N PRO D 451 12.24 3.93 51.82
CA PRO D 451 12.30 3.63 53.25
C PRO D 451 12.10 2.15 53.53
N ALA D 452 12.62 1.70 54.67
CA ALA D 452 12.56 0.30 55.07
C ALA D 452 12.59 0.21 56.59
N GLU D 453 12.50 -1.01 57.09
CA GLU D 453 12.49 -1.27 58.53
C GLU D 453 13.87 -1.69 59.01
N ALA D 454 14.03 -1.71 60.33
CA ALA D 454 15.30 -2.13 60.93
C ALA D 454 15.58 -3.58 60.54
N ARG D 455 16.58 -3.79 59.70
CA ARG D 455 16.95 -5.10 59.20
C ARG D 455 18.45 -5.32 59.45
N GLU D 456 18.83 -6.59 59.54
CA GLU D 456 20.23 -6.92 59.81
C GLU D 456 21.07 -6.96 58.53
N THR D 457 20.46 -7.27 57.39
CA THR D 457 21.16 -7.25 56.10
C THR D 457 20.18 -6.78 55.04
N GLY D 458 20.32 -5.53 54.60
CA GLY D 458 19.51 -5.02 53.51
C GLY D 458 19.11 -3.55 53.59
N THR D 459 19.35 -2.92 54.73
CA THR D 459 18.93 -1.53 54.95
C THR D 459 20.08 -0.75 55.58
N VAL D 460 19.93 0.58 55.57
CA VAL D 460 20.92 1.48 56.14
C VAL D 460 20.20 2.56 56.94
N SER D 461 20.77 2.94 58.08
CA SER D 461 20.22 3.96 58.96
C SER D 461 21.10 5.20 58.95
N PHE D 462 20.49 6.37 58.74
CA PHE D 462 21.18 7.65 58.74
C PHE D 462 20.58 8.56 59.80
N THR D 463 21.44 9.13 60.64
CA THR D 463 20.99 10.11 61.62
C THR D 463 20.76 11.45 60.93
N GLU D 464 19.62 12.07 61.21
CA GLU D 464 19.25 13.32 60.56
C GLU D 464 19.94 14.48 61.25
N LEU D 465 20.62 15.32 60.45
CA LEU D 465 21.34 16.45 61.02
C LEU D 465 20.45 17.68 61.24
N GLY D 466 19.56 17.97 60.30
CA GLY D 466 18.63 19.08 60.48
C GLY D 466 18.75 20.13 59.40
N LYS D 467 18.21 21.34 59.67
CA LYS D 467 18.17 22.43 58.71
C LYS D 467 19.38 23.34 58.86
N PRO D 468 19.76 24.05 57.80
CA PRO D 468 20.89 25.00 57.90
C PRO D 468 20.71 26.01 59.02
N ILE D 469 21.83 26.56 59.48
CA ILE D 469 21.83 27.50 60.60
C ILE D 469 21.35 28.87 60.12
N PRO D 470 20.70 29.67 60.97
CA PRO D 470 20.40 31.05 60.59
C PRO D 470 21.64 31.81 60.11
N GLY D 471 21.71 32.10 58.82
CA GLY D 471 22.77 32.94 58.30
C GLY D 471 23.55 32.33 57.16
N ILE D 472 23.25 31.08 56.80
CA ILE D 472 23.98 30.37 55.76
C ILE D 472 22.97 29.66 54.86
N THR D 473 23.50 29.06 53.79
CA THR D 473 22.71 28.26 52.88
C THR D 473 23.53 27.02 52.51
N ILE D 474 22.86 25.88 52.40
CA ILE D 474 23.52 24.61 52.10
C ILE D 474 22.82 23.93 50.94
N ARG D 475 23.60 23.21 50.14
CA ARG D 475 23.11 22.38 49.05
C ARG D 475 23.90 21.09 49.02
N ILE D 476 23.61 20.26 48.01
CA ILE D 476 24.35 19.04 47.75
C ILE D 476 24.74 19.06 46.28
N VAL D 477 25.87 18.42 45.96
CA VAL D 477 26.53 18.60 44.68
C VAL D 477 26.76 17.25 44.01
N ASN D 478 26.73 17.26 42.67
CA ASN D 478 27.01 16.07 41.89
C ASN D 478 28.50 15.99 41.57
N HIS D 479 28.90 14.91 40.90
CA HIS D 479 30.30 14.77 40.51
C HIS D 479 30.71 15.82 39.49
N GLN D 480 29.73 16.32 38.72
CA GLN D 480 29.94 17.35 37.71
C GLN D 480 29.69 18.74 38.25
N HIS D 481 29.54 18.88 39.57
CA HIS D 481 29.26 20.16 40.23
C HIS D 481 27.86 20.67 39.92
N GLU D 482 26.91 19.75 39.73
CA GLU D 482 25.51 20.07 39.48
C GLU D 482 24.66 19.71 40.68
N LEU D 483 23.56 20.44 40.85
CA LEU D 483 22.61 20.17 41.92
C LEU D 483 21.87 18.85 41.69
N LEU D 484 21.49 18.21 42.78
CA LEU D 484 20.83 16.91 42.79
C LEU D 484 19.37 17.00 43.22
N PRO D 485 18.59 15.94 43.00
CA PRO D 485 17.21 15.91 43.48
C PRO D 485 17.13 15.67 44.99
N GLU D 486 15.91 15.79 45.51
CA GLU D 486 15.68 15.74 46.95
C GLU D 486 16.43 14.61 47.65
N ASP D 487 16.26 13.38 47.16
CA ASP D 487 16.67 12.20 47.93
C ASP D 487 18.02 11.64 47.49
N HIS D 488 18.60 12.15 46.41
CA HIS D 488 19.87 11.63 45.92
C HIS D 488 21.02 12.13 46.79
N ILE D 489 22.01 11.25 47.00
CA ILE D 489 23.18 11.58 47.82
C ILE D 489 24.14 12.44 47.01
N GLY D 490 24.78 13.39 47.70
CA GLY D 490 25.74 14.25 47.01
C GLY D 490 26.76 14.84 47.96
N ARG D 491 27.71 15.56 47.36
CA ARG D 491 28.74 16.25 48.12
C ARG D 491 28.16 17.48 48.82
N VAL D 492 28.39 17.58 50.12
CA VAL D 492 27.89 18.72 50.88
C VAL D 492 28.74 19.95 50.56
N GLN D 493 28.07 21.05 50.20
CA GLN D 493 28.72 22.31 49.88
C GLN D 493 28.02 23.43 50.64
N ILE D 494 28.81 24.35 51.20
CA ILE D 494 28.33 25.33 52.16
C ILE D 494 28.66 26.74 51.66
N LYS D 495 27.76 27.68 51.94
CA LYS D 495 27.94 29.08 51.57
C LYS D 495 27.37 29.95 52.68
N GLY D 496 28.08 31.02 53.02
CA GLY D 496 27.62 31.95 54.01
C GLY D 496 28.66 33.00 54.34
N PRO D 497 28.38 33.83 55.35
CA PRO D 497 29.38 34.79 55.83
C PRO D 497 30.42 34.21 56.76
N THR D 498 30.29 32.93 57.16
CA THR D 498 31.22 32.30 58.07
C THR D 498 32.42 31.66 57.36
N THR D 499 32.52 31.80 56.04
CA THR D 499 33.61 31.19 55.30
C THR D 499 34.89 32.01 55.49
N MET D 500 36.01 31.31 55.67
CA MET D 500 37.28 31.95 55.93
C MET D 500 37.68 32.88 54.79
N LYS D 501 38.77 33.63 55.02
CA LYS D 501 39.37 34.40 53.94
C LYS D 501 40.00 33.48 52.90
N GLY D 502 40.64 32.40 53.33
CA GLY D 502 41.35 31.50 52.46
C GLY D 502 42.69 31.12 53.07
N TYR D 503 43.19 29.95 52.68
CA TYR D 503 44.47 29.46 53.20
C TYR D 503 45.57 30.50 53.00
N TYR D 504 46.45 30.59 54.00
CA TYR D 504 47.53 31.57 54.01
C TYR D 504 48.75 31.01 53.28
N ARG D 505 49.12 31.65 52.17
CA ARG D 505 50.31 31.26 51.40
C ARG D 505 50.18 29.81 50.91
N ASN D 506 49.07 29.52 50.24
CA ASN D 506 48.85 28.19 49.67
C ASN D 506 47.70 28.31 48.67
N ASP D 507 48.07 28.40 47.39
CA ASP D 507 47.10 28.73 46.35
C ASP D 507 46.32 27.50 45.91
N GLU D 508 47.03 26.41 45.61
CA GLU D 508 46.37 25.19 45.14
C GLU D 508 45.34 24.69 46.14
N ALA D 509 45.56 24.96 47.44
CA ALA D 509 44.55 24.61 48.42
C ALA D 509 43.28 25.43 48.24
N ASN D 510 43.40 26.67 47.78
CA ASN D 510 42.22 27.50 47.58
C ASN D 510 41.36 27.00 46.42
N GLN D 511 42.00 26.50 45.37
CA GLN D 511 41.23 26.06 44.19
C GLN D 511 40.33 24.89 44.50
N GLU D 512 40.75 24.00 45.41
CA GLU D 512 39.95 22.82 45.72
C GLU D 512 38.81 23.16 46.67
N VAL D 513 39.07 23.99 47.68
CA VAL D 513 38.13 24.13 48.79
C VAL D 513 36.91 24.96 48.40
N PHE D 514 37.11 26.24 48.08
CA PHE D 514 36.00 27.07 47.58
C PHE D 514 36.15 27.13 46.07
N GLN D 515 35.43 26.24 45.39
CA GLN D 515 35.56 26.11 43.94
C GLN D 515 35.24 27.43 43.24
N ALA D 516 34.03 27.94 43.45
CA ALA D 516 33.61 29.17 42.80
C ALA D 516 32.55 29.86 43.65
N ASP D 517 32.69 31.19 43.77
CA ASP D 517 31.76 32.02 44.53
C ASP D 517 31.80 31.73 46.03
N GLY D 518 32.95 31.30 46.53
CA GLY D 518 33.08 31.03 47.95
C GLY D 518 32.33 29.80 48.41
N TRP D 519 31.76 29.02 47.50
CA TRP D 519 31.08 27.78 47.87
C TRP D 519 32.11 26.76 48.33
N PHE D 520 32.08 26.42 49.62
CA PHE D 520 33.11 25.61 50.22
C PHE D 520 32.82 24.12 50.04
N HIS D 521 33.83 23.39 49.57
CA HIS D 521 33.72 21.95 49.39
C HIS D 521 34.11 21.28 50.70
N THR D 522 33.12 20.90 51.49
CA THR D 522 33.41 20.18 52.73
C THR D 522 33.93 18.77 52.45
N GLY D 523 33.53 18.17 51.34
CA GLY D 523 33.86 16.80 51.04
C GLY D 523 32.94 15.76 51.65
N ASP D 524 32.21 16.11 52.72
CA ASP D 524 31.34 15.15 53.36
C ASP D 524 30.16 14.80 52.44
N LEU D 525 29.90 13.51 52.30
CA LEU D 525 28.83 13.03 51.43
C LEU D 525 27.53 12.89 52.23
N GLY D 526 26.48 13.53 51.74
CA GLY D 526 25.18 13.46 52.39
C GLY D 526 24.11 14.03 51.50
N PHE D 527 22.88 13.66 51.79
CA PHE D 527 21.73 14.13 51.03
C PHE D 527 20.97 15.21 51.81
N LEU D 528 20.13 15.93 51.08
CA LEU D 528 19.36 17.05 51.63
C LEU D 528 17.89 16.78 51.36
N HIS D 529 17.23 16.15 52.34
CA HIS D 529 15.84 15.71 52.23
C HIS D 529 14.97 16.56 53.15
N GLU D 530 13.82 16.99 52.63
CA GLU D 530 12.85 17.82 53.34
C GLU D 530 13.39 19.21 53.65
N GLY D 531 14.60 19.54 53.21
CA GLY D 531 15.26 20.75 53.65
C GLY D 531 16.13 20.58 54.86
N ARG D 532 16.40 19.35 55.28
CA ARG D 532 17.21 19.07 56.46
C ARG D 532 18.32 18.13 56.05
N LEU D 533 19.55 18.65 56.03
CA LEU D 533 20.70 17.84 55.60
C LEU D 533 20.79 16.57 56.43
N THR D 534 21.31 15.52 55.81
CA THR D 534 21.51 14.24 56.49
C THR D 534 22.80 13.65 55.97
N LEU D 535 23.84 13.70 56.79
CA LEU D 535 25.14 13.17 56.38
C LEU D 535 25.09 11.65 56.34
N THR D 536 25.80 11.08 55.37
CA THR D 536 25.98 9.64 55.25
C THR D 536 27.39 9.22 55.64
N GLY D 537 28.40 9.88 55.06
CA GLY D 537 29.79 9.59 55.37
C GLY D 537 30.70 10.66 54.82
N ARG D 538 31.81 10.92 55.53
CA ARG D 538 32.77 11.91 55.10
C ARG D 538 33.43 11.44 53.79
N GLU D 539 34.31 12.28 53.25
CA GLU D 539 34.83 12.08 51.89
C GLU D 539 35.46 10.70 51.75
N LYS D 540 36.65 10.50 52.32
CA LYS D 540 37.36 9.23 52.27
C LYS D 540 37.19 8.42 53.55
N ASP D 541 36.51 8.98 54.56
CA ASP D 541 36.28 8.25 55.81
C ASP D 541 35.59 6.91 55.60
N MET D 542 34.64 6.84 54.68
CA MET D 542 34.06 5.55 54.34
C MET D 542 35.11 4.64 53.72
N ILE D 543 35.07 3.35 54.11
CA ILE D 543 35.99 2.34 53.60
C ILE D 543 35.17 1.32 52.81
N ILE D 544 35.70 0.88 51.68
CA ILE D 544 35.01 -0.05 50.80
C ILE D 544 35.88 -1.27 50.60
N ILE D 545 35.27 -2.45 50.74
CA ILE D 545 35.92 -3.72 50.46
C ILE D 545 34.89 -4.66 49.86
N ASN D 546 35.36 -5.58 49.01
CA ASN D 546 34.49 -6.57 48.39
C ASN D 546 33.28 -6.00 47.66
N GLY D 547 33.19 -4.66 47.58
CA GLY D 547 32.05 -3.98 46.99
C GLY D 547 31.21 -3.23 47.99
N LYS D 548 31.07 -3.77 49.21
CA LYS D 548 30.27 -3.12 50.24
C LYS D 548 31.03 -1.94 50.81
N ASN D 549 30.31 -1.08 51.55
CA ASN D 549 30.91 0.08 52.18
C ASN D 549 30.66 0.06 53.68
N TYR D 550 31.65 0.51 54.43
CA TYR D 550 31.56 0.50 55.89
C TYR D 550 32.08 1.83 56.43
N HIS D 551 31.51 2.29 57.54
CA HIS D 551 31.97 3.48 58.22
C HIS D 551 33.04 3.13 59.24
N ASN D 552 34.16 3.84 59.21
CA ASN D 552 35.25 3.52 60.15
C ASN D 552 34.82 3.69 61.59
N TYR D 553 33.88 4.59 61.86
CA TYR D 553 33.40 4.74 63.23
C TYR D 553 32.59 3.53 63.67
N GLU D 554 31.83 2.90 62.76
CA GLU D 554 31.12 1.68 63.15
C GLU D 554 32.06 0.48 63.24
N ILE D 555 32.99 0.34 62.31
CA ILE D 555 33.93 -0.79 62.35
C ILE D 555 34.59 -0.84 63.72
N GLU D 556 35.19 0.26 64.14
CA GLU D 556 35.88 0.31 65.42
C GLU D 556 34.92 0.15 66.59
N ALA D 557 33.69 0.66 66.44
CA ALA D 557 32.71 0.53 67.51
C ALA D 557 32.36 -0.93 67.77
N ILE D 558 32.23 -1.72 66.70
CA ILE D 558 31.92 -3.14 66.87
C ILE D 558 33.11 -3.88 67.45
N ALA D 559 34.33 -3.48 67.05
CA ALA D 559 35.52 -4.10 67.61
C ALA D 559 35.73 -3.78 69.08
N GLU D 560 35.16 -2.68 69.57
CA GLU D 560 35.32 -2.30 70.97
C GLU D 560 34.49 -3.17 71.93
N GLU D 561 33.52 -3.91 71.42
CA GLU D 561 32.77 -4.85 72.27
C GLU D 561 33.67 -6.00 72.73
N VAL D 562 34.56 -6.46 71.87
CA VAL D 562 35.33 -7.68 72.15
C VAL D 562 36.14 -7.52 73.43
N PRO D 563 36.12 -8.50 74.33
CA PRO D 563 36.92 -8.37 75.57
C PRO D 563 38.39 -8.13 75.27
N GLY D 564 39.00 -7.25 76.07
CA GLY D 564 40.40 -6.93 75.93
C GLY D 564 40.70 -5.73 75.05
N VAL D 565 39.75 -5.32 74.21
CA VAL D 565 39.95 -4.18 73.32
C VAL D 565 39.80 -2.89 74.10
N GLU D 566 40.86 -2.09 74.14
CA GLU D 566 40.81 -0.79 74.80
C GLU D 566 39.87 0.13 74.03
N THR D 567 38.92 0.74 74.73
CA THR D 567 37.89 1.54 74.07
C THR D 567 38.51 2.77 73.44
N SER D 568 38.20 3.00 72.17
CA SER D 568 38.59 4.18 71.38
C SER D 568 40.03 4.07 70.88
N PHE D 569 40.65 2.89 70.99
CA PHE D 569 41.99 2.67 70.44
C PHE D 569 41.92 1.61 69.36
N VAL D 570 41.15 1.90 68.31
CA VAL D 570 40.93 0.99 67.19
C VAL D 570 40.89 1.81 65.91
N ALA D 571 41.35 1.20 64.82
CA ALA D 571 41.45 1.89 63.54
C ALA D 571 41.08 0.94 62.42
N ALA D 572 40.53 1.52 61.35
CA ALA D 572 40.13 0.77 60.16
C ALA D 572 40.65 1.49 58.93
N CYS D 573 41.35 0.76 58.07
CA CYS D 573 41.95 1.33 56.87
C CYS D 573 41.67 0.39 55.69
N SER D 574 42.34 0.65 54.57
CA SER D 574 42.22 -0.18 53.38
C SER D 574 43.53 -0.12 52.61
N VAL D 575 43.78 -1.17 51.81
CA VAL D 575 45.01 -1.28 51.04
C VAL D 575 44.77 -2.26 49.90
N ARG D 576 45.43 -2.01 48.76
CA ARG D 576 45.28 -2.88 47.61
C ARG D 576 46.15 -4.13 47.73
N MET D 577 47.38 -3.97 48.21
CA MET D 577 48.31 -5.06 48.52
C MET D 577 48.88 -5.73 47.28
N GLU D 578 48.62 -5.21 46.08
CA GLU D 578 49.07 -5.71 44.79
C GLU D 578 48.20 -6.88 44.29
N ALA D 579 47.24 -7.34 45.08
CA ALA D 579 46.26 -8.31 44.61
C ALA D 579 45.14 -7.58 43.87
N SER D 580 45.01 -7.84 42.58
CA SER D 580 44.04 -7.13 41.75
C SER D 580 42.61 -7.59 41.98
N ALA D 581 42.29 -8.16 43.14
CA ALA D 581 40.93 -8.62 43.40
C ALA D 581 40.08 -7.51 44.04
N SER D 582 40.62 -6.83 45.05
CA SER D 582 39.87 -5.80 45.75
C SER D 582 40.76 -5.16 46.82
N ASP D 583 40.16 -4.41 47.73
CA ASP D 583 40.86 -3.79 48.84
C ASP D 583 40.39 -4.45 50.13
N GLU D 584 41.36 -4.88 50.94
CA GLU D 584 41.10 -5.62 52.17
C GLU D 584 41.17 -4.70 53.38
N LEU D 585 40.47 -5.09 54.44
CA LEU D 585 40.42 -4.32 55.68
C LEU D 585 41.60 -4.67 56.56
N ILE D 586 42.48 -3.69 56.79
CA ILE D 586 43.51 -3.75 57.81
C ILE D 586 42.97 -3.03 59.03
N LEU D 587 43.13 -3.65 60.20
CA LEU D 587 42.52 -3.18 61.43
C LEU D 587 43.55 -3.17 62.55
N PHE D 588 43.68 -2.02 63.22
CA PHE D 588 44.56 -1.85 64.35
C PHE D 588 43.74 -1.82 65.64
N PHE D 589 44.40 -2.15 66.74
CA PHE D 589 43.76 -2.09 68.05
C PHE D 589 44.84 -2.16 69.13
N THR D 590 44.44 -1.78 70.33
CA THR D 590 45.33 -1.83 71.48
C THR D 590 44.76 -2.82 72.50
N PRO D 591 45.55 -3.76 73.00
CA PRO D 591 45.06 -4.67 74.02
C PRO D 591 45.22 -4.12 75.42
N LYS D 592 44.29 -4.52 76.29
CA LYS D 592 44.41 -4.22 77.71
C LYS D 592 45.64 -4.87 78.32
N LEU D 593 46.27 -5.79 77.58
CA LEU D 593 47.52 -6.42 77.96
C LEU D 593 48.36 -6.61 76.71
N TYR D 594 49.61 -6.16 76.72
CA TYR D 594 50.49 -6.35 75.57
C TYR D 594 51.30 -7.61 75.82
N GLU D 595 50.68 -8.75 75.49
CA GLU D 595 51.28 -10.08 75.66
C GLU D 595 50.62 -11.08 74.71
N PRO D 596 51.40 -11.88 73.99
CA PRO D 596 50.83 -12.61 72.84
C PRO D 596 49.63 -13.47 73.15
N ALA D 597 49.57 -14.13 74.31
CA ALA D 597 48.42 -14.98 74.62
C ALA D 597 47.14 -14.14 74.63
N TYR D 598 47.15 -13.04 75.37
CA TYR D 598 46.00 -12.14 75.39
C TYR D 598 45.73 -11.58 74.01
N ILE D 599 46.80 -11.24 73.26
CA ILE D 599 46.60 -10.66 71.94
C ILE D 599 46.00 -11.71 71.01
N MET D 600 46.70 -12.83 70.85
CA MET D 600 46.19 -13.91 70.01
C MET D 600 44.78 -14.30 70.41
N ARG D 601 44.51 -14.38 71.72
CA ARG D 601 43.18 -14.73 72.19
C ARG D 601 42.14 -13.71 71.72
N ALA D 602 42.45 -12.43 71.89
CA ALA D 602 41.49 -11.41 71.52
C ALA D 602 41.44 -11.26 70.00
N SER D 603 42.59 -11.38 69.34
CA SER D 603 42.63 -11.28 67.89
C SER D 603 41.66 -12.27 67.24
N GLN D 604 41.64 -13.52 67.72
CA GLN D 604 40.68 -14.49 67.21
C GLN D 604 39.25 -14.04 67.50
N HIS D 605 38.99 -13.64 68.74
CA HIS D 605 37.65 -13.18 69.09
C HIS D 605 37.24 -11.99 68.24
N ILE D 606 38.18 -11.09 67.94
CA ILE D 606 37.89 -9.93 67.10
C ILE D 606 37.63 -10.38 65.66
N LYS D 607 38.59 -11.07 65.05
CA LYS D 607 38.48 -11.47 63.65
C LYS D 607 37.12 -12.09 63.35
N SER D 608 36.58 -12.85 64.29
CA SER D 608 35.27 -13.48 64.08
C SER D 608 34.13 -12.51 64.32
N HIS D 609 34.23 -11.67 65.35
CA HIS D 609 33.12 -10.76 65.65
C HIS D 609 32.84 -9.80 64.51
N ILE D 610 33.86 -9.40 63.74
CA ILE D 610 33.61 -8.58 62.57
C ILE D 610 32.95 -9.41 61.46
N ALA D 611 33.42 -10.64 61.24
CA ALA D 611 32.83 -11.48 60.22
C ALA D 611 31.38 -11.82 60.55
N THR D 612 31.04 -11.91 61.84
CA THR D 612 29.68 -12.27 62.23
C THR D 612 28.71 -11.14 61.92
N LYS D 613 28.93 -9.96 62.51
CA LYS D 613 27.98 -8.87 62.41
C LYS D 613 28.02 -8.14 61.08
N MET D 614 29.19 -8.06 60.43
CA MET D 614 29.33 -7.27 59.22
C MET D 614 29.57 -8.08 57.97
N GLY D 615 29.96 -9.35 58.08
CA GLY D 615 30.07 -10.25 56.94
C GLY D 615 31.41 -10.24 56.25
N LEU D 616 32.20 -9.19 56.40
CA LEU D 616 33.54 -9.14 55.84
C LEU D 616 34.53 -9.77 56.82
N SER D 617 35.66 -10.21 56.29
CA SER D 617 36.69 -10.80 57.11
C SER D 617 37.88 -9.85 57.20
N ALA D 618 38.53 -9.84 58.36
CA ALA D 618 39.67 -8.96 58.58
C ALA D 618 40.92 -9.64 58.02
N SER D 619 41.59 -8.97 57.08
CA SER D 619 42.82 -9.51 56.53
C SER D 619 43.79 -9.81 57.66
N ARG D 620 44.35 -8.76 58.27
CA ARG D 620 45.20 -8.88 59.44
C ARG D 620 44.70 -7.93 60.51
N ILE D 621 45.05 -8.25 61.76
CA ILE D 621 44.71 -7.43 62.93
C ILE D 621 46.02 -7.18 63.65
N ILE D 622 46.43 -5.91 63.70
CA ILE D 622 47.78 -5.52 64.09
C ILE D 622 47.71 -4.93 65.50
N PRO D 623 48.26 -5.60 66.51
CA PRO D 623 48.28 -5.01 67.85
C PRO D 623 49.32 -3.91 67.95
N VAL D 624 48.99 -2.87 68.72
CA VAL D 624 49.87 -1.72 68.91
C VAL D 624 49.70 -1.26 70.33
N GLN D 625 50.81 -0.98 71.00
CA GLN D 625 50.75 -0.57 72.40
C GLN D 625 49.94 0.72 72.53
N LYS D 626 49.34 0.91 73.71
CA LYS D 626 48.56 2.13 73.93
C LYS D 626 49.45 3.36 73.82
N HIS D 627 50.61 3.33 74.47
CA HIS D 627 51.43 4.53 74.56
C HIS D 627 51.95 4.99 73.20
N ALA D 628 51.75 4.22 72.13
CA ALA D 628 52.18 4.61 70.80
C ALA D 628 51.04 4.63 69.79
N PHE D 629 49.80 4.56 70.25
CA PHE D 629 48.66 4.73 69.35
C PHE D 629 48.53 6.22 69.05
N PRO D 630 48.67 6.64 67.79
CA PRO D 630 48.77 8.07 67.49
C PRO D 630 47.40 8.75 67.46
N LYS D 631 47.23 9.75 68.32
CA LYS D 631 46.05 10.59 68.31
C LYS D 631 46.48 12.04 68.41
N THR D 632 45.62 12.93 67.94
CA THR D 632 45.85 14.36 68.12
C THR D 632 45.41 14.77 69.52
N SER D 633 45.73 16.01 69.88
CA SER D 633 45.32 16.53 71.18
C SER D 633 43.81 16.40 71.39
N SER D 634 43.03 16.62 70.33
CA SER D 634 41.58 16.56 70.41
C SER D 634 41.02 15.14 70.39
N GLY D 635 41.86 14.12 70.58
CA GLY D 635 41.39 12.75 70.63
C GLY D 635 41.12 12.09 69.29
N LYS D 636 41.37 12.78 68.18
CA LYS D 636 41.13 12.18 66.87
C LYS D 636 42.17 11.11 66.56
N ILE D 637 41.70 10.05 65.88
CA ILE D 637 42.53 8.90 65.58
C ILE D 637 43.26 9.12 64.26
N GLU D 638 44.57 9.36 64.33
CA GLU D 638 45.38 9.53 63.12
C GLU D 638 45.43 8.21 62.37
N ARG D 639 44.33 7.85 61.70
CA ARG D 639 44.22 6.52 61.10
C ARG D 639 45.25 6.30 60.02
N ALA D 640 45.25 7.15 58.99
CA ALA D 640 46.15 6.96 57.87
C ALA D 640 47.62 6.98 58.30
N GLN D 641 47.90 7.49 59.50
CA GLN D 641 49.27 7.45 60.00
C GLN D 641 49.68 6.03 60.37
N LEU D 642 48.78 5.28 61.01
CA LEU D 642 49.10 3.91 61.38
C LEU D 642 49.47 3.08 60.16
N LYS D 643 48.62 3.10 59.14
CA LYS D 643 48.89 2.36 57.91
C LYS D 643 50.29 2.65 57.40
N THR D 644 50.60 3.92 57.17
CA THR D 644 51.91 4.29 56.67
C THR D 644 53.01 3.98 57.69
N ARG D 645 52.71 4.11 58.98
CA ARG D 645 53.69 3.78 60.01
C ARG D 645 53.96 2.29 60.06
N TRP D 646 53.04 1.49 59.53
CA TRP D 646 53.14 0.02 59.52
C TRP D 646 53.87 -0.50 58.30
N GLN D 647 53.61 0.07 57.12
CA GLN D 647 54.35 -0.33 55.93
C GLN D 647 55.85 -0.18 56.12
N GLU D 648 56.28 0.75 56.97
CA GLU D 648 57.70 0.84 57.32
C GLU D 648 58.13 -0.28 58.26
N GLY D 649 57.18 -0.88 58.98
CA GLY D 649 57.47 -2.10 59.71
C GLY D 649 57.94 -1.91 61.13
N GLU D 650 57.32 -1.00 61.88
CA GLU D 650 57.50 -1.03 63.33
C GLU D 650 56.85 -2.26 63.93
N PHE D 651 55.69 -2.65 63.38
CA PHE D 651 54.90 -3.75 63.90
C PHE D 651 55.30 -5.08 63.28
N ASP D 652 56.18 -5.07 62.28
CA ASP D 652 56.75 -6.32 61.78
C ASP D 652 57.25 -7.18 62.94
N GLU D 653 57.96 -6.57 63.88
CA GLU D 653 58.64 -7.34 64.93
C GLU D 653 57.66 -8.23 65.70
N MET D 654 56.47 -7.72 66.01
CA MET D 654 55.51 -8.48 66.80
C MET D 654 54.44 -9.18 65.97
N ILE D 655 54.11 -8.67 64.78
CA ILE D 655 53.18 -9.39 63.94
C ILE D 655 53.78 -10.72 63.52
N MET D 656 55.11 -10.82 63.51
CA MET D 656 55.77 -12.10 63.30
C MET D 656 55.61 -12.99 64.54
N GLU D 657 55.99 -12.47 65.71
CA GLU D 657 55.84 -13.24 66.93
C GLU D 657 54.42 -13.77 67.10
N MET D 658 53.44 -13.08 66.52
CA MET D 658 52.08 -13.61 66.50
C MET D 658 51.95 -14.71 65.46
N ASP D 659 52.40 -14.43 64.23
CA ASP D 659 52.35 -15.43 63.17
C ASP D 659 52.92 -16.78 63.63
N MET D 660 54.03 -16.73 64.37
CA MET D 660 54.69 -17.97 64.77
C MET D 660 53.75 -18.85 65.58
N ARG D 661 52.95 -18.25 66.46
CA ARG D 661 52.17 -19.02 67.41
C ARG D 661 51.04 -19.84 66.77
N LEU D 662 50.62 -19.51 65.54
CA LEU D 662 49.53 -20.24 64.91
C LEU D 662 49.98 -21.16 63.78
N GLU D 663 51.21 -21.67 63.83
CA GLU D 663 51.73 -22.49 62.73
C GLU D 663 51.21 -21.93 61.42
N ASN D 664 51.44 -20.63 61.24
CA ASN D 664 50.74 -19.84 60.25
C ASN D 664 51.30 -20.06 58.86
N GLU D 665 50.59 -19.50 57.88
CA GLU D 665 51.03 -19.54 56.49
C GLU D 665 52.43 -18.98 56.31
N HIS D 666 52.95 -18.23 57.29
CA HIS D 666 54.29 -17.68 57.19
C HIS D 666 55.30 -18.46 58.03
N THR D 667 54.91 -19.59 58.59
CA THR D 667 55.78 -20.38 59.44
C THR D 667 56.34 -21.58 58.68
N LEU D 668 57.29 -22.25 59.32
CA LEU D 668 57.93 -23.44 58.77
C LEU D 668 58.52 -24.22 59.94
N PRO D 669 57.81 -25.24 60.42
CA PRO D 669 58.20 -25.86 61.70
C PRO D 669 59.63 -26.35 61.74
N ASN D 670 60.22 -26.27 62.94
CA ASN D 670 61.55 -26.80 63.25
C ASN D 670 61.39 -28.28 63.57
N TRP D 671 61.60 -29.13 62.56
CA TRP D 671 61.34 -30.55 62.67
C TRP D 671 62.37 -31.35 61.89
N SER D 672 63.62 -30.89 61.89
CA SER D 672 64.64 -31.52 61.08
C SER D 672 65.87 -31.80 61.92
N TYR D 673 66.48 -32.98 61.71
CA TYR D 673 67.57 -33.45 62.54
C TYR D 673 68.58 -34.19 61.67
N GLN D 674 69.74 -34.47 62.26
CA GLN D 674 70.80 -35.25 61.63
C GLN D 674 71.14 -36.45 62.51
N LYS D 675 71.69 -37.50 61.88
CA LYS D 675 72.22 -38.63 62.63
C LYS D 675 73.68 -38.36 62.93
N LYS D 676 74.04 -38.34 64.22
CA LYS D 676 75.41 -38.15 64.64
C LYS D 676 75.87 -39.32 65.49
N TRP D 677 77.00 -39.91 65.11
CA TRP D 677 77.56 -41.06 65.82
C TRP D 677 78.24 -40.59 67.10
N ILE D 678 77.71 -41.00 68.24
CA ILE D 678 78.15 -40.54 69.56
C ILE D 678 78.74 -41.70 70.35
N PRO D 679 79.76 -41.49 71.18
CA PRO D 679 80.27 -42.59 72.00
C PRO D 679 79.32 -42.95 73.13
N ALA D 680 79.15 -44.26 73.35
CA ALA D 680 78.42 -44.78 74.50
C ALA D 680 79.13 -46.02 75.03
N PRO D 681 79.67 -45.99 76.24
CA PRO D 681 80.38 -47.17 76.76
C PRO D 681 79.37 -48.19 77.29
N LEU D 682 79.92 -49.29 77.79
CA LEU D 682 79.14 -50.43 78.26
C LEU D 682 79.04 -50.44 79.77
N ASP D 683 78.01 -51.10 80.27
CA ASP D 683 77.78 -51.30 81.68
C ASP D 683 78.53 -52.55 82.14
N ALA D 684 78.51 -52.80 83.46
CA ALA D 684 79.13 -54.00 83.98
C ALA D 684 78.49 -55.25 83.38
N ALA D 685 79.29 -56.32 83.24
CA ALA D 685 78.85 -57.54 82.58
C ALA D 685 77.63 -58.13 83.29
N ASP D 686 76.46 -57.98 82.66
CA ASP D 686 75.18 -58.43 83.20
C ASP D 686 74.82 -59.87 82.86
N LYS D 687 75.65 -60.59 82.12
CA LYS D 687 75.26 -61.93 81.69
C LYS D 687 76.45 -62.63 81.06
N GLN D 688 76.35 -63.95 80.96
CA GLN D 688 77.31 -64.75 80.22
C GLN D 688 76.54 -65.59 79.20
N ILE D 689 77.29 -66.15 78.24
CA ILE D 689 76.68 -66.98 77.21
C ILE D 689 76.13 -68.24 77.85
N VAL D 690 74.88 -68.57 77.55
CA VAL D 690 74.18 -69.60 78.32
C VAL D 690 73.70 -70.76 77.47
N GLY D 691 73.42 -70.51 76.18
CA GLY D 691 72.94 -71.53 75.29
C GLY D 691 73.94 -72.05 74.28
N ASP D 692 73.47 -73.00 73.48
CA ASP D 692 74.21 -73.46 72.31
C ASP D 692 74.09 -72.43 71.21
N VAL D 693 75.21 -72.17 70.53
CA VAL D 693 75.33 -71.03 69.64
C VAL D 693 75.63 -71.51 68.23
N VAL D 694 74.97 -70.88 67.26
CA VAL D 694 75.29 -71.02 65.85
C VAL D 694 76.04 -69.76 65.41
N ILE D 695 76.98 -69.94 64.49
CA ILE D 695 77.83 -68.83 64.04
C ILE D 695 78.13 -69.01 62.56
N PHE D 696 77.74 -68.03 61.75
CA PHE D 696 78.00 -68.06 60.31
C PHE D 696 79.38 -67.47 60.08
N ALA D 697 80.35 -68.34 59.79
CA ALA D 697 81.74 -67.95 59.86
C ALA D 697 82.12 -66.93 58.79
N ASP D 698 83.03 -66.04 59.15
CA ASP D 698 83.59 -65.08 58.22
C ASP D 698 84.79 -65.68 57.52
N PRO D 699 85.35 -64.99 56.53
CA PRO D 699 86.60 -65.44 55.89
C PRO D 699 87.86 -64.82 56.44
N LEU D 700 87.78 -63.89 57.41
CA LEU D 700 88.96 -63.21 57.89
C LEU D 700 89.58 -63.87 59.12
N GLY D 701 88.83 -64.70 59.84
CA GLY D 701 89.32 -65.43 60.99
C GLY D 701 88.69 -65.04 62.31
N LEU D 702 87.79 -64.05 62.32
CA LEU D 702 87.10 -63.69 63.56
C LEU D 702 86.36 -64.89 64.15
N ALA D 703 85.70 -65.67 63.30
CA ALA D 703 84.99 -66.85 63.76
C ALA D 703 85.89 -67.75 64.59
N ASP D 704 87.06 -68.10 64.06
CA ASP D 704 87.99 -68.96 64.79
C ASP D 704 88.28 -68.40 66.18
N GLN D 705 88.51 -67.10 66.28
CA GLN D 705 88.76 -66.49 67.58
C GLN D 705 87.58 -66.73 68.52
N LEU D 706 86.37 -66.43 68.07
CA LEU D 706 85.21 -66.49 68.96
C LEU D 706 85.00 -67.89 69.51
N LYS D 707 85.30 -68.93 68.71
CA LYS D 707 85.08 -70.29 69.18
C LYS D 707 85.94 -70.60 70.39
N SER D 708 87.16 -70.08 70.43
CA SER D 708 88.08 -70.39 71.52
C SER D 708 87.57 -69.92 72.87
N PHE D 709 86.63 -68.98 72.90
CA PHE D 709 86.11 -68.45 74.15
C PHE D 709 84.98 -69.30 74.73
N ALA D 710 84.40 -70.19 73.93
CA ALA D 710 83.23 -70.92 74.39
C ALA D 710 83.55 -71.67 75.67
N ASN D 711 82.56 -71.72 76.57
CA ASN D 711 82.73 -72.48 77.79
C ASN D 711 82.70 -73.98 77.48
N SER D 712 83.20 -74.76 78.42
CA SER D 712 83.40 -76.19 78.20
C SER D 712 82.10 -76.96 78.00
N GLU D 713 80.96 -76.38 78.39
CA GLU D 713 79.69 -77.10 78.35
C GLU D 713 78.91 -76.87 77.06
N GLN D 714 79.19 -75.77 76.36
CA GLN D 714 78.41 -75.33 75.21
C GLN D 714 79.07 -75.76 73.91
N THR D 715 78.23 -76.06 72.91
CA THR D 715 78.69 -76.50 71.60
C THR D 715 78.52 -75.37 70.60
N TYR D 716 79.57 -75.10 69.82
CA TYR D 716 79.58 -74.03 68.83
C TYR D 716 79.44 -74.64 67.45
N ILE D 717 78.32 -74.35 66.78
CA ILE D 717 78.08 -74.82 65.42
C ILE D 717 78.52 -73.74 64.44
N THR D 718 79.50 -74.07 63.58
CA THR D 718 80.06 -73.13 62.63
C THR D 718 79.55 -73.46 61.23
N VAL D 719 79.07 -72.43 60.53
CA VAL D 719 78.46 -72.57 59.21
C VAL D 719 79.25 -71.73 58.22
N GLU D 720 79.68 -72.36 57.12
CA GLU D 720 80.36 -71.69 56.02
C GLU D 720 79.46 -71.66 54.79
N PRO D 721 79.72 -70.75 53.85
CA PRO D 721 78.91 -70.69 52.63
C PRO D 721 79.47 -71.54 51.50
N GLY D 722 78.56 -71.99 50.63
CA GLY D 722 78.95 -72.85 49.53
C GLY D 722 77.89 -73.09 48.48
N GLN D 723 77.96 -74.23 47.80
CA GLN D 723 77.11 -74.51 46.65
C GLN D 723 75.76 -75.08 47.03
N ALA D 724 75.69 -75.89 48.08
CA ALA D 724 74.44 -76.47 48.54
C ALA D 724 74.70 -77.16 49.88
N PHE D 725 73.64 -77.70 50.46
CA PHE D 725 73.73 -78.35 51.77
C PHE D 725 74.78 -79.43 51.76
N LYS D 726 75.73 -79.34 52.69
CA LYS D 726 76.74 -80.39 52.89
C LYS D 726 77.12 -80.41 54.36
N GLN D 727 76.76 -81.49 55.06
CA GLN D 727 77.15 -81.66 56.45
C GLN D 727 78.54 -82.29 56.49
N LEU D 728 79.52 -81.52 56.98
CA LEU D 728 80.87 -82.06 57.10
C LEU D 728 81.04 -82.82 58.41
N THR D 729 80.52 -82.28 59.51
CA THR D 729 80.58 -82.92 60.81
C THR D 729 79.23 -82.69 61.47
N HIS D 730 79.14 -83.05 62.76
CA HIS D 730 77.96 -82.72 63.54
C HIS D 730 78.01 -81.28 64.05
N THR D 731 79.13 -80.57 63.83
CA THR D 731 79.26 -79.19 64.28
C THR D 731 79.86 -78.28 63.21
N HIS D 732 79.71 -78.63 61.92
CA HIS D 732 80.28 -77.86 60.81
C HIS D 732 79.42 -78.10 59.58
N PHE D 733 78.96 -77.01 58.94
CA PHE D 733 77.99 -77.13 57.86
C PHE D 733 78.36 -76.20 56.72
N ILE D 734 77.66 -76.38 55.59
CA ILE D 734 77.82 -75.56 54.39
C ILE D 734 76.48 -75.47 53.68
N ILE D 735 76.10 -74.26 53.25
CA ILE D 735 74.83 -74.03 52.57
C ILE D 735 75.00 -72.95 51.50
N HIS D 736 74.01 -72.88 50.60
CA HIS D 736 73.95 -71.84 49.58
C HIS D 736 73.27 -70.62 50.19
N PRO D 737 73.99 -69.53 50.44
CA PRO D 737 73.40 -68.45 51.24
C PRO D 737 72.07 -67.95 50.70
N ASN D 738 71.85 -68.16 49.42
CA ASN D 738 70.69 -67.60 48.72
C ASN D 738 69.55 -68.59 48.59
N ARG D 739 69.73 -69.86 49.03
CA ARG D 739 68.69 -70.86 48.93
C ARG D 739 67.96 -70.97 50.26
N PRO D 740 66.67 -70.61 50.34
CA PRO D 740 66.02 -70.62 51.66
C PRO D 740 65.85 -72.01 52.22
N SER D 741 65.69 -73.02 51.36
CA SER D 741 65.53 -74.40 51.82
C SER D 741 66.67 -74.80 52.75
N ASP D 742 67.91 -74.55 52.32
CA ASP D 742 69.07 -74.95 53.10
C ASP D 742 69.10 -74.29 54.48
N TYR D 743 68.37 -73.20 54.67
CA TYR D 743 68.32 -72.58 56.00
C TYR D 743 67.38 -73.34 56.92
N GLU D 744 66.14 -73.57 56.47
CA GLU D 744 65.19 -74.29 57.31
C GLU D 744 65.63 -75.73 57.52
N GLN D 745 66.33 -76.33 56.55
CA GLN D 745 66.79 -77.70 56.74
C GLN D 745 67.93 -77.77 57.75
N LEU D 746 68.84 -76.78 57.74
CA LEU D 746 69.91 -76.75 58.73
C LEU D 746 69.36 -76.89 60.15
N PHE D 747 68.51 -75.96 60.55
CA PHE D 747 68.00 -75.97 61.92
C PHE D 747 67.22 -77.24 62.23
N GLU D 748 66.50 -77.77 61.24
CA GLU D 748 65.74 -78.99 61.48
C GLU D 748 66.66 -80.14 61.88
N THR D 749 67.81 -80.27 61.21
CA THR D 749 68.74 -81.34 61.56
C THR D 749 69.47 -81.05 62.86
N LEU D 750 69.51 -79.79 63.29
CA LEU D 750 70.09 -79.48 64.58
C LEU D 750 69.07 -79.68 65.70
N ARG D 751 67.79 -79.44 65.41
CA ARG D 751 66.74 -79.75 66.37
C ARG D 751 66.80 -81.24 66.75
N SER D 752 67.17 -82.09 65.80
CA SER D 752 67.27 -83.52 66.09
C SER D 752 68.45 -83.80 67.02
N TYR D 753 69.63 -83.26 66.70
CA TYR D 753 70.82 -83.52 67.50
C TYR D 753 70.71 -83.00 68.93
N GLY D 754 69.60 -82.33 69.25
CA GLY D 754 69.33 -81.90 70.60
C GLY D 754 69.95 -80.57 71.01
N VAL D 755 70.43 -79.79 70.06
CA VAL D 755 71.03 -78.50 70.36
C VAL D 755 69.93 -77.45 70.39
N SER D 756 69.71 -76.86 71.57
CA SER D 756 68.79 -75.73 71.70
C SER D 756 69.55 -74.49 71.26
N VAL D 757 69.24 -74.00 70.07
CA VAL D 757 69.94 -72.84 69.53
C VAL D 757 69.43 -71.58 70.23
N LYS D 758 70.35 -70.92 70.95
CA LYS D 758 70.02 -69.72 71.71
C LYS D 758 70.77 -68.47 71.28
N HIS D 759 71.81 -68.60 70.46
CA HIS D 759 72.59 -67.45 70.02
C HIS D 759 73.04 -67.68 68.58
N ILE D 760 72.91 -66.65 67.75
CA ILE D 760 73.36 -66.69 66.36
C ILE D 760 74.28 -65.51 66.09
N ILE D 761 75.42 -65.79 65.48
CA ILE D 761 76.41 -64.77 65.10
C ILE D 761 76.56 -64.83 63.58
N HIS D 762 76.48 -63.68 62.93
CA HIS D 762 76.36 -63.59 61.48
C HIS D 762 77.48 -62.68 60.95
N LEU D 763 78.67 -63.26 60.81
CA LEU D 763 79.84 -62.54 60.35
C LEU D 763 79.98 -62.55 58.83
N TRP D 764 78.87 -62.66 58.10
CA TRP D 764 78.98 -62.97 56.68
C TRP D 764 79.12 -61.73 55.80
N ASN D 765 78.76 -60.54 56.29
CA ASN D 765 79.23 -59.30 55.69
C ASN D 765 80.25 -58.66 56.64
N TYR D 766 81.07 -59.50 57.27
CA TYR D 766 82.31 -59.07 57.90
C TYR D 766 83.46 -59.41 56.97
N THR D 767 83.44 -58.75 55.83
CA THR D 767 84.36 -59.04 54.74
C THR D 767 85.27 -57.85 54.51
N ASN D 768 86.30 -58.07 53.71
CA ASN D 768 87.09 -56.98 53.15
C ASN D 768 87.00 -57.18 51.64
N GLN D 769 86.16 -56.37 50.98
CA GLN D 769 85.87 -56.61 49.56
C GLN D 769 86.94 -56.00 48.67
N GLU D 770 87.34 -54.78 48.97
CA GLU D 770 88.39 -54.08 48.21
C GLU D 770 88.13 -54.15 46.71
N ASP D 771 86.90 -53.78 46.32
CA ASP D 771 86.48 -53.83 44.93
C ASP D 771 85.58 -52.63 44.63
N LYS D 772 85.53 -52.24 43.37
CA LYS D 772 84.71 -51.12 42.96
C LYS D 772 83.25 -51.50 43.12
N LEU D 773 82.41 -50.51 43.43
CA LEU D 773 81.00 -50.76 43.71
C LEU D 773 80.19 -50.51 42.45
N TYR D 774 80.21 -51.49 41.56
CA TYR D 774 79.28 -51.53 40.45
C TYR D 774 77.99 -52.18 40.96
N VAL D 775 77.09 -52.56 40.06
CA VAL D 775 75.84 -53.16 40.53
C VAL D 775 76.05 -54.63 40.87
N SER D 776 76.80 -55.35 40.05
CA SER D 776 77.09 -56.75 40.36
C SER D 776 77.56 -56.90 41.79
N LYS D 777 78.60 -56.14 42.17
CA LYS D 777 79.07 -56.24 43.56
C LYS D 777 77.95 -55.95 44.54
N ALA D 778 77.01 -55.08 44.18
CA ALA D 778 75.88 -54.81 45.08
C ALA D 778 74.92 -56.00 45.09
N LYS D 779 74.50 -56.45 43.91
CA LYS D 779 73.59 -57.59 43.83
C LYS D 779 74.22 -58.82 44.47
N GLN D 780 75.50 -59.08 44.18
CA GLN D 780 76.13 -60.29 44.69
C GLN D 780 76.36 -60.23 46.19
N ALA D 781 76.79 -59.07 46.69
CA ALA D 781 77.01 -58.95 48.12
C ALA D 781 75.70 -58.99 48.89
N GLN D 782 74.59 -58.73 48.20
CA GLN D 782 73.28 -58.75 48.85
C GLN D 782 72.93 -60.15 49.34
N LYS D 783 73.17 -61.17 48.51
CA LYS D 783 72.65 -62.51 48.85
C LYS D 783 73.40 -63.08 50.05
N THR D 784 74.70 -62.80 50.16
CA THR D 784 75.44 -63.28 51.31
C THR D 784 75.14 -62.48 52.58
N GLY D 785 74.33 -61.43 52.49
CA GLY D 785 74.05 -60.60 53.64
C GLY D 785 72.56 -60.41 53.90
N SER D 786 71.97 -59.33 53.39
CA SER D 786 70.60 -58.98 53.77
C SER D 786 69.63 -60.09 53.41
N MET D 787 69.83 -60.75 52.26
CA MET D 787 68.99 -61.89 51.93
C MET D 787 69.24 -63.03 52.91
N SER D 788 70.51 -63.36 53.14
CA SER D 788 70.86 -64.36 54.14
C SER D 788 70.11 -64.10 55.44
N ALA D 789 70.11 -62.85 55.88
CA ALA D 789 69.41 -62.51 57.11
C ALA D 789 67.92 -62.80 57.00
N LEU D 790 67.32 -62.51 55.84
CA LEU D 790 65.92 -62.85 55.66
C LEU D 790 65.69 -64.34 55.83
N PHE D 791 66.39 -65.15 55.03
CA PHE D 791 66.17 -66.59 55.06
C PHE D 791 66.39 -67.18 56.45
N LEU D 792 67.49 -66.82 57.10
CA LEU D 792 67.75 -67.40 58.42
C LEU D 792 66.68 -66.98 59.42
N THR D 793 66.30 -65.71 59.43
CA THR D 793 65.28 -65.29 60.37
C THR D 793 63.95 -65.94 60.04
N LYS D 794 63.58 -65.97 58.75
CA LYS D 794 62.37 -66.69 58.35
C LYS D 794 62.39 -68.12 58.88
N ALA D 795 63.52 -68.80 58.75
CA ALA D 795 63.62 -70.19 59.17
C ALA D 795 63.41 -70.33 60.68
N ILE D 796 64.23 -69.67 61.49
CA ILE D 796 64.18 -69.86 62.93
C ILE D 796 62.96 -69.22 63.57
N SER D 797 62.15 -68.50 62.78
CA SER D 797 60.98 -67.85 63.36
C SER D 797 59.90 -68.86 63.73
N VAL D 798 59.90 -70.04 63.12
CA VAL D 798 58.80 -70.98 63.31
C VAL D 798 58.87 -71.66 64.67
N TYR D 799 60.07 -71.84 65.24
CA TYR D 799 60.18 -72.51 66.53
C TYR D 799 59.58 -71.70 67.67
N GLU D 800 59.32 -70.42 67.47
CA GLU D 800 58.66 -69.58 68.47
C GLU D 800 59.39 -69.62 69.81
N GLU D 801 60.71 -69.79 69.76
CA GLU D 801 61.57 -69.84 70.94
C GLU D 801 62.54 -68.67 70.92
N GLN D 802 62.85 -68.14 72.10
CA GLN D 802 63.77 -67.01 72.20
C GLN D 802 65.17 -67.37 71.73
N VAL D 803 65.83 -66.39 71.11
CA VAL D 803 67.15 -66.58 70.51
C VAL D 803 67.79 -65.22 70.22
N ALA D 804 69.12 -65.15 70.35
CA ALA D 804 69.86 -63.88 70.28
C ALA D 804 70.75 -63.86 69.04
N ILE D 805 70.21 -63.33 67.96
CA ILE D 805 70.99 -63.13 66.75
C ILE D 805 71.80 -61.84 66.86
N THR D 806 72.98 -61.85 66.29
CA THR D 806 73.91 -60.71 66.34
C THR D 806 74.63 -60.66 65.00
N PHE D 807 74.21 -59.75 64.14
CA PHE D 807 74.87 -59.55 62.86
C PHE D 807 76.11 -58.69 63.04
N VAL D 808 77.12 -58.95 62.22
CA VAL D 808 78.40 -58.28 62.33
C VAL D 808 78.84 -57.81 60.95
N SER D 809 79.09 -56.51 60.81
CA SER D 809 79.40 -55.89 59.55
C SER D 809 80.78 -55.23 59.62
N THR D 810 81.34 -54.91 58.45
CA THR D 810 82.58 -54.15 58.36
C THR D 810 82.41 -53.04 57.33
N HIS D 811 82.49 -51.79 57.78
CA HIS D 811 82.39 -50.64 56.90
C HIS D 811 80.98 -50.48 56.36
N ALA D 812 79.98 -50.97 57.08
CA ALA D 812 78.61 -50.80 56.65
C ALA D 812 78.02 -49.47 57.09
N MET D 813 78.48 -48.94 58.22
CA MET D 813 78.06 -47.64 58.71
C MET D 813 79.24 -46.68 58.52
N ASN D 814 78.96 -45.48 58.02
CA ASN D 814 80.01 -44.51 57.75
C ASN D 814 80.02 -43.52 58.91
N VAL D 815 81.00 -43.67 59.78
CA VAL D 815 81.17 -42.80 60.94
C VAL D 815 82.27 -41.82 60.58
N PRO D 816 82.52 -40.81 61.41
CA PRO D 816 83.60 -39.86 61.12
C PRO D 816 84.97 -40.50 61.12
N GLU D 817 85.82 -40.01 60.23
CA GLU D 817 87.24 -40.33 60.15
C GLU D 817 87.55 -41.71 59.58
N ASP D 818 86.57 -42.43 59.02
CA ASP D 818 86.84 -43.73 58.44
C ASP D 818 86.83 -43.58 56.92
N HIS D 819 87.87 -44.11 56.27
CA HIS D 819 88.12 -43.87 54.86
C HIS D 819 87.47 -44.88 53.93
N ILE D 820 86.95 -45.99 54.44
CA ILE D 820 86.36 -47.03 53.60
C ILE D 820 84.91 -47.22 54.02
N HIS D 821 84.04 -47.50 53.04
CA HIS D 821 82.60 -47.57 53.28
C HIS D 821 81.99 -48.58 52.31
N ASP D 822 81.84 -49.82 52.76
CA ASP D 822 81.13 -50.85 52.01
C ASP D 822 79.64 -50.64 52.25
N VAL D 823 79.07 -49.67 51.55
CA VAL D 823 77.70 -49.25 51.83
C VAL D 823 76.69 -50.33 51.44
N GLU D 824 77.05 -51.26 50.57
CA GLU D 824 76.09 -52.28 50.17
C GLU D 824 75.58 -53.09 51.37
N LYS D 825 76.33 -53.10 52.47
CA LYS D 825 75.98 -53.90 53.63
C LYS D 825 74.93 -53.25 54.51
N ALA D 826 74.51 -52.03 54.20
CA ALA D 826 73.60 -51.34 55.11
C ALA D 826 72.20 -51.95 55.09
N THR D 827 71.82 -52.56 53.98
CA THR D 827 70.48 -53.15 53.91
C THR D 827 70.26 -54.21 54.98
N THR D 828 71.28 -55.02 55.26
CA THR D 828 71.19 -56.00 56.35
C THR D 828 70.65 -55.33 57.61
N ALA D 829 71.39 -54.38 58.16
CA ALA D 829 70.97 -53.73 59.40
C ALA D 829 69.59 -53.09 59.26
N GLY D 830 69.22 -52.71 58.04
CA GLY D 830 67.94 -52.04 57.85
C GLY D 830 66.78 -52.98 57.77
N LEU D 831 67.01 -54.20 57.31
CA LEU D 831 65.92 -55.17 57.22
C LEU D 831 65.56 -55.71 58.60
N MET D 832 66.57 -55.95 59.44
CA MET D 832 66.32 -56.53 60.75
C MET D 832 65.54 -55.60 61.67
N THR D 833 65.31 -54.35 61.28
CA THR D 833 64.50 -53.48 62.12
C THR D 833 63.09 -54.01 62.30
N ALA D 834 62.53 -54.60 61.24
CA ALA D 834 61.16 -55.12 61.27
C ALA D 834 61.05 -56.45 62.00
N VAL D 835 62.16 -57.03 62.45
CA VAL D 835 62.12 -58.32 63.15
C VAL D 835 61.45 -58.15 64.51
N GLN D 836 62.06 -57.36 65.39
CA GLN D 836 61.55 -57.22 66.75
C GLN D 836 60.08 -56.82 66.77
N HIS D 837 59.54 -56.35 65.65
CA HIS D 837 58.14 -56.00 65.58
C HIS D 837 57.28 -57.16 65.09
N GLU D 838 57.81 -57.97 64.18
CA GLU D 838 57.03 -59.06 63.59
C GLU D 838 57.18 -60.37 64.33
N TRP D 839 58.35 -60.64 64.91
CA TRP D 839 58.62 -61.84 65.69
C TRP D 839 59.23 -61.42 67.01
N PRO D 840 58.41 -60.88 67.91
CA PRO D 840 58.97 -60.24 69.12
C PRO D 840 59.97 -61.10 69.87
N PHE D 841 59.84 -62.43 69.80
CA PHE D 841 60.68 -63.30 70.61
C PHE D 841 62.10 -63.43 70.13
N ILE D 842 62.44 -62.89 68.97
CA ILE D 842 63.75 -63.05 68.37
C ILE D 842 64.45 -61.69 68.41
N LYS D 843 65.46 -61.56 69.26
CA LYS D 843 66.20 -60.32 69.42
C LYS D 843 67.28 -60.20 68.35
N VAL D 844 67.56 -58.96 67.94
CA VAL D 844 68.56 -58.65 66.93
C VAL D 844 69.37 -57.46 67.39
N GLN D 845 70.68 -57.51 67.13
CA GLN D 845 71.56 -56.38 67.35
C GLN D 845 72.71 -56.51 66.36
N CYS D 846 73.02 -55.42 65.67
CA CYS D 846 74.06 -55.39 64.65
C CYS D 846 75.27 -54.62 65.14
N LEU D 847 76.45 -55.05 64.71
CA LEU D 847 77.70 -54.39 65.02
C LEU D 847 78.47 -54.14 63.73
N ASP D 848 79.21 -53.02 63.70
CA ASP D 848 80.02 -52.65 62.55
C ASP D 848 81.41 -52.27 63.01
N PHE D 849 82.44 -52.86 62.40
CA PHE D 849 83.83 -52.61 62.73
C PHE D 849 84.54 -52.02 61.51
N SER D 850 85.75 -51.52 61.74
CA SER D 850 86.59 -50.99 60.67
C SER D 850 87.96 -51.67 60.72
N LEU D 851 88.39 -52.17 59.57
CA LEU D 851 89.69 -52.82 59.47
C LEU D 851 90.84 -51.83 59.28
N ALA D 852 90.57 -50.53 59.27
CA ALA D 852 91.64 -49.55 59.29
C ALA D 852 92.57 -49.83 60.46
N GLU D 853 93.85 -50.00 60.16
CA GLU D 853 94.81 -50.43 61.18
C GLU D 853 94.74 -49.56 62.42
N SER D 854 94.58 -50.21 63.57
CA SER D 854 94.56 -49.53 64.86
C SER D 854 95.40 -50.35 65.83
N VAL D 855 96.49 -49.75 66.31
CA VAL D 855 97.42 -50.46 67.18
C VAL D 855 96.80 -50.74 68.54
N SER D 856 95.71 -50.06 68.88
CA SER D 856 95.12 -50.19 70.21
C SER D 856 94.85 -51.65 70.52
N SER D 857 95.31 -52.10 71.70
CA SER D 857 95.08 -53.46 72.19
C SER D 857 93.64 -53.60 72.65
N HIS D 858 92.72 -53.57 71.69
CA HIS D 858 91.30 -53.77 71.96
C HIS D 858 90.70 -54.51 70.76
N SER D 859 91.03 -55.80 70.68
CA SER D 859 90.60 -56.64 69.57
C SER D 859 89.10 -56.55 69.35
N HIS D 860 88.71 -56.61 68.08
CA HIS D 860 87.29 -56.67 67.76
C HIS D 860 86.63 -57.81 68.53
N ALA D 861 87.33 -58.94 68.67
CA ALA D 861 86.78 -60.08 69.38
C ALA D 861 86.41 -59.74 70.82
N MET D 862 87.36 -59.20 71.58
CA MET D 862 87.07 -58.85 72.97
C MET D 862 85.86 -57.93 73.05
N ALA D 863 85.84 -56.87 72.23
CA ALA D 863 84.66 -56.03 72.18
C ALA D 863 83.43 -56.84 71.81
N MET D 864 83.59 -57.78 70.86
CA MET D 864 82.47 -58.63 70.47
C MET D 864 81.92 -59.39 71.67
N MET D 865 82.79 -60.06 72.42
CA MET D 865 82.34 -60.80 73.59
C MET D 865 81.58 -59.89 74.55
N ALA D 866 82.18 -58.73 74.88
CA ALA D 866 81.53 -57.81 75.79
C ALA D 866 80.12 -57.46 75.33
N GLU D 867 79.97 -57.16 74.03
CA GLU D 867 78.65 -56.79 73.53
C GLU D 867 77.69 -57.97 73.54
N LEU D 868 78.21 -59.19 73.46
CA LEU D 868 77.37 -60.38 73.48
C LEU D 868 76.80 -60.61 74.88
N THR D 869 77.65 -60.46 75.89
CA THR D 869 77.25 -60.74 77.26
C THR D 869 76.29 -59.70 77.83
N HIS D 870 76.36 -58.45 77.36
CA HIS D 870 75.65 -57.35 78.03
C HIS D 870 74.20 -57.16 77.56
N ASP D 871 73.91 -57.33 76.28
CA ASP D 871 72.57 -57.08 75.74
C ASP D 871 72.06 -55.69 76.16
N GLN D 872 72.65 -54.67 75.52
CA GLN D 872 72.32 -53.28 75.82
C GLN D 872 70.96 -52.84 75.25
N ASP D 873 70.36 -53.62 74.35
CA ASP D 873 69.07 -53.32 73.70
C ASP D 873 69.13 -52.12 72.76
N CYS D 874 70.31 -51.80 72.18
CA CYS D 874 70.44 -50.82 71.12
C CYS D 874 70.56 -51.59 69.81
N HIS D 875 69.83 -51.17 68.77
CA HIS D 875 69.82 -51.97 67.55
C HIS D 875 71.20 -52.08 66.94
N VAL D 876 71.70 -50.97 66.40
CA VAL D 876 72.98 -50.95 65.70
C VAL D 876 73.97 -50.10 66.48
N ALA D 877 75.23 -50.54 66.46
CA ALA D 877 76.31 -49.80 67.09
C ALA D 877 77.58 -50.09 66.31
N ALA D 878 78.56 -49.20 66.44
CA ALA D 878 79.77 -49.27 65.64
C ALA D 878 80.99 -49.05 66.52
N TYR D 879 81.94 -49.98 66.44
CA TYR D 879 83.25 -49.85 67.07
C TYR D 879 84.24 -49.45 65.99
N ARG D 880 84.87 -48.30 66.14
CA ARG D 880 85.78 -47.80 65.12
C ARG D 880 87.23 -47.74 65.60
N GLN D 881 87.50 -47.09 66.72
CA GLN D 881 88.85 -47.00 67.26
C GLN D 881 88.93 -47.68 68.62
N GLY D 882 88.29 -48.84 68.72
CA GLY D 882 88.13 -49.50 70.00
C GLY D 882 87.15 -48.80 70.91
N VAL D 883 86.20 -48.07 70.33
CA VAL D 883 85.24 -47.27 71.08
C VAL D 883 83.85 -47.53 70.53
N ARG D 884 82.92 -47.85 71.42
CA ARG D 884 81.54 -48.09 71.02
C ARG D 884 80.85 -46.76 70.73
N TYR D 885 80.18 -46.67 69.58
CA TYR D 885 79.39 -45.51 69.20
C TYR D 885 77.97 -45.95 68.86
N ILE D 886 76.98 -45.14 69.23
CA ILE D 886 75.59 -45.37 68.82
C ILE D 886 75.05 -44.11 68.15
N PRO D 887 74.10 -44.21 67.24
CA PRO D 887 73.61 -43.03 66.54
C PRO D 887 72.51 -42.30 67.28
N PHE D 888 72.68 -40.99 67.49
CA PHE D 888 71.66 -40.14 68.07
C PHE D 888 71.25 -39.05 67.07
N LEU D 889 70.08 -38.48 67.30
CA LEU D 889 69.61 -37.36 66.50
C LEU D 889 69.97 -36.04 67.17
N ALA D 890 70.08 -34.99 66.34
CA ALA D 890 70.40 -33.65 66.82
C ALA D 890 69.68 -32.69 65.89
N PRO D 891 69.10 -31.61 66.41
CA PRO D 891 68.33 -30.71 65.54
C PRO D 891 69.22 -30.02 64.52
N LEU D 892 68.61 -29.64 63.39
CA LEU D 892 69.38 -29.07 62.30
C LEU D 892 69.64 -27.58 62.54
N HIS D 893 68.62 -26.84 62.96
CA HIS D 893 68.76 -25.40 63.19
C HIS D 893 69.18 -24.72 61.89
N LEU D 894 68.21 -24.55 60.99
CA LEU D 894 68.50 -24.16 59.61
C LEU D 894 69.18 -22.80 59.53
N GLU D 895 68.67 -21.81 60.28
CA GLU D 895 69.23 -20.47 60.20
C GLU D 895 70.73 -20.50 60.46
N LYS D 896 71.12 -20.97 61.64
CA LYS D 896 72.52 -20.88 62.04
C LYS D 896 73.44 -21.70 61.12
N GLU D 897 72.90 -22.72 60.46
CA GLU D 897 73.70 -23.60 59.62
C GLU D 897 73.65 -23.22 58.14
N GLN D 898 72.91 -22.18 57.76
CA GLN D 898 72.85 -21.80 56.35
C GLN D 898 74.25 -21.52 55.81
N LYS D 899 74.47 -21.92 54.56
CA LYS D 899 75.76 -21.71 53.89
C LYS D 899 75.54 -21.19 52.47
N ARG D 900 74.38 -20.63 52.19
CA ARG D 900 73.97 -20.37 50.81
C ARG D 900 72.64 -19.64 50.80
N LYS D 901 72.43 -18.76 49.82
CA LYS D 901 71.33 -17.81 49.86
C LYS D 901 70.13 -18.22 49.03
N GLU D 902 70.32 -19.04 48.02
CA GLU D 902 69.25 -19.59 47.19
C GLU D 902 69.53 -21.07 46.96
N PRO D 903 68.49 -21.83 46.61
CA PRO D 903 68.69 -23.24 46.29
C PRO D 903 69.84 -23.42 45.31
N PRO D 904 70.57 -24.55 45.38
CA PRO D 904 71.75 -24.71 44.51
C PRO D 904 71.42 -25.18 43.11
N PHE D 905 70.26 -24.78 42.58
CA PHE D 905 69.88 -25.12 41.23
C PHE D 905 70.37 -24.05 40.27
N GLU D 906 71.04 -24.47 39.20
CA GLU D 906 71.38 -23.54 38.14
C GLU D 906 70.11 -23.18 37.36
N SER D 907 70.14 -22.01 36.72
CA SER D 907 68.96 -21.47 36.07
C SER D 907 68.52 -22.36 34.91
N SER D 908 69.33 -22.44 33.86
CA SER D 908 69.04 -23.32 32.73
C SER D 908 69.96 -24.53 32.76
N GLY D 909 69.87 -25.30 33.84
CA GLY D 909 70.69 -26.46 34.05
C GLY D 909 70.03 -27.75 33.60
N LEU D 910 70.85 -28.76 33.33
CA LEU D 910 70.39 -30.09 32.97
C LEU D 910 70.11 -30.87 34.24
N TYR D 911 68.86 -31.34 34.38
CA TYR D 911 68.45 -32.10 35.56
C TYR D 911 67.61 -33.29 35.12
N VAL D 912 68.02 -34.48 35.55
CA VAL D 912 67.34 -35.73 35.22
C VAL D 912 66.59 -36.21 36.45
N ILE D 913 65.38 -36.74 36.25
CA ILE D 913 64.43 -36.98 37.32
C ILE D 913 63.82 -38.37 37.17
N THR D 914 63.70 -39.08 38.29
CA THR D 914 63.07 -40.39 38.31
C THR D 914 61.74 -40.31 39.05
N GLY D 915 60.69 -40.84 38.43
CA GLY D 915 59.38 -40.73 39.02
C GLY D 915 58.98 -39.29 39.24
N GLY D 916 59.38 -38.40 38.33
CA GLY D 916 58.94 -37.03 38.39
C GLY D 916 57.44 -36.88 38.29
N LEU D 917 56.75 -37.92 37.83
CA LEU D 917 55.29 -37.91 37.78
C LEU D 917 54.67 -38.25 39.11
N GLY D 918 55.48 -38.66 40.09
CA GLY D 918 54.98 -38.87 41.43
C GLY D 918 54.63 -37.58 42.12
N GLY D 919 53.85 -37.69 43.19
CA GLY D 919 53.39 -36.51 43.91
C GLY D 919 54.53 -35.56 44.27
N ILE D 920 55.63 -36.10 44.78
CA ILE D 920 56.74 -35.26 45.20
C ILE D 920 57.65 -34.90 44.03
N GLY D 921 57.68 -35.71 42.98
CA GLY D 921 58.46 -35.35 41.81
C GLY D 921 57.86 -34.18 41.07
N ARG D 922 56.54 -34.17 40.88
CA ARG D 922 55.89 -33.06 40.19
C ARG D 922 56.26 -31.74 40.85
N LEU D 923 56.06 -31.63 42.17
CA LEU D 923 56.45 -30.42 42.89
C LEU D 923 57.84 -29.96 42.48
N VAL D 924 58.78 -30.89 42.37
CA VAL D 924 60.14 -30.52 42.00
C VAL D 924 60.25 -30.28 40.50
N SER D 925 59.46 -30.99 39.69
CA SER D 925 59.50 -30.76 38.25
C SER D 925 58.81 -29.46 37.88
N GLU D 926 57.61 -29.22 38.43
CA GLU D 926 56.95 -27.94 38.21
C GLU D 926 57.87 -26.79 38.60
N GLN D 927 58.55 -26.92 39.75
CA GLN D 927 59.40 -25.83 40.24
C GLN D 927 60.57 -25.59 39.30
N LEU D 928 61.34 -26.63 39.00
CA LEU D 928 62.53 -26.43 38.16
C LEU D 928 62.18 -26.02 36.73
N LEU D 929 60.90 -25.95 36.38
CA LEU D 929 60.50 -25.49 35.06
C LEU D 929 60.01 -24.06 35.07
N THR D 930 59.39 -23.63 36.16
CA THR D 930 58.93 -22.24 36.28
C THR D 930 60.03 -21.38 36.89
N SER D 931 60.25 -21.51 38.20
CA SER D 931 61.23 -20.66 38.87
C SER D 931 62.59 -20.69 38.18
N TYR D 932 63.02 -21.88 37.79
CA TYR D 932 64.19 -22.04 36.95
C TYR D 932 63.73 -22.62 35.62
N GLN D 933 64.48 -22.32 34.56
CA GLN D 933 64.11 -22.76 33.20
C GLN D 933 65.04 -23.89 32.77
N ALA D 934 64.83 -25.05 33.37
CA ALA D 934 65.79 -26.15 33.30
C ALA D 934 65.43 -27.14 32.21
N HIS D 935 66.47 -27.77 31.67
CA HIS D 935 66.32 -28.84 30.68
C HIS D 935 66.12 -30.13 31.47
N LEU D 936 64.85 -30.50 31.64
CA LEU D 936 64.47 -31.69 32.40
C LEU D 936 64.31 -32.89 31.49
N VAL D 937 64.93 -34.01 31.87
CA VAL D 937 64.72 -35.28 31.23
C VAL D 937 64.21 -36.25 32.30
N LEU D 938 62.99 -36.75 32.09
CA LEU D 938 62.35 -37.64 33.05
C LEU D 938 62.59 -39.09 32.62
N LEU D 939 63.06 -39.91 33.55
CA LEU D 939 63.29 -41.32 33.30
C LEU D 939 62.19 -42.11 33.99
N GLY D 940 61.42 -42.86 33.19
CA GLY D 940 60.44 -43.78 33.71
C GLY D 940 60.80 -45.19 33.26
N ARG D 941 60.14 -46.16 33.89
CA ARG D 941 60.39 -47.56 33.63
C ARG D 941 59.49 -48.10 32.52
N LYS D 942 58.25 -47.61 32.45
CA LYS D 942 57.34 -47.94 31.37
C LYS D 942 57.62 -47.07 30.15
N GLU D 943 56.86 -47.31 29.08
CA GLU D 943 56.86 -46.43 27.92
C GLU D 943 55.76 -45.38 28.07
N ARG D 944 55.88 -44.30 27.29
CA ARG D 944 54.98 -43.17 27.45
C ARG D 944 53.52 -43.60 27.42
N GLU D 945 53.11 -44.28 26.36
CA GLU D 945 51.70 -44.63 26.22
C GLU D 945 51.23 -45.59 27.29
N ALA D 946 52.16 -46.31 27.92
CA ALA D 946 51.81 -47.32 28.92
C ALA D 946 51.85 -46.78 30.33
N LEU D 947 51.88 -45.47 30.50
CA LEU D 947 51.86 -44.89 31.84
C LEU D 947 50.42 -44.87 32.35
N SER D 948 50.30 -44.71 33.66
CA SER D 948 48.98 -44.50 34.24
C SER D 948 48.34 -43.28 33.61
N SER D 949 47.06 -43.40 33.24
CA SER D 949 46.34 -42.25 32.73
C SER D 949 46.48 -41.05 33.67
N ASP D 950 46.71 -41.31 34.96
CA ASP D 950 46.95 -40.21 35.89
C ASP D 950 48.31 -39.56 35.65
N GLN D 951 49.31 -40.33 35.18
CA GLN D 951 50.63 -39.75 34.95
C GLN D 951 50.72 -39.07 33.58
N GLN D 952 50.27 -39.76 32.52
CA GLN D 952 50.25 -39.10 31.22
C GLN D 952 49.61 -37.73 31.33
N GLU D 953 48.62 -37.59 32.20
CA GLU D 953 48.07 -36.28 32.50
C GLU D 953 49.13 -35.40 33.16
N THR D 954 49.68 -35.88 34.28
CA THR D 954 50.67 -35.11 35.02
C THR D 954 51.94 -34.86 34.22
N LEU D 955 52.12 -35.53 33.08
CA LEU D 955 53.26 -35.24 32.23
C LEU D 955 52.92 -34.16 31.21
N SER D 956 51.79 -34.32 30.51
CA SER D 956 51.38 -33.30 29.54
C SER D 956 51.30 -31.93 30.21
N LEU D 957 50.77 -31.86 31.42
CA LEU D 957 50.82 -30.62 32.18
C LEU D 957 52.22 -30.04 32.15
N LEU D 958 53.23 -30.87 32.44
CA LEU D 958 54.61 -30.37 32.47
C LEU D 958 55.07 -29.92 31.10
N GLU D 959 54.62 -30.57 30.03
CA GLU D 959 55.01 -30.15 28.68
C GLU D 959 54.50 -28.75 28.37
N LYS D 960 53.21 -28.50 28.61
CA LYS D 960 52.68 -27.16 28.43
C LYS D 960 53.37 -26.16 29.36
N GLN D 961 53.39 -26.47 30.65
CA GLN D 961 53.99 -25.57 31.63
C GLN D 961 55.45 -25.30 31.36
N ALA D 962 56.09 -26.07 30.49
CA ALA D 962 57.47 -25.80 30.10
C ALA D 962 57.53 -24.90 28.89
N LYS D 963 56.64 -25.10 27.92
CA LYS D 963 56.62 -24.26 26.74
C LYS D 963 56.37 -22.80 27.10
N VAL D 964 55.52 -22.56 28.11
CA VAL D 964 55.16 -21.19 28.47
C VAL D 964 56.12 -20.59 29.49
N HIS D 965 57.08 -21.36 30.00
CA HIS D 965 58.10 -20.84 30.91
C HIS D 965 59.51 -21.05 30.38
N GLY D 966 59.67 -21.38 29.10
CA GLY D 966 60.98 -21.42 28.48
C GLY D 966 61.84 -22.63 28.82
N GLY D 967 61.34 -23.56 29.61
CA GLY D 967 62.06 -24.80 29.85
C GLY D 967 61.72 -25.88 28.85
N LYS D 968 62.51 -26.95 28.86
CA LYS D 968 62.29 -28.13 28.03
C LYS D 968 62.12 -29.34 28.94
N VAL D 969 61.31 -30.30 28.49
CA VAL D 969 61.06 -31.51 29.27
C VAL D 969 60.83 -32.71 28.36
N LEU D 970 61.72 -33.70 28.43
CA LEU D 970 61.60 -34.90 27.64
C LEU D 970 61.47 -36.08 28.58
N TYR D 971 60.91 -37.18 28.05
CA TYR D 971 60.70 -38.41 28.81
C TYR D 971 61.18 -39.61 27.99
N GLU D 972 61.86 -40.52 28.66
CA GLU D 972 62.43 -41.69 28.00
C GLU D 972 62.26 -42.92 28.87
N LYS D 973 61.70 -43.97 28.28
CA LYS D 973 61.75 -45.28 28.89
C LYS D 973 63.20 -45.73 29.02
N ALA D 974 63.55 -46.26 30.18
CA ALA D 974 64.94 -46.65 30.39
C ALA D 974 65.06 -47.53 31.62
N ASP D 975 66.08 -48.38 31.62
CA ASP D 975 66.39 -49.24 32.76
C ASP D 975 67.30 -48.46 33.71
N ILE D 976 66.73 -47.98 34.81
CA ILE D 976 67.49 -47.24 35.80
C ILE D 976 68.67 -48.03 36.34
N THR D 977 68.73 -49.35 36.07
CA THR D 977 69.67 -50.26 36.71
C THR D 977 70.96 -50.47 35.94
N ALA D 978 70.99 -50.16 34.65
CA ALA D 978 72.13 -50.49 33.80
C ALA D 978 73.17 -49.37 33.79
N GLU D 979 74.37 -49.67 34.27
CA GLU D 979 75.44 -48.69 34.26
C GLU D 979 75.54 -48.03 32.90
N LYS D 980 75.70 -48.83 31.85
CA LYS D 980 76.02 -48.32 30.53
C LYS D 980 74.82 -47.66 29.87
N GLU D 981 73.65 -48.29 29.94
CA GLU D 981 72.44 -47.70 29.38
C GLU D 981 72.13 -46.34 30.00
N VAL D 982 72.62 -46.07 31.21
CA VAL D 982 72.35 -44.78 31.85
C VAL D 982 73.28 -43.70 31.31
N GLU D 983 74.59 -43.97 31.28
CA GLU D 983 75.54 -42.97 30.81
C GLU D 983 75.25 -42.54 29.38
N ALA D 984 74.78 -43.46 28.55
CA ALA D 984 74.47 -43.12 27.17
C ALA D 984 73.32 -42.12 27.08
N ILE D 985 72.26 -42.32 27.86
CA ILE D 985 71.11 -41.43 27.77
C ILE D 985 71.45 -40.05 28.32
N ILE D 986 72.36 -39.98 29.29
CA ILE D 986 72.79 -38.68 29.79
C ILE D 986 73.65 -37.98 28.74
N SER D 987 74.70 -38.65 28.28
CA SER D 987 75.57 -38.07 27.27
C SER D 987 74.77 -37.54 26.09
N ARG D 988 73.83 -38.33 25.57
CA ARG D 988 73.05 -37.90 24.42
C ARG D 988 72.37 -36.57 24.70
N HIS D 989 71.72 -36.43 25.85
CA HIS D 989 71.11 -35.15 26.21
C HIS D 989 72.16 -34.11 26.59
N GLU D 990 73.35 -34.54 27.00
CA GLU D 990 74.42 -33.58 27.29
C GLU D 990 74.99 -32.95 26.03
N VAL D 991 74.86 -33.61 24.88
CA VAL D 991 75.43 -33.10 23.64
C VAL D 991 74.36 -32.48 22.75
N ALA D 992 73.16 -33.06 22.76
CA ALA D 992 72.06 -32.48 22.00
C ALA D 992 71.78 -31.06 22.48
N GLY D 993 71.37 -30.91 23.72
CA GLY D 993 71.46 -29.63 24.38
C GLY D 993 72.87 -29.44 24.90
N ASN D 994 73.39 -28.23 24.75
CA ASN D 994 74.78 -27.97 25.11
C ASN D 994 75.00 -27.77 26.60
N ARG D 995 74.29 -28.51 27.45
CA ARG D 995 74.50 -28.47 28.89
C ARG D 995 75.13 -29.77 29.38
N ARG D 996 76.06 -29.67 30.32
CA ARG D 996 76.54 -30.83 31.04
C ARG D 996 75.66 -31.06 32.26
N LEU D 997 75.46 -32.33 32.61
CA LEU D 997 74.59 -32.68 33.71
C LEU D 997 74.91 -31.86 34.94
N ASP D 998 73.88 -31.26 35.53
CA ASP D 998 74.05 -30.44 36.72
C ASP D 998 73.49 -31.09 37.99
N GLY D 999 72.69 -32.15 37.87
CA GLY D 999 72.12 -32.79 39.03
C GLY D 999 71.15 -33.91 38.70
N ILE D 1000 71.02 -34.84 39.63
CA ILE D 1000 70.09 -35.97 39.53
C ILE D 1000 69.09 -35.87 40.67
N ILE D 1001 67.81 -36.07 40.36
CA ILE D 1001 66.75 -36.11 41.36
C ILE D 1001 66.10 -37.48 41.28
N HIS D 1002 66.33 -38.30 42.31
CA HIS D 1002 66.04 -39.75 42.29
C HIS D 1002 64.94 -40.06 43.28
N PHE D 1003 63.69 -40.02 42.81
CA PHE D 1003 62.54 -40.32 43.67
C PHE D 1003 61.82 -41.60 43.27
N ALA D 1004 62.21 -42.24 42.17
CA ALA D 1004 61.65 -43.53 41.84
C ALA D 1004 61.72 -44.44 43.04
N GLY D 1005 60.70 -45.27 43.19
CA GLY D 1005 60.59 -46.14 44.33
C GLY D 1005 59.21 -46.70 44.46
N ILE D 1006 59.14 -48.00 44.72
CA ILE D 1006 57.88 -48.67 44.94
C ILE D 1006 57.70 -48.85 46.44
N ILE D 1007 56.45 -49.01 46.87
CA ILE D 1007 56.16 -49.40 48.25
C ILE D 1007 55.36 -50.69 48.23
N GLN D 1008 55.76 -51.61 49.08
CA GLN D 1008 55.00 -52.83 49.33
C GLN D 1008 55.05 -53.06 50.83
N GLU D 1009 53.90 -52.94 51.48
CA GLU D 1009 53.77 -53.29 52.89
C GLU D 1009 53.69 -54.81 52.96
N GLU D 1010 54.74 -55.44 53.49
CA GLU D 1010 54.85 -56.89 53.45
C GLU D 1010 55.66 -57.37 54.65
N LEU D 1011 55.26 -58.52 55.18
CA LEU D 1011 55.88 -59.09 56.38
C LEU D 1011 57.05 -59.98 56.00
N LEU D 1012 58.02 -60.06 56.90
CA LEU D 1012 59.15 -60.97 56.68
C LEU D 1012 58.65 -62.39 56.46
N ALA D 1013 57.51 -62.73 57.06
CA ALA D 1013 56.93 -64.06 56.86
C ALA D 1013 56.68 -64.33 55.38
N ASP D 1014 56.05 -63.40 54.69
CA ASP D 1014 55.63 -63.59 53.31
C ASP D 1014 56.66 -63.08 52.31
N MET D 1015 57.82 -62.63 52.79
CA MET D 1015 58.77 -61.96 51.92
C MET D 1015 59.56 -63.00 51.14
N THR D 1016 59.19 -63.19 49.88
CA THR D 1016 60.00 -64.01 49.00
C THR D 1016 61.32 -63.30 48.74
N SER D 1017 62.30 -64.08 48.25
CA SER D 1017 63.58 -63.48 47.89
C SER D 1017 63.43 -62.42 46.79
N VAL D 1018 62.34 -62.47 46.04
CA VAL D 1018 62.09 -61.48 45.00
C VAL D 1018 61.38 -60.24 45.55
N SER D 1019 60.53 -60.40 46.56
CA SER D 1019 59.97 -59.23 47.22
C SER D 1019 61.04 -58.19 47.52
N LEU D 1020 62.19 -58.65 48.00
CA LEU D 1020 63.28 -57.76 48.35
C LEU D 1020 63.95 -57.19 47.10
N ASN D 1021 64.24 -58.04 46.12
CA ASN D 1021 64.92 -57.55 44.94
C ASN D 1021 64.05 -56.62 44.11
N ASP D 1022 62.73 -56.72 44.22
CA ASP D 1022 61.88 -55.76 43.53
C ASP D 1022 61.94 -54.40 44.20
N MET D 1023 62.17 -54.36 45.51
CA MET D 1023 62.35 -53.09 46.20
C MET D 1023 63.68 -52.47 45.84
N TYR D 1024 64.75 -53.25 45.96
CA TYR D 1024 66.11 -52.75 45.71
C TYR D 1024 66.31 -52.22 44.29
N GLU D 1025 65.49 -52.64 43.32
CA GLU D 1025 65.76 -52.28 41.92
C GLU D 1025 65.94 -50.77 41.77
N ALA D 1026 64.96 -50.00 42.21
CA ALA D 1026 65.05 -48.55 42.08
C ALA D 1026 65.96 -47.97 43.16
N LYS D 1027 65.65 -48.24 44.43
CA LYS D 1027 66.26 -47.54 45.55
C LYS D 1027 67.70 -47.99 45.82
N VAL D 1028 68.23 -48.97 45.09
CA VAL D 1028 69.61 -49.37 45.29
C VAL D 1028 70.31 -49.55 43.96
N TYR D 1029 69.94 -50.60 43.23
CA TYR D 1029 70.61 -50.87 41.96
C TYR D 1029 70.47 -49.68 41.00
N GLY D 1030 69.31 -49.04 41.00
CA GLY D 1030 69.18 -47.82 40.21
C GLY D 1030 70.06 -46.70 40.73
N THR D 1031 69.97 -46.40 42.02
CA THR D 1031 70.81 -45.39 42.62
C THR D 1031 72.29 -45.57 42.24
N ILE D 1032 72.76 -46.82 42.21
CA ILE D 1032 74.18 -47.02 41.97
C ILE D 1032 74.55 -46.66 40.54
N ALA D 1033 73.65 -46.94 39.58
CA ALA D 1033 73.91 -46.60 38.19
C ALA D 1033 73.91 -45.08 38.00
N LEU D 1034 72.95 -44.40 38.60
CA LEU D 1034 72.92 -42.95 38.49
C LEU D 1034 74.20 -42.34 39.04
N HIS D 1035 74.64 -42.77 40.23
CA HIS D 1035 75.88 -42.23 40.77
C HIS D 1035 77.08 -42.51 39.88
N GLU D 1036 77.10 -43.67 39.23
CA GLU D 1036 78.25 -43.94 38.37
C GLU D 1036 78.36 -42.90 37.27
N ALA D 1037 77.24 -42.34 36.83
CA ALA D 1037 77.31 -41.28 35.83
C ALA D 1037 77.68 -39.95 36.47
N ALA D 1038 76.92 -39.54 37.50
CA ALA D 1038 77.21 -38.27 38.14
C ALA D 1038 78.62 -38.23 38.71
N SER D 1039 79.18 -39.39 39.06
CA SER D 1039 80.53 -39.40 39.63
C SER D 1039 81.59 -39.04 38.61
N LYS D 1040 81.28 -39.21 37.33
CA LYS D 1040 82.21 -38.90 36.24
C LYS D 1040 82.19 -37.44 35.84
N ARG D 1041 81.38 -36.61 36.50
CA ARG D 1041 81.31 -35.19 36.25
C ARG D 1041 81.68 -34.46 37.54
N ARG D 1042 81.50 -33.15 37.53
CA ARG D 1042 82.02 -32.30 38.61
C ARG D 1042 80.85 -31.73 39.39
N ASN D 1043 80.82 -32.04 40.69
CA ASN D 1043 79.90 -31.42 41.64
C ASN D 1043 78.44 -31.58 41.20
N VAL D 1044 78.05 -32.82 40.92
CA VAL D 1044 76.68 -33.10 40.51
C VAL D 1044 75.79 -33.19 41.74
N LEU D 1045 74.61 -32.59 41.65
CA LEU D 1045 73.67 -32.58 42.77
C LEU D 1045 72.88 -33.89 42.79
N PHE D 1046 72.70 -34.46 43.98
CA PHE D 1046 72.04 -35.75 44.14
C PHE D 1046 70.93 -35.62 45.17
N LEU D 1047 69.68 -35.72 44.71
CA LEU D 1047 68.52 -35.65 45.57
C LEU D 1047 67.91 -37.03 45.72
N SER D 1048 67.61 -37.43 46.96
CA SER D 1048 67.10 -38.76 47.27
C SER D 1048 66.02 -38.70 48.33
N SER D 1049 64.96 -39.49 48.14
CA SER D 1049 63.83 -39.57 49.07
C SER D 1049 63.94 -40.84 49.90
N SER D 1050 63.64 -40.73 51.19
CA SER D 1050 63.67 -41.87 52.10
C SER D 1050 62.46 -41.78 53.02
N SER D 1051 62.57 -42.41 54.20
CA SER D 1051 61.53 -42.38 55.21
C SER D 1051 62.18 -42.48 56.58
N ALA D 1052 61.51 -41.91 57.58
CA ALA D 1052 62.02 -41.94 58.95
C ALA D 1052 61.69 -43.25 59.66
N ARG D 1053 60.86 -44.10 59.05
CA ARG D 1053 60.60 -45.40 59.65
C ARG D 1053 61.89 -46.16 59.88
N THR D 1054 62.89 -45.93 59.03
CA THR D 1054 64.16 -46.64 59.18
C THR D 1054 64.79 -46.40 60.54
N LEU D 1055 64.41 -45.35 61.25
CA LEU D 1055 65.06 -45.07 62.52
C LEU D 1055 64.75 -46.13 63.56
N LYS D 1056 63.45 -46.38 63.79
CA LYS D 1056 63.01 -47.27 64.84
C LYS D 1056 62.47 -48.59 64.31
N GLY D 1057 62.38 -48.77 63.01
CA GLY D 1057 61.85 -49.99 62.45
C GLY D 1057 60.33 -49.96 62.44
N GLY D 1058 59.77 -50.98 61.83
CA GLY D 1058 58.32 -51.05 61.70
C GLY D 1058 57.85 -52.41 61.28
N MET D 1059 56.66 -52.79 61.72
CA MET D 1059 56.06 -54.02 61.25
C MET D 1059 55.65 -53.88 59.79
N THR D 1060 55.76 -54.97 59.04
CA THR D 1060 55.37 -55.05 57.63
C THR D 1060 56.03 -53.97 56.77
N VAL D 1061 57.26 -53.59 57.09
CA VAL D 1061 57.99 -52.62 56.27
C VAL D 1061 59.46 -53.00 56.26
N GLY D 1062 59.75 -54.29 56.47
CA GLY D 1062 61.13 -54.73 56.44
C GLY D 1062 61.80 -54.42 55.11
N ALA D 1063 61.10 -54.70 54.01
CA ALA D 1063 61.63 -54.39 52.68
C ALA D 1063 61.88 -52.90 52.56
N TYR D 1064 60.87 -52.10 52.90
CA TYR D 1064 60.97 -50.65 52.87
C TYR D 1064 62.22 -50.19 53.61
N CYS D 1065 62.24 -50.38 54.93
CA CYS D 1065 63.38 -49.92 55.73
C CYS D 1065 64.71 -50.47 55.22
N ALA D 1066 64.70 -51.68 54.67
CA ALA D 1066 65.97 -52.28 54.28
C ALA D 1066 66.65 -51.46 53.21
N ALA D 1067 65.91 -51.07 52.18
CA ALA D 1067 66.49 -50.26 51.11
C ALA D 1067 66.76 -48.84 51.58
N ASN D 1068 65.80 -48.23 52.29
CA ASN D 1068 66.00 -46.83 52.69
C ASN D 1068 67.18 -46.68 53.62
N GLU D 1069 67.48 -47.70 54.43
CA GLU D 1069 68.71 -47.63 55.23
C GLU D 1069 69.94 -47.58 54.33
N PHE D 1070 69.81 -48.01 53.08
CA PHE D 1070 70.90 -47.90 52.13
C PHE D 1070 70.96 -46.50 51.52
N VAL D 1071 69.82 -46.01 51.03
CA VAL D 1071 69.83 -44.70 50.38
C VAL D 1071 70.30 -43.63 51.37
N GLU D 1072 69.94 -43.75 52.64
CA GLU D 1072 70.44 -42.82 53.64
C GLU D 1072 71.95 -42.94 53.78
N GLN D 1073 72.44 -44.15 54.06
CA GLN D 1073 73.87 -44.34 54.18
C GLN D 1073 74.62 -44.05 52.87
N PHE D 1074 73.91 -43.92 51.74
CA PHE D 1074 74.62 -43.72 50.49
C PHE D 1074 75.15 -42.30 50.36
N ALA D 1075 74.34 -41.31 50.72
CA ALA D 1075 74.81 -39.93 50.69
C ALA D 1075 76.22 -39.84 51.26
N HIS D 1076 76.44 -40.46 52.42
CA HIS D 1076 77.77 -40.43 53.01
C HIS D 1076 78.79 -41.13 52.11
N TYR D 1077 78.38 -42.14 51.35
CA TYR D 1077 79.30 -42.80 50.43
C TYR D 1077 79.74 -41.85 49.32
N GLN D 1078 78.84 -40.99 48.86
CA GLN D 1078 79.17 -40.09 47.77
C GLN D 1078 80.14 -39.01 48.23
N LYS D 1079 79.87 -38.40 49.39
CA LYS D 1079 80.75 -37.36 49.91
C LYS D 1079 82.16 -37.90 50.16
N LEU D 1080 82.29 -39.21 50.38
CA LEU D 1080 83.60 -39.80 50.63
C LEU D 1080 84.23 -40.36 49.37
N THR D 1081 83.43 -40.69 48.36
CA THR D 1081 83.92 -41.35 47.17
C THR D 1081 84.18 -40.40 46.01
N SER D 1082 83.30 -39.43 45.81
CA SER D 1082 83.26 -38.71 44.55
C SER D 1082 83.04 -37.23 44.81
N THR D 1083 83.06 -36.46 43.71
CA THR D 1083 82.77 -35.04 43.75
C THR D 1083 81.31 -34.78 44.10
N VAL D 1084 80.46 -35.80 44.00
CA VAL D 1084 79.02 -35.60 44.07
C VAL D 1084 78.64 -34.91 45.36
N LYS D 1085 77.63 -34.03 45.27
CA LYS D 1085 77.09 -33.33 46.42
C LYS D 1085 75.69 -33.84 46.68
N PRO D 1086 75.48 -34.71 47.70
CA PRO D 1086 74.17 -35.32 47.90
C PRO D 1086 73.33 -34.67 48.97
N TYR D 1087 72.02 -34.68 48.80
CA TYR D 1087 71.08 -34.21 49.81
C TYR D 1087 69.95 -35.22 49.89
N CYS D 1088 69.81 -35.90 51.03
CA CYS D 1088 68.84 -36.98 51.21
C CYS D 1088 67.85 -36.65 52.31
N PHE D 1089 66.59 -36.47 51.93
CA PHE D 1089 65.51 -36.19 52.87
C PHE D 1089 64.76 -37.48 53.16
N SER D 1090 64.79 -37.92 54.41
CA SER D 1090 63.99 -39.05 54.87
C SER D 1090 62.81 -38.46 55.63
N PHE D 1091 61.62 -38.63 55.08
CA PHE D 1091 60.43 -37.99 55.61
C PHE D 1091 59.70 -38.88 56.60
N SER D 1092 59.01 -38.23 57.53
CA SER D 1092 58.19 -38.98 58.47
C SER D 1092 57.00 -39.61 57.77
N MET D 1093 56.14 -38.80 57.15
CA MET D 1093 54.90 -39.30 56.57
C MET D 1093 54.43 -38.29 55.54
N TRP D 1094 53.63 -38.76 54.59
CA TRP D 1094 53.04 -37.92 53.55
C TRP D 1094 51.52 -37.92 53.62
N ASP D 1095 50.94 -36.76 53.30
CA ASP D 1095 49.51 -36.64 53.03
C ASP D 1095 49.14 -37.12 51.64
N GLU D 1096 50.13 -37.50 50.81
CA GLU D 1096 49.87 -37.95 49.46
C GLU D 1096 49.23 -39.33 49.41
N ILE D 1097 49.40 -40.14 50.46
CA ILE D 1097 48.73 -41.44 50.54
C ILE D 1097 47.31 -41.22 51.02
N GLY D 1098 46.90 -39.96 51.11
CA GLY D 1098 45.56 -39.62 51.55
C GLY D 1098 45.54 -39.39 53.04
N MET D 1099 44.85 -38.34 53.50
CA MET D 1099 44.79 -38.10 54.94
C MET D 1099 43.91 -39.13 55.64
N SER D 1100 42.95 -39.72 54.93
CA SER D 1100 42.16 -40.82 55.49
C SER D 1100 42.86 -42.16 55.30
N GLU D 1101 43.17 -42.52 54.04
CA GLU D 1101 43.84 -43.76 53.67
C GLU D 1101 42.98 -44.98 53.98
N GLY D 1102 41.80 -44.79 54.56
CA GLY D 1102 41.00 -45.87 55.12
C GLY D 1102 41.61 -46.52 56.33
N SER D 1103 42.74 -46.02 56.81
CA SER D 1103 43.37 -46.47 58.04
C SER D 1103 43.92 -45.21 58.71
N MET D 1104 43.09 -44.55 59.50
CA MET D 1104 43.60 -43.46 60.33
C MET D 1104 44.49 -43.97 61.46
N ILE D 1105 44.65 -45.28 61.62
CA ILE D 1105 45.61 -45.80 62.59
C ILE D 1105 47.04 -45.70 62.04
N LYS D 1106 47.19 -45.42 60.74
CA LYS D 1106 48.46 -44.89 60.28
C LYS D 1106 48.69 -43.49 60.84
N GLY D 1107 47.63 -42.83 61.31
CA GLY D 1107 47.77 -41.59 62.06
C GLY D 1107 48.28 -41.82 63.46
N MET D 1108 48.00 -42.98 64.05
CA MET D 1108 48.63 -43.34 65.31
C MET D 1108 50.15 -43.14 65.23
N LEU D 1109 50.72 -43.40 64.05
CA LEU D 1109 52.12 -43.11 63.81
C LEU D 1109 52.43 -41.64 64.12
N LYS D 1110 51.45 -40.75 63.94
CA LYS D 1110 51.61 -39.36 64.37
C LYS D 1110 51.84 -39.28 65.86
N GLU D 1111 51.02 -39.97 66.65
CA GLU D 1111 51.03 -39.81 68.09
C GLU D 1111 52.36 -40.19 68.71
N ARG D 1112 53.18 -41.00 68.04
CA ARG D 1112 54.50 -41.32 68.57
C ARG D 1112 55.59 -40.38 68.05
N GLY D 1113 55.24 -39.46 67.16
CA GLY D 1113 56.13 -38.36 66.81
C GLY D 1113 56.53 -38.31 65.36
N TYR D 1114 55.66 -38.78 64.47
CA TYR D 1114 55.90 -38.77 63.03
C TYR D 1114 54.76 -37.98 62.39
N LEU D 1115 54.98 -36.68 62.19
CA LEU D 1115 53.92 -35.80 61.74
C LEU D 1115 53.61 -36.02 60.26
N PRO D 1116 52.36 -35.77 59.85
CA PRO D 1116 52.07 -35.67 58.41
C PRO D 1116 52.47 -34.30 57.90
N ILE D 1117 53.07 -34.27 56.71
CA ILE D 1117 53.59 -33.04 56.12
C ILE D 1117 52.95 -32.85 54.75
N SER D 1118 52.39 -31.67 54.53
CA SER D 1118 51.74 -31.36 53.26
C SER D 1118 52.79 -31.18 52.17
N LYS D 1119 52.31 -31.14 50.92
CA LYS D 1119 53.21 -30.92 49.81
C LYS D 1119 54.05 -29.66 50.04
N GLN D 1120 53.39 -28.52 50.20
CA GLN D 1120 54.10 -27.27 50.39
C GLN D 1120 55.01 -27.33 51.61
N ALA D 1121 54.46 -27.72 52.76
CA ALA D 1121 55.24 -27.75 53.99
C ALA D 1121 56.55 -28.51 53.81
N GLY D 1122 56.49 -29.68 53.17
CA GLY D 1122 57.70 -30.44 52.96
C GLY D 1122 58.60 -29.84 51.90
N PHE D 1123 58.05 -29.59 50.71
CA PHE D 1123 58.83 -29.00 49.64
C PHE D 1123 59.56 -27.75 50.10
N GLN D 1124 58.84 -26.85 50.76
CA GLN D 1124 59.47 -25.64 51.30
C GLN D 1124 60.64 -26.00 52.22
N THR D 1125 60.46 -27.03 53.05
CA THR D 1125 61.53 -27.46 53.94
C THR D 1125 62.76 -27.88 53.15
N MET D 1126 62.57 -28.76 52.15
CA MET D 1126 63.68 -29.22 51.32
C MET D 1126 64.54 -28.06 50.85
N LEU D 1127 63.91 -27.03 50.29
CA LEU D 1127 64.65 -25.89 49.79
C LEU D 1127 65.48 -25.28 50.91
N ALA D 1128 64.84 -25.03 52.06
CA ALA D 1128 65.55 -24.50 53.21
C ALA D 1128 66.77 -25.35 53.54
N CYS D 1129 66.59 -26.66 53.58
CA CYS D 1129 67.70 -27.54 53.91
C CYS D 1129 68.76 -27.52 52.81
N LEU D 1130 68.35 -27.52 51.55
CA LEU D 1130 69.31 -27.48 50.44
C LEU D 1130 70.31 -26.34 50.60
N MET D 1131 69.92 -25.28 51.29
CA MET D 1131 70.79 -24.14 51.57
C MET D 1131 71.61 -24.37 52.83
N THR D 1132 72.06 -25.59 53.11
CA THR D 1132 72.73 -25.85 54.38
C THR D 1132 73.93 -26.79 54.37
N ASP D 1133 74.24 -27.47 53.29
CA ASP D 1133 75.33 -28.43 53.22
C ASP D 1133 75.07 -29.72 54.02
N ALA D 1134 73.96 -29.82 54.73
CA ALA D 1134 73.62 -31.06 55.45
C ALA D 1134 73.35 -32.18 54.44
N PRO D 1135 74.09 -33.30 54.48
CA PRO D 1135 73.91 -34.31 53.43
C PRO D 1135 72.78 -35.28 53.70
N LEU D 1136 72.55 -35.57 54.97
CA LEU D 1136 71.50 -36.48 55.41
C LEU D 1136 70.67 -35.80 56.47
N ILE D 1137 69.36 -35.79 56.28
CA ILE D 1137 68.50 -34.99 57.15
C ILE D 1137 67.14 -35.63 57.31
N TYR D 1138 66.76 -35.93 58.55
CA TYR D 1138 65.46 -36.50 58.88
C TYR D 1138 64.52 -35.36 59.23
N THR D 1139 63.37 -35.30 58.56
CA THR D 1139 62.43 -34.21 58.77
C THR D 1139 61.03 -34.75 58.98
N GLY D 1140 60.24 -34.00 59.74
CA GLY D 1140 58.90 -34.40 60.13
C GLY D 1140 58.81 -35.04 61.50
N LEU D 1141 59.69 -34.66 62.43
CA LEU D 1141 59.81 -35.31 63.72
C LEU D 1141 59.43 -34.33 64.83
N ASP D 1142 58.50 -34.75 65.69
CA ASP D 1142 58.04 -33.94 66.81
C ASP D 1142 58.90 -34.25 68.03
N ARG D 1143 59.79 -33.32 68.38
CA ARG D 1143 60.64 -33.49 69.55
C ARG D 1143 59.87 -33.49 70.86
N SER D 1144 58.55 -33.29 70.83
CA SER D 1144 57.76 -33.33 72.05
C SER D 1144 57.47 -34.76 72.46
N LYS D 1145 56.89 -35.55 71.56
CA LYS D 1145 56.55 -36.93 71.86
C LYS D 1145 57.78 -37.67 72.39
N LYS D 1146 57.56 -38.77 73.13
CA LYS D 1146 58.67 -39.39 73.84
C LYS D 1146 59.59 -40.16 72.90
N GLU D 1147 59.00 -40.94 71.98
CA GLU D 1147 59.82 -41.78 71.09
C GLU D 1147 60.92 -40.97 70.42
N ILE D 1148 60.59 -39.78 69.94
CA ILE D 1148 61.58 -38.93 69.31
C ILE D 1148 62.57 -38.42 70.34
N HIS D 1149 62.04 -37.90 71.46
CA HIS D 1149 62.90 -37.32 72.47
C HIS D 1149 63.93 -38.33 72.96
N GLU D 1150 63.55 -39.61 73.05
CA GLU D 1150 64.48 -40.64 73.49
C GLU D 1150 65.57 -40.90 72.46
N MET D 1151 65.38 -40.44 71.22
CA MET D 1151 66.41 -40.58 70.21
C MET D 1151 67.41 -39.43 70.24
N ILE D 1152 67.09 -38.34 70.92
CA ILE D 1152 67.98 -37.18 70.99
C ILE D 1152 68.79 -37.19 72.28
N HIS D 1153 68.18 -37.65 73.38
CA HIS D 1153 68.86 -37.71 74.67
C HIS D 1153 68.94 -39.13 75.20
N ALA D 1154 67.79 -39.77 75.45
CA ALA D 1154 67.65 -41.15 75.89
C ALA D 1154 67.93 -41.28 77.38
N ASP D 1155 68.42 -40.24 78.04
CA ASP D 1155 68.78 -40.25 79.45
C ASP D 1155 67.97 -39.23 80.23
N ALA D 1156 68.08 -37.94 79.87
CA ALA D 1156 67.38 -36.87 80.55
C ALA D 1156 65.88 -36.88 80.25
N GLU D 1157 65.11 -36.37 81.20
CA GLU D 1157 63.66 -36.25 81.06
C GLU D 1157 63.35 -35.12 80.08
N MET D 1158 62.12 -35.16 79.55
CA MET D 1158 61.67 -34.10 78.65
C MET D 1158 61.71 -32.76 79.37
N GLN D 1159 61.39 -31.67 78.67
CA GLN D 1159 61.36 -30.35 79.28
C GLN D 1159 59.90 -29.93 79.43
N THR D 1160 59.49 -29.64 80.67
CA THR D 1160 58.14 -29.19 80.96
C THR D 1160 58.06 -27.68 81.09
N GLU D 1161 56.90 -27.12 80.78
CA GLU D 1161 56.63 -25.69 80.95
C GLU D 1161 55.33 -25.55 81.73
N GLN D 1162 55.41 -24.94 82.91
CA GLN D 1162 54.23 -24.73 83.74
C GLN D 1162 53.54 -23.42 83.32
N THR D 1163 52.23 -23.50 83.12
CA THR D 1163 51.45 -22.37 82.61
C THR D 1163 50.26 -22.08 83.53
N PHE D 1164 50.29 -20.90 84.15
CA PHE D 1164 49.23 -20.48 85.06
C PHE D 1164 48.15 -19.71 84.30
N TYR D 1165 46.89 -20.01 84.62
CA TYR D 1165 45.74 -19.35 84.00
C TYR D 1165 44.96 -18.60 85.07
N VAL D 1166 44.74 -17.31 84.85
CA VAL D 1166 44.13 -16.44 85.85
C VAL D 1166 42.87 -15.80 85.30
N PHE D 1167 41.92 -15.53 86.20
CA PHE D 1167 40.63 -14.95 85.86
C PHE D 1167 40.33 -13.78 86.80
N PHE D 1168 39.47 -12.89 86.33
CA PHE D 1168 39.40 -11.52 86.82
C PHE D 1168 38.02 -11.18 87.38
N LYS D 1169 38.02 -10.31 88.38
CA LYS D 1169 36.79 -9.70 88.91
C LYS D 1169 37.24 -8.49 89.71
N THR D 1170 36.93 -7.28 89.23
CA THR D 1170 37.50 -6.06 89.78
C THR D 1170 36.44 -5.17 90.40
N ASP D 1171 36.87 -4.37 91.37
CA ASP D 1171 36.01 -3.34 91.96
C ASP D 1171 35.88 -2.16 91.02
N GLN D 1172 36.99 -1.46 90.79
CA GLN D 1172 36.99 -0.26 89.99
C GLN D 1172 37.02 -0.63 88.51
N THR D 1173 37.04 0.38 87.64
CA THR D 1173 37.20 0.18 86.22
C THR D 1173 38.65 0.38 85.78
N LYS D 1174 39.56 0.53 86.74
CA LYS D 1174 40.99 0.69 86.43
C LYS D 1174 41.53 -0.61 85.84
N ALA D 1175 41.82 -0.59 84.54
CA ALA D 1175 42.35 -1.78 83.88
C ALA D 1175 43.68 -2.13 84.50
N VAL D 1176 43.72 -3.20 85.31
CA VAL D 1176 44.93 -3.58 86.02
C VAL D 1176 45.69 -4.70 85.33
N GLU D 1177 45.13 -5.27 84.25
CA GLU D 1177 45.80 -6.35 83.54
C GLU D 1177 47.30 -6.15 83.48
N GLU D 1178 47.73 -5.01 82.92
CA GLU D 1178 49.15 -4.74 82.78
C GLU D 1178 49.85 -4.77 84.14
N ARG D 1179 49.27 -4.10 85.14
CA ARG D 1179 49.88 -4.10 86.47
C ARG D 1179 49.88 -5.49 87.08
N LEU D 1180 48.89 -6.31 86.74
CA LEU D 1180 48.75 -7.61 87.40
C LEU D 1180 49.68 -8.65 86.77
N TYR D 1181 49.68 -8.75 85.45
CA TYR D 1181 50.59 -9.66 84.76
C TYR D 1181 52.01 -9.51 85.30
N GLN D 1182 52.53 -8.28 85.29
CA GLN D 1182 53.89 -8.05 85.78
C GLN D 1182 54.02 -8.42 87.25
N SER D 1183 52.93 -8.31 88.02
CA SER D 1183 53.00 -8.67 89.44
C SER D 1183 53.14 -10.18 89.61
N ILE D 1184 52.45 -10.96 88.79
CA ILE D 1184 52.56 -12.41 88.85
C ILE D 1184 53.93 -12.85 88.35
N HIS D 1185 54.40 -12.25 87.25
CA HIS D 1185 55.61 -12.71 86.59
C HIS D 1185 56.83 -12.62 87.48
N THR D 1186 56.84 -11.72 88.44
CA THR D 1186 58.04 -11.49 89.24
C THR D 1186 58.25 -12.52 90.35
N CYS D 1187 57.19 -13.15 90.86
CA CYS D 1187 57.39 -14.17 91.88
C CYS D 1187 57.82 -15.50 91.28
N LEU D 1188 57.45 -15.76 90.03
CA LEU D 1188 57.79 -17.00 89.36
C LEU D 1188 59.21 -16.99 88.79
N GLN D 1189 59.87 -15.83 88.81
CA GLN D 1189 61.09 -15.64 88.05
C GLN D 1189 62.22 -16.57 88.47
N SER D 1190 62.39 -16.80 89.78
CA SER D 1190 63.52 -17.60 90.25
C SER D 1190 63.15 -18.82 91.09
N ARG D 1191 61.89 -19.26 91.12
CA ARG D 1191 61.51 -20.36 92.01
C ARG D 1191 60.81 -21.49 91.27
N LEU D 1192 61.17 -21.71 90.03
CA LEU D 1192 60.58 -22.80 89.27
C LEU D 1192 61.59 -23.83 88.80
N SER D 1193 62.74 -23.40 88.28
CA SER D 1193 63.75 -24.30 87.73
C SER D 1193 63.16 -25.03 86.53
N GLY D 1194 62.90 -24.24 85.49
CA GLY D 1194 62.22 -24.70 84.30
C GLY D 1194 61.87 -23.51 83.42
N GLU D 1195 60.75 -23.63 82.71
CA GLU D 1195 60.31 -22.53 81.84
C GLU D 1195 58.81 -22.33 82.03
N TYR D 1196 58.42 -21.12 82.41
CA TYR D 1196 57.05 -20.80 82.84
C TYR D 1196 56.42 -19.76 81.94
N ALA D 1197 55.10 -19.57 82.11
CA ALA D 1197 54.36 -18.59 81.34
C ALA D 1197 53.00 -18.34 81.98
N VAL D 1198 52.61 -17.07 82.06
CA VAL D 1198 51.31 -16.65 82.57
C VAL D 1198 50.35 -16.38 81.42
N HIS D 1199 49.10 -16.79 81.61
CA HIS D 1199 48.05 -16.57 80.63
C HIS D 1199 46.92 -15.84 81.33
N LEU D 1200 46.56 -14.66 80.83
CA LEU D 1200 45.57 -13.82 81.47
C LEU D 1200 44.30 -13.77 80.64
N PHE D 1201 43.19 -13.65 81.34
CA PHE D 1201 41.87 -13.61 80.74
C PHE D 1201 41.22 -12.27 81.02
N PRO D 1202 40.37 -11.78 80.11
CA PRO D 1202 39.60 -10.57 80.40
C PRO D 1202 38.74 -10.78 81.63
N GLU D 1203 38.21 -9.67 82.14
CA GLU D 1203 37.25 -9.76 83.24
C GLU D 1203 35.99 -10.48 82.80
N GLU D 1204 35.50 -10.19 81.59
CA GLU D 1204 34.16 -10.58 81.18
C GLU D 1204 34.06 -12.02 80.71
N TYR D 1205 34.95 -12.88 81.16
CA TYR D 1205 34.78 -14.32 81.06
C TYR D 1205 34.48 -14.96 82.40
N TRP D 1206 35.06 -14.43 83.47
CA TRP D 1206 34.73 -14.86 84.82
C TRP D 1206 33.23 -14.94 85.03
N LYS D 1207 32.77 -16.04 85.62
CA LYS D 1207 31.40 -16.18 86.05
C LYS D 1207 31.41 -16.88 87.41
N GLU D 1208 30.37 -16.66 88.20
CA GLU D 1208 30.32 -17.23 89.54
C GLU D 1208 28.95 -17.81 89.81
N THR D 1209 28.91 -19.07 90.24
CA THR D 1209 27.68 -19.65 90.74
C THR D 1209 27.25 -18.93 92.01
N GLU D 1210 25.94 -19.00 92.29
CA GLU D 1210 25.41 -18.38 93.49
C GLU D 1210 26.14 -18.88 94.73
N ASP D 1211 25.97 -20.17 95.03
CA ASP D 1211 26.62 -20.79 96.19
C ASP D 1211 27.78 -21.67 95.79
N GLY D 1212 28.19 -21.65 94.53
CA GLY D 1212 29.32 -22.42 94.05
C GLY D 1212 30.60 -21.64 93.99
N SER D 1213 30.63 -20.41 94.52
CA SER D 1213 31.82 -19.58 94.49
C SER D 1213 32.26 -19.45 93.02
N PRO D 1214 33.55 -19.55 92.63
CA PRO D 1214 33.85 -19.34 91.21
C PRO D 1214 33.33 -20.49 90.35
N ASP D 1215 32.74 -20.14 89.21
CA ASP D 1215 32.14 -21.11 88.29
C ASP D 1215 33.28 -21.86 87.60
N GLU D 1216 33.83 -22.84 88.33
CA GLU D 1216 34.98 -23.58 87.82
C GLU D 1216 34.65 -24.38 86.57
N ALA D 1217 33.38 -24.78 86.40
CA ALA D 1217 33.01 -25.52 85.20
C ALA D 1217 33.28 -24.70 83.94
N TYR D 1218 32.95 -23.41 83.98
CA TYR D 1218 33.16 -22.56 82.81
C TYR D 1218 34.64 -22.26 82.59
N PHE D 1219 35.44 -22.27 83.66
CA PHE D 1219 36.86 -21.97 83.53
C PHE D 1219 37.63 -23.14 82.95
N HIS D 1220 37.55 -24.30 83.61
CA HIS D 1220 38.23 -25.49 83.12
C HIS D 1220 37.84 -25.79 81.68
N GLU D 1221 36.66 -25.34 81.25
CA GLU D 1221 36.28 -25.47 79.84
C GLU D 1221 37.13 -24.54 78.97
N LEU D 1222 37.30 -23.30 79.40
CA LEU D 1222 38.04 -22.32 78.60
C LEU D 1222 39.51 -22.70 78.48
N ILE D 1223 40.10 -23.19 79.57
CA ILE D 1223 41.54 -23.49 79.56
C ILE D 1223 41.87 -24.49 78.46
N GLU D 1224 40.93 -25.37 78.12
CA GLU D 1224 41.17 -26.35 77.08
C GLU D 1224 41.02 -25.77 75.68
N GLU D 1225 39.97 -24.97 75.46
CA GLU D 1225 39.75 -24.37 74.15
C GLU D 1225 40.96 -23.58 73.66
N SER D 1226 41.80 -23.09 74.59
CA SER D 1226 42.96 -22.28 74.21
C SER D 1226 44.03 -23.14 73.54
CA CA E . -23.84 85.99 3.85
CA CA F . 7.62 14.57 -38.95
CA CA G . 48.79 6.95 -12.26
CA CA H . 30.06 -11.72 10.59
CA CA I . -13.28 15.41 -17.55
CA CA J . -65.49 2.05 -41.42
MG MG K . 87.56 -75.79 59.56
CA CA L . 75.37 -26.23 34.08
CA CA M . 34.44 -3.04 75.93
#